data_8G75
#
_entry.id   8G75
#
_cell.length_a   1.00
_cell.length_b   1.00
_cell.length_c   1.00
_cell.angle_alpha   90.00
_cell.angle_beta   90.00
_cell.angle_gamma   90.00
#
_symmetry.space_group_name_H-M   'P 1'
#
loop_
_entity.id
_entity.type
_entity.pdbx_description
1 polymer 'Spike glycoprotein'
2 polymer Nanosota-4
3 branched 2-acetamido-2-deoxy-beta-D-glucopyranose-(1-4)-2-acetamido-2-deoxy-beta-D-glucopyranose
4 non-polymer 2-acetamido-2-deoxy-beta-D-glucopyranose
#
loop_
_entity_poly.entity_id
_entity_poly.type
_entity_poly.pdbx_seq_one_letter_code
_entity_poly.pdbx_strand_id
1 'polypeptide(L)'
;QCVNLTTRTQLPPAYTNSFTRGVYYPDKVFRSSVLHSTQDLFLPFFSNVTWFHAIHVSGTNGTKRFDNPVLPFNDGVYFA
STEKSNIIRGWIFGTTLDSKTQSLLIVNNATNVVIKVCEFQFCNDPFLGVYYHKNNKSWMESEFRVYSSANNCTFEYVSQ
PFLMDLEGKQGNFKNLREFVFKNIDGYFKIYSKHTPINLVRDLPQGFSALEPLVDLPIGINITRFQTLLALHRSYLTPGD
SSSGWTAGAAAYYVGYLQPRTFLLKYNENGTITDAVDCALDPLSETKCTLKSFTVEKGIYQTSNFRVQPTESIVRFPNIT
NLCPFGEVFNATRFASVYAWNRKRISNCVADYSVLYNSASFSTFKCYGVSPTKLNDLCFTNVYADSFVIRGDEVRQIAPG
QTGKIADYNYKLPDDFTGCVIAWNSNNLDSKVGGNYNYLYRLFRKSNLKPFERDISTEIYQAGSTPCNGVEGFNCYFPLQ
SYGFQPTNGVGYQPYRVVVLSFELLHAPATVCGPKKSTNLVKNKCVNFNFNGLTGTGVLTESNKKFLPFQQFGRDIADTT
DAVRDPQTLEILDITPCSFGGVSVITPGTNTSNQVAVLYQGVNCTEVPVAIHADQLTPTWRVYSTGSNVFQTRAGCLIGA
EHVNNSYECDIPIGAGICASYQTQTNSPAGARSVASQSIIAYTMSLGAENSVAYSNNSIAIPTNFTISVTTEILPVSMTK
TSVDCTMYICGDSTECSNLLLQYGSFCTQLNRALTGIAVEQDKNTQEVFAQVKQIYKTPPIKDFGGFNFSQILPDPSKPS
KRSPIEDLLFNKVTLADAGFIKQYGDCLGDIAARDLICAQKFNGLTVLPPLLTDEMIAQYTSALLAGTITSGWTFGAGPA
LQIPFPMQMAYRFNGIGVTQNVLYENQKLIANQFNSAIGKIQDSLSSTPSALGKLQDVVNQNAQALNTLVKQLSSNFGAI
SSVLNDILSRLDPPEAEVQIDRLITGRLQSLQTYVTQQLIRAAEIRASANLAATKMSECVLGQSKRVDFCGKGYHLMSFP
QSAPHGVVFLHVTYVPAQEKNFTTAPAICHDGKAHFPREGVFVSNGTHWFVTQRNFYEPQIITTDNTFVSGNCDVVIGIV
NNTVYDPLQPELDSFKEELDKYFKNHTSPDVDLGDISGINASVVNIQKEIDRLNEVAKNLNESLIDLQELGKYEQYIKGS
GYIPEAPRDGQAYVRKDGEWVLLSTFLGHHHHHH
;
A,B,D
2 'polypeptide(L)'
;QVQLQESGGGLVQPGGSLRLSCAASGFTLDYYAIGWFRQAPGKEREGVSCISSSGGRTNYADSVKGRFTISRDNTKNTVY
LQMNSLKPEDTAVYYCAAWEASRWYCPLQFSADFSSWGQGTQVTVSSGGQHHHHHHGAYPYDVPDYAS
;
E,G,F
#
loop_
_chem_comp.id
_chem_comp.type
_chem_comp.name
_chem_comp.formula
NAG D-saccharide, beta linking 2-acetamido-2-deoxy-beta-D-glucopyranose 'C8 H15 N O6'
#
# COMPACT_ATOMS: atom_id res chain seq x y z
N GLN A 1 -16.78 52.79 45.14
CA GLN A 1 -17.31 53.62 44.08
C GLN A 1 -16.19 54.23 43.24
N CYS A 2 -16.54 54.70 42.04
CA CYS A 2 -15.57 55.25 41.10
C CYS A 2 -15.51 56.77 41.23
N VAL A 3 -14.39 57.34 40.75
CA VAL A 3 -14.18 58.78 40.72
C VAL A 3 -13.80 59.18 39.31
N ASN A 4 -14.46 60.20 38.78
CA ASN A 4 -14.22 60.66 37.43
C ASN A 4 -12.91 61.44 37.36
N LEU A 5 -12.10 61.13 36.36
CA LEU A 5 -10.85 61.83 36.09
C LEU A 5 -11.01 62.70 34.84
N THR A 6 -9.91 63.34 34.44
CA THR A 6 -9.93 64.22 33.29
C THR A 6 -9.82 63.41 32.00
N THR A 7 -10.05 64.10 30.88
CA THR A 7 -10.01 63.45 29.57
C THR A 7 -8.57 63.05 29.22
N ARG A 8 -8.43 61.88 28.58
CA ARG A 8 -7.12 61.39 28.20
C ARG A 8 -6.50 62.19 27.07
N THR A 9 -7.31 62.92 26.30
CA THR A 9 -6.90 63.82 25.22
C THR A 9 -6.20 63.11 24.07
N GLN A 10 -6.20 61.78 24.05
CA GLN A 10 -5.68 60.98 22.94
C GLN A 10 -4.22 61.33 22.64
N LEU A 11 -3.37 60.99 23.59
CA LEU A 11 -1.93 61.22 23.43
C LEU A 11 -1.42 60.43 22.23
N PRO A 12 -0.56 61.02 21.40
CA PRO A 12 -0.05 60.29 20.23
C PRO A 12 0.77 59.09 20.66
N PRO A 13 0.74 58.02 19.87
CA PRO A 13 1.48 56.81 20.25
C PRO A 13 2.99 57.02 20.17
N ALA A 14 3.71 56.28 21.01
CA ALA A 14 5.17 56.25 21.02
C ALA A 14 5.64 54.81 21.11
N TYR A 15 6.64 54.47 20.30
CA TYR A 15 7.08 53.10 20.13
C TYR A 15 8.53 52.93 20.59
N THR A 16 8.90 51.68 20.85
CA THR A 16 10.25 51.33 21.26
C THR A 16 10.55 49.90 20.83
N ASN A 17 11.83 49.55 20.82
CA ASN A 17 12.29 48.26 20.33
C ASN A 17 12.37 47.24 21.45
N SER A 18 11.94 46.01 21.16
CA SER A 18 11.98 44.90 22.11
C SER A 18 13.02 43.90 21.64
N PHE A 19 14.18 43.91 22.28
CA PHE A 19 15.30 43.04 21.91
C PHE A 19 15.12 41.66 22.54
N THR A 20 14.56 40.73 21.78
CA THR A 20 14.46 39.32 22.15
C THR A 20 13.90 39.16 23.57
N ARG A 21 12.68 39.62 23.74
CA ARG A 21 11.99 39.52 25.01
C ARG A 21 10.63 38.85 24.82
N GLY A 22 10.06 38.38 25.93
CA GLY A 22 8.77 37.73 25.90
C GLY A 22 8.80 36.25 25.60
N VAL A 23 9.96 35.61 25.67
CA VAL A 23 10.06 34.18 25.44
C VAL A 23 9.66 33.45 26.71
N TYR A 24 8.69 32.55 26.60
CA TYR A 24 8.18 31.79 27.73
C TYR A 24 8.36 30.30 27.47
N TYR A 25 8.23 29.51 28.52
CA TYR A 25 8.24 28.07 28.36
C TYR A 25 6.93 27.62 27.72
N PRO A 26 6.95 26.99 26.54
CA PRO A 26 5.70 26.63 25.88
C PRO A 26 5.04 25.40 26.50
N ASP A 27 5.86 24.46 26.97
CA ASP A 27 5.38 23.21 27.52
C ASP A 27 5.86 23.06 28.96
N LYS A 28 5.36 22.02 29.62
CA LYS A 28 5.75 21.68 30.98
C LYS A 28 6.68 20.49 31.04
N VAL A 29 7.53 20.32 30.02
CA VAL A 29 8.36 19.14 29.85
C VAL A 29 9.81 19.52 30.07
N PHE A 30 10.52 18.72 30.87
CA PHE A 30 11.93 18.94 31.12
C PHE A 30 12.74 18.40 29.96
N ARG A 31 13.49 19.28 29.30
CA ARG A 31 14.36 18.93 28.18
C ARG A 31 15.78 19.39 28.50
N SER A 32 16.75 18.52 28.25
CA SER A 32 18.14 18.77 28.65
C SER A 32 19.03 18.76 27.41
N SER A 33 19.72 19.88 27.19
CA SER A 33 20.73 20.01 26.13
C SER A 33 20.18 19.59 24.77
N VAL A 34 19.00 20.11 24.45
CA VAL A 34 18.34 19.81 23.18
C VAL A 34 17.82 21.11 22.58
N LEU A 35 17.65 21.09 21.26
CA LEU A 35 17.10 22.21 20.51
C LEU A 35 15.70 21.82 20.04
N HIS A 36 14.69 22.50 20.58
CA HIS A 36 13.30 22.16 20.32
C HIS A 36 12.62 23.31 19.59
N SER A 37 11.89 22.99 18.53
CA SER A 37 11.21 23.98 17.70
C SER A 37 9.72 23.94 18.00
N THR A 38 9.13 25.10 18.27
CA THR A 38 7.73 25.21 18.64
C THR A 38 7.05 26.28 17.81
N GLN A 39 5.86 25.97 17.29
CA GLN A 39 5.04 26.92 16.55
C GLN A 39 3.88 27.32 17.47
N ASP A 40 3.90 28.56 17.94
CA ASP A 40 2.91 29.04 18.89
C ASP A 40 2.88 30.56 18.84
N LEU A 41 2.18 31.18 19.80
CA LEU A 41 2.04 32.63 19.85
C LEU A 41 3.22 33.22 20.60
N PHE A 42 4.07 33.95 19.87
CA PHE A 42 5.27 34.56 20.44
C PHE A 42 5.35 36.01 20.02
N LEU A 43 6.11 36.79 20.79
CA LEU A 43 6.38 38.17 20.42
C LEU A 43 7.56 38.22 19.46
N PRO A 44 7.42 38.88 18.30
CA PRO A 44 8.51 38.85 17.32
C PRO A 44 9.76 39.56 17.84
N PHE A 45 10.91 39.01 17.48
CA PHE A 45 12.17 39.62 17.88
C PHE A 45 12.34 40.98 17.22
N PHE A 46 12.86 41.94 17.99
CA PHE A 46 13.09 43.30 17.51
C PHE A 46 11.81 43.93 16.98
N SER A 47 10.69 43.64 17.65
CA SER A 47 9.41 44.21 17.27
C SER A 47 9.21 45.57 17.93
N ASN A 48 8.29 46.34 17.37
CA ASN A 48 7.96 47.67 17.88
C ASN A 48 6.82 47.53 18.89
N VAL A 49 7.14 47.66 20.17
CA VAL A 49 6.15 47.62 21.23
C VAL A 49 5.84 49.04 21.67
N THR A 50 4.56 49.34 21.84
CA THR A 50 4.14 50.69 22.20
C THR A 50 4.25 50.86 23.71
N TRP A 51 4.99 51.89 24.13
CA TRP A 51 5.29 52.11 25.53
C TRP A 51 4.55 53.34 26.04
N PHE A 52 4.03 53.25 27.26
CA PHE A 52 3.25 54.31 27.87
C PHE A 52 3.84 54.70 29.22
N HIS A 53 3.89 56.01 29.48
CA HIS A 53 4.20 56.51 30.81
C HIS A 53 3.03 56.22 31.76
N ALA A 54 3.36 55.81 32.98
CA ALA A 54 2.33 55.65 33.99
C ALA A 54 1.65 56.98 34.30
N ILE A 55 2.46 58.01 34.55
CA ILE A 55 1.97 59.37 34.72
C ILE A 55 2.72 60.24 33.71
N HIS A 56 1.96 60.99 32.91
CA HIS A 56 2.54 61.83 31.87
C HIS A 56 2.28 63.30 32.18
N VAL A 57 3.34 64.10 32.15
CA VAL A 57 3.26 65.54 32.32
C VAL A 57 3.49 66.14 30.94
N SER A 58 2.41 66.51 30.26
CA SER A 58 2.48 67.06 28.92
C SER A 58 1.88 68.46 28.79
N GLY A 59 0.99 68.85 29.71
CA GLY A 59 0.41 70.17 29.64
C GLY A 59 1.41 71.27 30.00
N THR A 60 1.12 72.46 29.48
CA THR A 60 1.99 73.61 29.77
C THR A 60 1.97 73.96 31.25
N ASN A 61 0.79 73.89 31.88
CA ASN A 61 0.70 74.19 33.30
C ASN A 61 1.44 73.17 34.13
N GLY A 62 1.43 71.91 33.72
CA GLY A 62 2.09 70.85 34.47
C GLY A 62 1.11 69.83 35.02
N THR A 63 0.03 69.61 34.28
CA THR A 63 -1.00 68.69 34.74
C THR A 63 -0.47 67.27 34.80
N LYS A 64 -0.81 66.56 35.88
CA LYS A 64 -0.46 65.16 36.07
C LYS A 64 -1.71 64.33 35.92
N ARG A 65 -1.80 63.58 34.82
CA ARG A 65 -2.91 62.66 34.58
C ARG A 65 -2.37 61.29 34.23
N PHE A 66 -3.08 60.27 34.67
CA PHE A 66 -2.68 58.90 34.34
C PHE A 66 -2.88 58.66 32.85
N ASP A 67 -1.82 58.18 32.20
CA ASP A 67 -1.91 57.75 30.81
C ASP A 67 -2.26 56.27 30.86
N ASN A 68 -3.56 55.99 30.90
CA ASN A 68 -4.10 54.65 31.07
C ASN A 68 -5.07 54.36 29.93
N PRO A 69 -4.58 54.25 28.70
CA PRO A 69 -5.46 53.93 27.58
C PRO A 69 -5.82 52.46 27.59
N VAL A 70 -6.90 52.16 26.91
CA VAL A 70 -7.32 50.78 26.75
C VAL A 70 -6.73 50.25 25.45
N LEU A 71 -6.37 48.96 25.44
CA LEU A 71 -5.72 48.35 24.30
C LEU A 71 -6.45 47.07 23.94
N PRO A 72 -6.86 46.91 22.69
CA PRO A 72 -7.49 45.64 22.28
C PRO A 72 -6.56 44.46 22.51
N PHE A 73 -7.12 43.38 23.04
CA PHE A 73 -6.38 42.19 23.41
C PHE A 73 -6.72 41.09 22.41
N ASN A 74 -5.80 40.83 21.49
CA ASN A 74 -5.98 39.76 20.51
C ASN A 74 -4.76 38.86 20.47
N ASP A 75 -4.99 37.56 20.52
CA ASP A 75 -3.96 36.53 20.37
C ASP A 75 -2.79 36.76 21.33
N GLY A 76 -3.10 37.21 22.54
CA GLY A 76 -2.11 37.37 23.57
C GLY A 76 -1.46 38.74 23.56
N VAL A 77 -0.91 39.12 24.71
CA VAL A 77 -0.21 40.38 24.90
C VAL A 77 0.93 40.17 25.89
N TYR A 78 2.10 40.71 25.55
CA TYR A 78 3.26 40.70 26.43
C TYR A 78 3.31 42.03 27.17
N PHE A 79 3.23 41.98 28.50
CA PHE A 79 3.21 43.18 29.33
C PHE A 79 4.51 43.23 30.12
N ALA A 80 5.31 44.26 29.87
CA ALA A 80 6.54 44.51 30.61
C ALA A 80 6.41 45.84 31.34
N SER A 81 6.77 45.85 32.62
CA SER A 81 6.63 47.05 33.45
C SER A 81 7.96 47.36 34.10
N THR A 82 8.49 48.56 33.83
CA THR A 82 9.68 49.07 34.50
C THR A 82 9.21 50.09 35.53
N GLU A 83 9.30 49.73 36.81
CA GLU A 83 8.79 50.57 37.87
C GLU A 83 9.62 50.34 39.13
N LYS A 84 9.45 51.25 40.11
CA LYS A 84 10.19 51.20 41.34
C LYS A 84 9.37 51.45 42.59
N SER A 85 8.07 51.73 42.46
CA SER A 85 7.27 52.05 43.65
C SER A 85 5.88 51.41 43.61
N ASN A 86 5.71 50.31 42.88
CA ASN A 86 4.48 49.52 42.90
C ASN A 86 3.25 50.35 42.55
N ILE A 87 3.36 51.19 41.53
CA ILE A 87 2.21 52.00 41.15
C ILE A 87 1.25 51.20 40.29
N ILE A 88 1.75 50.27 39.48
CA ILE A 88 0.90 49.41 38.67
C ILE A 88 0.40 48.26 39.55
N ARG A 89 -0.90 48.01 39.50
CA ARG A 89 -1.52 47.06 40.43
C ARG A 89 -2.22 45.89 39.75
N GLY A 90 -2.76 46.07 38.56
CA GLY A 90 -3.47 44.96 37.93
C GLY A 90 -4.01 45.34 36.57
N TRP A 91 -4.81 44.44 36.02
CA TRP A 91 -5.34 44.52 34.66
C TRP A 91 -6.79 44.05 34.66
N ILE A 92 -7.51 44.46 33.62
CA ILE A 92 -8.91 44.06 33.45
C ILE A 92 -9.09 43.56 32.03
N PHE A 93 -9.89 42.51 31.87
CA PHE A 93 -10.04 41.86 30.57
C PHE A 93 -11.52 41.73 30.24
N GLY A 94 -11.85 41.95 28.96
CA GLY A 94 -13.23 41.84 28.52
C GLY A 94 -13.37 42.28 27.08
N THR A 95 -14.62 42.29 26.62
CA THR A 95 -14.93 42.77 25.28
C THR A 95 -15.66 44.12 25.30
N THR A 96 -16.79 44.20 26.00
CA THR A 96 -17.52 45.45 26.12
C THR A 96 -17.23 46.20 27.42
N LEU A 97 -16.68 45.50 28.43
CA LEU A 97 -16.29 46.11 29.70
C LEU A 97 -17.47 46.82 30.37
N ASP A 98 -18.58 46.11 30.47
CA ASP A 98 -19.75 46.60 31.19
C ASP A 98 -20.49 45.39 31.76
N SER A 99 -21.71 45.63 32.27
CA SER A 99 -22.49 44.53 32.82
C SER A 99 -23.08 43.63 31.75
N LYS A 100 -23.04 44.03 30.48
CA LYS A 100 -23.60 43.21 29.42
C LYS A 100 -22.85 41.90 29.26
N THR A 101 -21.52 41.94 29.35
CA THR A 101 -20.68 40.77 29.16
C THR A 101 -19.81 40.54 30.39
N GLN A 102 -19.45 39.28 30.61
CA GLN A 102 -18.57 38.94 31.71
C GLN A 102 -17.17 39.51 31.48
N SER A 103 -16.51 39.91 32.57
CA SER A 103 -15.18 40.50 32.49
C SER A 103 -14.33 39.98 33.64
N LEU A 104 -13.03 39.90 33.38
CA LEU A 104 -12.06 39.38 34.35
C LEU A 104 -11.28 40.55 34.95
N LEU A 105 -10.95 40.42 36.24
CA LEU A 105 -10.20 41.42 36.96
C LEU A 105 -9.09 40.73 37.75
N ILE A 106 -7.86 41.22 37.60
CA ILE A 106 -6.74 40.86 38.46
C ILE A 106 -6.25 42.12 39.15
N VAL A 107 -6.15 42.07 40.47
CA VAL A 107 -5.67 43.20 41.25
C VAL A 107 -4.72 42.70 42.32
N ASN A 108 -3.71 43.50 42.63
CA ASN A 108 -2.65 43.11 43.54
C ASN A 108 -2.50 44.18 44.62
N ASN A 109 -2.83 43.81 45.86
CA ASN A 109 -2.59 44.68 47.01
C ASN A 109 -1.37 44.17 47.76
N ALA A 110 -1.08 44.79 48.91
CA ALA A 110 0.15 44.51 49.63
C ALA A 110 0.22 43.09 50.18
N THR A 111 -0.89 42.36 50.21
CA THR A 111 -0.94 41.05 50.83
C THR A 111 -1.04 39.89 49.85
N ASN A 112 -1.95 39.96 48.89
CA ASN A 112 -2.25 38.80 48.05
C ASN A 112 -2.74 39.30 46.69
N VAL A 113 -3.29 38.38 45.91
CA VAL A 113 -3.94 38.71 44.64
C VAL A 113 -5.42 38.40 44.76
N VAL A 114 -6.22 39.19 44.04
CA VAL A 114 -7.65 38.99 43.96
C VAL A 114 -8.01 38.91 42.49
N ILE A 115 -8.41 37.72 42.05
CA ILE A 115 -8.82 37.49 40.66
C ILE A 115 -10.27 37.03 40.66
N LYS A 116 -11.11 37.75 39.91
CA LYS A 116 -12.52 37.45 39.78
C LYS A 116 -12.93 37.57 38.33
N VAL A 117 -13.98 36.84 37.95
CA VAL A 117 -14.67 37.06 36.69
C VAL A 117 -16.14 37.24 37.00
N CYS A 118 -16.66 38.42 36.70
CA CYS A 118 -18.05 38.77 36.99
C CYS A 118 -18.53 39.74 35.92
N GLU A 119 -19.74 40.26 36.10
CA GLU A 119 -20.28 41.29 35.22
C GLU A 119 -20.09 42.66 35.87
N PHE A 120 -18.82 43.03 35.99
CA PHE A 120 -18.46 44.31 36.61
C PHE A 120 -18.94 45.47 35.77
N GLN A 121 -19.36 46.54 36.45
CA GLN A 121 -19.71 47.80 35.80
C GLN A 121 -18.52 48.76 35.94
N PHE A 122 -17.67 48.73 34.93
CA PHE A 122 -16.42 49.47 34.98
C PHE A 122 -16.63 50.94 34.63
N CYS A 123 -15.95 51.81 35.37
CA CYS A 123 -15.99 53.23 35.06
C CYS A 123 -15.01 53.53 33.93
N ASN A 124 -15.00 54.78 33.48
CA ASN A 124 -14.10 55.17 32.40
C ASN A 124 -12.65 55.11 32.83
N ASP A 125 -12.37 55.47 34.08
CA ASP A 125 -11.02 55.46 34.64
C ASP A 125 -11.04 54.64 35.92
N PRO A 126 -10.73 53.35 35.82
CA PRO A 126 -10.59 52.53 37.03
C PRO A 126 -9.21 52.67 37.65
N PHE A 127 -9.14 52.56 38.97
CA PHE A 127 -7.89 52.79 39.68
C PHE A 127 -8.02 52.34 41.13
N LEU A 128 -6.93 52.51 41.88
CA LEU A 128 -6.84 52.16 43.29
C LEU A 128 -6.24 53.32 44.06
N GLY A 129 -6.93 53.78 45.10
CA GLY A 129 -6.42 54.82 45.97
C GLY A 129 -5.43 54.31 46.99
N VAL A 130 -4.22 54.86 46.98
CA VAL A 130 -3.09 54.37 47.78
C VAL A 130 -2.63 55.49 48.71
N TYR A 131 -2.66 55.23 50.02
CA TYR A 131 -2.34 56.24 51.03
C TYR A 131 -1.50 55.65 52.14
N TYR A 132 -0.49 56.39 52.60
CA TYR A 132 0.41 55.88 53.63
C TYR A 132 -0.28 55.91 54.99
N HIS A 133 0.04 54.93 55.83
CA HIS A 133 -0.37 55.01 57.23
C HIS A 133 0.51 56.00 57.98
N LYS A 134 -0.05 56.55 59.06
CA LYS A 134 0.57 57.69 59.73
C LYS A 134 1.79 57.30 60.57
N ASN A 135 1.94 56.04 60.94
CA ASN A 135 3.03 55.66 61.84
C ASN A 135 3.94 54.58 61.29
N ASN A 136 3.41 53.61 60.55
CA ASN A 136 4.22 52.48 60.09
C ASN A 136 4.84 52.74 58.72
N LYS A 137 4.00 53.06 57.73
CA LYS A 137 4.40 53.29 56.34
C LYS A 137 5.04 52.07 55.69
N SER A 138 4.99 50.91 56.35
CA SER A 138 5.59 49.70 55.78
C SER A 138 4.74 49.11 54.66
N TRP A 139 3.42 49.05 54.86
CA TRP A 139 2.52 48.42 53.90
C TRP A 139 1.52 49.44 53.39
N MET A 140 0.77 49.03 52.37
CA MET A 140 -0.12 49.95 51.66
C MET A 140 -1.57 49.54 51.83
N GLU A 141 -2.39 50.48 52.29
CA GLU A 141 -3.84 50.32 52.28
C GLU A 141 -4.37 50.88 50.97
N SER A 142 -4.95 50.01 50.15
CA SER A 142 -5.46 50.37 48.83
C SER A 142 -6.97 50.36 48.87
N GLU A 143 -7.57 51.44 48.38
CA GLU A 143 -9.02 51.54 48.23
C GLU A 143 -9.36 51.46 46.75
N PHE A 144 -10.31 50.60 46.41
CA PHE A 144 -10.62 50.32 45.02
C PHE A 144 -11.72 51.24 44.52
N ARG A 145 -11.42 51.99 43.46
CA ARG A 145 -12.40 52.70 42.66
C ARG A 145 -12.46 52.06 41.29
N VAL A 146 -12.46 50.74 41.28
CA VAL A 146 -12.21 49.98 40.07
C VAL A 146 -13.49 49.78 39.28
N TYR A 147 -14.48 49.14 39.90
CA TYR A 147 -15.78 48.86 39.29
C TYR A 147 -16.88 49.37 40.19
N SER A 148 -18.00 49.77 39.57
CA SER A 148 -19.13 50.27 40.34
C SER A 148 -19.87 49.14 41.05
N SER A 149 -20.10 48.02 40.35
CA SER A 149 -20.84 46.91 40.91
C SER A 149 -20.37 45.62 40.25
N ALA A 150 -20.64 44.50 40.93
CA ALA A 150 -20.23 43.18 40.46
C ALA A 150 -21.41 42.22 40.59
N ASN A 151 -21.67 41.46 39.52
CA ASN A 151 -22.75 40.49 39.51
C ASN A 151 -22.32 39.27 38.70
N ASN A 152 -22.96 38.13 39.00
CA ASN A 152 -22.75 36.88 38.28
C ASN A 152 -21.29 36.46 38.30
N CYS A 153 -20.76 36.28 39.52
CA CYS A 153 -19.38 35.85 39.70
C CYS A 153 -19.30 34.33 39.62
N THR A 154 -18.36 33.83 38.80
CA THR A 154 -18.21 32.40 38.57
C THR A 154 -16.81 31.89 38.87
N PHE A 155 -15.92 32.72 39.39
CA PHE A 155 -14.57 32.27 39.71
C PHE A 155 -14.00 33.15 40.82
N GLU A 156 -13.01 32.61 41.51
CA GLU A 156 -12.37 33.30 42.62
C GLU A 156 -11.03 32.62 42.89
N TYR A 157 -9.94 33.39 42.88
CA TYR A 157 -8.61 32.84 43.07
C TYR A 157 -7.77 33.79 43.92
N VAL A 158 -7.09 33.23 44.91
CA VAL A 158 -6.19 33.99 45.79
C VAL A 158 -4.89 33.21 45.92
N SER A 159 -3.76 33.90 45.78
CA SER A 159 -2.45 33.29 45.95
C SER A 159 -1.45 34.38 46.33
N GLN A 160 -0.17 34.05 46.25
CA GLN A 160 0.87 35.00 46.61
C GLN A 160 0.92 36.14 45.59
N PRO A 161 1.37 37.34 46.01
CA PRO A 161 1.32 38.50 45.12
C PRO A 161 2.08 38.27 43.82
N PHE A 162 1.49 38.73 42.72
CA PHE A 162 2.16 38.67 41.43
C PHE A 162 3.32 39.66 41.38
N LEU A 163 3.11 40.87 41.88
CA LEU A 163 4.10 41.93 41.87
C LEU A 163 4.70 42.07 43.27
N MET A 164 6.03 41.99 43.34
CA MET A 164 6.72 42.09 44.61
C MET A 164 6.70 43.53 45.13
N ASP A 165 6.98 43.67 46.42
CA ASP A 165 7.04 45.00 47.03
C ASP A 165 8.28 45.73 46.54
N LEU A 166 8.08 46.98 46.10
CA LEU A 166 9.16 47.79 45.54
C LEU A 166 9.62 48.89 46.49
N GLU A 167 9.18 48.87 47.74
CA GLU A 167 9.60 49.88 48.71
C GLU A 167 10.86 49.44 49.44
N GLY A 171 17.87 55.50 44.84
CA GLY A 171 16.49 55.19 44.52
C GLY A 171 16.27 54.82 43.07
N ASN A 172 17.35 54.38 42.41
CA ASN A 172 17.30 53.99 41.01
C ASN A 172 17.23 52.47 40.84
N PHE A 173 16.61 51.78 41.79
CA PHE A 173 16.50 50.32 41.74
C PHE A 173 15.25 49.91 40.96
N LYS A 174 15.20 50.36 39.71
CA LYS A 174 14.10 49.99 38.82
C LYS A 174 14.12 48.49 38.56
N ASN A 175 12.93 47.93 38.40
CA ASN A 175 12.76 46.50 38.16
C ASN A 175 11.81 46.29 36.99
N LEU A 176 12.07 45.22 36.24
CA LEU A 176 11.27 44.87 35.07
C LEU A 176 10.41 43.66 35.40
N ARG A 177 9.10 43.82 35.27
CA ARG A 177 8.13 42.73 35.47
C ARG A 177 7.55 42.38 34.11
N GLU A 178 7.85 41.17 33.64
CA GLU A 178 7.41 40.72 32.32
C GLU A 178 6.35 39.65 32.48
N PHE A 179 5.26 39.79 31.73
CA PHE A 179 4.15 38.87 31.79
C PHE A 179 3.67 38.56 30.38
N VAL A 180 3.11 37.36 30.20
CA VAL A 180 2.48 36.95 28.95
C VAL A 180 1.12 36.36 29.26
N PHE A 181 0.09 36.86 28.59
CA PHE A 181 -1.30 36.46 28.82
C PHE A 181 -1.83 35.82 27.55
N LYS A 182 -2.44 34.65 27.69
CA LYS A 182 -3.06 33.97 26.56
C LYS A 182 -4.48 33.55 26.93
N ASN A 183 -5.36 33.60 25.94
CA ASN A 183 -6.74 33.12 26.06
C ASN A 183 -6.93 32.04 25.01
N ILE A 184 -6.62 30.80 25.37
CA ILE A 184 -6.72 29.66 24.46
C ILE A 184 -7.57 28.59 25.12
N ASP A 185 -8.56 28.08 24.37
CA ASP A 185 -9.41 26.98 24.82
C ASP A 185 -10.07 27.30 26.17
N GLY A 186 -10.54 28.53 26.31
CA GLY A 186 -11.18 28.96 27.54
C GLY A 186 -10.26 29.05 28.73
N TYR A 187 -8.95 28.97 28.54
CA TYR A 187 -7.98 29.01 29.61
C TYR A 187 -7.17 30.28 29.52
N PHE A 188 -7.08 31.01 30.64
CA PHE A 188 -6.26 32.22 30.72
C PHE A 188 -4.92 31.82 31.32
N LYS A 189 -3.87 31.88 30.51
CA LYS A 189 -2.54 31.44 30.90
C LYS A 189 -1.67 32.66 31.16
N ILE A 190 -1.01 32.69 32.32
CA ILE A 190 -0.12 33.78 32.69
C ILE A 190 1.28 33.22 32.89
N TYR A 191 2.24 33.81 32.16
CA TYR A 191 3.66 33.50 32.31
C TYR A 191 4.35 34.73 32.87
N SER A 192 5.21 34.53 33.87
CA SER A 192 5.83 35.66 34.54
C SER A 192 7.29 35.38 34.82
N LYS A 193 8.05 36.46 35.01
CA LYS A 193 9.46 36.42 35.34
C LYS A 193 9.86 37.79 35.87
N HIS A 194 10.68 37.80 36.91
CA HIS A 194 11.12 39.04 37.55
C HIS A 194 12.62 39.18 37.38
N THR A 195 13.06 40.36 36.97
CA THR A 195 14.47 40.66 36.75
C THR A 195 14.79 42.09 37.17
N PRO A 196 15.74 42.28 38.09
CA PRO A 196 16.18 43.64 38.40
C PRO A 196 16.87 44.26 37.20
N ILE A 197 16.69 45.58 37.06
CA ILE A 197 17.30 46.33 35.96
C ILE A 197 18.13 47.46 36.55
N ASN A 198 19.09 47.93 35.75
CA ASN A 198 19.99 49.00 36.16
C ASN A 198 20.26 49.89 34.95
N LEU A 199 20.05 51.20 35.12
CA LEU A 199 20.46 52.25 34.19
C LEU A 199 20.00 52.00 32.75
N VAL A 200 18.90 51.29 32.55
CA VAL A 200 18.34 51.07 31.21
C VAL A 200 16.92 51.64 31.20
N ARG A 201 16.72 52.72 30.43
CA ARG A 201 15.41 53.36 30.38
C ARG A 201 14.39 52.49 29.65
N ASP A 202 14.75 51.98 28.48
CA ASP A 202 13.85 51.15 27.69
C ASP A 202 14.04 49.68 28.10
N LEU A 203 13.49 48.78 27.29
CA LEU A 203 13.67 47.35 27.54
C LEU A 203 15.15 47.01 27.41
N PRO A 204 15.74 46.30 28.36
CA PRO A 204 17.18 46.01 28.31
C PRO A 204 17.50 44.96 27.26
N GLN A 205 18.78 44.88 26.91
CA GLN A 205 19.27 43.93 25.91
C GLN A 205 19.73 42.66 26.62
N GLY A 206 19.05 41.56 26.33
CA GLY A 206 19.40 40.28 26.91
C GLY A 206 18.29 39.28 26.65
N PHE A 207 18.41 38.12 27.31
CA PHE A 207 17.38 37.11 27.31
C PHE A 207 16.93 36.80 28.74
N SER A 208 15.66 36.42 28.86
CA SER A 208 15.11 35.94 30.13
C SER A 208 13.87 35.11 29.82
N ALA A 209 13.87 33.85 30.24
CA ALA A 209 12.74 32.97 29.98
C ALA A 209 11.64 33.21 31.01
N LEU A 210 10.39 33.21 30.52
CA LEU A 210 9.23 33.42 31.39
C LEU A 210 8.71 32.05 31.82
N GLU A 211 8.80 31.78 33.13
CA GLU A 211 8.31 30.52 33.67
C GLU A 211 6.79 30.55 33.84
N PRO A 212 6.15 29.38 33.86
CA PRO A 212 4.70 29.34 34.11
C PRO A 212 4.36 29.83 35.50
N LEU A 213 3.23 30.53 35.61
CA LEU A 213 2.72 30.96 36.91
C LEU A 213 1.41 30.29 37.28
N VAL A 214 0.35 30.47 36.48
CA VAL A 214 -0.98 29.96 36.81
C VAL A 214 -1.72 29.73 35.50
N ASP A 215 -2.66 28.78 35.52
CA ASP A 215 -3.63 28.60 34.44
C ASP A 215 -5.03 28.76 35.01
N LEU A 216 -5.83 29.64 34.39
CA LEU A 216 -7.16 29.94 34.89
C LEU A 216 -8.22 29.38 33.95
N PRO A 217 -9.16 28.58 34.46
CA PRO A 217 -10.28 28.08 33.64
C PRO A 217 -11.46 29.05 33.61
N ILE A 218 -11.20 30.26 33.10
CA ILE A 218 -12.23 31.30 33.11
C ILE A 218 -13.30 31.00 32.06
N GLY A 219 -12.88 30.64 30.86
CA GLY A 219 -13.82 30.31 29.79
C GLY A 219 -14.64 31.48 29.29
N ILE A 220 -14.02 32.64 29.10
CA ILE A 220 -14.67 33.79 28.49
C ILE A 220 -13.80 34.30 27.36
N ASN A 221 -14.42 35.04 26.44
CA ASN A 221 -13.71 35.66 25.34
C ASN A 221 -13.24 37.06 25.77
N ILE A 222 -12.03 37.43 25.34
CA ILE A 222 -11.45 38.73 25.68
C ILE A 222 -10.97 39.39 24.40
N THR A 223 -11.40 40.63 24.18
CA THR A 223 -10.94 41.43 23.05
C THR A 223 -10.28 42.74 23.49
N ARG A 224 -10.52 43.19 24.71
CA ARG A 224 -10.13 44.52 25.16
C ARG A 224 -9.57 44.43 26.57
N PHE A 225 -8.45 45.10 26.82
CA PHE A 225 -7.80 45.01 28.12
C PHE A 225 -7.26 46.37 28.53
N GLN A 226 -7.18 46.58 29.85
CA GLN A 226 -6.78 47.86 30.43
C GLN A 226 -5.87 47.58 31.62
N THR A 227 -5.17 48.63 32.06
CA THR A 227 -4.21 48.54 33.14
C THR A 227 -4.70 49.34 34.35
N LEU A 228 -4.54 48.76 35.54
CA LEU A 228 -4.89 49.42 36.79
C LEU A 228 -3.65 50.09 37.39
N LEU A 229 -3.85 51.29 37.94
CA LEU A 229 -2.75 52.12 38.39
C LEU A 229 -3.12 52.69 39.75
N ALA A 230 -2.09 53.03 40.54
CA ALA A 230 -2.27 53.44 41.93
C ALA A 230 -2.13 54.94 42.08
N LEU A 231 -3.00 55.53 42.89
CA LEU A 231 -3.00 56.98 43.15
C LEU A 231 -2.37 57.25 44.50
N HIS A 232 -1.20 57.87 44.47
CA HIS A 232 -0.57 58.39 45.66
C HIS A 232 -0.97 59.83 45.92
N ARG A 233 -1.35 60.55 44.87
CA ARG A 233 -1.85 61.92 45.00
C ARG A 233 -3.36 61.89 45.24
N SER A 234 -3.95 63.08 45.36
CA SER A 234 -5.37 63.24 45.65
C SER A 234 -6.08 63.83 44.44
N TYR A 235 -7.19 63.21 44.05
CA TYR A 235 -7.96 63.72 42.92
C TYR A 235 -8.71 64.99 43.28
N LEU A 236 -9.13 65.13 44.55
CA LEU A 236 -9.83 66.33 44.97
C LEU A 236 -8.93 67.55 44.89
N THR A 237 -7.70 67.44 45.37
CA THR A 237 -6.74 68.54 45.38
C THR A 237 -5.45 68.09 44.70
N PRO A 238 -5.29 68.36 43.40
CA PRO A 238 -4.04 68.01 42.72
C PRO A 238 -2.94 69.02 43.05
N GLY A 239 -1.79 68.50 43.48
CA GLY A 239 -0.67 69.36 43.80
C GLY A 239 -0.02 69.93 42.56
N ASP A 240 0.74 71.02 42.76
CA ASP A 240 1.45 71.64 41.65
C ASP A 240 2.49 70.70 41.06
N SER A 241 3.24 70.02 41.92
CA SER A 241 4.25 69.05 41.48
C SER A 241 4.66 68.22 42.70
N SER A 242 5.29 67.08 42.41
CA SER A 242 5.84 66.14 43.38
C SER A 242 4.78 65.43 44.20
N SER A 243 3.50 65.74 44.01
CA SER A 243 2.45 64.98 44.68
C SER A 243 2.41 63.54 44.19
N GLY A 244 2.63 63.34 42.89
CA GLY A 244 2.75 62.01 42.32
C GLY A 244 4.15 61.47 42.48
N TRP A 245 4.47 60.47 41.67
CA TRP A 245 5.76 59.79 41.74
C TRP A 245 6.64 60.28 40.59
N THR A 246 7.48 61.27 40.89
CA THR A 246 8.52 61.82 40.01
C THR A 246 8.06 61.90 38.54
N ALA A 247 6.85 62.44 38.35
CA ALA A 247 6.30 62.71 37.02
C ALA A 247 6.27 61.45 36.15
N GLY A 248 5.92 60.32 36.77
CA GLY A 248 5.76 59.09 36.03
C GLY A 248 7.02 58.57 35.36
N ALA A 249 8.13 58.53 36.09
CA ALA A 249 9.36 57.96 35.54
C ALA A 249 9.17 56.50 35.17
N ALA A 250 8.37 55.78 35.96
CA ALA A 250 8.04 54.40 35.63
C ALA A 250 7.17 54.35 34.38
N ALA A 251 7.29 53.26 33.64
CA ALA A 251 6.52 53.06 32.41
C ALA A 251 6.31 51.57 32.19
N TYR A 252 5.32 51.27 31.36
CA TYR A 252 4.97 49.89 31.05
C TYR A 252 4.79 49.72 29.55
N TYR A 253 5.28 48.60 29.02
CA TYR A 253 5.32 48.34 27.59
C TYR A 253 4.35 47.24 27.23
N VAL A 254 3.72 47.36 26.06
CA VAL A 254 2.74 46.40 25.58
C VAL A 254 3.15 45.91 24.19
N GLY A 255 3.27 44.60 24.04
CA GLY A 255 3.51 44.01 22.74
C GLY A 255 2.45 42.96 22.45
N TYR A 256 2.25 42.70 21.16
CA TYR A 256 1.20 41.80 20.71
C TYR A 256 1.84 40.55 20.13
N LEU A 257 1.44 39.39 20.66
CA LEU A 257 1.97 38.12 20.18
C LEU A 257 1.36 37.75 18.84
N GLN A 258 2.16 37.09 18.01
CA GLN A 258 1.71 36.57 16.73
C GLN A 258 2.18 35.14 16.56
N PRO A 259 1.42 34.32 15.84
CA PRO A 259 1.86 32.95 15.55
C PRO A 259 3.23 32.91 14.89
N ARG A 260 4.23 32.37 15.58
CA ARG A 260 5.59 32.28 15.04
C ARG A 260 6.18 30.93 15.41
N THR A 261 7.17 30.51 14.62
CA THR A 261 7.94 29.30 14.87
C THR A 261 9.25 29.70 15.54
N PHE A 262 9.50 29.16 16.73
CA PHE A 262 10.68 29.50 17.51
C PHE A 262 11.53 28.27 17.72
N LEU A 263 12.84 28.46 17.73
CA LEU A 263 13.80 27.40 18.04
C LEU A 263 14.41 27.72 19.39
N LEU A 264 14.11 26.89 20.39
CA LEU A 264 14.50 27.11 21.77
C LEU A 264 15.60 26.14 22.15
N LYS A 265 16.64 26.67 22.80
CA LYS A 265 17.79 25.88 23.23
C LYS A 265 17.70 25.66 24.73
N TYR A 266 17.45 24.41 25.12
CA TYR A 266 17.47 24.02 26.52
C TYR A 266 18.89 23.65 26.92
N ASN A 267 19.30 24.04 28.12
CA ASN A 267 20.61 23.70 28.63
C ASN A 267 20.51 22.37 29.39
N GLU A 268 21.60 21.98 30.05
CA GLU A 268 21.59 20.71 30.77
C GLU A 268 20.63 20.74 31.96
N ASN A 269 20.57 21.86 32.67
CA ASN A 269 19.65 21.96 33.81
C ASN A 269 18.20 21.99 33.37
N GLY A 270 17.94 22.48 32.16
CA GLY A 270 16.60 22.57 31.64
C GLY A 270 16.06 23.98 31.44
N THR A 271 16.91 24.99 31.36
CA THR A 271 16.49 26.37 31.20
C THR A 271 16.71 26.83 29.77
N ILE A 272 15.72 27.53 29.23
CA ILE A 272 15.80 28.06 27.87
C ILE A 272 16.89 29.13 27.85
N THR A 273 18.01 28.84 27.19
CA THR A 273 19.15 29.73 27.24
C THR A 273 19.30 30.62 26.00
N ASP A 274 18.77 30.22 24.85
CA ASP A 274 18.74 31.10 23.68
C ASP A 274 17.52 30.76 22.84
N ALA A 275 17.16 31.69 21.95
CA ALA A 275 16.04 31.51 21.04
C ALA A 275 16.40 32.07 19.67
N VAL A 276 15.74 31.54 18.64
CA VAL A 276 15.93 31.98 17.26
C VAL A 276 14.56 32.14 16.62
N ASP A 277 14.31 33.29 16.01
CA ASP A 277 13.06 33.58 15.33
C ASP A 277 13.25 33.29 13.84
N CYS A 278 12.61 32.23 13.36
CA CYS A 278 12.84 31.79 11.99
C CYS A 278 12.36 32.80 10.95
N ALA A 279 11.49 33.73 11.33
CA ALA A 279 10.92 34.69 10.40
C ALA A 279 11.65 36.03 10.42
N LEU A 280 12.75 36.15 11.16
CA LEU A 280 13.40 37.44 11.32
C LEU A 280 14.27 37.78 10.10
N ASP A 281 15.30 36.98 9.85
CA ASP A 281 16.26 37.24 8.80
C ASP A 281 16.67 35.91 8.18
N PRO A 282 17.23 35.95 6.95
CA PRO A 282 17.64 34.69 6.31
C PRO A 282 18.62 33.86 7.12
N LEU A 283 19.49 34.49 7.91
CA LEU A 283 20.41 33.73 8.76
C LEU A 283 19.65 32.91 9.79
N SER A 284 18.62 33.49 10.40
CA SER A 284 17.81 32.73 11.34
C SER A 284 17.03 31.62 10.64
N GLU A 285 16.59 31.85 9.40
CA GLU A 285 15.97 30.78 8.63
C GLU A 285 16.94 29.63 8.41
N THR A 286 18.19 29.94 8.09
CA THR A 286 19.21 28.91 7.93
C THR A 286 19.45 28.15 9.24
N LYS A 287 19.50 28.89 10.35
CA LYS A 287 19.68 28.23 11.64
C LYS A 287 18.52 27.29 11.95
N CYS A 288 17.29 27.73 11.66
CA CYS A 288 16.12 26.88 11.89
C CYS A 288 16.15 25.63 11.01
N THR A 289 16.54 25.79 9.74
CA THR A 289 16.54 24.63 8.85
C THR A 289 17.69 23.68 9.14
N LEU A 290 18.77 24.18 9.74
CA LEU A 290 19.88 23.32 10.14
C LEU A 290 19.79 22.87 11.59
N LYS A 291 18.86 23.42 12.36
CA LYS A 291 18.65 23.06 13.76
C LYS A 291 19.95 23.20 14.57
N SER A 292 20.62 24.32 14.39
CA SER A 292 21.84 24.61 15.12
C SER A 292 22.02 26.13 15.22
N PHE A 293 22.84 26.55 16.18
CA PHE A 293 23.17 27.95 16.32
C PHE A 293 24.41 28.35 15.54
N THR A 294 25.30 27.40 15.27
CA THR A 294 26.48 27.65 14.46
C THR A 294 26.28 27.00 13.09
N VAL A 295 26.66 27.73 12.04
CA VAL A 295 26.54 27.26 10.68
C VAL A 295 27.91 27.33 10.02
N GLU A 296 28.33 26.24 9.40
CA GLU A 296 29.58 26.24 8.67
C GLU A 296 29.44 26.96 7.35
N LYS A 297 30.54 27.52 6.86
CA LYS A 297 30.51 28.26 5.61
C LYS A 297 30.13 27.35 4.45
N GLY A 298 29.28 27.86 3.57
CA GLY A 298 28.78 27.06 2.47
C GLY A 298 27.47 27.63 1.97
N ILE A 299 26.78 26.80 1.18
CA ILE A 299 25.50 27.17 0.58
C ILE A 299 24.43 26.25 1.14
N TYR A 300 23.27 26.82 1.45
CA TYR A 300 22.16 26.07 2.03
C TYR A 300 20.86 26.47 1.37
N GLN A 301 19.96 25.50 1.24
CA GLN A 301 18.62 25.74 0.70
C GLN A 301 17.64 25.80 1.86
N THR A 302 16.91 26.91 1.97
CA THR A 302 16.05 27.16 3.11
C THR A 302 14.57 27.02 2.78
N SER A 303 14.07 27.75 1.78
CA SER A 303 12.64 27.77 1.51
C SER A 303 12.46 27.94 -0.01
N ASN A 304 11.24 28.28 -0.42
CA ASN A 304 10.91 28.48 -1.82
C ASN A 304 10.36 29.88 -2.03
N PHE A 305 10.19 30.24 -3.30
CA PHE A 305 9.80 31.60 -3.65
C PHE A 305 8.54 31.60 -4.52
N ARG A 306 7.53 30.85 -4.11
CA ARG A 306 6.24 30.94 -4.80
C ARG A 306 5.62 32.31 -4.51
N VAL A 307 5.09 32.94 -5.55
CA VAL A 307 4.64 34.33 -5.48
C VAL A 307 3.13 34.36 -5.36
N GLN A 308 2.63 35.13 -4.39
CA GLN A 308 1.21 35.22 -4.15
C GLN A 308 0.52 35.99 -5.28
N PRO A 309 -0.76 35.73 -5.54
CA PRO A 309 -1.50 36.50 -6.53
C PRO A 309 -1.87 37.88 -5.98
N THR A 310 -2.38 38.72 -6.87
CA THR A 310 -2.66 40.11 -6.52
C THR A 310 -4.10 40.55 -6.73
N GLU A 311 -4.85 39.96 -7.67
CA GLU A 311 -6.30 40.15 -7.71
C GLU A 311 -6.99 38.84 -8.04
N SER A 312 -8.31 38.88 -8.00
CA SER A 312 -9.18 37.79 -8.43
C SER A 312 -10.07 38.29 -9.54
N ILE A 313 -10.22 37.48 -10.60
CA ILE A 313 -10.97 37.86 -11.78
C ILE A 313 -11.95 36.75 -12.12
N VAL A 314 -13.19 37.14 -12.43
CA VAL A 314 -14.22 36.22 -12.92
C VAL A 314 -14.66 36.69 -14.29
N ARG A 315 -14.58 35.79 -15.28
CA ARG A 315 -15.01 36.07 -16.64
C ARG A 315 -16.04 35.02 -17.05
N PHE A 316 -17.19 35.47 -17.52
CA PHE A 316 -18.25 34.53 -17.86
C PHE A 316 -18.96 34.98 -19.12
N PRO A 317 -19.52 34.05 -19.89
CA PRO A 317 -20.34 34.45 -21.05
C PRO A 317 -21.67 35.03 -20.59
N ASN A 318 -21.81 36.35 -20.68
CA ASN A 318 -22.95 36.99 -20.06
C ASN A 318 -24.25 36.61 -20.76
N ILE A 319 -25.27 36.32 -19.96
CA ILE A 319 -26.57 35.90 -20.45
C ILE A 319 -27.63 36.65 -19.67
N THR A 320 -28.62 37.19 -20.39
CA THR A 320 -29.70 37.94 -19.75
C THR A 320 -31.05 37.24 -19.85
N ASN A 321 -31.28 36.43 -20.88
CA ASN A 321 -32.51 35.66 -20.95
C ASN A 321 -32.54 34.62 -19.82
N LEU A 322 -33.45 34.80 -18.87
CA LEU A 322 -33.51 33.90 -17.73
C LEU A 322 -33.92 32.50 -18.18
N CYS A 323 -33.36 31.50 -17.51
CA CYS A 323 -33.73 30.12 -17.81
C CYS A 323 -35.20 29.91 -17.52
N PRO A 324 -35.94 29.26 -18.40
CA PRO A 324 -37.38 29.05 -18.18
C PRO A 324 -37.70 27.96 -17.17
N PHE A 325 -37.11 28.07 -15.97
CA PHE A 325 -37.53 27.22 -14.86
C PHE A 325 -38.99 27.46 -14.50
N GLY A 326 -39.41 28.72 -14.47
CA GLY A 326 -40.77 29.03 -14.04
C GLY A 326 -41.82 28.37 -14.91
N GLU A 327 -41.66 28.47 -16.22
CA GLU A 327 -42.64 27.84 -17.12
C GLU A 327 -42.56 26.32 -17.08
N VAL A 328 -41.50 25.77 -16.50
CA VAL A 328 -41.39 24.32 -16.33
C VAL A 328 -41.91 23.88 -14.97
N PHE A 329 -41.44 24.52 -13.90
CA PHE A 329 -41.90 24.16 -12.56
C PHE A 329 -43.33 24.63 -12.32
N ASN A 330 -43.66 25.85 -12.72
CA ASN A 330 -45.02 26.38 -12.61
C ASN A 330 -45.88 26.00 -13.81
N ALA A 331 -45.48 24.97 -14.56
CA ALA A 331 -46.23 24.58 -15.75
C ALA A 331 -47.60 24.05 -15.38
N THR A 332 -48.54 24.15 -16.33
CA THR A 332 -49.88 23.64 -16.10
C THR A 332 -49.92 22.12 -16.19
N ARG A 333 -49.47 21.56 -17.31
CA ARG A 333 -49.57 20.14 -17.58
C ARG A 333 -48.19 19.52 -17.76
N PHE A 334 -48.10 18.22 -17.49
CA PHE A 334 -46.88 17.46 -17.63
C PHE A 334 -47.20 16.11 -18.25
N ALA A 335 -46.21 15.57 -18.97
CA ALA A 335 -46.42 14.36 -19.76
C ALA A 335 -46.60 13.15 -18.84
N SER A 336 -47.06 12.05 -19.44
CA SER A 336 -47.20 10.81 -18.70
C SER A 336 -45.83 10.30 -18.27
N VAL A 337 -45.84 9.54 -17.16
CA VAL A 337 -44.59 9.11 -16.53
C VAL A 337 -43.94 7.94 -17.24
N TYR A 338 -44.54 7.42 -18.33
CA TYR A 338 -43.83 6.45 -19.14
C TYR A 338 -43.43 6.98 -20.51
N ALA A 339 -43.86 8.19 -20.87
CA ALA A 339 -43.41 8.86 -22.09
C ALA A 339 -42.80 10.17 -21.59
N TRP A 340 -41.52 10.13 -21.25
CA TRP A 340 -40.93 11.18 -20.44
C TRP A 340 -40.57 12.39 -21.29
N ASN A 341 -41.10 13.55 -20.89
CA ASN A 341 -40.81 14.82 -21.53
C ASN A 341 -39.47 15.35 -21.03
N ARG A 342 -38.47 15.35 -21.91
CA ARG A 342 -37.15 15.90 -21.62
C ARG A 342 -36.99 17.21 -22.38
N LYS A 343 -36.66 18.27 -21.66
CA LYS A 343 -36.45 19.58 -22.24
C LYS A 343 -35.00 19.99 -22.05
N ARG A 344 -34.38 20.49 -23.11
CA ARG A 344 -33.00 20.95 -23.06
C ARG A 344 -32.97 22.44 -22.74
N ILE A 345 -32.10 22.81 -21.81
CA ILE A 345 -31.99 24.18 -21.33
C ILE A 345 -30.59 24.67 -21.66
N SER A 346 -30.51 25.74 -22.45
CA SER A 346 -29.23 26.24 -22.94
C SER A 346 -29.32 27.74 -23.17
N ASN A 347 -28.15 28.39 -23.12
CA ASN A 347 -28.01 29.82 -23.40
C ASN A 347 -28.99 30.64 -22.55
N CYS A 348 -28.98 30.37 -21.24
CA CYS A 348 -29.86 31.07 -20.32
C CYS A 348 -29.34 30.91 -18.89
N VAL A 349 -29.45 31.98 -18.11
CA VAL A 349 -28.94 32.00 -16.74
C VAL A 349 -29.88 31.22 -15.84
N ALA A 350 -29.32 30.36 -15.00
CA ALA A 350 -30.07 29.54 -14.07
C ALA A 350 -29.93 30.13 -12.67
N ASP A 351 -31.04 30.64 -12.14
CA ASP A 351 -31.08 31.17 -10.77
C ASP A 351 -31.64 30.07 -9.88
N TYR A 352 -30.74 29.27 -9.29
CA TYR A 352 -31.15 28.17 -8.44
C TYR A 352 -31.57 28.61 -7.05
N SER A 353 -31.33 29.88 -6.69
CA SER A 353 -31.80 30.38 -5.40
C SER A 353 -33.32 30.41 -5.35
N VAL A 354 -33.96 30.77 -6.47
CA VAL A 354 -35.42 30.80 -6.52
C VAL A 354 -35.99 29.41 -6.25
N LEU A 355 -35.34 28.38 -6.76
CA LEU A 355 -35.79 27.01 -6.51
C LEU A 355 -35.44 26.56 -5.10
N TYR A 356 -34.16 26.70 -4.72
CA TYR A 356 -33.68 26.13 -3.47
C TYR A 356 -34.34 26.80 -2.26
N ASN A 357 -34.50 28.11 -2.29
CA ASN A 357 -35.06 28.86 -1.17
C ASN A 357 -36.56 29.02 -1.26
N SER A 358 -37.23 28.29 -2.16
CA SER A 358 -38.67 28.42 -2.29
C SER A 358 -39.41 27.80 -1.11
N ALA A 359 -38.86 26.74 -0.53
CA ALA A 359 -39.46 26.04 0.61
C ALA A 359 -40.85 25.50 0.27
N SER A 360 -41.07 25.17 -1.00
CA SER A 360 -42.31 24.54 -1.44
C SER A 360 -42.10 23.14 -1.98
N PHE A 361 -40.88 22.79 -2.38
CA PHE A 361 -40.61 21.48 -2.95
C PHE A 361 -40.35 20.47 -1.85
N SER A 362 -40.97 19.30 -1.96
CA SER A 362 -40.88 18.27 -0.93
C SER A 362 -39.66 17.37 -1.09
N THR A 363 -38.83 17.60 -2.11
CA THR A 363 -37.63 16.80 -2.30
C THR A 363 -36.55 17.68 -2.92
N PHE A 364 -35.39 17.77 -2.26
CA PHE A 364 -34.22 18.47 -2.78
C PHE A 364 -33.02 17.54 -2.63
N LYS A 365 -32.81 16.67 -3.61
CA LYS A 365 -31.76 15.66 -3.57
C LYS A 365 -30.75 15.97 -4.66
N CYS A 366 -29.57 16.47 -4.26
CA CYS A 366 -28.50 16.79 -5.19
C CYS A 366 -27.33 15.83 -4.98
N TYR A 367 -26.82 15.30 -6.09
CA TYR A 367 -25.80 14.27 -6.09
C TYR A 367 -24.61 14.71 -6.94
N GLY A 368 -23.42 14.70 -6.34
CA GLY A 368 -22.22 15.17 -7.00
C GLY A 368 -22.04 16.67 -6.97
N VAL A 369 -23.08 17.43 -6.65
CA VAL A 369 -23.01 18.88 -6.54
C VAL A 369 -23.80 19.30 -5.31
N SER A 370 -23.22 20.16 -4.49
CA SER A 370 -23.96 20.69 -3.35
C SER A 370 -25.05 21.64 -3.84
N PRO A 371 -26.21 21.66 -3.19
CA PRO A 371 -27.31 22.49 -3.69
C PRO A 371 -27.08 23.99 -3.46
N THR A 372 -26.20 24.37 -2.55
CA THR A 372 -25.91 25.77 -2.30
C THR A 372 -24.87 26.34 -3.24
N LYS A 373 -24.16 25.50 -4.00
CA LYS A 373 -23.15 25.95 -4.95
C LYS A 373 -23.63 25.83 -6.39
N LEU A 374 -24.92 25.57 -6.61
CA LEU A 374 -25.45 25.51 -7.96
C LEU A 374 -25.35 26.86 -8.65
N ASN A 375 -25.35 27.94 -7.89
CA ASN A 375 -25.20 29.29 -8.44
C ASN A 375 -23.75 29.66 -8.70
N ASP A 376 -22.79 28.90 -8.19
CA ASP A 376 -21.38 29.23 -8.31
C ASP A 376 -20.65 28.45 -9.39
N LEU A 377 -21.08 27.24 -9.69
CA LEU A 377 -20.55 26.47 -10.81
C LEU A 377 -21.47 26.71 -12.00
N CYS A 378 -20.96 26.46 -13.21
CA CYS A 378 -21.87 26.47 -14.34
C CYS A 378 -21.49 25.43 -15.37
N PHE A 379 -22.45 25.17 -16.26
CA PHE A 379 -22.51 23.93 -17.02
C PHE A 379 -22.70 24.25 -18.50
N THR A 380 -22.34 23.28 -19.33
CA THR A 380 -22.58 23.43 -20.77
C THR A 380 -24.05 23.28 -21.10
N ASN A 381 -24.74 22.33 -20.47
CA ASN A 381 -26.18 22.16 -20.66
C ASN A 381 -26.76 21.50 -19.42
N VAL A 382 -28.07 21.67 -19.25
CA VAL A 382 -28.83 21.02 -18.19
C VAL A 382 -30.15 20.52 -18.78
N TYR A 383 -30.55 19.31 -18.39
CA TYR A 383 -31.75 18.67 -18.90
C TYR A 383 -32.81 18.63 -17.81
N ALA A 384 -34.04 18.99 -18.17
CA ALA A 384 -35.15 19.05 -17.23
C ALA A 384 -36.23 18.05 -17.64
N ASP A 385 -36.63 17.20 -16.69
CA ASP A 385 -37.67 16.19 -16.89
C ASP A 385 -38.73 16.37 -15.81
N SER A 386 -39.95 16.77 -16.19
CA SER A 386 -40.98 17.20 -15.26
C SER A 386 -42.18 16.26 -15.32
N PHE A 387 -42.54 15.67 -14.17
CA PHE A 387 -43.55 14.63 -14.12
C PHE A 387 -44.26 14.62 -12.78
N VAL A 388 -45.36 13.88 -12.71
CA VAL A 388 -46.14 13.69 -11.49
C VAL A 388 -46.11 12.23 -11.12
N ILE A 389 -45.63 11.92 -9.90
CA ILE A 389 -45.47 10.56 -9.43
C ILE A 389 -46.01 10.48 -8.00
N ARG A 390 -46.41 9.27 -7.61
CA ARG A 390 -46.91 9.05 -6.26
C ARG A 390 -45.81 9.25 -5.21
N GLY A 391 -46.21 9.18 -3.94
CA GLY A 391 -45.35 9.54 -2.83
C GLY A 391 -44.45 8.46 -2.27
N ASP A 392 -44.97 7.24 -2.13
CA ASP A 392 -44.13 6.13 -1.73
C ASP A 392 -43.11 5.77 -2.80
N GLU A 393 -43.14 6.47 -3.95
CA GLU A 393 -42.33 6.18 -5.12
C GLU A 393 -41.32 7.27 -5.46
N VAL A 394 -41.42 8.46 -4.89
CA VAL A 394 -40.39 9.47 -5.16
C VAL A 394 -39.06 9.03 -4.56
N ARG A 395 -39.09 8.09 -3.60
CA ARG A 395 -37.86 7.50 -3.09
C ARG A 395 -37.11 6.75 -4.17
N GLN A 396 -37.79 6.36 -5.25
CA GLN A 396 -37.17 5.58 -6.31
C GLN A 396 -36.44 6.42 -7.35
N ILE A 397 -36.53 7.74 -7.27
CA ILE A 397 -35.87 8.62 -8.23
C ILE A 397 -34.57 9.05 -7.55
N ALA A 398 -33.53 8.25 -7.78
CA ALA A 398 -32.17 8.52 -7.33
C ALA A 398 -31.26 7.40 -7.86
N PRO A 399 -29.97 7.69 -8.04
CA PRO A 399 -29.06 6.67 -8.58
C PRO A 399 -29.00 5.42 -7.70
N GLY A 400 -28.84 4.28 -8.36
CA GLY A 400 -28.58 3.04 -7.66
C GLY A 400 -29.76 2.45 -6.90
N GLN A 401 -30.99 2.82 -7.25
CA GLN A 401 -32.16 2.32 -6.57
C GLN A 401 -32.95 1.38 -7.48
N THR A 402 -33.80 0.58 -6.85
CA THR A 402 -34.66 -0.36 -7.53
C THR A 402 -36.11 -0.01 -7.26
N GLY A 403 -37.00 -0.65 -8.00
CA GLY A 403 -38.41 -0.35 -7.92
C GLY A 403 -39.03 -0.26 -9.29
N LYS A 404 -40.37 -0.31 -9.35
CA LYS A 404 -41.03 -0.40 -10.64
C LYS A 404 -40.71 0.81 -11.52
N ILE A 405 -40.75 2.01 -10.96
CA ILE A 405 -40.31 3.19 -11.70
C ILE A 405 -38.80 3.23 -11.83
N ALA A 406 -38.08 2.78 -10.80
CA ALA A 406 -36.62 2.81 -10.87
C ALA A 406 -36.10 1.84 -11.92
N ASP A 407 -36.72 0.66 -12.05
CA ASP A 407 -36.24 -0.35 -12.99
C ASP A 407 -36.97 -0.30 -14.33
N TYR A 408 -38.30 -0.41 -14.30
CA TYR A 408 -39.12 -0.54 -15.50
C TYR A 408 -39.43 0.80 -16.15
N ASN A 409 -39.23 1.91 -15.45
CA ASN A 409 -39.41 3.26 -15.99
C ASN A 409 -38.10 3.99 -16.27
N TYR A 410 -37.28 4.24 -15.26
CA TYR A 410 -36.10 5.08 -15.47
C TYR A 410 -34.99 4.62 -14.53
N LYS A 411 -34.03 3.91 -15.10
CA LYS A 411 -32.79 3.60 -14.40
C LYS A 411 -31.92 4.85 -14.38
N LEU A 412 -31.66 5.36 -13.19
CA LEU A 412 -30.73 6.47 -13.02
C LEU A 412 -29.35 5.91 -12.73
N PRO A 413 -28.33 6.24 -13.53
CA PRO A 413 -27.02 5.62 -13.34
C PRO A 413 -26.38 6.03 -12.03
N ASP A 414 -25.50 5.16 -11.53
CA ASP A 414 -24.88 5.34 -10.22
C ASP A 414 -23.95 6.54 -10.16
N ASP A 415 -23.59 7.12 -11.30
CA ASP A 415 -22.65 8.24 -11.37
C ASP A 415 -23.37 9.53 -11.72
N PHE A 416 -24.56 9.73 -11.17
CA PHE A 416 -25.36 10.90 -11.47
C PHE A 416 -24.70 12.17 -10.93
N THR A 417 -24.78 13.24 -11.72
CA THR A 417 -24.44 14.59 -11.29
C THR A 417 -25.66 15.47 -11.56
N GLY A 418 -26.49 15.65 -10.56
CA GLY A 418 -27.73 16.39 -10.77
C GLY A 418 -28.51 16.50 -9.48
N CYS A 419 -29.68 17.12 -9.60
CA CYS A 419 -30.57 17.35 -8.47
C CYS A 419 -31.97 16.82 -8.78
N VAL A 420 -32.61 16.25 -7.76
CA VAL A 420 -33.97 15.72 -7.87
C VAL A 420 -34.89 16.65 -7.09
N ILE A 421 -35.91 17.18 -7.76
CA ILE A 421 -36.79 18.19 -7.18
C ILE A 421 -38.23 17.75 -7.35
N ALA A 422 -39.00 17.78 -6.26
CA ALA A 422 -40.38 17.33 -6.29
C ALA A 422 -41.20 18.11 -5.26
N TRP A 423 -42.49 18.29 -5.55
CA TRP A 423 -43.39 18.97 -4.64
C TRP A 423 -44.80 18.44 -4.83
N ASN A 424 -45.67 18.77 -3.88
CA ASN A 424 -47.01 18.21 -3.82
C ASN A 424 -47.93 18.85 -4.84
N SER A 425 -48.84 18.04 -5.39
CA SER A 425 -49.81 18.48 -6.39
C SER A 425 -51.19 17.93 -6.08
N ASN A 426 -51.58 17.95 -4.81
CA ASN A 426 -52.91 17.47 -4.43
C ASN A 426 -54.01 18.38 -4.98
N ASN A 427 -53.79 19.69 -4.94
CA ASN A 427 -54.77 20.66 -5.37
C ASN A 427 -54.64 21.04 -6.85
N LEU A 428 -53.69 20.45 -7.56
CA LEU A 428 -53.43 20.79 -8.95
C LEU A 428 -53.56 19.63 -9.91
N ASP A 429 -53.31 18.40 -9.46
CA ASP A 429 -53.32 17.23 -10.33
C ASP A 429 -54.54 16.35 -10.11
N SER A 430 -55.03 16.23 -8.89
CA SER A 430 -56.10 15.30 -8.56
C SER A 430 -57.47 15.89 -8.89
N LYS A 431 -58.41 15.01 -9.22
CA LYS A 431 -59.80 15.38 -9.45
C LYS A 431 -60.70 14.52 -8.58
N VAL A 432 -61.94 14.98 -8.41
CA VAL A 432 -62.88 14.29 -7.53
C VAL A 432 -63.17 12.89 -8.04
N GLY A 433 -63.40 12.74 -9.33
CA GLY A 433 -63.72 11.46 -9.91
C GLY A 433 -62.54 10.57 -10.21
N GLY A 434 -61.32 11.01 -9.91
CA GLY A 434 -60.14 10.23 -10.22
C GLY A 434 -59.52 10.67 -11.54
N ASN A 435 -58.25 11.02 -11.51
CA ASN A 435 -57.55 11.54 -12.68
C ASN A 435 -56.65 10.41 -13.18
N TYR A 436 -57.05 9.80 -14.30
CA TYR A 436 -56.39 8.62 -14.84
C TYR A 436 -55.65 8.92 -16.14
N ASN A 437 -55.18 10.14 -16.32
CA ASN A 437 -54.52 10.55 -17.55
C ASN A 437 -53.03 10.21 -17.59
N TYR A 438 -52.47 9.67 -16.51
CA TYR A 438 -51.07 9.29 -16.45
C TYR A 438 -50.95 7.78 -16.36
N LEU A 439 -50.14 7.21 -17.25
CA LEU A 439 -50.08 5.76 -17.41
C LEU A 439 -48.69 5.24 -17.10
N TYR A 440 -48.66 4.03 -16.58
CA TYR A 440 -47.50 3.40 -15.96
C TYR A 440 -47.54 1.90 -16.22
N ARG A 441 -46.37 1.33 -16.51
CA ARG A 441 -46.28 -0.11 -16.72
C ARG A 441 -45.74 -0.84 -15.51
N LEU A 442 -46.34 -2.01 -15.24
CA LEU A 442 -45.85 -2.94 -14.23
C LEU A 442 -45.09 -4.11 -14.84
N PHE A 443 -45.21 -4.35 -16.14
CA PHE A 443 -44.61 -5.52 -16.78
C PHE A 443 -43.75 -5.09 -17.94
N ARG A 444 -42.49 -5.52 -17.95
CA ARG A 444 -41.57 -5.34 -19.06
C ARG A 444 -40.72 -6.59 -19.21
N LYS A 445 -40.14 -6.73 -20.41
CA LYS A 445 -39.30 -7.90 -20.67
C LYS A 445 -37.98 -7.82 -19.93
N SER A 446 -37.47 -6.59 -19.78
CA SER A 446 -36.19 -6.35 -19.05
C SER A 446 -36.19 -4.90 -18.54
N ASN A 447 -35.26 -4.57 -17.64
CA ASN A 447 -35.23 -3.20 -17.06
C ASN A 447 -34.78 -2.20 -18.13
N LEU A 448 -35.24 -0.96 -18.05
CA LEU A 448 -34.88 0.07 -19.07
C LEU A 448 -33.41 0.47 -18.89
N LYS A 449 -32.77 0.95 -19.97
CA LYS A 449 -31.36 1.41 -19.89
C LYS A 449 -31.30 2.79 -19.22
N PRO A 450 -30.12 3.28 -18.79
CA PRO A 450 -30.02 4.63 -18.22
C PRO A 450 -30.65 5.66 -19.17
N PHE A 451 -31.60 6.45 -18.67
CA PHE A 451 -32.26 7.50 -19.49
C PHE A 451 -32.80 6.89 -20.78
N GLU A 452 -33.33 5.66 -20.71
CA GLU A 452 -33.93 5.03 -21.91
C GLU A 452 -35.43 5.31 -21.94
N ARG A 453 -35.97 5.72 -23.09
CA ARG A 453 -37.39 5.97 -23.22
C ARG A 453 -38.02 4.89 -24.10
N ASP A 454 -39.04 4.21 -23.58
CA ASP A 454 -39.83 3.25 -24.34
C ASP A 454 -41.30 3.66 -24.27
N ILE A 455 -41.88 3.95 -25.42
CA ILE A 455 -43.30 4.27 -25.52
C ILE A 455 -44.06 3.17 -26.25
N SER A 456 -43.48 1.96 -26.29
CA SER A 456 -44.09 0.85 -27.02
C SER A 456 -45.33 0.34 -26.29
N THR A 457 -46.44 0.23 -27.01
CA THR A 457 -47.68 -0.23 -26.38
C THR A 457 -47.92 -1.72 -26.59
N GLU A 458 -46.86 -2.48 -26.89
CA GLU A 458 -47.01 -3.91 -27.12
C GLU A 458 -47.44 -4.64 -25.85
N ILE A 459 -48.32 -5.63 -26.03
CA ILE A 459 -48.90 -6.36 -24.91
C ILE A 459 -47.96 -7.49 -24.51
N TYR A 460 -47.59 -7.52 -23.23
CA TYR A 460 -46.53 -8.39 -22.74
C TYR A 460 -47.03 -9.82 -22.53
N GLN A 461 -46.16 -10.78 -22.82
CA GLN A 461 -46.49 -12.20 -22.76
C GLN A 461 -46.04 -12.74 -21.40
N ALA A 462 -47.00 -12.92 -20.49
CA ALA A 462 -46.69 -13.48 -19.18
C ALA A 462 -46.52 -14.99 -19.20
N GLY A 463 -46.79 -15.65 -20.33
CA GLY A 463 -46.81 -17.10 -20.41
C GLY A 463 -46.03 -17.61 -21.60
N SER A 464 -46.57 -18.65 -22.23
CA SER A 464 -45.85 -19.45 -23.23
C SER A 464 -46.20 -19.11 -24.66
N THR A 465 -47.46 -18.88 -24.98
CA THR A 465 -47.79 -18.61 -26.38
C THR A 465 -47.96 -17.11 -26.61
N PRO A 466 -47.78 -16.63 -27.84
CA PRO A 466 -47.77 -15.19 -28.07
C PRO A 466 -49.15 -14.56 -27.94
N CYS A 467 -49.14 -13.25 -27.73
CA CYS A 467 -50.36 -12.46 -27.60
C CYS A 467 -50.84 -11.91 -28.92
N ASN A 468 -49.92 -11.55 -29.81
CA ASN A 468 -50.23 -11.05 -31.16
C ASN A 468 -51.04 -9.75 -31.10
N GLY A 469 -50.64 -8.84 -30.22
CA GLY A 469 -51.27 -7.54 -30.14
C GLY A 469 -52.59 -7.49 -29.42
N VAL A 470 -53.02 -8.60 -28.82
CA VAL A 470 -54.24 -8.67 -28.03
C VAL A 470 -53.84 -8.95 -26.59
N GLU A 471 -54.56 -8.34 -25.64
CA GLU A 471 -54.27 -8.50 -24.22
C GLU A 471 -54.56 -9.94 -23.84
N GLY A 472 -54.44 -10.32 -22.57
CA GLY A 472 -55.13 -11.52 -22.14
C GLY A 472 -54.44 -12.63 -21.38
N PHE A 473 -54.76 -13.88 -21.74
CA PHE A 473 -54.33 -15.05 -20.99
C PHE A 473 -52.82 -15.13 -21.03
N ASN A 474 -52.21 -14.68 -19.93
CA ASN A 474 -50.78 -14.40 -19.84
C ASN A 474 -50.38 -13.22 -20.74
N CYS A 475 -51.28 -12.23 -20.84
CA CYS A 475 -51.04 -11.07 -21.69
C CYS A 475 -51.72 -9.87 -21.08
N TYR A 476 -50.99 -8.78 -20.86
CA TYR A 476 -51.57 -7.57 -20.30
C TYR A 476 -51.19 -6.36 -21.11
N PHE A 477 -52.14 -5.44 -21.27
CA PHE A 477 -51.79 -4.12 -21.78
C PHE A 477 -50.80 -3.50 -20.81
N PRO A 478 -49.75 -2.84 -21.31
CA PRO A 478 -48.64 -2.52 -20.41
C PRO A 478 -48.98 -1.43 -19.40
N LEU A 479 -49.76 -0.42 -19.78
CA LEU A 479 -49.97 0.76 -18.95
C LEU A 479 -51.25 0.64 -18.13
N GLN A 480 -51.15 0.90 -16.83
CA GLN A 480 -52.29 0.98 -15.93
C GLN A 480 -52.49 2.41 -15.45
N SER A 481 -53.73 2.75 -15.12
CA SER A 481 -54.09 4.09 -14.67
C SER A 481 -54.08 4.20 -13.16
N TYR A 482 -53.96 5.44 -12.67
CA TYR A 482 -53.88 5.77 -11.27
C TYR A 482 -55.07 6.61 -10.80
N GLY A 483 -55.60 6.24 -9.64
CA GLY A 483 -56.68 6.97 -9.02
C GLY A 483 -56.20 8.15 -8.20
N PHE A 484 -55.69 9.18 -8.87
CA PHE A 484 -55.33 10.42 -8.20
C PHE A 484 -56.60 11.14 -7.78
N GLN A 485 -56.83 11.20 -6.47
CA GLN A 485 -58.02 11.79 -5.88
C GLN A 485 -57.60 12.73 -4.75
N PRO A 486 -58.38 13.77 -4.49
CA PRO A 486 -57.99 14.72 -3.43
C PRO A 486 -58.16 14.18 -2.02
N THR A 487 -58.88 13.08 -1.85
CA THR A 487 -59.07 12.45 -0.55
C THR A 487 -58.08 11.32 -0.29
N ASN A 488 -57.19 11.04 -1.24
CA ASN A 488 -56.26 9.94 -1.07
C ASN A 488 -55.23 10.26 0.02
N GLY A 489 -54.65 9.21 0.59
CA GLY A 489 -53.61 9.36 1.56
C GLY A 489 -52.34 9.92 0.93
N VAL A 490 -51.43 10.36 1.80
CA VAL A 490 -50.22 11.03 1.34
C VAL A 490 -49.42 10.14 0.41
N GLY A 491 -49.29 8.86 0.76
CA GLY A 491 -48.52 7.94 -0.07
C GLY A 491 -49.07 7.82 -1.47
N TYR A 492 -50.38 7.97 -1.63
CA TYR A 492 -51.02 7.85 -2.93
C TYR A 492 -51.31 9.20 -3.58
N GLN A 493 -50.96 10.30 -2.93
CA GLN A 493 -51.20 11.62 -3.50
C GLN A 493 -50.22 11.90 -4.64
N PRO A 494 -50.60 12.77 -5.58
CA PRO A 494 -49.69 13.08 -6.69
C PRO A 494 -48.62 14.08 -6.29
N TYR A 495 -47.42 13.85 -6.82
CA TYR A 495 -46.25 14.68 -6.52
C TYR A 495 -45.52 15.00 -7.81
N ARG A 496 -45.32 16.29 -8.07
CA ARG A 496 -44.74 16.75 -9.32
C ARG A 496 -43.22 16.77 -9.18
N VAL A 497 -42.55 15.99 -10.04
CA VAL A 497 -41.12 15.73 -9.93
C VAL A 497 -40.42 16.34 -11.14
N VAL A 498 -39.36 17.10 -10.88
CA VAL A 498 -38.48 17.61 -11.93
C VAL A 498 -37.05 17.21 -11.59
N VAL A 499 -36.37 16.56 -12.52
CA VAL A 499 -34.98 16.19 -12.36
C VAL A 499 -34.12 17.11 -13.22
N LEU A 500 -33.01 17.57 -12.66
CA LEU A 500 -32.11 18.51 -13.32
C LEU A 500 -30.73 17.86 -13.41
N SER A 501 -30.41 17.29 -14.56
CA SER A 501 -29.10 16.68 -14.79
C SER A 501 -28.16 17.74 -15.36
N PHE A 502 -27.20 18.19 -14.56
CA PHE A 502 -26.20 19.13 -15.03
C PHE A 502 -25.06 18.37 -15.67
N GLU A 503 -24.68 18.79 -16.88
CA GLU A 503 -23.62 18.14 -17.64
C GLU A 503 -22.35 18.98 -17.54
N LEU A 504 -21.24 18.33 -17.18
CA LEU A 504 -19.98 19.00 -16.91
C LEU A 504 -18.87 18.31 -17.70
N LEU A 505 -18.55 18.84 -18.87
CA LEU A 505 -17.43 18.38 -19.68
C LEU A 505 -16.51 19.56 -19.97
N HIS A 506 -15.45 19.28 -20.74
CA HIS A 506 -14.49 20.30 -21.14
C HIS A 506 -14.98 20.92 -22.44
N ALA A 507 -15.90 21.87 -22.30
CA ALA A 507 -16.61 22.45 -23.44
C ALA A 507 -17.11 23.82 -23.03
N PRO A 508 -17.53 24.64 -23.99
CA PRO A 508 -18.13 25.94 -23.63
C PRO A 508 -19.35 25.75 -22.75
N ALA A 509 -19.50 26.63 -21.76
CA ALA A 509 -20.63 26.60 -20.85
C ALA A 509 -21.68 27.61 -21.33
N THR A 510 -22.91 27.14 -21.53
CA THR A 510 -23.97 27.99 -22.04
C THR A 510 -24.94 28.43 -20.95
N VAL A 511 -24.98 27.73 -19.81
CA VAL A 511 -25.79 28.12 -18.67
C VAL A 511 -24.84 28.41 -17.52
N CYS A 512 -24.92 29.62 -16.97
CA CYS A 512 -24.10 30.00 -15.83
C CYS A 512 -24.90 30.80 -14.81
N GLY A 513 -24.54 30.59 -13.54
CA GLY A 513 -25.30 31.10 -12.43
C GLY A 513 -25.11 32.59 -12.21
N PRO A 514 -25.82 33.11 -11.21
CA PRO A 514 -25.79 34.57 -10.98
C PRO A 514 -24.50 35.01 -10.31
N LYS A 515 -23.58 35.58 -11.09
CA LYS A 515 -22.34 36.12 -10.59
C LYS A 515 -21.91 37.27 -11.51
N LYS A 516 -21.01 38.10 -10.98
CA LYS A 516 -20.61 39.32 -11.66
C LYS A 516 -19.25 39.15 -12.31
N SER A 517 -19.18 39.42 -13.61
CA SER A 517 -17.90 39.40 -14.33
C SER A 517 -17.16 40.70 -14.10
N THR A 518 -15.85 40.60 -13.92
CA THR A 518 -14.99 41.73 -13.59
C THR A 518 -14.10 42.09 -14.77
N ASN A 519 -13.22 43.06 -14.55
CA ASN A 519 -12.31 43.53 -15.58
C ASN A 519 -11.20 42.50 -15.83
N LEU A 520 -10.48 42.72 -16.93
CA LEU A 520 -9.36 41.87 -17.32
C LEU A 520 -8.07 42.66 -17.18
N VAL A 521 -7.11 42.10 -16.44
CA VAL A 521 -5.78 42.71 -16.32
C VAL A 521 -4.77 41.70 -16.85
N LYS A 522 -3.70 42.22 -17.45
CA LYS A 522 -2.72 41.40 -18.14
C LYS A 522 -1.34 41.62 -17.54
N ASN A 523 -0.46 40.64 -17.78
CA ASN A 523 0.93 40.69 -17.32
C ASN A 523 1.04 40.90 -15.81
N LYS A 524 0.22 40.18 -15.06
CA LYS A 524 0.30 40.24 -13.60
C LYS A 524 -0.24 38.95 -13.01
N CYS A 525 0.22 38.63 -11.80
CA CYS A 525 -0.16 37.40 -11.12
C CYS A 525 -1.58 37.56 -10.58
N VAL A 526 -2.51 36.76 -11.12
CA VAL A 526 -3.92 36.91 -10.79
C VAL A 526 -4.52 35.54 -10.47
N ASN A 527 -5.66 35.58 -9.77
CA ASN A 527 -6.56 34.45 -9.66
C ASN A 527 -7.63 34.63 -10.73
N PHE A 528 -7.66 33.72 -11.71
CA PHE A 528 -8.51 33.89 -12.89
C PHE A 528 -9.60 32.84 -12.92
N ASN A 529 -10.71 33.18 -13.58
CA ASN A 529 -11.85 32.28 -13.75
C ASN A 529 -12.44 32.54 -15.14
N PHE A 530 -12.04 31.72 -16.11
CA PHE A 530 -12.52 31.83 -17.49
C PHE A 530 -13.49 30.69 -17.76
N ASN A 531 -14.76 31.03 -17.96
CA ASN A 531 -15.78 30.06 -18.36
C ASN A 531 -15.85 28.89 -17.38
N GLY A 532 -15.67 29.19 -16.09
CA GLY A 532 -15.68 28.18 -15.06
C GLY A 532 -14.33 27.54 -14.77
N LEU A 533 -13.31 27.84 -15.58
CA LEU A 533 -11.97 27.30 -15.37
C LEU A 533 -11.24 28.21 -14.39
N THR A 534 -11.06 27.72 -13.16
CA THR A 534 -10.42 28.49 -12.11
C THR A 534 -8.95 28.12 -12.00
N GLY A 535 -8.14 29.10 -11.59
CA GLY A 535 -6.72 28.86 -11.45
C GLY A 535 -6.02 30.14 -11.01
N THR A 536 -4.69 30.07 -10.98
CA THR A 536 -3.87 31.22 -10.63
C THR A 536 -2.66 31.25 -11.55
N GLY A 537 -2.40 32.41 -12.13
CA GLY A 537 -1.27 32.56 -13.03
C GLY A 537 -1.24 33.95 -13.61
N VAL A 538 -0.29 34.17 -14.51
CA VAL A 538 -0.11 35.44 -15.20
C VAL A 538 -0.45 35.24 -16.68
N LEU A 539 -1.26 36.15 -17.22
CA LEU A 539 -1.73 36.04 -18.59
C LEU A 539 -0.90 36.92 -19.50
N THR A 540 -0.66 36.44 -20.72
CA THR A 540 0.12 37.15 -21.71
C THR A 540 -0.60 37.05 -23.04
N GLU A 541 -0.43 38.07 -23.88
CA GLU A 541 -0.94 37.99 -25.25
C GLU A 541 -0.23 36.88 -26.01
N SER A 542 -1.00 36.13 -26.79
CA SER A 542 -0.48 34.96 -27.49
C SER A 542 -0.76 35.07 -28.98
N ASN A 543 0.19 34.61 -29.79
CA ASN A 543 0.08 34.64 -31.24
C ASN A 543 -0.59 33.39 -31.80
N LYS A 544 -0.99 32.45 -30.96
CA LYS A 544 -1.67 31.26 -31.44
C LYS A 544 -3.01 31.62 -32.06
N LYS A 545 -3.48 30.78 -32.98
CA LYS A 545 -4.77 30.94 -33.61
C LYS A 545 -5.68 29.78 -33.22
N PHE A 546 -6.91 30.09 -32.83
CA PHE A 546 -7.87 29.11 -32.39
C PHE A 546 -8.95 28.92 -33.45
N LEU A 547 -9.21 27.67 -33.80
CA LEU A 547 -10.30 27.38 -34.72
C LEU A 547 -11.63 27.76 -34.06
N PRO A 548 -12.66 28.08 -34.88
CA PRO A 548 -13.89 28.65 -34.30
C PRO A 548 -14.54 27.78 -33.23
N PHE A 549 -14.33 26.47 -33.29
CA PHE A 549 -14.85 25.58 -32.24
C PHE A 549 -13.90 25.45 -31.07
N GLN A 550 -12.63 25.84 -31.22
CA GLN A 550 -11.61 25.60 -30.20
C GLN A 550 -11.63 26.69 -29.14
N GLN A 551 -11.70 26.27 -27.88
CA GLN A 551 -11.78 27.16 -26.73
C GLN A 551 -10.53 27.14 -25.86
N PHE A 552 -10.09 25.96 -25.43
CA PHE A 552 -8.96 25.83 -24.51
C PHE A 552 -7.72 25.36 -25.26
N GLY A 553 -6.60 25.37 -24.56
CA GLY A 553 -5.36 24.87 -25.10
C GLY A 553 -4.59 24.10 -24.04
N ARG A 554 -3.84 23.10 -24.51
CA ARG A 554 -3.07 22.22 -23.63
C ARG A 554 -1.69 22.02 -24.23
N ASP A 555 -0.71 21.70 -23.38
CA ASP A 555 0.64 21.46 -23.86
C ASP A 555 1.10 20.03 -23.68
N ILE A 556 1.22 19.52 -22.44
CA ILE A 556 1.64 18.15 -22.21
C ILE A 556 0.77 17.51 -21.13
N ALA A 557 0.10 18.35 -20.33
CA ALA A 557 -0.54 17.90 -19.11
C ALA A 557 -1.96 18.45 -19.04
N ASP A 558 -2.63 18.14 -17.92
CA ASP A 558 -4.02 18.54 -17.74
C ASP A 558 -4.17 20.05 -17.60
N THR A 559 -3.14 20.73 -17.12
CA THR A 559 -3.22 22.18 -16.97
C THR A 559 -3.35 22.86 -18.33
N THR A 560 -4.24 23.85 -18.41
CA THR A 560 -4.54 24.52 -19.67
C THR A 560 -3.50 25.61 -19.93
N ASP A 561 -2.79 25.48 -21.05
CA ASP A 561 -1.75 26.46 -21.39
C ASP A 561 -2.37 27.78 -21.83
N ALA A 562 -3.36 27.72 -22.71
CA ALA A 562 -4.05 28.91 -23.21
C ALA A 562 -5.54 28.80 -22.88
N VAL A 563 -6.26 29.88 -23.13
CA VAL A 563 -7.68 29.96 -22.77
C VAL A 563 -8.31 31.05 -23.62
N ARG A 564 -9.63 31.02 -23.80
CA ARG A 564 -10.27 32.03 -24.71
C ARG A 564 -11.07 33.03 -23.88
N ASP A 565 -11.37 34.21 -24.44
CA ASP A 565 -12.17 35.24 -23.72
C ASP A 565 -13.63 35.17 -24.17
N PRO A 566 -14.61 35.14 -23.25
CA PRO A 566 -16.02 35.15 -23.62
C PRO A 566 -16.51 36.49 -24.16
N GLN A 567 -16.23 37.59 -23.44
CA GLN A 567 -16.75 38.92 -23.85
C GLN A 567 -16.17 39.34 -25.20
N THR A 568 -14.84 39.23 -25.36
CA THR A 568 -14.18 39.61 -26.63
C THR A 568 -13.63 38.36 -27.30
N LEU A 569 -13.71 38.28 -28.63
CA LEU A 569 -13.21 37.10 -29.37
C LEU A 569 -11.68 37.12 -29.35
N GLU A 570 -11.09 36.85 -28.19
CA GLU A 570 -9.61 36.90 -28.06
C GLU A 570 -9.12 35.72 -27.23
N ILE A 571 -7.84 35.36 -27.38
CA ILE A 571 -7.24 34.24 -26.65
C ILE A 571 -5.94 34.70 -26.03
N LEU A 572 -5.70 34.27 -24.79
CA LEU A 572 -4.49 34.60 -24.05
C LEU A 572 -3.93 33.35 -23.43
N ASP A 573 -2.60 33.20 -23.47
CA ASP A 573 -1.96 32.04 -22.87
C ASP A 573 -1.66 32.28 -21.39
N ILE A 574 -1.48 31.18 -20.66
CA ILE A 574 -1.30 31.22 -19.22
C ILE A 574 0.07 30.66 -18.87
N THR A 575 0.81 31.39 -18.03
CA THR A 575 2.09 30.99 -17.47
C THR A 575 1.99 31.00 -15.95
N PRO A 576 2.48 29.97 -15.27
CA PRO A 576 2.38 29.93 -13.80
C PRO A 576 3.15 31.08 -13.18
N CYS A 577 2.63 31.56 -12.04
CA CYS A 577 3.30 32.62 -11.32
C CYS A 577 4.64 32.12 -10.80
N SER A 578 5.61 33.03 -10.77
CA SER A 578 7.01 32.65 -10.59
C SER A 578 7.23 31.86 -9.31
N PHE A 579 8.01 30.79 -9.42
CA PHE A 579 8.38 29.98 -8.27
C PHE A 579 9.86 29.62 -8.38
N GLY A 580 10.47 29.34 -7.24
CA GLY A 580 11.86 28.96 -7.22
C GLY A 580 12.33 28.74 -5.79
N GLY A 581 13.44 28.02 -5.67
CA GLY A 581 13.99 27.72 -4.37
C GLY A 581 14.90 28.84 -3.89
N VAL A 582 14.68 29.27 -2.66
CA VAL A 582 15.51 30.31 -2.06
C VAL A 582 16.68 29.62 -1.36
N SER A 583 17.86 29.72 -1.96
CA SER A 583 19.07 29.19 -1.38
C SER A 583 19.87 30.32 -0.74
N VAL A 584 20.36 30.09 0.47
CA VAL A 584 21.01 31.11 1.27
C VAL A 584 22.50 30.80 1.34
N ILE A 585 23.32 31.80 1.04
CA ILE A 585 24.77 31.70 1.14
C ILE A 585 25.21 32.31 2.45
N THR A 586 26.31 31.80 3.00
CA THR A 586 26.84 32.31 4.25
C THR A 586 28.34 32.05 4.30
N PRO A 587 29.11 32.94 4.92
CA PRO A 587 30.53 32.66 5.19
C PRO A 587 30.79 31.98 6.53
N GLY A 588 29.76 31.47 7.19
CA GLY A 588 29.90 30.88 8.51
C GLY A 588 29.64 31.90 9.59
N THR A 589 28.66 31.64 10.46
CA THR A 589 28.35 32.58 11.53
C THR A 589 29.54 32.78 12.45
N ASN A 590 30.46 31.82 12.51
CA ASN A 590 31.68 32.00 13.25
C ASN A 590 32.48 33.18 12.72
N THR A 591 32.58 33.29 11.40
CA THR A 591 33.35 34.39 10.80
C THR A 591 32.58 35.69 10.80
N SER A 592 31.32 35.66 10.37
CA SER A 592 30.51 36.87 10.30
C SER A 592 29.05 36.48 10.23
N ASN A 593 28.17 37.48 10.42
CA ASN A 593 26.73 37.28 10.38
C ASN A 593 26.11 37.73 9.06
N GLN A 594 26.92 38.13 8.09
CA GLN A 594 26.39 38.51 6.79
C GLN A 594 25.91 37.27 6.03
N VAL A 595 24.99 37.49 5.10
CA VAL A 595 24.41 36.41 4.31
C VAL A 595 24.14 36.91 2.90
N ALA A 596 23.94 35.95 2.00
CA ALA A 596 23.50 36.23 0.64
C ALA A 596 22.44 35.22 0.27
N VAL A 597 21.53 35.62 -0.63
CA VAL A 597 20.39 34.80 -1.01
C VAL A 597 20.42 34.59 -2.52
N LEU A 598 20.09 33.38 -2.95
CA LEU A 598 20.07 33.01 -4.37
C LEU A 598 18.70 32.48 -4.74
N TYR A 599 18.14 33.00 -5.82
CA TYR A 599 16.83 32.58 -6.32
C TYR A 599 17.04 31.81 -7.62
N GLN A 600 16.76 30.51 -7.58
CA GLN A 600 17.11 29.64 -8.71
C GLN A 600 16.23 29.91 -9.93
N GLY A 601 16.85 29.95 -11.09
CA GLY A 601 16.13 29.91 -12.35
C GLY A 601 15.24 31.08 -12.66
N VAL A 602 15.63 32.29 -12.25
CA VAL A 602 14.90 33.51 -12.59
C VAL A 602 15.91 34.59 -12.96
N ASN A 603 15.49 35.50 -13.82
CA ASN A 603 16.22 36.76 -13.93
C ASN A 603 15.68 37.75 -12.92
N CYS A 604 16.51 38.74 -12.60
CA CYS A 604 16.37 39.48 -11.35
C CYS A 604 15.45 40.68 -11.52
N THR A 605 14.23 40.39 -12.00
CA THR A 605 13.20 41.39 -12.22
C THR A 605 12.03 41.24 -11.26
N GLU A 606 11.50 40.03 -11.11
CA GLU A 606 10.35 39.83 -10.24
C GLU A 606 10.74 39.88 -8.77
N VAL A 607 11.92 39.37 -8.43
CA VAL A 607 12.39 39.35 -7.05
C VAL A 607 12.60 40.76 -6.52
N ASN A 628 23.89 45.71 -4.99
CA ASN A 628 24.59 44.46 -4.72
C ASN A 628 23.84 43.28 -5.34
N VAL A 629 23.67 43.35 -6.65
CA VAL A 629 22.87 42.38 -7.41
C VAL A 629 23.78 41.74 -8.45
N PHE A 630 23.90 40.42 -8.41
CA PHE A 630 24.70 39.68 -9.38
C PHE A 630 23.80 38.67 -10.08
N GLN A 631 23.71 38.77 -11.39
CA GLN A 631 22.89 37.87 -12.19
C GLN A 631 23.76 36.72 -12.70
N THR A 632 23.37 35.49 -12.38
CA THR A 632 24.08 34.30 -12.82
C THR A 632 23.11 33.38 -13.56
N ARG A 633 23.68 32.42 -14.28
CA ARG A 633 22.89 31.42 -14.98
C ARG A 633 22.14 30.54 -14.00
N ALA A 634 22.57 30.48 -12.74
CA ALA A 634 21.84 29.77 -11.71
C ALA A 634 20.68 30.58 -11.13
N GLY A 635 20.62 31.88 -11.43
CA GLY A 635 19.56 32.74 -10.97
C GLY A 635 20.11 34.08 -10.57
N CYS A 636 19.26 34.89 -9.92
CA CYS A 636 19.70 36.17 -9.37
C CYS A 636 20.28 35.96 -7.99
N LEU A 637 21.46 36.54 -7.77
CA LEU A 637 22.13 36.52 -6.47
C LEU A 637 22.02 37.89 -5.82
N ILE A 638 21.56 37.93 -4.58
CA ILE A 638 21.28 39.16 -3.86
C ILE A 638 22.14 39.17 -2.60
N GLY A 639 22.83 40.27 -2.36
CA GLY A 639 23.60 40.47 -1.16
C GLY A 639 25.07 40.15 -1.28
N ALA A 640 25.49 39.51 -2.37
CA ALA A 640 26.89 39.18 -2.60
C ALA A 640 27.44 40.06 -3.71
N GLU A 641 28.60 40.66 -3.45
CA GLU A 641 29.23 41.53 -4.43
C GLU A 641 29.86 40.71 -5.56
N HIS A 642 30.17 41.38 -6.66
CA HIS A 642 30.85 40.78 -7.79
C HIS A 642 32.28 41.30 -7.84
N VAL A 643 33.23 40.38 -8.01
CA VAL A 643 34.65 40.72 -8.06
C VAL A 643 35.28 39.98 -9.24
N ASN A 644 36.11 40.69 -10.00
CA ASN A 644 36.77 40.10 -11.16
C ASN A 644 37.76 39.02 -10.75
N ASN A 645 38.38 39.16 -9.59
CA ASN A 645 39.43 38.22 -9.16
C ASN A 645 38.86 36.83 -8.94
N SER A 646 39.63 35.82 -9.35
CA SER A 646 39.24 34.43 -9.25
C SER A 646 40.05 33.73 -8.16
N TYR A 647 39.43 32.73 -7.54
CA TYR A 647 40.07 31.96 -6.47
C TYR A 647 39.62 30.52 -6.57
N GLU A 648 40.08 29.71 -5.62
CA GLU A 648 39.49 28.39 -5.44
C GLU A 648 38.03 28.55 -5.01
N CYS A 649 37.20 27.60 -5.42
CA CYS A 649 35.76 27.73 -5.19
C CYS A 649 35.47 27.58 -3.70
N ASP A 650 35.30 28.72 -3.03
CA ASP A 650 34.96 28.69 -1.61
C ASP A 650 33.54 28.18 -1.40
N ILE A 651 32.59 28.74 -2.14
CA ILE A 651 31.19 28.31 -2.08
C ILE A 651 30.65 28.13 -3.48
N PRO A 652 30.51 26.89 -3.97
CA PRO A 652 29.90 26.66 -5.28
C PRO A 652 28.49 27.22 -5.34
N ILE A 653 28.26 28.12 -6.30
CA ILE A 653 26.93 28.66 -6.55
C ILE A 653 26.27 27.98 -7.74
N GLY A 654 27.02 27.74 -8.81
CA GLY A 654 26.48 27.14 -10.01
C GLY A 654 26.89 27.92 -11.24
N ALA A 655 26.95 27.21 -12.37
CA ALA A 655 27.36 27.81 -13.65
C ALA A 655 28.72 28.47 -13.56
N GLY A 656 29.65 27.80 -12.88
CA GLY A 656 31.01 28.31 -12.78
C GLY A 656 31.13 29.61 -12.01
N ILE A 657 30.34 29.79 -10.96
CA ILE A 657 30.37 30.98 -10.13
C ILE A 657 30.57 30.54 -8.68
N CYS A 658 31.52 31.17 -8.00
CA CYS A 658 31.79 30.88 -6.60
C CYS A 658 31.74 32.16 -5.79
N ALA A 659 31.35 32.02 -4.53
CA ALA A 659 31.27 33.13 -3.60
C ALA A 659 32.30 32.94 -2.49
N SER A 660 32.82 34.05 -1.98
CA SER A 660 33.81 34.01 -0.92
C SER A 660 33.66 35.25 -0.05
N TYR A 661 34.28 35.20 1.13
CA TYR A 661 34.26 36.33 2.06
C TYR A 661 35.66 36.91 2.14
N GLN A 662 35.78 38.19 1.80
CA GLN A 662 37.06 38.89 1.87
C GLN A 662 36.87 40.20 2.62
N THR A 663 37.92 40.60 3.34
CA THR A 663 37.88 41.83 4.12
C THR A 663 39.07 42.71 3.80
N GLN A 677 34.98 43.93 3.62
CA GLN A 677 33.91 43.63 4.56
C GLN A 677 32.61 43.32 3.81
N SER A 678 32.68 42.38 2.87
CA SER A 678 31.51 42.03 2.08
C SER A 678 31.72 40.63 1.51
N ILE A 679 30.61 40.04 1.06
CA ILE A 679 30.64 38.75 0.39
C ILE A 679 30.81 38.99 -1.10
N ILE A 680 31.78 38.33 -1.71
CA ILE A 680 32.16 38.58 -3.09
C ILE A 680 31.91 37.32 -3.92
N ALA A 681 31.40 37.52 -5.14
CA ALA A 681 31.13 36.44 -6.08
C ALA A 681 31.97 36.65 -7.32
N TYR A 682 32.43 35.55 -7.91
CA TYR A 682 33.37 35.60 -9.02
C TYR A 682 33.25 34.33 -9.84
N THR A 683 33.83 34.38 -11.05
CA THR A 683 33.99 33.20 -11.88
C THR A 683 35.27 32.48 -11.48
N MET A 684 35.17 31.19 -11.20
CA MET A 684 36.30 30.47 -10.64
C MET A 684 37.42 30.30 -11.66
N SER A 685 38.62 30.12 -11.13
CA SER A 685 39.79 29.78 -11.93
C SER A 685 40.08 28.30 -11.74
N LEU A 686 40.32 27.59 -12.85
CA LEU A 686 40.53 26.14 -12.78
C LEU A 686 41.77 25.80 -11.97
N GLY A 687 42.85 26.56 -12.14
CA GLY A 687 44.05 26.31 -11.38
C GLY A 687 45.12 27.31 -11.73
N ALA A 688 46.26 27.16 -11.06
CA ALA A 688 47.41 28.02 -11.32
C ALA A 688 48.00 27.69 -12.69
N GLU A 689 48.01 28.67 -13.59
CA GLU A 689 48.52 28.45 -14.93
C GLU A 689 50.01 28.20 -14.92
N ASN A 690 50.46 27.23 -15.71
CA ASN A 690 51.88 26.88 -15.78
C ASN A 690 52.14 26.25 -17.14
N SER A 691 52.73 27.02 -18.04
CA SER A 691 53.16 26.47 -19.32
C SER A 691 54.39 25.60 -19.13
N VAL A 692 54.60 24.70 -20.08
CA VAL A 692 55.73 23.78 -20.05
C VAL A 692 56.71 24.17 -21.13
N ALA A 693 57.98 24.31 -20.76
CA ALA A 693 59.00 24.73 -21.71
C ALA A 693 59.38 23.59 -22.65
N TYR A 694 58.47 23.22 -23.55
CA TYR A 694 58.68 22.10 -24.43
C TYR A 694 59.55 22.49 -25.61
N SER A 695 60.48 21.60 -25.97
CA SER A 695 61.29 21.76 -27.17
C SER A 695 61.74 20.37 -27.58
N ASN A 696 62.26 20.27 -28.81
CA ASN A 696 62.58 18.97 -29.39
C ASN A 696 63.94 18.44 -28.95
N ASN A 697 64.69 19.19 -28.14
CA ASN A 697 66.00 18.71 -27.69
C ASN A 697 66.27 19.05 -26.23
N SER A 698 65.23 19.10 -25.40
CA SER A 698 65.41 19.39 -23.99
C SER A 698 64.58 18.45 -23.14
N ILE A 699 65.15 17.99 -22.04
CA ILE A 699 64.44 17.22 -21.03
C ILE A 699 64.78 17.76 -19.66
N ALA A 700 63.83 17.64 -18.74
CA ALA A 700 64.04 17.99 -17.35
C ALA A 700 64.06 16.72 -16.52
N ILE A 701 65.15 16.49 -15.79
CA ILE A 701 65.33 15.29 -14.99
C ILE A 701 65.44 15.70 -13.53
N PRO A 702 64.74 15.02 -12.62
CA PRO A 702 64.89 15.34 -11.20
C PRO A 702 66.32 15.12 -10.72
N THR A 703 66.75 15.98 -9.80
CA THR A 703 68.03 15.82 -9.13
C THR A 703 67.90 15.54 -7.64
N ASN A 704 66.70 15.68 -7.09
CA ASN A 704 66.44 15.44 -5.68
C ASN A 704 65.03 14.87 -5.55
N PHE A 705 64.64 14.56 -4.31
CA PHE A 705 63.35 13.93 -4.08
C PHE A 705 62.97 14.10 -2.61
N THR A 706 61.70 13.87 -2.32
CA THR A 706 61.18 13.91 -0.96
C THR A 706 60.23 12.74 -0.76
N ILE A 707 60.10 12.33 0.49
CA ILE A 707 59.14 11.30 0.88
C ILE A 707 57.85 11.97 1.30
N SER A 708 56.73 11.54 0.72
CA SER A 708 55.43 12.11 1.00
C SER A 708 54.50 11.00 1.49
N VAL A 709 53.79 11.27 2.57
CA VAL A 709 52.82 10.33 3.14
C VAL A 709 51.45 10.98 3.10
N THR A 710 50.51 10.32 2.42
CA THR A 710 49.16 10.82 2.25
C THR A 710 48.18 9.91 2.94
N THR A 711 47.04 10.47 3.33
CA THR A 711 46.01 9.75 4.09
C THR A 711 44.77 9.58 3.23
N GLU A 712 44.28 8.35 3.13
CA GLU A 712 43.08 8.03 2.37
C GLU A 712 42.11 7.27 3.27
N ILE A 713 40.86 7.71 3.29
CA ILE A 713 39.84 7.19 4.20
C ILE A 713 38.73 6.55 3.38
N LEU A 714 38.38 5.31 3.72
CA LEU A 714 37.34 4.57 3.01
C LEU A 714 36.40 3.92 4.02
N PRO A 715 35.10 4.20 3.96
CA PRO A 715 34.15 3.47 4.79
C PRO A 715 34.10 2.00 4.41
N VAL A 716 33.84 1.15 5.42
CA VAL A 716 33.86 -0.29 5.25
C VAL A 716 32.52 -0.91 5.63
N SER A 717 32.00 -0.60 6.81
CA SER A 717 30.81 -1.23 7.32
C SER A 717 29.84 -0.20 7.87
N MET A 718 28.56 -0.54 7.84
CA MET A 718 27.47 0.29 8.35
C MET A 718 26.98 -0.29 9.67
N THR A 719 26.42 0.56 10.53
CA THR A 719 25.86 0.11 11.79
C THR A 719 24.82 -0.97 11.53
N LYS A 720 24.96 -2.10 12.23
CA LYS A 720 24.09 -3.27 12.01
C LYS A 720 22.78 -3.03 12.75
N THR A 721 21.92 -2.24 12.13
CA THR A 721 20.59 -1.99 12.68
C THR A 721 19.63 -3.09 12.25
N SER A 722 18.77 -3.49 13.18
CA SER A 722 17.73 -4.48 12.93
C SER A 722 16.42 -3.94 13.45
N VAL A 723 15.36 -4.06 12.66
CA VAL A 723 14.07 -3.45 12.96
C VAL A 723 13.05 -4.56 13.11
N ASP A 724 12.32 -4.55 14.23
CA ASP A 724 11.17 -5.44 14.41
C ASP A 724 9.98 -4.78 13.72
N CYS A 725 9.60 -5.32 12.57
CA CYS A 725 8.55 -4.71 11.77
C CYS A 725 7.22 -4.68 12.53
N THR A 726 6.86 -5.79 13.18
CA THR A 726 5.56 -5.87 13.84
C THR A 726 5.46 -4.91 15.02
N MET A 727 6.51 -4.84 15.85
CA MET A 727 6.48 -3.97 17.02
C MET A 727 6.34 -2.51 16.63
N TYR A 728 7.01 -2.10 15.55
CA TYR A 728 6.96 -0.71 15.13
C TYR A 728 5.56 -0.28 14.73
N ILE A 729 4.85 -1.15 14.02
CA ILE A 729 3.55 -0.74 13.47
C ILE A 729 2.44 -0.92 14.52
N CYS A 730 2.46 -2.02 15.24
CA CYS A 730 1.37 -2.45 16.12
C CYS A 730 1.88 -2.78 17.51
N GLY A 731 2.68 -1.88 18.08
CA GLY A 731 3.25 -2.08 19.39
C GLY A 731 2.22 -2.42 20.46
N ASP A 732 2.50 -3.47 21.23
CA ASP A 732 1.72 -3.93 22.39
C ASP A 732 0.21 -3.96 22.14
N SER A 733 -0.19 -4.13 20.88
CA SER A 733 -1.59 -4.19 20.51
C SER A 733 -1.85 -5.47 19.74
N THR A 734 -2.81 -6.26 20.22
CA THR A 734 -3.21 -7.48 19.52
C THR A 734 -4.08 -7.15 18.31
N GLU A 735 -4.98 -6.18 18.45
CA GLU A 735 -5.92 -5.88 17.37
C GLU A 735 -5.19 -5.37 16.12
N CYS A 736 -4.21 -4.49 16.30
CA CYS A 736 -3.44 -4.02 15.16
C CYS A 736 -2.67 -5.15 14.50
N SER A 737 -2.14 -6.07 15.31
CA SER A 737 -1.40 -7.20 14.76
C SER A 737 -2.30 -8.07 13.89
N ASN A 738 -3.55 -8.26 14.29
CA ASN A 738 -4.48 -9.07 13.50
C ASN A 738 -4.76 -8.43 12.14
N LEU A 739 -4.86 -7.10 12.10
CA LEU A 739 -5.03 -6.43 10.82
C LEU A 739 -3.73 -6.41 10.02
N LEU A 740 -2.58 -6.42 10.71
CA LEU A 740 -1.30 -6.41 10.00
C LEU A 740 -1.12 -7.69 9.20
N LEU A 741 -1.53 -8.84 9.74
CA LEU A 741 -1.32 -10.12 9.08
C LEU A 741 -2.12 -10.25 7.79
N GLN A 742 -3.12 -9.38 7.55
CA GLN A 742 -3.85 -9.41 6.30
C GLN A 742 -2.99 -9.01 5.11
N TYR A 743 -1.82 -8.43 5.33
CA TYR A 743 -0.96 -8.01 4.23
C TYR A 743 0.07 -9.07 3.86
N GLY A 744 -0.03 -10.26 4.43
CA GLY A 744 0.84 -11.35 4.04
C GLY A 744 2.26 -11.12 4.52
N SER A 745 3.20 -11.25 3.59
CA SER A 745 4.63 -11.21 3.90
C SER A 745 5.18 -9.81 4.03
N PHE A 746 4.37 -8.77 3.79
CA PHE A 746 4.89 -7.40 3.71
C PHE A 746 5.72 -7.03 4.93
N CYS A 747 5.35 -7.53 6.10
CA CYS A 747 6.12 -7.23 7.29
C CYS A 747 7.33 -8.16 7.39
N THR A 748 7.15 -9.43 7.00
CA THR A 748 8.22 -10.41 7.13
C THR A 748 9.40 -10.11 6.22
N GLN A 749 9.16 -9.83 4.93
CA GLN A 749 10.28 -9.65 4.01
C GLN A 749 11.09 -8.41 4.35
N LEU A 750 10.49 -7.45 5.07
CA LEU A 750 11.26 -6.30 5.54
C LEU A 750 12.28 -6.72 6.59
N ASN A 751 11.89 -7.65 7.47
CA ASN A 751 12.86 -8.19 8.43
C ASN A 751 13.96 -8.96 7.74
N ARG A 752 13.60 -9.75 6.73
CA ARG A 752 14.61 -10.52 5.99
C ARG A 752 15.58 -9.61 5.25
N ALA A 753 15.06 -8.54 4.63
CA ALA A 753 15.92 -7.62 3.89
C ALA A 753 16.92 -6.94 4.82
N LEU A 754 16.48 -6.52 5.99
CA LEU A 754 17.40 -5.91 6.94
C LEU A 754 18.35 -6.92 7.55
N THR A 755 17.92 -8.18 7.67
CA THR A 755 18.82 -9.23 8.11
C THR A 755 19.95 -9.45 7.10
N GLY A 756 19.62 -9.40 5.81
CA GLY A 756 20.65 -9.54 4.79
C GLY A 756 21.70 -8.45 4.85
N ILE A 757 21.30 -7.23 5.17
CA ILE A 757 22.25 -6.15 5.34
C ILE A 757 23.18 -6.43 6.52
N ALA A 758 22.61 -6.91 7.63
CA ALA A 758 23.41 -7.16 8.82
C ALA A 758 24.48 -8.20 8.57
N VAL A 759 24.14 -9.28 7.84
CA VAL A 759 25.13 -10.28 7.50
C VAL A 759 26.17 -9.72 6.55
N GLU A 760 25.73 -8.91 5.57
CA GLU A 760 26.67 -8.32 4.63
C GLU A 760 27.66 -7.39 5.32
N GLN A 761 27.23 -6.72 6.39
CA GLN A 761 28.13 -5.79 7.08
C GLN A 761 29.32 -6.52 7.70
N ASP A 762 29.10 -7.69 8.28
CA ASP A 762 30.23 -8.44 8.83
C ASP A 762 31.10 -9.03 7.74
N LYS A 763 30.51 -9.37 6.59
CA LYS A 763 31.30 -9.85 5.46
C LYS A 763 32.21 -8.77 4.92
N ASN A 764 31.73 -7.52 4.87
CA ASN A 764 32.54 -6.42 4.38
C ASN A 764 33.78 -6.22 5.25
N THR A 765 33.62 -6.32 6.57
CA THR A 765 34.75 -6.16 7.46
C THR A 765 35.76 -7.29 7.28
N GLN A 766 35.28 -8.52 7.11
CA GLN A 766 36.18 -9.66 7.00
C GLN A 766 37.02 -9.61 5.72
N GLU A 767 36.41 -9.22 4.60
CA GLU A 767 37.15 -9.17 3.34
C GLU A 767 38.26 -8.13 3.38
N VAL A 768 38.05 -7.04 4.11
CA VAL A 768 39.04 -5.97 4.15
C VAL A 768 40.20 -6.34 5.05
N PHE A 769 39.91 -6.69 6.31
CA PHE A 769 40.95 -6.86 7.31
C PHE A 769 41.50 -8.27 7.40
N ALA A 770 40.64 -9.29 7.29
CA ALA A 770 41.08 -10.68 7.44
C ALA A 770 41.68 -11.17 6.13
N GLN A 771 42.85 -10.62 5.81
CA GLN A 771 43.57 -10.95 4.59
C GLN A 771 44.93 -11.59 4.88
N VAL A 772 45.16 -12.02 6.11
CA VAL A 772 46.48 -12.53 6.49
C VAL A 772 46.38 -13.95 7.07
N LYS A 773 45.43 -14.17 7.98
CA LYS A 773 45.21 -15.45 8.64
C LYS A 773 46.45 -15.97 9.37
N GLN A 774 47.40 -15.10 9.67
CA GLN A 774 48.61 -15.48 10.40
C GLN A 774 49.03 -14.25 11.21
N ILE A 775 48.82 -14.30 12.52
CA ILE A 775 49.05 -13.14 13.37
C ILE A 775 50.56 -12.95 13.56
N TYR A 776 51.14 -12.03 12.81
CA TYR A 776 52.57 -11.75 12.87
C TYR A 776 52.87 -10.74 13.98
N LYS A 777 54.13 -10.76 14.43
CA LYS A 777 54.59 -9.85 15.47
C LYS A 777 55.93 -9.24 15.08
N THR A 778 56.12 -7.99 15.50
CA THR A 778 57.37 -7.29 15.28
C THR A 778 58.41 -7.72 16.31
N PRO A 779 59.71 -7.63 15.98
CA PRO A 779 60.73 -7.99 16.94
C PRO A 779 60.73 -7.02 18.11
N PRO A 780 61.15 -7.46 19.30
CA PRO A 780 61.18 -6.56 20.45
C PRO A 780 62.10 -5.35 20.26
N ILE A 781 63.19 -5.51 19.54
CA ILE A 781 64.13 -4.41 19.28
C ILE A 781 63.73 -3.76 17.96
N LYS A 782 63.16 -2.55 18.04
CA LYS A 782 62.70 -1.82 16.87
C LYS A 782 63.89 -1.13 16.22
N ASP A 783 64.65 -1.91 15.45
CA ASP A 783 65.81 -1.41 14.71
C ASP A 783 65.55 -1.71 13.23
N PHE A 784 65.09 -0.70 12.49
CA PHE A 784 64.74 -0.85 11.09
C PHE A 784 65.54 0.11 10.22
N GLY A 785 66.84 0.24 10.50
CA GLY A 785 67.71 1.07 9.69
C GLY A 785 67.37 2.54 9.72
N GLY A 786 66.89 3.05 10.85
CA GLY A 786 66.57 4.45 10.99
C GLY A 786 65.11 4.80 10.70
N PHE A 787 64.33 3.88 10.15
CA PHE A 787 62.92 4.14 9.91
C PHE A 787 62.15 3.91 11.20
N ASN A 788 61.35 4.90 11.59
CA ASN A 788 60.65 4.91 12.86
C ASN A 788 59.17 4.61 12.62
N PHE A 789 58.71 3.45 13.11
CA PHE A 789 57.33 3.02 12.96
C PHE A 789 56.56 3.05 14.26
N SER A 790 57.11 3.67 15.31
CA SER A 790 56.44 3.67 16.61
C SER A 790 55.12 4.42 16.58
N GLN A 791 54.91 5.29 15.59
CA GLN A 791 53.65 6.01 15.47
C GLN A 791 52.58 5.21 14.75
N ILE A 792 52.93 4.12 14.06
CA ILE A 792 51.96 3.26 13.40
C ILE A 792 51.90 1.87 14.01
N LEU A 793 52.87 1.49 14.84
CA LEU A 793 52.81 0.22 15.55
C LEU A 793 51.94 0.34 16.80
N PRO A 794 51.32 -0.75 17.23
CA PRO A 794 50.45 -0.68 18.42
C PRO A 794 51.24 -0.39 19.69
N ASP A 795 50.55 0.24 20.64
CA ASP A 795 51.15 0.56 21.93
C ASP A 795 50.74 -0.50 22.93
N PRO A 796 51.66 -1.32 23.45
CA PRO A 796 51.26 -2.39 24.36
C PRO A 796 50.87 -1.90 25.75
N SER A 797 51.29 -0.70 26.16
CA SER A 797 51.02 -0.24 27.50
C SER A 797 49.57 0.20 27.68
N LYS A 798 48.93 0.66 26.62
CA LYS A 798 47.55 1.13 26.72
C LYS A 798 46.59 -0.04 26.88
N PRO A 799 45.42 0.21 27.50
CA PRO A 799 44.43 -0.88 27.62
C PRO A 799 44.01 -1.46 26.28
N SER A 800 43.90 -0.62 25.25
CA SER A 800 43.64 -1.07 23.90
C SER A 800 44.94 -1.04 23.12
N LYS A 801 45.34 -2.19 22.57
CA LYS A 801 46.61 -2.28 21.87
C LYS A 801 46.51 -1.59 20.52
N ARG A 802 46.44 -0.26 20.53
CA ARG A 802 46.25 0.53 19.33
C ARG A 802 47.37 1.56 19.19
N SER A 803 47.66 1.93 17.95
CA SER A 803 48.69 2.93 17.69
C SER A 803 48.18 4.31 18.10
N PRO A 804 49.10 5.24 18.41
CA PRO A 804 48.67 6.62 18.70
C PRO A 804 47.90 7.26 17.54
N ILE A 805 48.24 6.94 16.30
CA ILE A 805 47.44 7.42 15.17
C ILE A 805 46.05 6.80 15.22
N GLU A 806 45.97 5.50 15.50
CA GLU A 806 44.67 4.83 15.57
C GLU A 806 43.81 5.42 16.69
N ASP A 807 44.43 5.75 17.83
CA ASP A 807 43.68 6.36 18.92
C ASP A 807 43.12 7.72 18.52
N LEU A 808 43.91 8.52 17.80
CA LEU A 808 43.41 9.78 17.27
C LEU A 808 42.30 9.55 16.25
N LEU A 809 42.36 8.43 15.52
CA LEU A 809 41.30 8.10 14.59
C LEU A 809 39.97 7.90 15.33
N PHE A 810 40.01 7.21 16.46
CA PHE A 810 38.79 6.87 17.18
C PHE A 810 38.19 8.11 17.84
N ASN A 811 39.03 9.02 18.33
CA ASN A 811 38.56 10.15 19.11
C ASN A 811 37.93 11.25 18.26
N LYS A 812 38.09 11.21 16.94
CA LYS A 812 37.57 12.25 16.06
C LYS A 812 36.30 11.83 15.35
N VAL A 813 35.82 10.60 15.54
CA VAL A 813 34.60 10.11 14.91
C VAL A 813 33.64 9.69 16.00
N THR A 814 32.41 10.20 15.93
CA THR A 814 31.39 9.86 16.92
C THR A 814 30.48 8.75 16.40
N PHE A 842 13.35 2.85 21.11
CA PHE A 842 12.76 1.66 21.71
C PHE A 842 11.43 1.33 21.04
N ASN A 843 11.35 1.58 19.74
CA ASN A 843 10.15 1.35 18.95
C ASN A 843 10.29 0.10 18.08
N GLY A 844 10.93 -0.94 18.62
CA GLY A 844 11.29 -2.10 17.85
C GLY A 844 12.60 -2.01 17.12
N LEU A 845 13.38 -0.95 17.36
CA LEU A 845 14.66 -0.73 16.69
C LEU A 845 15.79 -1.18 17.62
N THR A 846 16.59 -2.13 17.15
CA THR A 846 17.75 -2.60 17.90
C THR A 846 18.98 -2.55 17.00
N VAL A 847 20.13 -2.37 17.62
CA VAL A 847 21.41 -2.39 16.93
C VAL A 847 22.16 -3.64 17.34
N LEU A 848 22.80 -4.29 16.37
CA LEU A 848 23.53 -5.52 16.68
C LEU A 848 25.03 -5.26 16.68
N PRO A 849 25.76 -5.83 17.64
CA PRO A 849 27.20 -5.59 17.68
C PRO A 849 27.89 -6.22 16.48
N PRO A 850 28.96 -5.61 15.98
CA PRO A 850 29.70 -6.24 14.88
C PRO A 850 30.35 -7.53 15.34
N LEU A 851 30.54 -8.45 14.39
CA LEU A 851 31.15 -9.74 14.72
C LEU A 851 32.58 -9.55 15.20
N LEU A 852 33.33 -8.66 14.55
CA LEU A 852 34.69 -8.35 14.96
C LEU A 852 34.70 -7.02 15.71
N THR A 853 35.18 -7.04 16.95
CA THR A 853 35.22 -5.85 17.78
C THR A 853 36.45 -5.02 17.46
N ASP A 854 36.56 -3.86 18.12
CA ASP A 854 37.58 -2.88 17.75
C ASP A 854 38.99 -3.41 17.98
N GLU A 855 39.23 -4.01 19.15
CA GLU A 855 40.57 -4.54 19.42
C GLU A 855 40.89 -5.74 18.54
N MET A 856 39.88 -6.44 18.03
CA MET A 856 40.14 -7.52 17.08
C MET A 856 40.59 -6.96 15.74
N ILE A 857 40.00 -5.85 15.31
CA ILE A 857 40.45 -5.19 14.08
C ILE A 857 41.85 -4.64 14.27
N ALA A 858 42.17 -4.16 15.47
CA ALA A 858 43.52 -3.67 15.74
C ALA A 858 44.54 -4.78 15.61
N GLN A 859 44.20 -5.99 16.04
CA GLN A 859 45.11 -7.13 15.88
C GLN A 859 45.32 -7.46 14.42
N TYR A 860 44.26 -7.40 13.61
CA TYR A 860 44.39 -7.67 12.19
C TYR A 860 45.29 -6.65 11.50
N THR A 861 45.10 -5.36 11.83
CA THR A 861 45.96 -4.34 11.24
C THR A 861 47.39 -4.45 11.75
N SER A 862 47.56 -4.83 13.02
CA SER A 862 48.91 -5.01 13.56
C SER A 862 49.63 -6.16 12.87
N ALA A 863 48.91 -7.25 12.58
CA ALA A 863 49.52 -8.36 11.85
C ALA A 863 49.95 -7.93 10.45
N LEU A 864 49.10 -7.16 9.77
CA LEU A 864 49.45 -6.66 8.44
C LEU A 864 50.61 -5.68 8.51
N LEU A 865 50.64 -4.83 9.54
CA LEU A 865 51.75 -3.91 9.72
C LEU A 865 53.05 -4.66 9.98
N ALA A 866 53.00 -5.69 10.82
CA ALA A 866 54.22 -6.45 11.12
C ALA A 866 54.72 -7.21 9.89
N GLY A 867 53.80 -7.75 9.09
CA GLY A 867 54.22 -8.45 7.89
C GLY A 867 54.85 -7.54 6.86
N THR A 868 54.27 -6.35 6.66
CA THR A 868 54.80 -5.41 5.68
C THR A 868 56.19 -4.93 6.06
N ILE A 869 56.41 -4.62 7.34
CA ILE A 869 57.68 -4.06 7.77
C ILE A 869 58.79 -5.10 7.70
N THR A 870 58.51 -6.33 8.12
CA THR A 870 59.53 -7.34 8.30
C THR A 870 59.67 -8.30 7.12
N SER A 871 58.66 -8.42 6.25
CA SER A 871 58.70 -9.41 5.19
C SER A 871 58.35 -8.86 3.82
N GLY A 872 58.05 -7.58 3.69
CA GLY A 872 57.73 -7.03 2.39
C GLY A 872 56.43 -7.58 1.86
N TRP A 873 56.44 -8.01 0.61
CA TRP A 873 55.25 -8.58 -0.03
C TRP A 873 55.21 -10.11 0.04
N THR A 874 56.21 -10.73 0.67
CA THR A 874 56.26 -12.19 0.69
C THR A 874 55.16 -12.79 1.56
N PHE A 875 54.78 -12.11 2.64
CA PHE A 875 53.79 -12.67 3.55
C PHE A 875 52.41 -12.77 2.91
N GLY A 876 52.15 -12.01 1.85
CA GLY A 876 50.87 -12.08 1.16
C GLY A 876 50.82 -13.20 0.15
N ALA A 877 51.83 -13.27 -0.71
CA ALA A 877 51.86 -14.28 -1.76
C ALA A 877 52.05 -15.68 -1.17
N GLY A 878 53.00 -15.82 -0.24
CA GLY A 878 53.28 -17.10 0.36
C GLY A 878 53.63 -16.99 1.82
N PRO A 879 54.72 -17.64 2.23
CA PRO A 879 55.14 -17.56 3.64
C PRO A 879 55.91 -16.28 3.92
N ALA A 880 55.89 -15.89 5.19
CA ALA A 880 56.56 -14.67 5.62
C ALA A 880 58.06 -14.88 5.62
N LEU A 881 58.74 -14.33 4.63
CA LEU A 881 60.19 -14.41 4.52
C LEU A 881 60.80 -13.11 5.03
N GLN A 882 61.61 -13.21 6.07
CA GLN A 882 62.21 -12.02 6.67
C GLN A 882 63.20 -11.37 5.70
N ILE A 883 63.38 -10.07 5.86
CA ILE A 883 64.30 -9.29 5.03
C ILE A 883 64.58 -7.97 5.74
N PRO A 884 65.83 -7.51 5.78
CA PRO A 884 66.12 -6.22 6.41
C PRO A 884 65.35 -5.10 5.73
N PHE A 885 64.86 -4.16 6.52
CA PHE A 885 64.01 -3.10 5.96
C PHE A 885 64.73 -2.25 4.93
N PRO A 886 65.94 -1.74 5.15
CA PRO A 886 66.61 -1.00 4.07
C PRO A 886 66.82 -1.83 2.82
N MET A 887 66.99 -3.14 2.96
CA MET A 887 67.03 -3.99 1.78
C MET A 887 65.67 -4.10 1.12
N GLN A 888 64.60 -4.11 1.91
CA GLN A 888 63.26 -4.13 1.34
C GLN A 888 62.95 -2.84 0.60
N MET A 889 63.40 -1.70 1.13
CA MET A 889 63.21 -0.42 0.45
C MET A 889 63.96 -0.39 -0.88
N ALA A 890 65.08 -1.09 -0.98
CA ALA A 890 65.81 -1.16 -2.25
C ALA A 890 64.96 -1.84 -3.32
N TYR A 891 64.22 -2.88 -2.94
CA TYR A 891 63.30 -3.52 -3.88
C TYR A 891 62.21 -2.53 -4.31
N ARG A 892 61.72 -1.72 -3.37
CA ARG A 892 60.72 -0.72 -3.71
C ARG A 892 61.26 0.32 -4.68
N PHE A 893 62.56 0.61 -4.59
CA PHE A 893 63.17 1.58 -5.51
C PHE A 893 63.16 1.07 -6.94
N ASN A 894 63.58 -0.19 -7.14
CA ASN A 894 63.64 -0.74 -8.49
C ASN A 894 62.26 -0.91 -9.11
N GLY A 895 61.22 -0.99 -8.30
CA GLY A 895 59.87 -1.12 -8.84
C GLY A 895 59.36 0.12 -9.51
N ILE A 896 59.94 1.29 -9.21
CA ILE A 896 59.52 2.56 -9.78
C ILE A 896 60.54 3.11 -10.75
N GLY A 897 61.59 2.34 -11.07
CA GLY A 897 62.56 2.74 -12.07
C GLY A 897 63.76 3.51 -11.55
N VAL A 898 63.98 3.53 -10.24
CA VAL A 898 65.13 4.18 -9.65
C VAL A 898 66.06 3.09 -9.11
N THR A 899 67.33 3.17 -9.47
CA THR A 899 68.29 2.16 -9.06
C THR A 899 68.43 2.14 -7.54
N GLN A 900 68.62 0.94 -6.98
CA GLN A 900 68.63 0.78 -5.53
C GLN A 900 69.80 1.48 -4.86
N ASN A 901 70.85 1.85 -5.61
CA ASN A 901 71.98 2.51 -4.97
C ASN A 901 71.61 3.89 -4.47
N VAL A 902 70.59 4.52 -5.07
CA VAL A 902 70.15 5.84 -4.61
C VAL A 902 69.69 5.79 -3.17
N LEU A 903 68.98 4.73 -2.79
CA LEU A 903 68.52 4.58 -1.41
C LEU A 903 69.68 4.48 -0.45
N TYR A 904 70.65 3.61 -0.74
CA TYR A 904 71.72 3.36 0.21
C TYR A 904 72.62 4.57 0.41
N GLU A 905 72.81 5.38 -0.63
CA GLU A 905 73.62 6.58 -0.47
C GLU A 905 72.86 7.66 0.30
N ASN A 906 71.54 7.64 0.24
CA ASN A 906 70.69 8.63 0.90
C ASN A 906 69.80 7.99 1.96
N GLN A 907 70.30 6.93 2.61
CA GLN A 907 69.49 6.20 3.59
C GLN A 907 69.14 7.10 4.78
N LYS A 908 70.09 7.89 5.25
CA LYS A 908 69.81 8.79 6.37
C LYS A 908 68.78 9.85 5.98
N LEU A 909 68.93 10.42 4.77
CA LEU A 909 67.99 11.45 4.32
C LEU A 909 66.60 10.87 4.12
N ILE A 910 66.50 9.69 3.51
CA ILE A 910 65.19 9.07 3.27
C ILE A 910 64.52 8.73 4.59
N ALA A 911 65.27 8.17 5.54
CA ALA A 911 64.69 7.82 6.84
C ALA A 911 64.21 9.05 7.58
N ASN A 912 64.98 10.14 7.53
CA ASN A 912 64.57 11.36 8.21
C ASN A 912 63.33 11.95 7.57
N GLN A 913 63.25 11.96 6.23
CA GLN A 913 62.06 12.48 5.55
C GLN A 913 60.84 11.63 5.85
N PHE A 914 61.00 10.30 5.89
CA PHE A 914 59.87 9.42 6.20
C PHE A 914 59.39 9.64 7.63
N ASN A 915 60.31 9.78 8.58
CA ASN A 915 59.93 10.00 9.97
C ASN A 915 59.20 11.33 10.12
N SER A 916 59.68 12.38 9.44
CA SER A 916 59.02 13.67 9.52
C SER A 916 57.63 13.61 8.89
N ALA A 917 57.48 12.88 7.78
CA ALA A 917 56.18 12.80 7.12
C ALA A 917 55.14 12.11 7.99
N ILE A 918 55.55 11.06 8.71
CA ILE A 918 54.62 10.37 9.61
C ILE A 918 54.17 11.31 10.71
N GLY A 919 55.09 12.10 11.27
CA GLY A 919 54.71 13.07 12.28
C GLY A 919 53.73 14.11 11.77
N LYS A 920 53.85 14.50 10.50
CA LYS A 920 52.91 15.46 9.94
C LYS A 920 51.49 14.89 9.86
N ILE A 921 51.37 13.57 9.68
CA ILE A 921 50.05 12.94 9.64
C ILE A 921 49.35 13.12 10.98
N GLN A 922 50.07 12.93 12.08
CA GLN A 922 49.48 13.10 13.40
C GLN A 922 49.03 14.55 13.62
N ASP A 923 49.84 15.51 13.18
CA ASP A 923 49.48 16.91 13.33
C ASP A 923 48.26 17.26 12.48
N SER A 924 48.30 16.89 11.20
CA SER A 924 47.21 17.24 10.29
C SER A 924 45.90 16.59 10.72
N LEU A 925 45.95 15.35 11.17
CA LEU A 925 44.73 14.64 11.54
C LEU A 925 44.17 15.11 12.88
N SER A 926 45.03 15.56 13.79
CA SER A 926 44.61 16.05 15.09
C SER A 926 44.32 17.54 15.09
N SER A 927 44.43 18.21 13.94
CA SER A 927 44.14 19.63 13.84
C SER A 927 42.95 19.92 12.94
N THR A 928 42.93 19.34 11.74
CA THR A 928 41.83 19.58 10.82
C THR A 928 40.57 18.86 11.31
N PRO A 929 39.46 19.56 11.49
CA PRO A 929 38.21 18.91 11.92
C PRO A 929 37.35 18.36 10.80
N SER A 930 37.86 18.32 9.56
CA SER A 930 37.09 17.82 8.44
C SER A 930 37.79 16.72 7.66
N ALA A 931 38.99 16.29 8.08
CA ALA A 931 39.69 15.22 7.38
C ALA A 931 38.90 13.92 7.43
N LEU A 932 38.33 13.59 8.58
CA LEU A 932 37.57 12.36 8.76
C LEU A 932 36.08 12.59 8.45
N GLY A 933 35.80 13.18 7.28
CA GLY A 933 34.42 13.45 6.92
C GLY A 933 33.70 12.25 6.34
N LYS A 934 34.42 11.38 5.63
CA LYS A 934 33.78 10.23 5.00
C LYS A 934 33.19 9.28 6.03
N LEU A 935 33.94 9.01 7.11
CA LEU A 935 33.43 8.13 8.16
C LEU A 935 32.31 8.79 8.95
N GLN A 936 32.46 10.09 9.25
CA GLN A 936 31.43 10.80 10.00
C GLN A 936 30.15 10.94 9.20
N ASP A 937 30.26 11.08 7.88
CA ASP A 937 29.07 11.18 7.04
C ASP A 937 28.26 9.89 7.11
N VAL A 938 28.94 8.74 7.11
CA VAL A 938 28.26 7.46 7.15
C VAL A 938 27.47 7.32 8.45
N VAL A 939 28.06 7.72 9.57
CA VAL A 939 27.37 7.61 10.85
C VAL A 939 26.17 8.54 10.89
N ASN A 940 26.32 9.76 10.38
CA ASN A 940 25.22 10.73 10.44
C ASN A 940 24.02 10.26 9.64
N GLN A 941 24.25 9.67 8.47
CA GLN A 941 23.15 9.18 7.65
C GLN A 941 22.35 8.10 8.37
N ASN A 942 23.04 7.17 9.04
CA ASN A 942 22.36 6.07 9.71
C ASN A 942 21.51 6.57 10.87
N ALA A 943 22.07 7.47 11.70
CA ALA A 943 21.30 8.00 12.82
C ALA A 943 20.12 8.83 12.35
N GLN A 944 20.31 9.62 11.28
CA GLN A 944 19.21 10.43 10.76
C GLN A 944 18.08 9.56 10.24
N ALA A 945 18.40 8.47 9.55
CA ALA A 945 17.36 7.58 9.03
C ALA A 945 16.58 6.92 10.15
N LEU A 946 17.28 6.50 11.21
CA LEU A 946 16.59 5.91 12.36
C LEU A 946 15.71 6.94 13.06
N ASN A 947 16.21 8.17 13.21
CA ASN A 947 15.44 9.22 13.84
C ASN A 947 14.20 9.58 13.02
N THR A 948 14.35 9.69 11.71
CA THR A 948 13.22 10.03 10.85
C THR A 948 12.15 8.95 10.91
N LEU A 949 12.56 7.68 10.96
CA LEU A 949 11.60 6.60 11.04
C LEU A 949 10.77 6.68 12.33
N VAL A 950 11.41 7.05 13.43
CA VAL A 950 10.69 7.20 14.70
C VAL A 950 9.75 8.40 14.66
N LYS A 951 10.23 9.52 14.11
CA LYS A 951 9.40 10.72 14.03
C LYS A 951 8.14 10.48 13.23
N GLN A 952 8.17 9.51 12.32
CA GLN A 952 6.99 9.21 11.53
C GLN A 952 5.89 8.56 12.35
N LEU A 953 6.24 7.98 13.50
CA LEU A 953 5.24 7.37 14.37
C LEU A 953 4.25 8.40 14.90
N SER A 954 4.62 9.68 14.93
CA SER A 954 3.77 10.74 15.42
C SER A 954 2.82 11.28 14.34
N SER A 955 2.93 10.80 13.11
CA SER A 955 2.04 11.25 12.04
C SER A 955 0.70 10.53 12.13
N ASN A 956 -0.36 11.25 11.74
CA ASN A 956 -1.70 10.66 11.78
C ASN A 956 -1.98 9.77 10.58
N PHE A 957 -1.42 10.10 9.41
CA PHE A 957 -1.72 9.40 8.16
C PHE A 957 -3.22 9.39 7.89
N GLY A 958 -3.89 10.49 8.21
CA GLY A 958 -5.31 10.61 8.01
C GLY A 958 -6.16 10.04 9.12
N ALA A 959 -5.56 9.36 10.09
CA ALA A 959 -6.31 8.84 11.22
C ALA A 959 -6.59 9.96 12.23
N ILE A 960 -7.49 9.68 13.16
CA ILE A 960 -7.89 10.68 14.14
C ILE A 960 -6.75 10.99 15.12
N SER A 961 -5.89 10.00 15.39
CA SER A 961 -4.78 10.22 16.31
C SER A 961 -3.62 9.31 15.95
N SER A 962 -2.42 9.76 16.27
CA SER A 962 -1.20 9.00 15.99
C SER A 962 -0.86 7.97 17.06
N VAL A 963 -1.48 8.06 18.23
CA VAL A 963 -1.24 7.07 19.29
C VAL A 963 -2.29 5.98 19.16
N LEU A 964 -1.83 4.73 19.04
CA LEU A 964 -2.71 3.62 18.70
C LEU A 964 -3.73 3.34 19.79
N ASN A 965 -3.32 3.49 21.06
CA ASN A 965 -4.20 3.15 22.17
C ASN A 965 -5.43 4.04 22.20
N ASP A 966 -5.27 5.34 21.91
CA ASP A 966 -6.37 6.28 22.05
C ASP A 966 -7.53 5.92 21.12
N ILE A 967 -7.23 5.49 19.89
CA ILE A 967 -8.28 5.08 18.97
C ILE A 967 -9.04 3.88 19.54
N LEU A 968 -8.31 2.91 20.09
CA LEU A 968 -8.94 1.70 20.61
C LEU A 968 -9.79 1.99 21.84
N SER A 969 -9.40 2.99 22.64
CA SER A 969 -10.12 3.34 23.86
C SER A 969 -11.12 4.47 23.65
N ARG A 970 -11.32 4.89 22.40
CA ARG A 970 -12.34 5.88 22.06
C ARG A 970 -13.42 5.30 21.18
N LEU A 971 -13.04 4.58 20.12
CA LEU A 971 -13.98 4.19 19.09
C LEU A 971 -14.27 2.69 19.22
N ASP A 972 -15.29 2.23 18.50
CA ASP A 972 -15.74 0.84 18.62
C ASP A 972 -15.28 0.00 17.43
N PRO A 973 -15.30 -1.33 17.55
CA PRO A 973 -14.66 -2.19 16.54
C PRO A 973 -15.09 -1.89 15.10
N PRO A 974 -16.39 -1.71 14.81
CA PRO A 974 -16.77 -1.47 13.41
C PRO A 974 -16.10 -0.25 12.80
N GLU A 975 -15.82 0.77 13.61
CA GLU A 975 -15.14 1.96 13.15
C GLU A 975 -13.68 2.03 13.57
N ALA A 976 -13.29 1.31 14.63
CA ALA A 976 -11.88 1.25 15.01
C ALA A 976 -11.07 0.41 14.03
N GLU A 977 -11.73 -0.42 13.22
CA GLU A 977 -11.04 -1.20 12.20
C GLU A 977 -10.75 -0.40 10.95
N VAL A 978 -11.20 0.86 10.89
CA VAL A 978 -10.88 1.75 9.79
C VAL A 978 -9.72 2.68 10.14
N GLN A 979 -9.76 3.27 11.34
CA GLN A 979 -8.68 4.16 11.75
C GLN A 979 -7.34 3.42 11.83
N ILE A 980 -7.34 2.24 12.45
CA ILE A 980 -6.10 1.50 12.61
C ILE A 980 -5.50 1.16 11.25
N ASP A 981 -6.37 0.86 10.27
CA ASP A 981 -5.89 0.61 8.91
C ASP A 981 -5.14 1.83 8.36
N ARG A 982 -5.59 3.03 8.71
CA ARG A 982 -4.91 4.24 8.23
C ARG A 982 -3.50 4.35 8.80
N LEU A 983 -3.34 4.12 10.11
CA LEU A 983 -1.98 4.11 10.65
C LEU A 983 -1.17 2.95 10.11
N ILE A 984 -1.82 1.81 9.85
CA ILE A 984 -1.09 0.64 9.36
C ILE A 984 -0.51 0.92 7.98
N THR A 985 -1.30 1.53 7.09
CA THR A 985 -0.82 1.81 5.74
C THR A 985 0.34 2.80 5.76
N GLY A 986 0.23 3.85 6.56
CA GLY A 986 1.31 4.82 6.64
C GLY A 986 2.57 4.26 7.27
N ARG A 987 2.41 3.50 8.35
CA ARG A 987 3.57 2.96 9.05
C ARG A 987 4.29 1.89 8.21
N LEU A 988 3.53 1.06 7.49
CA LEU A 988 4.16 0.10 6.59
C LEU A 988 4.86 0.78 5.43
N GLN A 989 4.24 1.82 4.87
CA GLN A 989 4.93 2.59 3.82
C GLN A 989 6.20 3.22 4.35
N SER A 990 6.22 3.56 5.64
CA SER A 990 7.41 4.15 6.23
C SER A 990 8.54 3.13 6.34
N LEU A 991 8.21 1.89 6.71
CA LEU A 991 9.23 0.85 6.76
C LEU A 991 9.82 0.60 5.38
N GLN A 992 8.96 0.49 4.37
CA GLN A 992 9.44 0.22 3.02
C GLN A 992 10.33 1.33 2.50
N THR A 993 9.97 2.59 2.79
CA THR A 993 10.86 3.70 2.46
C THR A 993 12.18 3.58 3.21
N TYR A 994 12.11 3.25 4.50
CA TYR A 994 13.33 3.10 5.28
C TYR A 994 14.17 1.93 4.81
N VAL A 995 13.55 0.79 4.53
CA VAL A 995 14.30 -0.38 4.09
C VAL A 995 14.94 -0.14 2.73
N THR A 996 14.20 0.48 1.81
CA THR A 996 14.74 0.75 0.48
C THR A 996 15.95 1.68 0.56
N GLN A 997 15.89 2.71 1.42
CA GLN A 997 17.04 3.58 1.60
C GLN A 997 18.22 2.81 2.17
N GLN A 998 17.97 1.90 3.11
CA GLN A 998 19.05 1.09 3.67
C GLN A 998 19.64 0.16 2.61
N LEU A 999 18.80 -0.42 1.76
CA LEU A 999 19.31 -1.29 0.71
C LEU A 999 20.19 -0.54 -0.27
N ILE A 1000 19.79 0.68 -0.65
CA ILE A 1000 20.59 1.46 -1.59
C ILE A 1000 21.89 1.92 -0.91
N ARG A 1001 21.80 2.39 0.33
CA ARG A 1001 23.01 2.82 1.03
C ARG A 1001 23.94 1.66 1.30
N ALA A 1002 23.40 0.45 1.47
CA ALA A 1002 24.26 -0.72 1.66
C ALA A 1002 25.11 -0.99 0.43
N ALA A 1003 24.55 -0.79 -0.76
CA ALA A 1003 25.31 -1.01 -1.98
C ALA A 1003 26.49 -0.05 -2.08
N GLU A 1004 26.28 1.22 -1.72
CA GLU A 1004 27.37 2.19 -1.75
C GLU A 1004 28.46 1.81 -0.77
N ILE A 1005 28.09 1.37 0.42
CA ILE A 1005 29.08 0.92 1.41
C ILE A 1005 29.81 -0.31 0.90
N ARG A 1006 29.09 -1.25 0.28
CA ARG A 1006 29.72 -2.46 -0.23
C ARG A 1006 30.74 -2.14 -1.31
N ALA A 1007 30.43 -1.17 -2.18
CA ALA A 1007 31.38 -0.77 -3.20
C ALA A 1007 32.66 -0.19 -2.57
N SER A 1008 32.50 0.61 -1.51
CA SER A 1008 33.65 1.12 -0.79
C SER A 1008 34.40 -0.02 -0.10
N ALA A 1009 33.68 -1.00 0.44
CA ALA A 1009 34.32 -2.13 1.08
C ALA A 1009 35.14 -2.94 0.09
N ASN A 1010 34.61 -3.16 -1.12
CA ASN A 1010 35.36 -3.86 -2.14
C ASN A 1010 36.59 -3.07 -2.57
N LEU A 1011 36.44 -1.75 -2.72
CA LEU A 1011 37.59 -0.91 -3.06
C LEU A 1011 38.64 -0.94 -1.95
N ALA A 1012 38.19 -0.89 -0.69
CA ALA A 1012 39.13 -0.98 0.43
C ALA A 1012 39.82 -2.34 0.46
N ALA A 1013 39.06 -3.40 0.19
CA ALA A 1013 39.66 -4.73 0.13
C ALA A 1013 40.67 -4.83 -1.01
N THR A 1014 40.33 -4.26 -2.17
CA THR A 1014 41.26 -4.27 -3.30
C THR A 1014 42.50 -3.46 -2.97
N LYS A 1015 42.35 -2.29 -2.36
CA LYS A 1015 43.51 -1.46 -2.06
C LYS A 1015 44.45 -2.16 -1.08
N MET A 1016 43.89 -2.81 -0.06
CA MET A 1016 44.74 -3.49 0.91
C MET A 1016 45.49 -4.66 0.26
N SER A 1017 44.86 -5.34 -0.72
CA SER A 1017 45.54 -6.43 -1.40
C SER A 1017 46.66 -5.93 -2.31
N GLU A 1018 46.49 -4.75 -2.90
CA GLU A 1018 47.46 -4.25 -3.89
C GLU A 1018 48.34 -3.14 -3.35
N CYS A 1019 47.80 -2.17 -2.61
CA CYS A 1019 48.64 -1.11 -2.07
C CYS A 1019 49.48 -1.61 -0.91
N VAL A 1020 48.88 -2.39 -0.01
CA VAL A 1020 49.55 -2.81 1.22
C VAL A 1020 50.37 -4.08 0.98
N LEU A 1021 49.71 -5.16 0.58
CA LEU A 1021 50.37 -6.44 0.43
C LEU A 1021 51.33 -6.49 -0.74
N GLY A 1022 51.29 -5.51 -1.64
CA GLY A 1022 52.22 -5.46 -2.75
C GLY A 1022 52.71 -4.06 -3.05
N GLN A 1023 53.12 -3.81 -4.29
CA GLN A 1023 53.57 -2.49 -4.74
C GLN A 1023 52.84 -2.19 -6.05
N SER A 1024 51.71 -1.49 -5.95
CA SER A 1024 50.90 -1.22 -7.13
C SER A 1024 51.60 -0.27 -8.08
N LYS A 1025 51.53 -0.59 -9.37
CA LYS A 1025 52.06 0.27 -10.42
C LYS A 1025 50.98 1.12 -11.07
N ARG A 1026 49.74 1.03 -10.60
CA ARG A 1026 48.66 1.83 -11.14
C ARG A 1026 48.80 3.28 -10.69
N VAL A 1027 48.65 4.20 -11.63
CA VAL A 1027 48.87 5.62 -11.33
C VAL A 1027 47.74 6.14 -10.47
N ASP A 1028 48.11 6.83 -9.38
CA ASP A 1028 47.19 7.47 -8.44
C ASP A 1028 46.27 6.49 -7.74
N PHE A 1029 46.52 5.18 -7.84
CA PHE A 1029 45.72 4.22 -7.08
C PHE A 1029 46.09 4.24 -5.60
N CYS A 1030 47.37 4.38 -5.30
CA CYS A 1030 47.86 4.44 -3.92
C CYS A 1030 48.46 5.82 -3.62
N GLY A 1031 47.78 6.88 -4.05
CA GLY A 1031 48.20 8.23 -3.77
C GLY A 1031 49.04 8.84 -4.88
N LYS A 1032 49.27 10.14 -4.76
CA LYS A 1032 50.05 10.87 -5.74
C LYS A 1032 51.52 10.46 -5.69
N GLY A 1033 52.13 10.33 -6.86
CA GLY A 1033 53.52 9.94 -6.95
C GLY A 1033 53.69 8.47 -7.26
N TYR A 1034 54.94 8.02 -7.18
CA TYR A 1034 55.28 6.63 -7.43
C TYR A 1034 55.17 5.86 -6.12
N HIS A 1035 54.26 4.89 -6.09
CA HIS A 1035 53.96 4.18 -4.85
C HIS A 1035 55.14 3.33 -4.40
N LEU A 1036 55.39 3.34 -3.09
CA LEU A 1036 56.39 2.48 -2.47
C LEU A 1036 55.78 1.46 -1.53
N MET A 1037 55.00 1.91 -0.55
CA MET A 1037 54.31 1.01 0.37
C MET A 1037 53.21 1.80 1.07
N SER A 1038 52.29 1.09 1.69
CA SER A 1038 51.22 1.71 2.45
C SER A 1038 50.97 0.89 3.72
N PHE A 1039 50.51 1.59 4.75
CA PHE A 1039 50.27 0.99 6.06
C PHE A 1039 48.81 1.18 6.44
N PRO A 1040 48.08 0.12 6.76
CA PRO A 1040 46.68 0.28 7.14
C PRO A 1040 46.54 0.68 8.60
N GLN A 1041 45.46 1.40 8.88
CA GLN A 1041 45.15 1.84 10.24
C GLN A 1041 43.67 1.66 10.50
N SER A 1042 43.35 1.14 11.69
CA SER A 1042 41.97 0.93 12.06
C SER A 1042 41.26 2.25 12.30
N ALA A 1043 39.95 2.26 12.06
CA ALA A 1043 39.12 3.43 12.28
C ALA A 1043 37.69 2.97 12.48
N PRO A 1044 36.87 3.74 13.20
CA PRO A 1044 35.46 3.37 13.35
C PRO A 1044 34.75 3.32 12.01
N HIS A 1045 34.12 2.19 11.72
CA HIS A 1045 33.31 1.99 10.51
C HIS A 1045 34.12 2.21 9.23
N GLY A 1046 35.42 1.92 9.26
CA GLY A 1046 36.21 2.10 8.06
C GLY A 1046 37.67 1.78 8.31
N VAL A 1047 38.47 2.03 7.28
CA VAL A 1047 39.90 1.79 7.31
C VAL A 1047 40.60 3.01 6.74
N VAL A 1048 41.80 3.28 7.24
CA VAL A 1048 42.59 4.43 6.82
C VAL A 1048 43.95 3.93 6.34
N PHE A 1049 44.35 4.36 5.15
CA PHE A 1049 45.61 3.97 4.55
C PHE A 1049 46.59 5.14 4.58
N LEU A 1050 47.84 4.85 4.89
CA LEU A 1050 48.92 5.83 4.87
C LEU A 1050 49.86 5.45 3.73
N HIS A 1051 49.72 6.15 2.60
CA HIS A 1051 50.47 5.82 1.39
C HIS A 1051 51.81 6.55 1.40
N VAL A 1052 52.90 5.78 1.31
CA VAL A 1052 54.24 6.34 1.17
C VAL A 1052 54.61 6.28 -0.30
N THR A 1053 54.86 7.45 -0.89
CA THR A 1053 55.07 7.56 -2.33
C THR A 1053 56.34 8.33 -2.62
N TYR A 1054 56.77 8.24 -3.87
CA TYR A 1054 57.96 8.92 -4.37
C TYR A 1054 57.53 10.12 -5.20
N VAL A 1055 58.00 11.31 -4.83
CA VAL A 1055 57.71 12.51 -5.61
C VAL A 1055 59.01 13.25 -5.87
N PRO A 1056 59.30 13.62 -7.11
CA PRO A 1056 60.53 14.36 -7.39
C PRO A 1056 60.38 15.83 -6.99
N ALA A 1057 61.47 16.38 -6.46
CA ALA A 1057 61.45 17.72 -5.89
C ALA A 1057 62.21 18.76 -6.70
N GLN A 1058 63.46 18.49 -7.04
CA GLN A 1058 64.30 19.45 -7.75
C GLN A 1058 64.73 18.86 -9.08
N GLU A 1059 64.67 19.69 -10.13
CA GLU A 1059 65.00 19.25 -11.47
C GLU A 1059 65.88 20.30 -12.15
N LYS A 1060 66.44 19.93 -13.29
CA LYS A 1060 67.30 20.81 -14.07
C LYS A 1060 67.02 20.60 -15.55
N ASN A 1061 67.30 21.62 -16.34
CA ASN A 1061 67.14 21.56 -17.78
C ASN A 1061 68.38 20.96 -18.42
N PHE A 1062 68.17 19.96 -19.28
CA PHE A 1062 69.27 19.25 -19.93
C PHE A 1062 68.98 19.11 -21.41
N THR A 1063 70.04 19.14 -22.21
CA THR A 1063 69.94 18.93 -23.65
C THR A 1063 70.08 17.44 -23.95
N THR A 1064 69.13 16.90 -24.70
CA THR A 1064 69.02 15.46 -24.91
C THR A 1064 69.20 15.12 -26.39
N ALA A 1065 69.19 13.82 -26.67
CA ALA A 1065 69.29 13.30 -28.03
C ALA A 1065 68.87 11.85 -28.01
N PRO A 1066 68.34 11.33 -29.12
CA PRO A 1066 67.82 9.95 -29.10
C PRO A 1066 68.89 8.89 -29.31
N ALA A 1067 69.96 9.22 -30.02
CA ALA A 1067 71.01 8.27 -30.32
C ALA A 1067 72.29 9.04 -30.58
N ILE A 1068 73.42 8.31 -30.60
CA ILE A 1068 74.74 8.89 -30.77
C ILE A 1068 75.54 8.07 -31.77
N CYS A 1069 76.27 8.76 -32.64
CA CYS A 1069 77.19 8.13 -33.57
C CYS A 1069 78.56 7.96 -32.93
N HIS A 1070 79.09 6.74 -32.95
CA HIS A 1070 80.48 6.49 -32.57
C HIS A 1070 81.37 6.31 -33.80
N ASP A 1071 81.06 5.30 -34.63
CA ASP A 1071 81.78 5.04 -35.87
C ASP A 1071 80.81 4.94 -37.04
N GLY A 1072 79.68 5.64 -36.95
CA GLY A 1072 78.59 5.50 -37.89
C GLY A 1072 77.46 4.62 -37.41
N LYS A 1073 77.66 3.85 -36.36
CA LYS A 1073 76.60 3.04 -35.77
C LYS A 1073 75.82 3.86 -34.74
N ALA A 1074 74.53 3.58 -34.66
CA ALA A 1074 73.65 4.27 -33.73
C ALA A 1074 73.64 3.55 -32.40
N HIS A 1075 73.94 4.29 -31.33
CA HIS A 1075 73.98 3.74 -29.98
C HIS A 1075 72.75 4.21 -29.22
N PHE A 1076 72.04 3.26 -28.61
CA PHE A 1076 70.86 3.54 -27.81
C PHE A 1076 71.09 3.03 -26.39
N PRO A 1077 70.54 3.71 -25.38
CA PRO A 1077 70.80 3.29 -24.00
C PRO A 1077 69.95 2.09 -23.62
N ARG A 1078 70.60 1.12 -22.97
CA ARG A 1078 69.87 -0.04 -22.46
C ARG A 1078 68.83 0.39 -21.44
N GLU A 1079 69.21 1.29 -20.53
CA GLU A 1079 68.27 1.92 -19.61
C GLU A 1079 68.69 3.37 -19.42
N GLY A 1080 67.71 4.26 -19.39
CA GLY A 1080 67.98 5.67 -19.20
C GLY A 1080 67.92 6.45 -20.50
N VAL A 1081 68.43 7.69 -20.41
CA VAL A 1081 68.37 8.64 -21.51
C VAL A 1081 69.70 9.38 -21.58
N PHE A 1082 70.05 9.83 -22.79
CA PHE A 1082 71.27 10.61 -22.97
C PHE A 1082 71.02 12.08 -22.62
N VAL A 1083 72.01 12.70 -21.99
CA VAL A 1083 71.95 14.11 -21.61
C VAL A 1083 73.28 14.77 -21.87
N SER A 1084 73.24 16.10 -21.97
CA SER A 1084 74.44 16.91 -22.13
C SER A 1084 74.40 18.07 -21.15
N ASN A 1085 75.45 18.23 -20.36
CA ASN A 1085 75.54 19.35 -19.45
C ASN A 1085 75.97 20.64 -20.13
N GLY A 1086 76.24 20.59 -21.43
CA GLY A 1086 76.61 21.77 -22.19
C GLY A 1086 77.76 21.50 -23.13
N THR A 1087 78.70 20.64 -22.72
CA THR A 1087 79.83 20.28 -23.56
C THR A 1087 80.01 18.77 -23.63
N HIS A 1088 79.65 18.06 -22.56
CA HIS A 1088 79.86 16.63 -22.47
C HIS A 1088 78.52 15.92 -22.30
N TRP A 1089 78.50 14.64 -22.67
CA TRP A 1089 77.28 13.85 -22.73
C TRP A 1089 77.40 12.63 -21.83
N PHE A 1090 76.28 12.25 -21.22
CA PHE A 1090 76.26 11.19 -20.23
C PHE A 1090 74.99 10.36 -20.36
N VAL A 1091 74.94 9.27 -19.63
CA VAL A 1091 73.77 8.39 -19.54
C VAL A 1091 73.26 8.43 -18.11
N THR A 1092 71.99 8.77 -17.94
CA THR A 1092 71.39 8.91 -16.62
C THR A 1092 70.09 8.11 -16.55
N GLN A 1093 69.77 7.66 -15.34
CA GLN A 1093 68.46 7.06 -15.11
C GLN A 1093 67.37 8.09 -15.31
N ARG A 1094 66.21 7.63 -15.76
CA ARG A 1094 65.15 8.54 -16.18
C ARG A 1094 64.62 9.38 -15.02
N ASN A 1095 64.45 8.77 -13.85
CA ASN A 1095 63.77 9.41 -12.73
C ASN A 1095 64.72 10.05 -11.72
N PHE A 1096 66.03 10.02 -11.97
CA PHE A 1096 66.99 10.62 -11.05
C PHE A 1096 68.28 10.92 -11.80
N TYR A 1097 68.82 12.11 -11.58
CA TYR A 1097 70.04 12.52 -12.27
C TYR A 1097 71.25 11.86 -11.64
N GLU A 1098 71.91 10.99 -12.39
CA GLU A 1098 73.13 10.33 -11.94
C GLU A 1098 74.00 10.09 -13.16
N PRO A 1099 74.91 11.01 -13.46
CA PRO A 1099 75.62 10.94 -14.74
C PRO A 1099 76.68 9.85 -14.73
N GLN A 1100 76.71 9.09 -15.83
CA GLN A 1100 77.69 8.03 -16.03
C GLN A 1100 78.33 8.21 -17.40
N ILE A 1101 79.60 7.81 -17.50
CA ILE A 1101 80.30 7.88 -18.76
C ILE A 1101 79.68 6.90 -19.74
N ILE A 1102 79.39 7.38 -20.95
CA ILE A 1102 78.79 6.52 -21.97
C ILE A 1102 79.80 5.47 -22.40
N THR A 1103 79.46 4.20 -22.19
CA THR A 1103 80.31 3.08 -22.56
C THR A 1103 79.48 2.05 -23.32
N THR A 1104 80.17 1.06 -23.88
CA THR A 1104 79.48 -0.01 -24.58
C THR A 1104 78.68 -0.89 -23.63
N ASP A 1105 78.94 -0.80 -22.33
CA ASP A 1105 78.18 -1.56 -21.34
C ASP A 1105 76.90 -0.85 -20.90
N ASN A 1106 76.73 0.42 -21.28
CA ASN A 1106 75.48 1.13 -21.01
C ASN A 1106 74.59 1.26 -22.24
N THR A 1107 75.15 1.12 -23.44
CA THR A 1107 74.42 1.31 -24.68
C THR A 1107 74.49 0.04 -25.53
N PHE A 1108 73.56 -0.04 -26.49
CA PHE A 1108 73.52 -1.14 -27.44
C PHE A 1108 73.43 -0.57 -28.85
N VAL A 1109 73.80 -1.39 -29.82
CA VAL A 1109 73.97 -0.97 -31.21
C VAL A 1109 72.81 -1.51 -32.03
N SER A 1110 72.22 -0.65 -32.85
CA SER A 1110 71.17 -1.04 -33.78
C SER A 1110 71.01 0.05 -34.83
N GLY A 1111 71.03 -0.35 -36.10
CA GLY A 1111 70.89 0.63 -37.16
C GLY A 1111 72.16 1.46 -37.33
N ASN A 1112 72.00 2.59 -38.01
CA ASN A 1112 73.11 3.50 -38.28
C ASN A 1112 72.63 4.93 -38.08
N CYS A 1113 73.47 5.89 -38.48
CA CYS A 1113 73.19 7.30 -38.26
C CYS A 1113 72.27 7.90 -39.33
N ASP A 1114 72.05 7.20 -40.43
CA ASP A 1114 71.30 7.76 -41.56
C ASP A 1114 69.81 7.53 -41.44
N VAL A 1115 69.34 6.85 -40.40
CA VAL A 1115 67.92 6.55 -40.21
C VAL A 1115 67.34 7.31 -39.03
N VAL A 1116 68.04 7.30 -37.89
CA VAL A 1116 67.54 7.98 -36.70
C VAL A 1116 67.60 9.49 -36.90
N ILE A 1117 66.55 10.17 -36.45
CA ILE A 1117 66.43 11.62 -36.64
C ILE A 1117 66.98 12.32 -35.41
N GLY A 1118 67.87 13.30 -35.62
CA GLY A 1118 68.40 14.08 -34.53
C GLY A 1118 69.56 13.46 -33.78
N ILE A 1119 70.30 12.55 -34.41
CA ILE A 1119 71.41 11.89 -33.76
C ILE A 1119 72.61 12.83 -33.70
N VAL A 1120 73.37 12.77 -32.60
CA VAL A 1120 74.49 13.67 -32.37
C VAL A 1120 75.77 12.85 -32.31
N ASN A 1121 76.86 13.44 -32.80
CA ASN A 1121 78.16 12.80 -32.76
C ASN A 1121 78.77 12.87 -31.36
N ASN A 1122 79.49 11.81 -30.99
CA ASN A 1122 80.25 11.76 -29.74
C ASN A 1122 81.18 10.55 -29.80
N THR A 1123 81.79 10.24 -28.65
CA THR A 1123 82.68 9.10 -28.50
C THR A 1123 82.13 8.17 -27.44
N VAL A 1124 82.17 6.87 -27.70
CA VAL A 1124 81.71 5.86 -26.77
C VAL A 1124 82.94 5.13 -26.23
N TYR A 1125 83.10 5.15 -24.90
CA TYR A 1125 84.24 4.53 -24.27
C TYR A 1125 84.10 3.00 -24.31
N ASP A 1126 85.17 2.32 -24.68
CA ASP A 1126 85.20 0.86 -24.67
C ASP A 1126 86.07 0.42 -23.50
N PRO A 1127 85.51 -0.27 -22.50
CA PRO A 1127 86.32 -0.69 -21.35
C PRO A 1127 87.31 -1.80 -21.68
N LEU A 1128 87.20 -2.43 -22.84
CA LEU A 1128 88.11 -3.49 -23.23
C LEU A 1128 89.38 -2.96 -23.89
N GLN A 1129 89.30 -1.78 -24.52
CA GLN A 1129 90.45 -1.24 -25.24
C GLN A 1129 91.66 -0.98 -24.36
N PRO A 1130 91.57 -0.27 -23.23
CA PRO A 1130 92.79 -0.03 -22.44
C PRO A 1130 93.29 -1.25 -21.71
N GLU A 1131 92.46 -2.28 -21.54
CA GLU A 1131 92.94 -3.52 -20.94
C GLU A 1131 93.82 -4.29 -21.91
N LEU A 1132 93.47 -4.26 -23.20
CA LEU A 1132 94.34 -4.87 -24.21
C LEU A 1132 95.64 -4.07 -24.36
N ASP A 1133 95.56 -2.74 -24.30
CA ASP A 1133 96.75 -1.92 -24.42
C ASP A 1133 97.69 -2.13 -23.24
N SER A 1134 97.15 -2.25 -22.03
CA SER A 1134 97.96 -2.46 -20.84
C SER A 1134 98.42 -3.91 -20.74
N GLN B 1 -45.99 18.43 -52.86
CA GLN B 1 -46.41 17.05 -53.01
C GLN B 1 -45.32 16.20 -53.64
N CYS B 2 -45.42 14.88 -53.47
CA CYS B 2 -44.43 13.96 -54.00
C CYS B 2 -44.85 13.43 -55.36
N VAL B 3 -43.86 12.93 -56.11
CA VAL B 3 -44.08 12.37 -57.44
C VAL B 3 -43.45 10.98 -57.47
N ASN B 4 -44.19 10.01 -58.01
CA ASN B 4 -43.73 8.63 -58.03
C ASN B 4 -42.78 8.41 -59.21
N LEU B 5 -41.62 7.81 -58.93
CA LEU B 5 -40.68 7.39 -59.95
C LEU B 5 -40.75 5.88 -60.14
N THR B 6 -39.84 5.33 -60.93
CA THR B 6 -39.82 3.92 -61.23
C THR B 6 -39.16 3.12 -60.09
N THR B 7 -39.23 1.81 -60.21
CA THR B 7 -38.65 0.93 -59.20
C THR B 7 -37.12 0.97 -59.28
N ARG B 8 -36.48 0.90 -58.11
CA ARG B 8 -35.02 0.93 -58.06
C ARG B 8 -34.39 -0.36 -58.59
N THR B 9 -35.15 -1.45 -58.64
CA THR B 9 -34.74 -2.73 -59.19
C THR B 9 -33.60 -3.39 -58.44
N GLN B 10 -33.18 -2.83 -57.30
CA GLN B 10 -32.18 -3.44 -56.41
C GLN B 10 -30.86 -3.69 -57.16
N LEU B 11 -30.22 -2.58 -57.53
CA LEU B 11 -28.93 -2.65 -58.20
C LEU B 11 -27.92 -3.34 -57.29
N PRO B 12 -27.09 -4.24 -57.82
CA PRO B 12 -26.11 -4.92 -56.97
C PRO B 12 -25.12 -3.92 -56.39
N PRO B 13 -24.65 -4.18 -55.17
CA PRO B 13 -23.71 -3.24 -54.54
C PRO B 13 -22.35 -3.24 -55.23
N ALA B 14 -21.69 -2.08 -55.16
CA ALA B 14 -20.32 -1.92 -55.65
C ALA B 14 -19.49 -1.26 -54.57
N TYR B 15 -18.24 -1.70 -54.43
CA TYR B 15 -17.37 -1.25 -53.36
C TYR B 15 -16.16 -0.53 -53.93
N THR B 16 -15.56 0.32 -53.09
CA THR B 16 -14.32 0.99 -53.40
C THR B 16 -13.54 1.19 -52.10
N ASN B 17 -12.26 1.52 -52.25
CA ASN B 17 -11.36 1.62 -51.11
C ASN B 17 -11.21 3.06 -50.66
N SER B 18 -11.17 3.26 -49.34
CA SER B 18 -11.04 4.58 -48.72
C SER B 18 -9.63 4.75 -48.20
N PHE B 19 -8.84 5.59 -48.88
CA PHE B 19 -7.43 5.78 -48.52
C PHE B 19 -7.31 6.89 -47.49
N THR B 20 -7.33 6.51 -46.22
CA THR B 20 -7.04 7.41 -45.11
C THR B 20 -7.92 8.66 -45.12
N ARG B 21 -9.22 8.43 -45.12
CA ARG B 21 -10.19 9.52 -45.16
C ARG B 21 -11.16 9.38 -44.00
N GLY B 22 -11.84 10.49 -43.70
CA GLY B 22 -12.85 10.50 -42.66
C GLY B 22 -12.35 10.88 -41.28
N VAL B 23 -11.13 11.37 -41.16
CA VAL B 23 -10.58 11.77 -39.88
C VAL B 23 -11.05 13.18 -39.56
N TYR B 24 -11.69 13.35 -38.41
CA TYR B 24 -12.21 14.64 -37.97
C TYR B 24 -11.58 15.03 -36.65
N TYR B 25 -11.76 16.29 -36.29
CA TYR B 25 -11.26 16.78 -35.01
C TYR B 25 -12.12 16.22 -33.88
N PRO B 26 -11.56 15.45 -32.94
CA PRO B 26 -12.39 14.82 -31.92
C PRO B 26 -12.82 15.78 -30.81
N ASP B 27 -11.97 16.75 -30.50
CA ASP B 27 -12.21 17.67 -29.41
C ASP B 27 -12.16 19.11 -29.90
N LYS B 28 -12.54 20.03 -29.03
CA LYS B 28 -12.55 21.45 -29.30
C LYS B 28 -11.43 22.17 -28.56
N VAL B 29 -10.26 21.54 -28.49
CA VAL B 29 -9.11 22.08 -27.78
C VAL B 29 -7.97 22.26 -28.78
N PHE B 30 -7.40 23.46 -28.81
CA PHE B 30 -6.25 23.72 -29.67
C PHE B 30 -5.01 23.05 -29.10
N ARG B 31 -4.39 22.19 -29.90
CA ARG B 31 -3.18 21.47 -29.50
C ARG B 31 -2.16 21.57 -30.61
N SER B 32 -0.90 21.77 -30.25
CA SER B 32 0.14 22.09 -31.23
C SER B 32 1.36 21.20 -31.02
N SER B 33 1.85 20.62 -32.11
CA SER B 33 3.12 19.88 -32.15
C SER B 33 3.18 18.76 -31.12
N VAL B 34 2.10 17.97 -31.06
CA VAL B 34 2.04 16.79 -30.19
C VAL B 34 1.34 15.68 -30.94
N LEU B 35 1.33 14.49 -30.34
CA LEU B 35 0.58 13.34 -30.84
C LEU B 35 -0.44 12.96 -29.79
N HIS B 36 -1.72 12.97 -30.16
CA HIS B 36 -2.81 12.67 -29.24
C HIS B 36 -3.51 11.38 -29.67
N SER B 37 -3.79 10.53 -28.70
CA SER B 37 -4.49 9.27 -28.93
C SER B 37 -5.90 9.35 -28.35
N THR B 38 -6.90 9.10 -29.19
CA THR B 38 -8.30 9.17 -28.78
C THR B 38 -9.06 7.96 -29.28
N GLN B 39 -9.96 7.45 -28.44
CA GLN B 39 -10.79 6.29 -28.75
C GLN B 39 -12.20 6.78 -29.04
N ASP B 40 -12.48 7.02 -30.33
CA ASP B 40 -13.75 7.58 -30.77
C ASP B 40 -14.19 6.81 -32.02
N LEU B 41 -15.39 7.11 -32.51
CA LEU B 41 -15.96 6.43 -33.67
C LEU B 41 -15.32 6.98 -34.93
N PHE B 42 -14.27 6.31 -35.41
CA PHE B 42 -13.53 6.72 -36.60
C PHE B 42 -13.84 5.79 -37.77
N LEU B 43 -13.29 6.14 -38.93
CA LEU B 43 -13.39 5.30 -40.11
C LEU B 43 -12.06 4.60 -40.35
N PRO B 44 -12.01 3.28 -40.33
CA PRO B 44 -10.72 2.58 -40.50
C PRO B 44 -10.09 2.87 -41.84
N PHE B 45 -8.75 2.91 -41.84
CA PHE B 45 -7.99 3.12 -43.06
C PHE B 45 -8.16 1.93 -43.98
N PHE B 46 -8.16 2.22 -45.29
CA PHE B 46 -8.22 1.18 -46.33
C PHE B 46 -9.42 0.25 -46.10
N SER B 47 -10.60 0.86 -46.02
CA SER B 47 -11.84 0.14 -45.78
C SER B 47 -12.71 0.15 -47.04
N ASN B 48 -13.64 -0.80 -47.09
CA ASN B 48 -14.58 -0.89 -48.20
C ASN B 48 -15.74 0.06 -47.97
N VAL B 49 -15.91 1.01 -48.88
CA VAL B 49 -17.02 1.97 -48.82
C VAL B 49 -17.87 1.78 -50.06
N THR B 50 -19.17 1.59 -49.86
CA THR B 50 -20.08 1.38 -50.97
C THR B 50 -20.36 2.71 -51.67
N TRP B 51 -20.32 2.70 -53.00
CA TRP B 51 -20.49 3.90 -53.80
C TRP B 51 -21.67 3.75 -54.74
N PHE B 52 -22.41 4.84 -54.94
CA PHE B 52 -23.57 4.85 -55.81
C PHE B 52 -23.50 6.04 -56.75
N HIS B 53 -23.84 5.81 -58.02
CA HIS B 53 -24.03 6.91 -58.95
C HIS B 53 -25.27 7.70 -58.57
N ALA B 54 -25.20 9.03 -58.72
CA ALA B 54 -26.39 9.84 -58.54
C ALA B 54 -27.45 9.47 -59.57
N ILE B 55 -27.05 9.38 -60.83
CA ILE B 55 -27.90 8.89 -61.91
C ILE B 55 -27.17 7.72 -62.56
N HIS B 56 -27.87 6.59 -62.69
CA HIS B 56 -27.27 5.38 -63.25
C HIS B 56 -28.00 5.01 -64.53
N VAL B 57 -27.23 4.75 -65.58
CA VAL B 57 -27.74 4.27 -66.86
C VAL B 57 -27.36 2.80 -66.97
N SER B 58 -28.32 1.92 -66.70
CA SER B 58 -28.08 0.48 -66.71
C SER B 58 -28.99 -0.28 -67.66
N GLY B 59 -30.17 0.24 -67.98
CA GLY B 59 -31.06 -0.44 -68.90
C GLY B 59 -30.54 -0.44 -70.32
N THR B 60 -30.98 -1.44 -71.09
CA THR B 60 -30.58 -1.53 -72.48
C THR B 60 -31.12 -0.35 -73.29
N ASN B 61 -32.34 0.07 -73.00
CA ASN B 61 -32.92 1.21 -73.72
C ASN B 61 -32.18 2.50 -73.41
N GLY B 62 -31.70 2.66 -72.17
CA GLY B 62 -31.00 3.85 -71.77
C GLY B 62 -31.73 4.64 -70.71
N THR B 63 -32.46 3.93 -69.85
CA THR B 63 -33.25 4.58 -68.82
C THR B 63 -32.35 5.29 -67.81
N LYS B 64 -32.77 6.47 -67.38
CA LYS B 64 -32.08 7.25 -66.37
C LYS B 64 -32.93 7.29 -65.11
N ARG B 65 -32.44 6.70 -64.03
CA ARG B 65 -33.15 6.69 -62.76
C ARG B 65 -32.18 7.04 -61.64
N PHE B 66 -32.70 7.74 -60.63
CA PHE B 66 -31.90 8.08 -59.47
C PHE B 66 -31.61 6.84 -58.65
N ASP B 67 -30.35 6.68 -58.25
CA ASP B 67 -29.94 5.61 -57.34
C ASP B 67 -29.89 6.22 -55.95
N ASN B 68 -31.03 6.21 -55.25
CA ASN B 68 -31.16 6.80 -53.92
C ASN B 68 -31.78 5.78 -52.97
N PRO B 69 -31.05 4.72 -52.64
CA PRO B 69 -31.56 3.77 -51.66
C PRO B 69 -31.42 4.31 -50.24
N VAL B 70 -32.26 3.79 -49.36
CA VAL B 70 -32.20 4.13 -47.95
C VAL B 70 -31.17 3.21 -47.29
N LEU B 71 -30.16 3.82 -46.67
CA LEU B 71 -29.06 3.04 -46.13
C LEU B 71 -29.07 3.05 -44.61
N PRO B 72 -28.61 1.98 -43.97
CA PRO B 72 -28.60 1.95 -42.51
C PRO B 72 -27.65 3.00 -41.92
N PHE B 73 -28.00 3.47 -40.73
CA PHE B 73 -27.22 4.47 -39.99
C PHE B 73 -26.87 3.83 -38.64
N ASN B 74 -25.72 3.18 -38.57
CA ASN B 74 -25.27 2.51 -37.35
C ASN B 74 -24.00 3.19 -36.85
N ASP B 75 -24.12 3.87 -35.70
CA ASP B 75 -22.98 4.48 -35.02
C ASP B 75 -22.16 5.37 -35.96
N GLY B 76 -22.85 6.20 -36.72
CA GLY B 76 -22.17 7.17 -37.54
C GLY B 76 -22.06 6.73 -38.99
N VAL B 77 -22.05 7.72 -39.89
CA VAL B 77 -21.93 7.49 -41.32
C VAL B 77 -21.00 8.54 -41.91
N TYR B 78 -20.08 8.09 -42.77
CA TYR B 78 -19.19 8.98 -43.50
C TYR B 78 -19.71 9.11 -44.93
N PHE B 79 -20.09 10.33 -45.31
CA PHE B 79 -20.64 10.61 -46.63
C PHE B 79 -19.65 11.50 -47.38
N ALA B 80 -19.07 10.95 -48.43
CA ALA B 80 -18.22 11.71 -49.34
C ALA B 80 -18.88 11.75 -50.71
N SER B 81 -18.76 12.88 -51.40
CA SER B 81 -19.42 13.07 -52.68
C SER B 81 -18.50 13.84 -53.62
N THR B 82 -18.23 13.25 -54.78
CA THR B 82 -17.51 13.93 -55.85
C THR B 82 -18.53 14.36 -56.90
N GLU B 83 -18.49 15.64 -57.28
CA GLU B 83 -19.57 16.22 -58.05
C GLU B 83 -19.15 17.59 -58.56
N LYS B 84 -19.87 18.07 -59.58
CA LYS B 84 -19.52 19.31 -60.26
C LYS B 84 -20.71 20.23 -60.54
N SER B 85 -21.95 19.75 -60.48
CA SER B 85 -23.10 20.56 -60.87
C SER B 85 -24.25 20.49 -59.88
N ASN B 86 -23.95 20.31 -58.59
CA ASN B 86 -24.89 20.55 -57.49
C ASN B 86 -26.20 19.79 -57.66
N ILE B 87 -26.11 18.45 -57.68
CA ILE B 87 -27.33 17.66 -57.83
C ILE B 87 -27.77 17.06 -56.49
N ILE B 88 -26.85 16.82 -55.55
CA ILE B 88 -27.19 16.38 -54.21
C ILE B 88 -27.62 17.59 -53.39
N ARG B 89 -28.73 17.44 -52.64
CA ARG B 89 -29.33 18.54 -51.92
C ARG B 89 -29.45 18.34 -50.42
N GLY B 90 -29.44 17.10 -49.93
CA GLY B 90 -29.53 16.89 -48.51
C GLY B 90 -29.68 15.42 -48.16
N TRP B 91 -30.03 15.19 -46.90
CA TRP B 91 -30.18 13.85 -46.35
C TRP B 91 -31.35 13.83 -45.38
N ILE B 92 -31.85 12.63 -45.12
CA ILE B 92 -32.97 12.43 -44.20
C ILE B 92 -32.60 11.31 -43.24
N PHE B 93 -32.92 11.50 -41.96
CA PHE B 93 -32.55 10.56 -40.92
C PHE B 93 -33.76 10.19 -40.08
N GLY B 94 -33.86 8.91 -39.75
CA GLY B 94 -34.97 8.43 -38.95
C GLY B 94 -34.93 6.92 -38.84
N THR B 95 -35.95 6.39 -38.16
CA THR B 95 -36.10 4.95 -37.99
C THR B 95 -37.08 4.36 -39.01
N THR B 96 -38.30 4.88 -39.04
CA THR B 96 -39.31 4.42 -39.99
C THR B 96 -39.52 5.36 -41.16
N LEU B 97 -39.05 6.62 -41.05
CA LEU B 97 -39.14 7.61 -42.13
C LEU B 97 -40.59 7.82 -42.59
N ASP B 98 -41.50 7.92 -41.63
CA ASP B 98 -42.89 8.25 -41.92
C ASP B 98 -43.44 9.04 -40.75
N SER B 99 -44.76 9.21 -40.72
CA SER B 99 -45.40 9.96 -39.65
C SER B 99 -45.38 9.23 -38.32
N LYS B 100 -45.02 7.94 -38.30
CA LYS B 100 -45.05 7.18 -37.06
C LYS B 100 -43.92 7.60 -36.11
N THR B 101 -42.78 8.02 -36.65
CA THR B 101 -41.63 8.40 -35.86
C THR B 101 -41.10 9.74 -36.33
N GLN B 102 -40.45 10.45 -35.41
CA GLN B 102 -39.84 11.73 -35.75
C GLN B 102 -38.67 11.54 -36.70
N SER B 103 -38.51 12.49 -37.62
CA SER B 103 -37.47 12.43 -38.63
C SER B 103 -36.78 13.77 -38.73
N LEU B 104 -35.55 13.75 -39.22
CA LEU B 104 -34.72 14.94 -39.35
C LEU B 104 -34.38 15.14 -40.81
N LEU B 105 -34.58 16.36 -41.32
CA LEU B 105 -34.33 16.69 -42.71
C LEU B 105 -33.35 17.84 -42.82
N ILE B 106 -32.32 17.65 -43.64
CA ILE B 106 -31.42 18.73 -44.05
C ILE B 106 -31.56 18.89 -45.55
N VAL B 107 -31.83 20.11 -46.01
CA VAL B 107 -31.79 20.43 -47.43
C VAL B 107 -30.91 21.66 -47.61
N ASN B 108 -30.42 21.82 -48.83
CA ASN B 108 -29.58 22.97 -49.19
C ASN B 108 -30.10 23.50 -50.52
N ASN B 109 -30.70 24.69 -50.48
CA ASN B 109 -31.07 25.41 -51.68
C ASN B 109 -29.98 26.42 -52.01
N ALA B 110 -30.23 27.28 -53.00
CA ALA B 110 -29.21 28.22 -53.45
C ALA B 110 -28.90 29.31 -52.45
N THR B 111 -29.72 29.48 -51.41
CA THR B 111 -29.56 30.58 -50.47
C THR B 111 -29.05 30.15 -49.10
N ASN B 112 -29.68 29.17 -48.48
CA ASN B 112 -29.35 28.81 -47.11
C ASN B 112 -29.58 27.32 -46.93
N VAL B 113 -29.69 26.90 -45.67
CA VAL B 113 -30.00 25.52 -45.31
C VAL B 113 -31.28 25.49 -44.49
N VAL B 114 -32.00 24.38 -44.62
CA VAL B 114 -33.23 24.14 -43.87
C VAL B 114 -33.05 22.84 -43.12
N ILE B 115 -32.97 22.92 -41.80
CA ILE B 115 -32.91 21.74 -40.93
C ILE B 115 -34.21 21.73 -40.12
N LYS B 116 -35.00 20.69 -40.33
CA LYS B 116 -36.32 20.55 -39.71
C LYS B 116 -36.44 19.18 -39.06
N VAL B 117 -37.01 19.15 -37.87
CA VAL B 117 -37.26 17.91 -37.13
C VAL B 117 -38.74 17.86 -36.81
N CYS B 118 -39.50 17.10 -37.59
CA CYS B 118 -40.92 16.92 -37.38
C CYS B 118 -41.27 15.47 -37.70
N GLU B 119 -42.58 15.19 -37.77
CA GLU B 119 -43.07 13.86 -38.15
C GLU B 119 -43.42 13.90 -39.63
N PHE B 120 -42.39 13.78 -40.46
CA PHE B 120 -42.55 13.90 -41.91
C PHE B 120 -43.11 12.60 -42.48
N GLN B 121 -44.17 12.72 -43.29
CA GLN B 121 -44.75 11.59 -44.00
C GLN B 121 -44.03 11.47 -45.33
N PHE B 122 -43.04 10.59 -45.38
CA PHE B 122 -42.09 10.57 -46.49
C PHE B 122 -42.54 9.63 -47.60
N CYS B 123 -42.39 10.11 -48.84
CA CYS B 123 -42.68 9.30 -50.01
C CYS B 123 -41.49 8.37 -50.29
N ASN B 124 -41.67 7.51 -51.30
CA ASN B 124 -40.62 6.54 -51.61
C ASN B 124 -39.40 7.19 -52.24
N ASP B 125 -39.59 8.29 -52.98
CA ASP B 125 -38.51 8.92 -53.74
C ASP B 125 -38.50 10.43 -53.49
N PRO B 126 -37.98 10.86 -52.34
CA PRO B 126 -37.83 12.31 -52.11
C PRO B 126 -36.80 12.91 -53.04
N PHE B 127 -37.10 14.10 -53.55
CA PHE B 127 -36.20 14.82 -54.43
C PHE B 127 -36.65 16.27 -54.52
N LEU B 128 -35.81 17.09 -55.14
CA LEU B 128 -36.07 18.52 -55.32
C LEU B 128 -36.24 18.82 -56.80
N GLY B 129 -37.42 19.29 -57.18
CA GLY B 129 -37.71 19.67 -58.56
C GLY B 129 -36.81 20.81 -59.01
N VAL B 130 -36.21 20.69 -60.20
CA VAL B 130 -35.12 21.55 -60.60
C VAL B 130 -35.38 22.16 -61.98
N TYR B 131 -35.31 23.50 -62.05
CA TYR B 131 -35.45 24.25 -63.30
C TYR B 131 -34.72 25.59 -63.15
N TYR B 132 -34.00 25.97 -64.19
CA TYR B 132 -33.40 27.31 -64.24
C TYR B 132 -34.45 28.35 -64.65
N HIS B 133 -34.11 29.62 -64.42
CA HIS B 133 -34.92 30.71 -64.93
C HIS B 133 -34.55 31.03 -66.37
N LYS B 134 -35.47 31.68 -67.08
CA LYS B 134 -35.35 31.85 -68.52
C LYS B 134 -34.34 32.90 -68.93
N ASN B 135 -33.98 33.82 -68.03
CA ASN B 135 -33.12 34.94 -68.42
C ASN B 135 -31.81 35.00 -67.66
N ASN B 136 -31.81 34.69 -66.36
CA ASN B 136 -30.61 34.87 -65.54
C ASN B 136 -29.73 33.61 -65.57
N LYS B 137 -30.28 32.47 -65.17
CA LYS B 137 -29.57 31.20 -65.05
C LYS B 137 -28.41 31.25 -64.05
N SER B 138 -28.29 32.35 -63.30
CA SER B 138 -27.24 32.46 -62.29
C SER B 138 -27.53 31.59 -61.07
N TRP B 139 -28.76 31.62 -60.57
CA TRP B 139 -29.14 30.82 -59.41
C TRP B 139 -30.14 29.74 -59.84
N MET B 140 -30.56 28.94 -58.86
CA MET B 140 -31.29 27.71 -59.11
C MET B 140 -32.51 27.64 -58.21
N GLU B 141 -33.70 27.48 -58.81
CA GLU B 141 -34.96 27.43 -58.08
C GLU B 141 -35.45 26.01 -57.87
N SER B 142 -35.54 25.58 -56.61
CA SER B 142 -35.85 24.21 -56.27
C SER B 142 -37.30 24.09 -55.82
N GLU B 143 -38.01 23.10 -56.34
CA GLU B 143 -39.34 22.72 -55.88
C GLU B 143 -39.21 21.47 -55.02
N PHE B 144 -39.66 21.56 -53.77
CA PHE B 144 -39.52 20.43 -52.86
C PHE B 144 -40.63 19.41 -53.10
N ARG B 145 -40.23 18.18 -53.40
CA ARG B 145 -41.12 17.03 -53.47
C ARG B 145 -40.65 15.98 -52.48
N VAL B 146 -40.28 16.43 -51.29
CA VAL B 146 -39.57 15.60 -50.32
C VAL B 146 -40.56 14.84 -49.44
N TYR B 147 -41.45 15.55 -48.75
CA TYR B 147 -42.40 14.95 -47.85
C TYR B 147 -43.83 15.33 -48.23
N SER B 148 -44.78 14.53 -47.74
CA SER B 148 -46.19 14.80 -48.00
C SER B 148 -46.80 15.73 -46.96
N SER B 149 -46.53 15.50 -45.67
CA SER B 149 -47.11 16.32 -44.62
C SER B 149 -46.12 16.44 -43.48
N ALA B 150 -46.19 17.57 -42.78
CA ALA B 150 -45.30 17.89 -41.67
C ALA B 150 -46.11 18.16 -40.43
N ASN B 151 -45.78 17.48 -39.34
CA ASN B 151 -46.49 17.64 -38.09
C ASN B 151 -45.51 17.49 -36.93
N ASN B 152 -45.82 18.16 -35.82
CA ASN B 152 -45.07 18.04 -34.58
C ASN B 152 -43.61 18.44 -34.77
N CYS B 153 -43.41 19.70 -35.14
CA CYS B 153 -42.07 20.24 -35.34
C CYS B 153 -41.50 20.72 -34.02
N THR B 154 -40.26 20.30 -33.72
CA THR B 154 -39.61 20.64 -32.46
C THR B 154 -38.25 21.29 -32.64
N PHE B 155 -37.86 21.62 -33.88
CA PHE B 155 -36.53 22.17 -34.12
C PHE B 155 -36.53 22.89 -35.46
N GLU B 156 -35.79 24.00 -35.52
CA GLU B 156 -35.66 24.78 -36.74
C GLU B 156 -34.30 25.46 -36.73
N TYR B 157 -33.55 25.32 -37.82
CA TYR B 157 -32.21 25.88 -37.94
C TYR B 157 -32.02 26.36 -39.37
N VAL B 158 -31.40 27.54 -39.50
CA VAL B 158 -31.06 28.11 -40.81
C VAL B 158 -29.70 28.78 -40.69
N SER B 159 -28.86 28.60 -41.71
CA SER B 159 -27.52 29.17 -41.72
C SER B 159 -26.99 29.17 -43.16
N GLN B 160 -25.70 29.44 -43.31
CA GLN B 160 -25.08 29.48 -44.63
C GLN B 160 -25.09 28.08 -45.26
N PRO B 161 -25.09 28.01 -46.59
CA PRO B 161 -25.23 26.71 -47.26
C PRO B 161 -24.14 25.73 -46.88
N PHE B 162 -24.55 24.46 -46.70
CA PHE B 162 -23.60 23.39 -46.43
C PHE B 162 -22.81 23.03 -47.68
N LEU B 163 -23.43 23.11 -48.85
CA LEU B 163 -22.82 22.77 -50.12
C LEU B 163 -22.64 24.05 -50.94
N MET B 164 -21.41 24.27 -51.42
CA MET B 164 -21.13 25.48 -52.19
C MET B 164 -21.66 25.35 -53.61
N ASP B 165 -21.91 26.49 -54.24
CA ASP B 165 -22.41 26.50 -55.60
C ASP B 165 -21.35 25.98 -56.56
N LEU B 166 -21.71 24.96 -57.35
CA LEU B 166 -20.76 24.32 -58.25
C LEU B 166 -20.91 24.78 -59.70
N GLU B 167 -21.73 25.79 -59.95
CA GLU B 167 -21.93 26.28 -61.31
C GLU B 167 -20.84 27.28 -61.68
N GLY B 171 -14.76 21.55 -68.28
CA GLY B 171 -15.75 21.27 -67.25
C GLY B 171 -15.46 20.01 -66.48
N ASN B 172 -14.25 19.92 -65.92
CA ASN B 172 -13.83 18.78 -65.12
C ASN B 172 -13.48 19.19 -63.70
N PHE B 173 -14.10 20.26 -63.21
CA PHE B 173 -13.82 20.78 -61.87
C PHE B 173 -14.71 20.10 -60.83
N LYS B 174 -14.51 18.79 -60.69
CA LYS B 174 -15.17 18.05 -59.63
C LYS B 174 -14.61 18.47 -58.27
N ASN B 175 -15.45 18.37 -57.25
CA ASN B 175 -15.07 18.73 -55.89
C ASN B 175 -15.55 17.65 -54.93
N LEU B 176 -14.86 17.56 -53.80
CA LEU B 176 -15.26 16.66 -52.72
C LEU B 176 -15.91 17.43 -51.59
N ARG B 177 -17.04 16.92 -51.12
CA ARG B 177 -17.68 17.39 -49.89
C ARG B 177 -17.81 16.19 -48.97
N GLU B 178 -16.97 16.13 -47.95
CA GLU B 178 -16.92 15.00 -47.03
C GLU B 178 -17.59 15.37 -45.72
N PHE B 179 -18.49 14.49 -45.25
CA PHE B 179 -19.23 14.74 -44.03
C PHE B 179 -19.21 13.50 -43.14
N VAL B 180 -19.21 13.73 -41.84
CA VAL B 180 -19.38 12.68 -40.84
C VAL B 180 -20.55 13.06 -39.95
N PHE B 181 -21.55 12.18 -39.88
CA PHE B 181 -22.72 12.40 -39.05
C PHE B 181 -22.70 11.43 -37.89
N LYS B 182 -22.84 11.96 -36.67
CA LYS B 182 -22.87 11.15 -35.46
C LYS B 182 -24.07 11.53 -34.63
N ASN B 183 -24.66 10.54 -33.96
CA ASN B 183 -25.83 10.73 -33.11
C ASN B 183 -25.51 10.13 -31.74
N ILE B 184 -24.98 10.95 -30.84
CA ILE B 184 -24.50 10.51 -29.54
C ILE B 184 -25.11 11.39 -28.46
N ASP B 185 -25.69 10.76 -27.44
CA ASP B 185 -26.35 11.46 -26.33
C ASP B 185 -27.39 12.45 -26.83
N GLY B 186 -28.20 12.00 -27.79
CA GLY B 186 -29.21 12.85 -28.36
C GLY B 186 -28.69 14.01 -29.17
N TYR B 187 -27.41 13.98 -29.57
CA TYR B 187 -26.80 15.12 -30.24
C TYR B 187 -26.31 14.69 -31.61
N PHE B 188 -26.70 15.44 -32.64
CA PHE B 188 -26.44 15.06 -34.03
C PHE B 188 -25.37 16.01 -34.56
N LYS B 189 -24.14 15.51 -34.61
CA LYS B 189 -22.95 16.31 -34.90
C LYS B 189 -22.53 16.14 -36.36
N ILE B 190 -22.08 17.23 -36.97
CA ILE B 190 -21.64 17.24 -38.35
C ILE B 190 -20.21 17.76 -38.41
N TYR B 191 -19.34 17.02 -39.09
CA TYR B 191 -18.00 17.46 -39.41
C TYR B 191 -17.87 17.48 -40.93
N SER B 192 -17.39 18.60 -41.47
CA SER B 192 -17.41 18.80 -42.92
C SER B 192 -16.08 19.38 -43.38
N LYS B 193 -15.79 19.17 -44.67
CA LYS B 193 -14.60 19.69 -45.32
C LYS B 193 -14.80 19.63 -46.83
N HIS B 194 -14.34 20.67 -47.52
CA HIS B 194 -14.48 20.77 -48.97
C HIS B 194 -13.09 20.80 -49.60
N THR B 195 -12.88 19.96 -50.62
CA THR B 195 -11.58 19.86 -51.27
C THR B 195 -11.73 19.69 -52.78
N PRO B 196 -11.10 20.56 -53.57
CA PRO B 196 -11.09 20.36 -55.03
C PRO B 196 -10.27 19.13 -55.41
N ILE B 197 -10.64 18.51 -56.53
CA ILE B 197 -9.97 17.32 -57.02
C ILE B 197 -9.71 17.52 -58.51
N ASN B 198 -8.72 16.76 -59.01
CA ASN B 198 -8.34 16.84 -60.43
C ASN B 198 -8.03 15.43 -60.93
N LEU B 199 -8.89 14.93 -61.83
CA LEU B 199 -8.62 13.71 -62.60
C LEU B 199 -8.52 12.46 -61.73
N VAL B 200 -9.30 12.40 -60.65
CA VAL B 200 -9.39 11.19 -59.81
C VAL B 200 -10.85 10.81 -59.70
N ARG B 201 -11.21 9.65 -60.26
CA ARG B 201 -12.61 9.20 -60.24
C ARG B 201 -13.04 8.80 -58.83
N ASP B 202 -12.22 7.99 -58.16
CA ASP B 202 -12.57 7.48 -56.84
C ASP B 202 -12.00 8.41 -55.77
N LEU B 203 -12.01 7.95 -54.53
CA LEU B 203 -11.48 8.75 -53.43
C LEU B 203 -9.98 8.97 -53.61
N PRO B 204 -9.51 10.21 -53.59
CA PRO B 204 -8.07 10.46 -53.81
C PRO B 204 -7.23 10.00 -52.64
N GLN B 205 -5.94 9.81 -52.91
CA GLN B 205 -4.99 9.39 -51.90
C GLN B 205 -4.42 10.61 -51.19
N GLY B 206 -4.62 10.67 -49.88
CA GLY B 206 -4.14 11.79 -49.10
C GLY B 206 -4.89 11.87 -47.79
N PHE B 207 -4.64 12.96 -47.07
CA PHE B 207 -5.30 13.23 -45.80
C PHE B 207 -5.96 14.60 -45.85
N SER B 208 -7.13 14.70 -45.22
CA SER B 208 -7.80 15.98 -45.04
C SER B 208 -8.64 15.90 -43.77
N ALA B 209 -8.30 16.72 -42.79
CA ALA B 209 -9.03 16.73 -41.54
C ALA B 209 -10.38 17.41 -41.71
N LEU B 210 -11.41 16.85 -41.10
CA LEU B 210 -12.77 17.36 -41.23
C LEU B 210 -13.09 18.20 -40.00
N GLU B 211 -13.17 19.51 -40.19
CA GLU B 211 -13.47 20.40 -39.08
C GLU B 211 -14.94 20.26 -38.67
N PRO B 212 -15.24 20.38 -37.38
CA PRO B 212 -16.65 20.39 -36.97
C PRO B 212 -17.40 21.55 -37.62
N LEU B 213 -18.62 21.26 -38.06
CA LEU B 213 -19.46 22.22 -38.75
C LEU B 213 -20.52 22.81 -37.84
N VAL B 214 -21.38 21.97 -37.28
CA VAL B 214 -22.48 22.43 -36.45
C VAL B 214 -22.96 21.26 -35.61
N ASP B 215 -23.53 21.56 -34.45
CA ASP B 215 -23.95 20.56 -33.48
C ASP B 215 -25.40 20.82 -33.06
N LEU B 216 -26.24 19.80 -33.25
CA LEU B 216 -27.70 19.92 -33.18
C LEU B 216 -28.26 19.11 -32.02
N PRO B 217 -28.99 19.74 -31.10
CA PRO B 217 -29.68 19.03 -30.00
C PRO B 217 -31.01 18.42 -30.46
N ILE B 218 -30.94 17.53 -31.46
CA ILE B 218 -32.16 16.98 -32.03
C ILE B 218 -32.83 16.03 -31.03
N GLY B 219 -32.07 15.11 -30.47
CA GLY B 219 -32.61 14.16 -29.50
C GLY B 219 -33.65 13.21 -30.04
N ILE B 220 -33.43 12.68 -31.24
CA ILE B 220 -34.34 11.68 -31.81
C ILE B 220 -33.57 10.39 -32.04
N ASN B 221 -34.27 9.37 -32.52
CA ASN B 221 -33.68 8.05 -32.77
C ASN B 221 -33.47 7.88 -34.27
N ILE B 222 -32.25 7.54 -34.65
CA ILE B 222 -31.86 7.45 -36.05
C ILE B 222 -31.35 6.05 -36.33
N THR B 223 -31.92 5.40 -37.34
CA THR B 223 -31.49 4.06 -37.74
C THR B 223 -31.18 3.96 -39.22
N ARG B 224 -31.94 4.64 -40.07
CA ARG B 224 -31.75 4.58 -41.52
C ARG B 224 -31.70 5.99 -42.09
N PHE B 225 -31.03 6.14 -43.23
CA PHE B 225 -30.87 7.44 -43.85
C PHE B 225 -30.93 7.30 -45.37
N GLN B 226 -31.31 8.39 -46.03
CA GLN B 226 -31.44 8.43 -47.48
C GLN B 226 -30.84 9.74 -47.98
N THR B 227 -30.44 9.75 -49.26
CA THR B 227 -29.82 10.89 -49.88
C THR B 227 -30.84 11.64 -50.74
N LEU B 228 -30.85 12.97 -50.63
CA LEU B 228 -31.72 13.80 -51.44
C LEU B 228 -31.00 14.21 -52.72
N LEU B 229 -31.72 14.17 -53.83
CA LEU B 229 -31.12 14.33 -55.14
C LEU B 229 -31.96 15.33 -55.93
N ALA B 230 -31.35 16.06 -56.84
CA ALA B 230 -32.03 17.09 -57.60
C ALA B 230 -32.44 16.57 -58.98
N LEU B 231 -33.71 16.70 -59.32
CA LEU B 231 -34.22 16.24 -60.60
C LEU B 231 -34.19 17.39 -61.60
N HIS B 232 -33.11 17.48 -62.37
CA HIS B 232 -33.00 18.51 -63.39
C HIS B 232 -33.84 18.19 -64.61
N ARG B 233 -34.03 16.92 -64.92
CA ARG B 233 -34.87 16.51 -66.03
C ARG B 233 -36.34 16.50 -65.59
N SER B 234 -37.21 16.11 -66.51
CA SER B 234 -38.66 16.10 -66.28
C SER B 234 -39.13 14.66 -66.09
N TYR B 235 -39.87 14.42 -65.02
CA TYR B 235 -40.43 13.09 -64.79
C TYR B 235 -41.58 12.79 -65.73
N LEU B 236 -42.35 13.81 -66.12
CA LEU B 236 -43.46 13.59 -67.05
C LEU B 236 -42.96 13.12 -68.41
N THR B 237 -41.92 13.76 -68.92
CA THR B 237 -41.35 13.44 -70.24
C THR B 237 -39.86 13.18 -70.10
N PRO B 238 -39.45 11.93 -69.94
CA PRO B 238 -38.01 11.63 -69.87
C PRO B 238 -37.39 11.66 -71.26
N GLY B 239 -36.30 12.42 -71.39
CA GLY B 239 -35.61 12.49 -72.67
C GLY B 239 -34.84 11.23 -72.98
N ASP B 240 -34.51 11.07 -74.27
CA ASP B 240 -33.74 9.92 -74.70
C ASP B 240 -32.36 9.92 -74.07
N SER B 241 -31.69 11.06 -74.05
CA SER B 241 -30.37 11.20 -73.44
C SER B 241 -30.08 12.68 -73.27
N SER B 242 -29.10 12.98 -72.43
CA SER B 242 -28.58 14.31 -72.13
C SER B 242 -29.58 15.20 -71.39
N SER B 243 -30.80 14.73 -71.15
CA SER B 243 -31.73 15.50 -70.32
C SER B 243 -31.22 15.61 -68.90
N GLY B 244 -30.68 14.52 -68.35
CA GLY B 244 -29.96 14.56 -67.10
C GLY B 244 -28.53 15.03 -67.32
N TRP B 245 -27.74 14.91 -66.26
CA TRP B 245 -26.36 15.40 -66.28
C TRP B 245 -25.42 14.25 -66.60
N THR B 246 -24.96 14.20 -67.84
CA THR B 246 -23.90 13.31 -68.33
C THR B 246 -23.96 11.91 -67.71
N ALA B 247 -25.18 11.36 -67.69
CA ALA B 247 -25.42 9.98 -67.24
C ALA B 247 -24.87 9.75 -65.83
N GLY B 248 -25.04 10.75 -64.96
CA GLY B 248 -24.63 10.61 -63.57
C GLY B 248 -23.14 10.39 -63.36
N ALA B 249 -22.31 11.22 -64.00
CA ALA B 249 -20.87 11.12 -63.76
C ALA B 249 -20.54 11.36 -62.29
N ALA B 250 -21.24 12.28 -61.66
CA ALA B 250 -21.08 12.50 -60.23
C ALA B 250 -21.60 11.29 -59.45
N ALA B 251 -21.00 11.06 -58.29
CA ALA B 251 -21.38 9.94 -57.45
C ALA B 251 -21.08 10.29 -55.99
N TYR B 252 -21.66 9.50 -55.09
CA TYR B 252 -21.47 9.70 -53.66
C TYR B 252 -21.08 8.39 -53.00
N TYR B 253 -20.18 8.49 -52.01
CA TYR B 253 -19.62 7.33 -51.32
C TYR B 253 -20.08 7.33 -49.88
N VAL B 254 -20.45 6.15 -49.38
CA VAL B 254 -20.98 6.00 -48.04
C VAL B 254 -20.05 5.10 -47.24
N GLY B 255 -19.60 5.58 -46.09
CA GLY B 255 -18.73 4.83 -45.22
C GLY B 255 -19.35 4.67 -43.84
N TYR B 256 -19.00 3.58 -43.17
CA TYR B 256 -19.60 3.21 -41.90
C TYR B 256 -18.53 3.27 -40.81
N LEU B 257 -18.88 3.87 -39.67
CA LEU B 257 -17.94 4.08 -38.58
C LEU B 257 -18.04 2.97 -37.55
N GLN B 258 -16.92 2.68 -36.91
CA GLN B 258 -16.84 1.77 -35.78
C GLN B 258 -15.90 2.37 -34.75
N PRO B 259 -16.05 2.01 -33.48
CA PRO B 259 -15.17 2.59 -32.45
C PRO B 259 -13.72 2.14 -32.66
N ARG B 260 -12.84 3.13 -32.78
CA ARG B 260 -11.42 2.89 -33.04
C ARG B 260 -10.59 3.83 -32.20
N THR B 261 -9.33 3.43 -31.96
CA THR B 261 -8.36 4.30 -31.32
C THR B 261 -7.38 4.80 -32.37
N PHE B 262 -7.22 6.12 -32.43
CA PHE B 262 -6.43 6.78 -33.46
C PHE B 262 -5.34 7.63 -32.81
N LEU B 263 -4.15 7.59 -33.39
CA LEU B 263 -3.05 8.44 -32.97
C LEU B 263 -2.98 9.61 -33.95
N LEU B 264 -3.26 10.81 -33.45
CA LEU B 264 -3.46 11.97 -34.31
C LEU B 264 -2.34 12.97 -34.07
N LYS B 265 -1.75 13.47 -35.15
CA LYS B 265 -0.57 14.34 -35.06
C LYS B 265 -0.98 15.78 -35.38
N TYR B 266 -1.07 16.60 -34.33
CA TYR B 266 -1.25 18.03 -34.51
C TYR B 266 0.09 18.68 -34.84
N ASN B 267 0.08 19.59 -35.82
CA ASN B 267 1.29 20.31 -36.18
C ASN B 267 1.42 21.55 -35.31
N GLU B 268 2.40 22.40 -35.61
CA GLU B 268 2.61 23.61 -34.81
C GLU B 268 1.47 24.61 -34.98
N ASN B 269 0.71 24.54 -36.08
CA ASN B 269 -0.41 25.42 -36.29
C ASN B 269 -1.69 24.92 -35.64
N GLY B 270 -1.70 23.70 -35.13
CA GLY B 270 -2.89 23.12 -34.56
C GLY B 270 -3.73 22.32 -35.53
N THR B 271 -3.23 22.06 -36.73
CA THR B 271 -3.97 21.32 -37.74
C THR B 271 -3.58 19.84 -37.71
N ILE B 272 -4.55 19.00 -38.01
CA ILE B 272 -4.32 17.55 -38.09
C ILE B 272 -3.57 17.26 -39.38
N THR B 273 -2.33 16.76 -39.25
CA THR B 273 -1.49 16.51 -40.41
C THR B 273 -1.27 15.04 -40.73
N ASP B 274 -1.47 14.14 -39.78
CA ASP B 274 -1.34 12.71 -40.09
C ASP B 274 -2.04 11.89 -39.01
N ALA B 275 -2.37 10.65 -39.37
CA ALA B 275 -3.12 9.76 -38.50
C ALA B 275 -2.57 8.35 -38.61
N VAL B 276 -2.83 7.57 -37.56
CA VAL B 276 -2.46 6.16 -37.52
C VAL B 276 -3.61 5.39 -36.86
N ASP B 277 -4.23 4.48 -37.61
CA ASP B 277 -5.23 3.60 -37.02
C ASP B 277 -4.52 2.43 -36.36
N CYS B 278 -4.98 2.06 -35.17
CA CYS B 278 -4.17 1.21 -34.31
C CYS B 278 -4.19 -0.26 -34.74
N ALA B 279 -5.32 -0.75 -35.22
CA ALA B 279 -5.51 -2.18 -35.47
C ALA B 279 -5.39 -2.54 -36.95
N LEU B 280 -4.83 -1.66 -37.77
CA LEU B 280 -4.69 -1.97 -39.18
C LEU B 280 -3.61 -3.03 -39.42
N ASP B 281 -2.38 -2.72 -39.04
CA ASP B 281 -1.24 -3.60 -39.25
C ASP B 281 -0.37 -3.56 -38.00
N PRO B 282 0.47 -4.58 -37.80
CA PRO B 282 1.33 -4.59 -36.60
C PRO B 282 2.23 -3.38 -36.47
N LEU B 283 2.66 -2.79 -37.59
CA LEU B 283 3.47 -1.58 -37.52
C LEU B 283 2.70 -0.43 -36.88
N SER B 284 1.42 -0.29 -37.24
CA SER B 284 0.60 0.75 -36.62
C SER B 284 0.37 0.45 -35.14
N GLU B 285 0.25 -0.82 -34.77
CA GLU B 285 0.14 -1.18 -33.36
C GLU B 285 1.40 -0.79 -32.59
N THR B 286 2.57 -1.03 -33.19
CA THR B 286 3.81 -0.61 -32.56
C THR B 286 3.87 0.91 -32.42
N LYS B 287 3.40 1.63 -33.44
CA LYS B 287 3.36 3.08 -33.35
C LYS B 287 2.44 3.55 -32.23
N CYS B 288 1.32 2.84 -32.03
CA CYS B 288 0.45 3.14 -30.89
C CYS B 288 1.20 2.95 -29.57
N THR B 289 1.79 1.77 -29.38
CA THR B 289 2.40 1.46 -28.09
C THR B 289 3.60 2.36 -27.79
N LEU B 290 4.36 2.75 -28.81
CA LEU B 290 5.48 3.65 -28.59
C LEU B 290 5.07 5.12 -28.59
N LYS B 291 3.83 5.44 -28.95
CA LYS B 291 3.35 6.82 -29.03
C LYS B 291 4.25 7.67 -29.91
N SER B 292 4.60 7.13 -31.07
CA SER B 292 5.49 7.83 -31.99
C SER B 292 5.20 7.36 -33.40
N PHE B 293 5.36 8.28 -34.35
CA PHE B 293 5.15 7.96 -35.75
C PHE B 293 6.32 7.18 -36.33
N THR B 294 7.53 7.41 -35.82
CA THR B 294 8.74 6.77 -36.33
C THR B 294 9.17 5.67 -35.36
N VAL B 295 9.43 4.49 -35.90
CA VAL B 295 9.84 3.32 -35.11
C VAL B 295 11.25 2.93 -35.54
N GLU B 296 12.14 2.81 -34.58
CA GLU B 296 13.53 2.46 -34.87
C GLU B 296 13.68 0.95 -35.03
N LYS B 297 14.81 0.55 -35.60
CA LYS B 297 15.12 -0.86 -35.77
C LYS B 297 15.26 -1.55 -34.41
N GLY B 298 14.70 -2.74 -34.32
CA GLY B 298 14.78 -3.53 -33.10
C GLY B 298 13.53 -4.35 -32.90
N ILE B 299 13.37 -4.84 -31.67
CA ILE B 299 12.22 -5.64 -31.28
C ILE B 299 11.44 -4.88 -30.23
N TYR B 300 10.11 -4.92 -30.32
CA TYR B 300 9.25 -4.17 -29.42
C TYR B 300 8.04 -5.00 -29.04
N GLN B 301 7.80 -5.15 -27.74
CA GLN B 301 6.62 -5.84 -27.25
C GLN B 301 5.45 -4.87 -27.25
N THR B 302 4.48 -5.11 -28.13
CA THR B 302 3.36 -4.19 -28.32
C THR B 302 2.11 -4.61 -27.54
N SER B 303 1.62 -5.82 -27.77
CA SER B 303 0.39 -6.29 -27.16
C SER B 303 0.66 -7.61 -26.42
N ASN B 304 -0.41 -8.23 -25.94
CA ASN B 304 -0.32 -9.49 -25.21
C ASN B 304 -1.34 -10.46 -25.79
N PHE B 305 -0.85 -11.49 -26.48
CA PHE B 305 -1.74 -12.50 -27.04
C PHE B 305 -2.32 -13.38 -25.94
N ARG B 306 -3.60 -13.72 -26.07
CA ARG B 306 -4.28 -14.52 -25.01
C ARG B 306 -5.43 -15.33 -25.62
N VAL B 307 -5.35 -16.66 -25.56
CA VAL B 307 -6.44 -17.54 -26.09
C VAL B 307 -7.71 -17.26 -25.27
N GLN B 308 -8.87 -17.24 -25.93
CA GLN B 308 -10.13 -16.93 -25.21
C GLN B 308 -10.94 -18.22 -25.00
N PRO B 309 -11.47 -18.47 -23.78
CA PRO B 309 -12.23 -19.69 -23.50
C PRO B 309 -13.54 -19.69 -24.29
N THR B 310 -14.19 -20.86 -24.38
CA THR B 310 -15.42 -20.96 -25.21
C THR B 310 -16.63 -21.35 -24.36
N GLU B 311 -17.18 -22.54 -24.57
CA GLU B 311 -18.44 -22.93 -23.87
C GLU B 311 -18.18 -23.15 -22.37
N SER B 312 -18.90 -22.43 -21.51
CA SER B 312 -18.76 -22.71 -20.09
C SER B 312 -19.38 -24.06 -19.77
N ILE B 313 -18.78 -24.77 -18.81
CA ILE B 313 -19.22 -26.11 -18.44
C ILE B 313 -19.47 -26.15 -16.94
N VAL B 314 -20.55 -26.84 -16.56
CA VAL B 314 -20.90 -27.05 -15.16
C VAL B 314 -21.33 -28.51 -15.02
N ARG B 315 -20.55 -29.30 -14.30
CA ARG B 315 -20.80 -30.74 -14.23
C ARG B 315 -21.14 -31.17 -12.81
N PHE B 316 -21.64 -32.40 -12.72
CA PHE B 316 -22.18 -32.95 -11.49
C PHE B 316 -22.03 -34.47 -11.54
N PRO B 317 -22.17 -35.17 -10.42
CA PRO B 317 -21.97 -36.62 -10.41
C PRO B 317 -23.11 -37.37 -11.08
N ASN B 318 -22.98 -38.70 -11.12
CA ASN B 318 -24.00 -39.58 -11.66
C ASN B 318 -24.23 -40.71 -10.66
N ILE B 319 -25.39 -40.72 -10.01
CA ILE B 319 -25.75 -41.80 -9.09
C ILE B 319 -27.22 -42.11 -9.29
N THR B 320 -27.55 -43.40 -9.37
CA THR B 320 -28.95 -43.82 -9.39
C THR B 320 -29.60 -43.60 -8.04
N ASN B 321 -28.88 -43.86 -6.96
CA ASN B 321 -29.36 -43.56 -5.62
C ASN B 321 -29.51 -42.06 -5.45
N LEU B 322 -30.66 -41.63 -4.92
CA LEU B 322 -31.00 -40.22 -4.87
C LEU B 322 -32.01 -40.00 -3.75
N CYS B 323 -32.62 -38.82 -3.71
CA CYS B 323 -33.69 -38.57 -2.76
C CYS B 323 -34.82 -39.57 -2.95
N PRO B 324 -35.39 -40.10 -1.88
CA PRO B 324 -36.52 -41.03 -2.00
C PRO B 324 -37.83 -40.32 -2.28
N PHE B 325 -37.84 -39.52 -3.35
CA PHE B 325 -39.09 -38.89 -3.77
C PHE B 325 -40.07 -39.93 -4.31
N GLY B 326 -39.59 -40.81 -5.20
CA GLY B 326 -40.47 -41.80 -5.79
C GLY B 326 -41.10 -42.72 -4.75
N GLU B 327 -40.31 -43.11 -3.74
CA GLU B 327 -40.87 -43.92 -2.66
C GLU B 327 -41.95 -43.18 -1.89
N VAL B 328 -41.87 -41.87 -1.82
CA VAL B 328 -42.86 -41.07 -1.09
C VAL B 328 -44.04 -40.71 -1.99
N PHE B 329 -43.76 -40.22 -3.21
CA PHE B 329 -44.84 -39.81 -4.10
C PHE B 329 -45.62 -41.01 -4.63
N ASN B 330 -44.92 -42.10 -4.97
CA ASN B 330 -45.58 -43.33 -5.41
C ASN B 330 -45.82 -44.30 -4.26
N ALA B 331 -45.94 -43.79 -3.03
CA ALA B 331 -46.19 -44.65 -1.89
C ALA B 331 -47.56 -45.30 -1.97
N THR B 332 -47.66 -46.52 -1.45
CA THR B 332 -48.92 -47.25 -1.48
C THR B 332 -49.94 -46.67 -0.52
N ARG B 333 -49.48 -46.16 0.63
CA ARG B 333 -50.38 -45.65 1.66
C ARG B 333 -49.92 -44.27 2.11
N PHE B 334 -50.90 -43.44 2.46
CA PHE B 334 -50.66 -42.09 2.95
C PHE B 334 -51.41 -41.90 4.26
N ALA B 335 -50.78 -41.21 5.20
CA ALA B 335 -51.31 -41.10 6.55
C ALA B 335 -52.59 -40.27 6.58
N SER B 336 -53.29 -40.36 7.71
CA SER B 336 -54.49 -39.57 7.90
C SER B 336 -54.17 -38.08 7.94
N VAL B 337 -55.15 -37.26 7.57
CA VAL B 337 -54.90 -35.84 7.32
C VAL B 337 -54.88 -35.00 8.60
N TYR B 338 -55.24 -35.58 9.74
CA TYR B 338 -55.17 -34.85 11.01
C TYR B 338 -54.11 -35.43 11.95
N ALA B 339 -53.34 -36.41 11.48
CA ALA B 339 -52.11 -36.87 12.14
C ALA B 339 -51.06 -36.92 11.04
N TRP B 340 -50.40 -35.78 10.79
CA TRP B 340 -49.63 -35.62 9.57
C TRP B 340 -48.27 -36.31 9.67
N ASN B 341 -48.00 -37.17 8.69
CA ASN B 341 -46.71 -37.84 8.54
C ASN B 341 -45.70 -36.85 7.97
N ARG B 342 -44.71 -36.47 8.77
CA ARG B 342 -43.65 -35.56 8.34
C ARG B 342 -42.37 -36.36 8.15
N LYS B 343 -41.84 -36.34 6.94
CA LYS B 343 -40.60 -37.02 6.60
C LYS B 343 -39.55 -35.99 6.20
N ARG B 344 -38.31 -36.22 6.64
CA ARG B 344 -37.19 -35.36 6.32
C ARG B 344 -36.26 -36.06 5.33
N ILE B 345 -35.75 -35.31 4.36
CA ILE B 345 -34.85 -35.83 3.32
C ILE B 345 -33.53 -35.09 3.44
N SER B 346 -32.44 -35.84 3.66
CA SER B 346 -31.14 -35.23 3.90
C SER B 346 -30.02 -36.13 3.40
N ASN B 347 -28.88 -35.50 3.09
CA ASN B 347 -27.64 -36.19 2.70
C ASN B 347 -27.84 -37.08 1.48
N CYS B 348 -28.35 -36.48 0.41
CA CYS B 348 -28.79 -37.21 -0.78
C CYS B 348 -29.34 -36.23 -1.81
N VAL B 349 -29.28 -36.63 -3.08
CA VAL B 349 -29.42 -35.72 -4.22
C VAL B 349 -30.86 -35.68 -4.72
N ALA B 350 -31.36 -34.48 -5.03
CA ALA B 350 -32.75 -34.26 -5.40
C ALA B 350 -32.86 -33.89 -6.87
N ASP B 351 -33.59 -34.71 -7.63
CA ASP B 351 -33.93 -34.39 -9.02
C ASP B 351 -35.38 -33.89 -9.04
N TYR B 352 -35.54 -32.58 -8.82
CA TYR B 352 -36.86 -31.98 -8.98
C TYR B 352 -37.31 -31.97 -10.43
N SER B 353 -36.40 -32.24 -11.37
CA SER B 353 -36.79 -32.48 -12.75
C SER B 353 -37.68 -33.71 -12.87
N VAL B 354 -37.60 -34.65 -11.92
CA VAL B 354 -38.41 -35.86 -12.02
C VAL B 354 -39.86 -35.59 -11.65
N LEU B 355 -40.10 -34.76 -10.62
CA LEU B 355 -41.47 -34.49 -10.21
C LEU B 355 -42.17 -33.56 -11.18
N TYR B 356 -41.46 -32.53 -11.65
CA TYR B 356 -41.98 -31.58 -12.62
C TYR B 356 -41.89 -32.17 -14.03
N ASN B 357 -41.22 -33.32 -14.14
CA ASN B 357 -41.26 -34.25 -15.28
C ASN B 357 -42.50 -35.13 -15.26
N SER B 358 -42.90 -35.58 -14.07
CA SER B 358 -43.65 -36.82 -13.90
C SER B 358 -44.95 -36.84 -14.68
N ALA B 359 -45.44 -35.69 -15.12
CA ALA B 359 -46.68 -35.62 -15.88
C ALA B 359 -47.86 -36.19 -15.09
N SER B 360 -47.84 -35.98 -13.78
CA SER B 360 -48.90 -36.51 -12.94
C SER B 360 -49.44 -35.48 -11.94
N PHE B 361 -48.59 -34.57 -11.48
CA PHE B 361 -48.91 -33.76 -10.31
C PHE B 361 -49.79 -32.60 -10.72
N SER B 362 -51.03 -32.62 -10.24
CA SER B 362 -52.05 -31.67 -10.70
C SER B 362 -51.72 -30.24 -10.34
N THR B 363 -51.20 -30.00 -9.14
CA THR B 363 -50.96 -28.65 -8.65
C THR B 363 -49.45 -28.46 -8.45
N PHE B 364 -48.89 -27.47 -9.14
CA PHE B 364 -47.50 -27.06 -8.98
C PHE B 364 -47.51 -25.62 -8.51
N LYS B 365 -47.51 -25.42 -7.20
CA LYS B 365 -47.56 -24.09 -6.59
C LYS B 365 -46.33 -23.93 -5.70
N CYS B 366 -45.35 -23.18 -6.18
CA CYS B 366 -44.11 -22.91 -5.45
C CYS B 366 -44.09 -21.45 -5.00
N TYR B 367 -43.76 -21.23 -3.74
CA TYR B 367 -43.79 -19.91 -3.14
C TYR B 367 -42.40 -19.55 -2.64
N GLY B 368 -41.89 -18.40 -3.09
CA GLY B 368 -40.55 -17.95 -2.76
C GLY B 368 -39.45 -18.55 -3.62
N VAL B 369 -39.74 -19.63 -4.36
CA VAL B 369 -38.77 -20.28 -5.23
C VAL B 369 -39.49 -20.62 -6.53
N SER B 370 -38.86 -20.33 -7.66
CA SER B 370 -39.42 -20.74 -8.94
C SER B 370 -39.28 -22.25 -9.11
N PRO B 371 -40.26 -22.91 -9.72
CA PRO B 371 -40.20 -24.38 -9.82
C PRO B 371 -39.18 -24.87 -10.84
N THR B 372 -38.72 -24.03 -11.76
CA THR B 372 -37.71 -24.42 -12.73
C THR B 372 -36.29 -24.27 -12.22
N LYS B 373 -36.10 -23.60 -11.08
CA LYS B 373 -34.78 -23.41 -10.49
C LYS B 373 -34.56 -24.27 -9.24
N LEU B 374 -35.50 -25.16 -8.93
CA LEU B 374 -35.31 -26.07 -7.80
C LEU B 374 -34.08 -26.94 -7.97
N ASN B 375 -33.77 -27.30 -9.22
CA ASN B 375 -32.62 -28.14 -9.53
C ASN B 375 -31.30 -27.39 -9.46
N ASP B 376 -31.33 -26.06 -9.32
CA ASP B 376 -30.12 -25.25 -9.23
C ASP B 376 -29.72 -24.92 -7.80
N LEU B 377 -30.69 -24.66 -6.92
CA LEU B 377 -30.40 -24.21 -5.58
C LEU B 377 -29.98 -25.37 -4.69
N CYS B 378 -29.26 -25.03 -3.62
CA CYS B 378 -28.81 -25.99 -2.62
C CYS B 378 -29.51 -25.68 -1.29
N PHE B 379 -30.14 -26.69 -0.70
CA PHE B 379 -30.93 -26.51 0.51
C PHE B 379 -30.32 -27.33 1.66
N THR B 380 -30.49 -26.81 2.87
CA THR B 380 -30.05 -27.52 4.06
C THR B 380 -30.87 -28.79 4.27
N ASN B 381 -32.19 -28.66 4.25
CA ASN B 381 -33.08 -29.79 4.49
C ASN B 381 -34.41 -29.53 3.80
N VAL B 382 -35.11 -30.60 3.47
CA VAL B 382 -36.43 -30.53 2.84
C VAL B 382 -37.36 -31.48 3.58
N TYR B 383 -38.56 -30.98 3.89
CA TYR B 383 -39.56 -31.75 4.62
C TYR B 383 -40.71 -32.08 3.70
N ALA B 384 -41.10 -33.35 3.65
CA ALA B 384 -42.14 -33.84 2.77
C ALA B 384 -43.35 -34.27 3.59
N ASP B 385 -44.53 -33.80 3.20
CA ASP B 385 -45.78 -34.09 3.89
C ASP B 385 -46.77 -34.63 2.88
N SER B 386 -47.05 -35.93 2.93
CA SER B 386 -47.74 -36.64 1.87
C SER B 386 -49.09 -37.18 2.37
N PHE B 387 -50.18 -36.68 1.78
CA PHE B 387 -51.52 -36.94 2.30
C PHE B 387 -52.54 -36.89 1.19
N VAL B 388 -53.73 -37.43 1.46
CA VAL B 388 -54.83 -37.47 0.51
C VAL B 388 -55.94 -36.57 1.01
N ILE B 389 -56.34 -35.60 0.17
CA ILE B 389 -57.31 -34.58 0.53
C ILE B 389 -58.30 -34.44 -0.62
N ARG B 390 -59.50 -33.94 -0.31
CA ARG B 390 -60.50 -33.70 -1.34
C ARG B 390 -60.01 -32.64 -2.33
N GLY B 391 -60.53 -32.72 -3.56
CA GLY B 391 -60.08 -31.82 -4.60
C GLY B 391 -60.41 -30.36 -4.33
N ASP B 392 -61.64 -30.09 -3.87
CA ASP B 392 -62.02 -28.71 -3.60
C ASP B 392 -61.23 -28.11 -2.45
N GLU B 393 -60.68 -28.94 -1.56
CA GLU B 393 -59.87 -28.48 -0.44
C GLU B 393 -58.39 -28.39 -0.79
N VAL B 394 -57.99 -28.75 -2.01
CA VAL B 394 -56.61 -28.57 -2.43
C VAL B 394 -56.25 -27.10 -2.48
N ARG B 395 -57.22 -26.26 -2.86
CA ARG B 395 -57.00 -24.81 -2.88
C ARG B 395 -56.63 -24.27 -1.51
N GLN B 396 -57.01 -24.96 -0.43
CA GLN B 396 -56.73 -24.48 0.92
C GLN B 396 -55.29 -24.69 1.36
N ILE B 397 -54.48 -25.39 0.57
CA ILE B 397 -53.09 -25.66 0.93
C ILE B 397 -52.24 -24.62 0.22
N ALA B 398 -52.07 -23.48 0.88
CA ALA B 398 -51.19 -22.41 0.44
C ALA B 398 -51.06 -21.40 1.57
N PRO B 399 -49.98 -20.61 1.59
CA PRO B 399 -49.80 -19.62 2.65
C PRO B 399 -50.94 -18.62 2.69
N GLY B 400 -51.33 -18.24 3.91
CA GLY B 400 -52.26 -17.15 4.11
C GLY B 400 -53.70 -17.42 3.74
N GLN B 401 -54.14 -18.68 3.75
CA GLN B 401 -55.50 -19.03 3.40
C GLN B 401 -56.26 -19.51 4.63
N THR B 402 -57.59 -19.50 4.49
CA THR B 402 -58.50 -19.94 5.55
C THR B 402 -59.32 -21.13 5.06
N GLY B 403 -60.00 -21.77 6.00
CA GLY B 403 -60.77 -22.97 5.71
C GLY B 403 -60.59 -24.01 6.78
N LYS B 404 -61.44 -25.04 6.78
CA LYS B 404 -61.37 -26.04 7.84
C LYS B 404 -60.01 -26.72 7.87
N ILE B 405 -59.47 -27.10 6.72
CA ILE B 405 -58.12 -27.64 6.68
C ILE B 405 -57.09 -26.56 6.95
N ALA B 406 -57.31 -25.36 6.41
CA ALA B 406 -56.32 -24.29 6.55
C ALA B 406 -56.21 -23.83 8.01
N ASP B 407 -57.33 -23.70 8.71
CA ASP B 407 -57.29 -23.23 10.09
C ASP B 407 -57.26 -24.39 11.09
N TYR B 408 -58.26 -25.28 11.03
CA TYR B 408 -58.41 -26.32 12.03
C TYR B 408 -57.48 -27.51 11.82
N ASN B 409 -56.79 -27.60 10.67
CA ASN B 409 -55.90 -28.73 10.42
C ASN B 409 -54.44 -28.32 10.38
N TYR B 410 -54.05 -27.40 9.48
CA TYR B 410 -52.63 -27.06 9.34
C TYR B 410 -52.53 -25.62 8.82
N LYS B 411 -52.25 -24.70 9.74
CA LYS B 411 -52.03 -23.31 9.38
C LYS B 411 -50.72 -23.18 8.62
N LEU B 412 -50.77 -22.54 7.46
CA LEU B 412 -49.59 -22.35 6.63
C LEU B 412 -49.11 -20.90 6.76
N PRO B 413 -47.89 -20.66 7.23
CA PRO B 413 -47.45 -19.29 7.46
C PRO B 413 -47.29 -18.52 6.17
N ASP B 414 -47.44 -17.19 6.28
CA ASP B 414 -47.44 -16.31 5.13
C ASP B 414 -46.07 -16.19 4.46
N ASP B 415 -45.01 -16.67 5.09
CA ASP B 415 -43.64 -16.51 4.60
C ASP B 415 -43.05 -17.83 4.11
N PHE B 416 -43.86 -18.64 3.42
CA PHE B 416 -43.43 -19.94 2.97
C PHE B 416 -42.33 -19.85 1.91
N THR B 417 -41.38 -20.78 1.98
CA THR B 417 -40.45 -21.05 0.90
C THR B 417 -40.56 -22.55 0.61
N GLY B 418 -41.34 -22.90 -0.40
CA GLY B 418 -41.61 -24.29 -0.68
C GLY B 418 -42.58 -24.44 -1.83
N CYS B 419 -42.93 -25.70 -2.10
CA CYS B 419 -43.80 -26.05 -3.21
C CYS B 419 -44.94 -26.94 -2.73
N VAL B 420 -46.13 -26.70 -3.26
CA VAL B 420 -47.31 -27.53 -2.99
C VAL B 420 -47.54 -28.41 -4.22
N ILE B 421 -47.59 -29.72 -4.02
CA ILE B 421 -47.67 -30.68 -5.10
C ILE B 421 -48.76 -31.69 -4.78
N ALA B 422 -49.66 -31.92 -5.74
CA ALA B 422 -50.78 -32.82 -5.52
C ALA B 422 -51.21 -33.44 -6.85
N TRP B 423 -51.91 -34.57 -6.75
CA TRP B 423 -52.43 -35.26 -7.93
C TRP B 423 -53.63 -36.10 -7.52
N ASN B 424 -54.43 -36.48 -8.51
CA ASN B 424 -55.65 -37.24 -8.26
C ASN B 424 -55.34 -38.70 -7.96
N SER B 425 -56.04 -39.23 -6.96
CA SER B 425 -55.91 -40.63 -6.53
C SER B 425 -57.26 -41.33 -6.54
N ASN B 426 -58.03 -41.11 -7.61
CA ASN B 426 -59.34 -41.74 -7.71
C ASN B 426 -59.21 -43.26 -7.82
N ASN B 427 -58.23 -43.73 -8.58
CA ASN B 427 -58.06 -45.15 -8.84
C ASN B 427 -57.18 -45.86 -7.81
N LEU B 428 -56.70 -45.15 -6.80
CA LEU B 428 -55.86 -45.74 -5.77
C LEU B 428 -56.41 -45.61 -4.36
N ASP B 429 -57.11 -44.53 -4.05
CA ASP B 429 -57.60 -44.28 -2.69
C ASP B 429 -59.07 -44.66 -2.51
N SER B 430 -59.87 -44.57 -3.55
CA SER B 430 -61.31 -44.80 -3.45
C SER B 430 -61.64 -46.28 -3.60
N LYS B 431 -62.66 -46.71 -2.86
CA LYS B 431 -63.22 -48.06 -2.97
C LYS B 431 -64.71 -47.97 -3.27
N VAL B 432 -65.27 -49.08 -3.74
CA VAL B 432 -66.68 -49.11 -4.12
C VAL B 432 -67.58 -48.81 -2.93
N GLY B 433 -67.27 -49.41 -1.78
CA GLY B 433 -68.06 -49.19 -0.58
C GLY B 433 -67.71 -47.93 0.20
N GLY B 434 -66.75 -47.14 -0.28
CA GLY B 434 -66.34 -45.95 0.41
C GLY B 434 -65.18 -46.18 1.35
N ASN B 435 -64.11 -45.40 1.19
CA ASN B 435 -62.92 -45.52 2.03
C ASN B 435 -63.00 -44.48 3.14
N TYR B 436 -63.27 -44.95 4.36
CA TYR B 436 -63.43 -44.08 5.51
C TYR B 436 -62.25 -44.16 6.46
N ASN B 437 -61.06 -44.49 5.94
CA ASN B 437 -59.86 -44.57 6.75
C ASN B 437 -59.18 -43.22 6.95
N TYR B 438 -59.65 -42.18 6.28
CA TYR B 438 -59.09 -40.83 6.42
C TYR B 438 -60.10 -39.98 7.18
N LEU B 439 -59.69 -39.43 8.31
CA LEU B 439 -60.58 -38.76 9.24
C LEU B 439 -60.27 -37.27 9.28
N TYR B 440 -61.33 -36.46 9.43
CA TYR B 440 -61.23 -35.01 9.40
C TYR B 440 -61.99 -34.42 10.58
N ARG B 441 -61.40 -33.41 11.22
CA ARG B 441 -62.07 -32.67 12.28
C ARG B 441 -62.73 -31.43 11.71
N LEU B 442 -63.92 -31.12 12.23
CA LEU B 442 -64.62 -29.89 11.88
C LEU B 442 -64.75 -28.92 13.05
N PHE B 443 -64.43 -29.35 14.27
CA PHE B 443 -64.55 -28.52 15.45
C PHE B 443 -63.24 -28.54 16.22
N ARG B 444 -62.76 -27.35 16.60
CA ARG B 444 -61.64 -27.22 17.53
C ARG B 444 -61.85 -25.98 18.38
N LYS B 445 -61.13 -25.92 19.50
CA LYS B 445 -61.25 -24.78 20.39
C LYS B 445 -60.66 -23.51 19.79
N SER B 446 -59.59 -23.64 19.01
CA SER B 446 -58.92 -22.47 18.45
C SER B 446 -58.21 -22.87 17.17
N ASN B 447 -57.85 -21.86 16.37
CA ASN B 447 -57.06 -22.09 15.17
C ASN B 447 -55.65 -22.51 15.55
N LEU B 448 -54.95 -23.08 14.58
CA LEU B 448 -53.68 -23.76 14.84
C LEU B 448 -52.49 -22.86 14.53
N LYS B 449 -51.38 -23.18 15.19
CA LYS B 449 -50.10 -22.55 14.94
C LYS B 449 -49.48 -23.14 13.67
N PRO B 450 -48.53 -22.45 13.05
CA PRO B 450 -47.91 -22.99 11.83
C PRO B 450 -47.18 -24.29 12.11
N PHE B 451 -47.39 -25.28 11.24
CA PHE B 451 -46.78 -26.61 11.34
C PHE B 451 -47.09 -27.28 12.68
N GLU B 452 -48.25 -26.97 13.27
CA GLU B 452 -48.65 -27.56 14.52
C GLU B 452 -49.49 -28.81 14.25
N ARG B 453 -49.15 -29.90 14.94
CA ARG B 453 -49.81 -31.19 14.76
C ARG B 453 -50.52 -31.57 16.05
N ASP B 454 -51.82 -31.80 15.97
CA ASP B 454 -52.61 -32.27 17.09
C ASP B 454 -53.29 -33.58 16.73
N ILE B 455 -53.07 -34.60 17.57
CA ILE B 455 -53.73 -35.90 17.40
C ILE B 455 -54.64 -36.19 18.58
N SER B 456 -55.06 -35.15 19.31
CA SER B 456 -55.96 -35.33 20.44
C SER B 456 -57.34 -35.76 19.96
N THR B 457 -57.92 -36.73 20.67
CA THR B 457 -59.24 -37.27 20.33
C THR B 457 -60.31 -36.83 21.33
N GLU B 458 -60.05 -35.78 22.10
CA GLU B 458 -61.00 -35.32 23.10
C GLU B 458 -62.29 -34.81 22.44
N ILE B 459 -63.42 -35.18 23.04
CA ILE B 459 -64.71 -34.73 22.53
C ILE B 459 -64.90 -33.26 22.84
N TYR B 460 -65.25 -32.47 21.82
CA TYR B 460 -65.38 -31.03 21.98
C TYR B 460 -66.75 -30.67 22.56
N GLN B 461 -66.77 -29.61 23.35
CA GLN B 461 -67.97 -29.15 24.05
C GLN B 461 -68.61 -28.05 23.22
N ALA B 462 -69.66 -28.40 22.47
CA ALA B 462 -70.37 -27.42 21.68
C ALA B 462 -71.27 -26.53 22.54
N GLY B 463 -71.80 -27.05 23.63
CA GLY B 463 -72.67 -26.33 24.53
C GLY B 463 -71.94 -25.81 25.75
N SER B 464 -72.69 -25.62 26.83
CA SER B 464 -72.13 -25.13 28.09
C SER B 464 -71.80 -26.24 29.06
N THR B 465 -72.46 -27.39 28.97
CA THR B 465 -72.18 -28.51 29.86
C THR B 465 -70.92 -29.25 29.40
N PRO B 466 -70.17 -29.82 30.34
CA PRO B 466 -68.98 -30.58 29.96
C PRO B 466 -69.33 -31.96 29.42
N CYS B 467 -68.49 -32.43 28.49
CA CYS B 467 -68.71 -33.73 27.87
C CYS B 467 -68.03 -34.86 28.63
N ASN B 468 -66.90 -34.60 29.26
CA ASN B 468 -66.16 -35.59 30.05
C ASN B 468 -65.81 -36.83 29.21
N GLY B 469 -65.47 -36.60 27.95
CA GLY B 469 -65.09 -37.69 27.07
C GLY B 469 -66.24 -38.54 26.57
N VAL B 470 -67.48 -38.09 26.73
CA VAL B 470 -68.65 -38.83 26.30
C VAL B 470 -69.50 -37.93 25.42
N GLU B 471 -69.93 -38.45 24.27
CA GLU B 471 -70.78 -37.69 23.36
C GLU B 471 -72.17 -37.52 23.96
N GLY B 472 -73.03 -36.84 23.22
CA GLY B 472 -74.40 -36.58 23.64
C GLY B 472 -74.88 -35.27 23.06
N PHE B 473 -75.70 -34.58 23.84
CA PHE B 473 -76.23 -33.28 23.42
C PHE B 473 -75.11 -32.24 23.45
N ASN B 474 -74.87 -31.62 22.30
CA ASN B 474 -73.80 -30.63 22.13
C ASN B 474 -72.43 -31.20 22.49
N CYS B 475 -72.23 -32.49 22.21
CA CYS B 475 -70.95 -33.15 22.40
C CYS B 475 -70.69 -34.01 21.17
N TYR B 476 -69.55 -33.79 20.52
CA TYR B 476 -69.25 -34.47 19.27
C TYR B 476 -67.82 -34.94 19.25
N PHE B 477 -67.61 -36.14 18.69
CA PHE B 477 -66.26 -36.63 18.46
C PHE B 477 -65.56 -35.74 17.43
N PRO B 478 -64.23 -35.64 17.49
CA PRO B 478 -63.56 -34.68 16.61
C PRO B 478 -63.57 -35.08 15.14
N LEU B 479 -63.27 -36.33 14.84
CA LEU B 479 -62.98 -36.76 13.47
C LEU B 479 -64.23 -37.34 12.81
N GLN B 480 -64.54 -36.85 11.61
CA GLN B 480 -65.54 -37.43 10.75
C GLN B 480 -64.86 -38.11 9.56
N SER B 481 -65.51 -39.16 9.06
CA SER B 481 -64.96 -39.94 7.96
C SER B 481 -65.36 -39.34 6.61
N TYR B 482 -64.63 -39.74 5.58
CA TYR B 482 -64.81 -39.21 4.23
C TYR B 482 -65.32 -40.30 3.30
N GLY B 483 -66.29 -39.94 2.45
CA GLY B 483 -66.86 -40.89 1.53
C GLY B 483 -66.12 -40.97 0.21
N PHE B 484 -64.89 -41.49 0.23
CA PHE B 484 -64.09 -41.62 -0.99
C PHE B 484 -64.64 -42.77 -1.82
N GLN B 485 -65.25 -42.44 -2.95
CA GLN B 485 -65.85 -43.42 -3.85
C GLN B 485 -65.42 -43.13 -5.28
N PRO B 486 -65.32 -44.16 -6.13
CA PRO B 486 -64.87 -43.93 -7.50
C PRO B 486 -65.90 -43.25 -8.39
N THR B 487 -67.16 -43.16 -7.95
CA THR B 487 -68.20 -42.46 -8.69
C THR B 487 -68.43 -41.04 -8.19
N ASN B 488 -67.66 -40.58 -7.22
CA ASN B 488 -67.87 -39.26 -6.64
C ASN B 488 -67.40 -38.17 -7.60
N GLY B 489 -67.85 -36.95 -7.30
CA GLY B 489 -67.35 -35.80 -8.03
C GLY B 489 -65.94 -35.41 -7.60
N VAL B 490 -65.27 -34.66 -8.48
CA VAL B 490 -63.87 -34.32 -8.23
C VAL B 490 -63.72 -33.48 -6.97
N GLY B 491 -64.70 -32.62 -6.69
CA GLY B 491 -64.70 -31.91 -5.43
C GLY B 491 -64.71 -32.83 -4.23
N TYR B 492 -65.23 -34.05 -4.38
CA TYR B 492 -65.21 -35.07 -3.35
C TYR B 492 -64.28 -36.23 -3.67
N GLN B 493 -63.63 -36.21 -4.84
CA GLN B 493 -62.65 -37.22 -5.17
C GLN B 493 -61.38 -37.02 -4.35
N PRO B 494 -60.66 -38.12 -4.05
CA PRO B 494 -59.45 -37.98 -3.24
C PRO B 494 -58.27 -37.47 -4.05
N TYR B 495 -57.44 -36.64 -3.40
CA TYR B 495 -56.28 -36.06 -4.05
C TYR B 495 -55.08 -36.18 -3.13
N ARG B 496 -54.07 -36.93 -3.57
CA ARG B 496 -52.86 -37.10 -2.80
C ARG B 496 -52.01 -35.84 -2.91
N VAL B 497 -51.61 -35.27 -1.77
CA VAL B 497 -50.93 -33.99 -1.71
C VAL B 497 -49.60 -34.17 -1.00
N VAL B 498 -48.54 -33.63 -1.59
CA VAL B 498 -47.21 -33.61 -0.97
C VAL B 498 -46.70 -32.18 -0.98
N VAL B 499 -46.33 -31.67 0.19
CA VAL B 499 -45.73 -30.34 0.32
C VAL B 499 -44.25 -30.52 0.60
N LEU B 500 -43.42 -29.69 -0.03
CA LEU B 500 -41.98 -29.76 0.10
C LEU B 500 -41.48 -28.41 0.61
N SER B 501 -41.19 -28.34 1.91
CA SER B 501 -40.71 -27.10 2.52
C SER B 501 -39.18 -27.10 2.45
N PHE B 502 -38.63 -26.13 1.71
CA PHE B 502 -37.19 -26.01 1.54
C PHE B 502 -36.63 -25.05 2.56
N GLU B 503 -35.62 -25.49 3.31
CA GLU B 503 -34.99 -24.68 4.35
C GLU B 503 -33.73 -24.05 3.77
N LEU B 504 -33.74 -22.74 3.63
CA LEU B 504 -32.60 -21.97 3.13
C LEU B 504 -32.06 -21.12 4.28
N LEU B 505 -31.05 -21.65 4.97
CA LEU B 505 -30.40 -20.97 6.07
C LEU B 505 -28.91 -20.88 5.80
N HIS B 506 -28.23 -20.04 6.60
CA HIS B 506 -26.77 -19.93 6.53
C HIS B 506 -26.18 -21.18 7.20
N ALA B 507 -26.28 -22.29 6.48
CA ALA B 507 -26.10 -23.61 7.05
C ALA B 507 -25.62 -24.55 5.95
N PRO B 508 -25.16 -25.75 6.30
CA PRO B 508 -24.73 -26.71 5.28
C PRO B 508 -25.86 -27.07 4.33
N ALA B 509 -25.50 -27.41 3.09
CA ALA B 509 -26.44 -27.86 2.08
C ALA B 509 -26.29 -29.36 1.91
N THR B 510 -27.25 -30.13 2.42
CA THR B 510 -27.22 -31.58 2.31
C THR B 510 -28.00 -32.10 1.12
N VAL B 511 -28.90 -31.30 0.55
CA VAL B 511 -29.69 -31.68 -0.60
C VAL B 511 -29.45 -30.64 -1.69
N CYS B 512 -28.91 -31.09 -2.83
CA CYS B 512 -28.57 -30.21 -3.92
C CYS B 512 -29.04 -30.80 -5.24
N GLY B 513 -28.95 -29.99 -6.30
CA GLY B 513 -29.48 -30.36 -7.59
C GLY B 513 -28.46 -30.91 -8.55
N PRO B 514 -28.69 -32.15 -9.00
CA PRO B 514 -27.86 -32.73 -10.07
C PRO B 514 -28.30 -32.28 -11.45
N LYS B 515 -28.98 -31.13 -11.52
CA LYS B 515 -29.83 -30.69 -12.62
C LYS B 515 -29.37 -31.17 -14.00
N LYS B 516 -28.12 -30.94 -14.34
CA LYS B 516 -27.59 -31.48 -15.59
C LYS B 516 -26.08 -31.68 -15.45
N SER B 517 -25.63 -32.90 -15.74
CA SER B 517 -24.21 -33.22 -15.79
C SER B 517 -23.79 -33.04 -17.25
N THR B 518 -23.31 -31.85 -17.57
CA THR B 518 -22.94 -31.53 -18.95
C THR B 518 -21.89 -32.52 -19.44
N ASN B 519 -22.08 -33.04 -20.65
CA ASN B 519 -21.18 -34.04 -21.19
C ASN B 519 -19.76 -33.48 -21.27
N LEU B 520 -18.79 -34.34 -20.96
CA LEU B 520 -17.40 -33.90 -20.88
C LEU B 520 -16.91 -33.37 -22.22
N VAL B 521 -16.33 -32.18 -22.20
CA VAL B 521 -15.71 -31.57 -23.38
C VAL B 521 -14.30 -31.18 -22.97
N LYS B 522 -13.34 -32.06 -23.22
CA LYS B 522 -11.96 -31.85 -22.79
C LYS B 522 -11.11 -31.30 -23.92
N ASN B 523 -9.89 -30.91 -23.57
CA ASN B 523 -8.87 -30.46 -24.51
C ASN B 523 -9.33 -29.23 -25.32
N LYS B 524 -10.09 -28.36 -24.65
CA LYS B 524 -10.47 -27.05 -25.17
C LYS B 524 -10.63 -26.14 -23.97
N CYS B 525 -9.94 -25.01 -23.95
CA CYS B 525 -9.91 -24.24 -22.71
C CYS B 525 -11.24 -23.51 -22.59
N VAL B 526 -11.91 -23.75 -21.46
CA VAL B 526 -13.29 -23.33 -21.27
C VAL B 526 -13.44 -22.79 -19.86
N ASN B 527 -14.53 -22.08 -19.63
CA ASN B 527 -14.91 -21.72 -18.27
C ASN B 527 -15.49 -22.95 -17.61
N PHE B 528 -14.96 -23.30 -16.44
CA PHE B 528 -15.38 -24.49 -15.72
C PHE B 528 -15.86 -24.12 -14.33
N ASN B 529 -16.80 -24.91 -13.82
CA ASN B 529 -17.31 -24.74 -12.46
C ASN B 529 -17.52 -26.13 -11.87
N PHE B 530 -16.55 -26.59 -11.08
CA PHE B 530 -16.54 -27.93 -10.50
C PHE B 530 -16.84 -27.80 -9.01
N ASN B 531 -18.06 -28.16 -8.62
CA ASN B 531 -18.47 -28.17 -7.21
C ASN B 531 -18.25 -26.82 -6.54
N GLY B 532 -18.47 -25.75 -7.29
CA GLY B 532 -18.37 -24.41 -6.78
C GLY B 532 -17.09 -23.68 -7.13
N LEU B 533 -16.03 -24.40 -7.54
CA LEU B 533 -14.79 -23.74 -7.93
C LEU B 533 -14.93 -23.24 -9.36
N THR B 534 -14.71 -21.94 -9.56
CA THR B 534 -14.89 -21.30 -10.84
C THR B 534 -13.53 -20.86 -11.38
N GLY B 535 -13.32 -21.09 -12.68
CA GLY B 535 -12.06 -20.71 -13.30
C GLY B 535 -12.13 -20.91 -14.80
N THR B 536 -11.02 -20.58 -15.45
CA THR B 536 -10.89 -20.73 -16.90
C THR B 536 -9.59 -21.47 -17.21
N GLY B 537 -9.68 -22.42 -18.14
CA GLY B 537 -8.52 -23.20 -18.52
C GLY B 537 -8.93 -24.41 -19.32
N VAL B 538 -7.93 -25.21 -19.67
CA VAL B 538 -8.14 -26.41 -20.46
C VAL B 538 -8.13 -27.62 -19.55
N LEU B 539 -8.78 -28.69 -19.98
CA LEU B 539 -8.87 -29.92 -19.22
C LEU B 539 -8.16 -31.04 -19.97
N THR B 540 -7.45 -31.88 -19.21
CA THR B 540 -6.74 -33.03 -19.77
C THR B 540 -6.86 -34.18 -18.78
N GLU B 541 -6.73 -35.40 -19.29
CA GLU B 541 -6.67 -36.56 -18.42
C GLU B 541 -5.36 -36.56 -17.64
N SER B 542 -5.42 -36.97 -16.38
CA SER B 542 -4.26 -37.04 -15.52
C SER B 542 -4.15 -38.40 -14.89
N ASN B 543 -2.91 -38.84 -14.66
CA ASN B 543 -2.63 -40.13 -14.05
C ASN B 543 -2.56 -40.06 -12.52
N LYS B 544 -2.81 -38.90 -11.94
CA LYS B 544 -2.78 -38.75 -10.49
C LYS B 544 -3.91 -39.55 -9.85
N LYS B 545 -3.71 -39.93 -8.59
CA LYS B 545 -4.67 -40.72 -7.82
C LYS B 545 -4.98 -39.97 -6.52
N PHE B 546 -6.02 -39.17 -6.54
CA PHE B 546 -6.47 -38.47 -5.34
C PHE B 546 -7.00 -39.48 -4.31
N LEU B 547 -6.86 -39.12 -3.04
CA LEU B 547 -7.58 -39.86 -2.01
C LEU B 547 -9.06 -39.57 -2.12
N PRO B 548 -9.92 -40.52 -1.75
CA PRO B 548 -11.36 -40.36 -2.02
C PRO B 548 -11.96 -39.10 -1.44
N PHE B 549 -11.54 -38.69 -0.24
CA PHE B 549 -12.07 -37.47 0.34
C PHE B 549 -11.56 -36.22 -0.39
N GLN B 550 -10.37 -36.31 -0.98
CA GLN B 550 -9.77 -35.13 -1.60
C GLN B 550 -10.44 -34.81 -2.93
N GLN B 551 -10.83 -33.55 -3.09
CA GLN B 551 -11.54 -33.09 -4.29
C GLN B 551 -10.71 -32.17 -5.17
N PHE B 552 -9.74 -31.45 -4.60
CA PHE B 552 -8.94 -30.49 -5.35
C PHE B 552 -7.46 -30.87 -5.28
N GLY B 553 -6.71 -30.40 -6.25
CA GLY B 553 -5.25 -30.52 -6.24
C GLY B 553 -4.64 -29.13 -6.25
N ARG B 554 -3.52 -28.98 -5.55
CA ARG B 554 -2.88 -27.69 -5.38
C ARG B 554 -1.43 -27.75 -5.84
N ASP B 555 -0.93 -26.61 -6.32
CA ASP B 555 0.42 -26.48 -6.81
C ASP B 555 1.36 -26.19 -5.65
N ILE B 556 2.64 -25.93 -5.96
CA ILE B 556 3.54 -25.39 -4.95
C ILE B 556 3.03 -24.04 -4.47
N ALA B 557 2.51 -23.24 -5.40
CA ALA B 557 1.79 -22.02 -5.09
C ALA B 557 0.33 -22.36 -4.79
N ASP B 558 -0.52 -21.34 -4.73
CA ASP B 558 -1.92 -21.53 -4.37
C ASP B 558 -2.80 -21.89 -5.55
N THR B 559 -2.27 -21.91 -6.77
CA THR B 559 -3.05 -22.29 -7.93
C THR B 559 -3.46 -23.76 -7.86
N THR B 560 -4.65 -24.06 -8.34
CA THR B 560 -5.16 -25.42 -8.37
C THR B 560 -4.81 -26.08 -9.70
N ASP B 561 -4.29 -27.30 -9.63
CA ASP B 561 -3.78 -28.01 -10.79
C ASP B 561 -4.65 -29.16 -11.26
N ALA B 562 -5.26 -29.91 -10.34
CA ALA B 562 -6.06 -31.06 -10.70
C ALA B 562 -7.38 -31.04 -9.93
N VAL B 563 -8.39 -31.68 -10.51
CA VAL B 563 -9.71 -31.77 -9.89
C VAL B 563 -10.34 -33.10 -10.28
N ARG B 564 -11.19 -33.62 -9.40
CA ARG B 564 -11.78 -34.94 -9.55
C ARG B 564 -13.15 -34.83 -10.20
N ASP B 565 -13.38 -35.62 -11.23
CA ASP B 565 -14.68 -35.64 -11.89
C ASP B 565 -15.63 -36.42 -10.98
N PRO B 566 -16.75 -35.85 -10.56
CA PRO B 566 -17.63 -36.56 -9.61
C PRO B 566 -18.19 -37.87 -10.14
N GLN B 567 -18.49 -37.96 -11.44
CA GLN B 567 -19.18 -39.14 -11.96
C GLN B 567 -18.20 -40.30 -12.18
N THR B 568 -17.26 -40.13 -13.11
CA THR B 568 -16.21 -41.11 -13.34
C THR B 568 -14.88 -40.46 -12.94
N LEU B 569 -14.21 -41.05 -11.95
CA LEU B 569 -13.21 -40.33 -11.17
C LEU B 569 -12.13 -39.75 -12.07
N GLU B 570 -11.29 -40.61 -12.65
CA GLU B 570 -10.42 -40.28 -13.80
C GLU B 570 -9.92 -38.84 -13.75
N ILE B 571 -9.19 -38.52 -12.68
CA ILE B 571 -8.92 -37.13 -12.29
C ILE B 571 -8.47 -36.30 -13.48
N LEU B 572 -9.06 -35.12 -13.62
CA LEU B 572 -8.71 -34.17 -14.68
C LEU B 572 -7.80 -33.10 -14.10
N ASP B 573 -6.68 -32.84 -14.76
CA ASP B 573 -5.77 -31.79 -14.34
C ASP B 573 -6.02 -30.52 -15.15
N ILE B 574 -5.84 -29.37 -14.50
CA ILE B 574 -6.21 -28.07 -15.03
C ILE B 574 -4.98 -27.38 -15.58
N THR B 575 -5.07 -26.87 -16.81
CA THR B 575 -3.94 -26.10 -17.40
C THR B 575 -4.52 -24.85 -18.07
N PRO B 576 -4.10 -23.62 -17.70
CA PRO B 576 -4.73 -22.39 -18.23
C PRO B 576 -4.60 -22.18 -19.74
N CYS B 577 -5.57 -21.48 -20.34
CA CYS B 577 -5.44 -21.13 -21.79
C CYS B 577 -4.08 -20.48 -21.96
N SER B 578 -3.30 -20.88 -22.96
CA SER B 578 -1.93 -20.32 -23.06
C SER B 578 -2.00 -18.83 -23.37
N PHE B 579 -1.50 -17.99 -22.45
CA PHE B 579 -1.42 -16.54 -22.76
C PHE B 579 -0.09 -16.31 -23.48
N GLY B 580 0.47 -15.10 -23.39
CA GLY B 580 1.78 -14.91 -23.99
C GLY B 580 2.18 -13.46 -24.18
N GLY B 581 2.74 -13.16 -25.35
CA GLY B 581 3.19 -11.81 -25.64
C GLY B 581 3.60 -11.67 -27.09
N VAL B 582 3.26 -10.54 -27.70
CA VAL B 582 3.47 -10.32 -29.13
C VAL B 582 4.54 -9.26 -29.29
N SER B 583 5.71 -9.66 -29.77
CA SER B 583 6.78 -8.74 -30.12
C SER B 583 6.85 -8.64 -31.64
N VAL B 584 6.95 -7.40 -32.13
CA VAL B 584 6.98 -7.13 -33.56
C VAL B 584 8.42 -6.89 -33.97
N ILE B 585 8.93 -7.74 -34.87
CA ILE B 585 10.30 -7.64 -35.36
C ILE B 585 10.28 -6.75 -36.60
N THR B 586 10.85 -5.57 -36.49
CA THR B 586 10.81 -4.61 -37.58
C THR B 586 12.18 -3.97 -37.78
N PRO B 587 12.51 -3.63 -39.01
CA PRO B 587 13.65 -2.72 -39.26
C PRO B 587 13.17 -1.28 -39.14
N GLY B 588 14.08 -0.35 -39.40
CA GLY B 588 13.72 1.06 -39.39
C GLY B 588 12.64 1.37 -40.41
N THR B 589 11.60 2.08 -39.99
CA THR B 589 10.52 2.44 -40.92
C THR B 589 11.01 3.30 -42.07
N ASN B 590 12.14 3.99 -41.90
CA ASN B 590 12.69 4.78 -42.99
C ASN B 590 13.28 3.91 -44.09
N THR B 591 13.46 2.61 -43.84
CA THR B 591 13.94 1.66 -44.83
C THR B 591 12.80 0.83 -45.41
N SER B 592 11.94 0.29 -44.55
CA SER B 592 10.78 -0.47 -45.01
C SER B 592 9.74 -0.54 -43.90
N ASN B 593 8.51 -0.84 -44.29
CA ASN B 593 7.40 -1.00 -43.36
C ASN B 593 7.04 -2.45 -43.11
N GLN B 594 7.80 -3.39 -43.63
CA GLN B 594 7.51 -4.81 -43.46
C GLN B 594 7.94 -5.27 -42.07
N VAL B 595 7.09 -6.09 -41.45
CA VAL B 595 7.30 -6.52 -40.07
C VAL B 595 7.10 -8.03 -39.97
N ALA B 596 7.65 -8.60 -38.91
CA ALA B 596 7.42 -9.99 -38.54
C ALA B 596 6.99 -10.04 -37.08
N VAL B 597 6.05 -10.93 -36.76
CA VAL B 597 5.46 -11.01 -35.43
C VAL B 597 5.98 -12.25 -34.73
N LEU B 598 6.35 -12.10 -33.46
CA LEU B 598 6.82 -13.20 -32.63
C LEU B 598 5.86 -13.36 -31.46
N TYR B 599 5.37 -14.59 -31.25
CA TYR B 599 4.46 -14.90 -30.16
C TYR B 599 5.24 -15.61 -29.06
N GLN B 600 5.48 -14.91 -27.95
CA GLN B 600 6.39 -15.40 -26.93
C GLN B 600 5.81 -16.59 -26.18
N GLY B 601 6.62 -17.63 -26.04
CA GLY B 601 6.31 -18.73 -25.14
C GLY B 601 5.02 -19.47 -25.43
N VAL B 602 4.71 -19.70 -26.71
CA VAL B 602 3.54 -20.46 -27.11
C VAL B 602 3.89 -21.28 -28.34
N ASN B 603 3.28 -22.45 -28.46
CA ASN B 603 3.39 -23.16 -29.73
C ASN B 603 2.41 -22.54 -30.73
N CYS B 604 2.66 -22.85 -32.00
CA CYS B 604 2.22 -22.06 -33.13
C CYS B 604 0.93 -22.60 -33.77
N THR B 605 0.23 -23.51 -33.10
CA THR B 605 -1.08 -23.94 -33.57
C THR B 605 -2.21 -23.11 -32.98
N GLU B 606 -2.05 -22.65 -31.74
CA GLU B 606 -3.05 -21.79 -31.13
C GLU B 606 -3.15 -20.45 -31.83
N VAL B 607 -2.04 -19.95 -32.37
CA VAL B 607 -2.01 -18.69 -33.08
C VAL B 607 -2.80 -18.79 -34.38
N ASN B 628 5.05 -19.62 -44.19
CA ASN B 628 6.17 -18.83 -43.69
C ASN B 628 6.13 -18.70 -42.17
N VAL B 629 6.11 -19.83 -41.48
CA VAL B 629 6.11 -19.88 -40.03
C VAL B 629 7.36 -20.63 -39.57
N PHE B 630 7.99 -20.12 -38.51
CA PHE B 630 9.20 -20.71 -37.95
C PHE B 630 9.01 -20.84 -36.44
N GLN B 631 9.05 -22.07 -35.95
CA GLN B 631 8.89 -22.34 -34.53
C GLN B 631 10.25 -22.29 -33.85
N THR B 632 10.40 -21.35 -32.92
CA THR B 632 11.62 -21.19 -32.13
C THR B 632 11.30 -21.44 -30.67
N ARG B 633 12.36 -21.57 -29.85
CA ARG B 633 12.14 -21.76 -28.43
C ARG B 633 11.58 -20.51 -27.77
N ALA B 634 11.73 -19.34 -28.40
CA ALA B 634 11.05 -18.15 -27.92
C ALA B 634 9.57 -18.18 -28.28
N GLY B 635 9.16 -19.03 -29.22
CA GLY B 635 7.79 -19.16 -29.66
C GLY B 635 7.72 -19.26 -31.16
N CYS B 636 6.50 -19.17 -31.69
CA CYS B 636 6.31 -19.17 -33.14
C CYS B 636 6.60 -17.79 -33.71
N LEU B 637 7.40 -17.76 -34.77
CA LEU B 637 7.69 -16.55 -35.52
C LEU B 637 6.97 -16.62 -36.85
N ILE B 638 6.21 -15.57 -37.16
CA ILE B 638 5.36 -15.52 -38.35
C ILE B 638 5.79 -14.32 -39.19
N GLY B 639 6.01 -14.56 -40.48
CA GLY B 639 6.30 -13.50 -41.43
C GLY B 639 7.75 -13.41 -41.85
N ALA B 640 8.67 -14.03 -41.11
CA ALA B 640 10.09 -14.01 -41.44
C ALA B 640 10.53 -15.39 -41.87
N GLU B 641 11.44 -15.44 -42.84
CA GLU B 641 11.86 -16.68 -43.46
C GLU B 641 13.01 -17.33 -42.70
N HIS B 642 13.00 -18.65 -42.64
CA HIS B 642 14.09 -19.41 -42.04
C HIS B 642 15.21 -19.57 -43.07
N VAL B 643 16.42 -19.21 -42.68
CA VAL B 643 17.60 -19.28 -43.55
C VAL B 643 18.64 -20.16 -42.88
N ASN B 644 19.20 -21.09 -43.65
CA ASN B 644 20.25 -21.97 -43.12
C ASN B 644 21.52 -21.20 -42.78
N ASN B 645 21.85 -20.18 -43.58
CA ASN B 645 23.10 -19.46 -43.39
C ASN B 645 23.08 -18.65 -42.09
N SER B 646 24.23 -18.61 -41.42
CA SER B 646 24.39 -17.86 -40.19
C SER B 646 24.99 -16.49 -40.48
N TYR B 647 24.63 -15.51 -39.67
CA TYR B 647 25.13 -14.15 -39.82
C TYR B 647 25.32 -13.53 -38.43
N GLU B 648 25.88 -12.33 -38.42
CA GLU B 648 25.98 -11.57 -37.18
C GLU B 648 24.59 -11.16 -36.71
N CYS B 649 24.38 -11.21 -35.39
CA CYS B 649 23.07 -10.88 -34.84
C CYS B 649 22.76 -9.41 -35.05
N ASP B 650 21.58 -9.12 -35.58
CA ASP B 650 21.12 -7.75 -35.78
C ASP B 650 19.95 -7.41 -34.87
N ILE B 651 18.87 -8.19 -34.92
CA ILE B 651 17.75 -8.06 -34.02
C ILE B 651 17.63 -9.36 -33.22
N PRO B 652 18.08 -9.37 -31.96
CA PRO B 652 18.01 -10.59 -31.17
C PRO B 652 16.57 -11.02 -30.92
N ILE B 653 16.36 -12.34 -30.89
CA ILE B 653 15.05 -12.94 -30.66
C ILE B 653 15.04 -13.79 -29.40
N GLY B 654 15.98 -14.72 -29.31
CA GLY B 654 16.08 -15.61 -28.16
C GLY B 654 16.46 -17.00 -28.60
N ALA B 655 17.15 -17.72 -27.69
CA ALA B 655 17.59 -19.10 -27.94
C ALA B 655 18.47 -19.19 -29.18
N GLY B 656 19.35 -18.20 -29.36
CA GLY B 656 20.31 -18.24 -30.44
C GLY B 656 19.79 -17.87 -31.80
N ILE B 657 18.57 -17.34 -31.89
CA ILE B 657 17.96 -16.94 -33.15
C ILE B 657 17.98 -15.42 -33.23
N CYS B 658 18.43 -14.90 -34.37
CA CYS B 658 18.40 -13.47 -34.63
C CYS B 658 17.80 -13.21 -36.00
N ALA B 659 17.13 -12.08 -36.14
CA ALA B 659 16.47 -11.70 -37.37
C ALA B 659 17.12 -10.45 -37.95
N SER B 660 17.03 -10.32 -39.28
CA SER B 660 17.60 -9.17 -39.95
C SER B 660 16.86 -8.95 -41.26
N TYR B 661 16.97 -7.73 -41.79
CA TYR B 661 16.38 -7.36 -43.06
C TYR B 661 17.48 -7.39 -44.12
N GLN B 662 17.42 -8.39 -45.00
CA GLN B 662 18.46 -8.67 -45.97
C GLN B 662 17.83 -8.98 -47.32
N THR B 663 18.53 -8.62 -48.38
CA THR B 663 18.11 -8.93 -49.74
C THR B 663 17.97 -10.42 -49.97
N SER B 676 12.80 -8.36 -53.52
CA SER B 676 14.07 -9.05 -53.33
C SER B 676 14.46 -9.08 -51.86
N GLN B 677 14.01 -8.07 -51.12
CA GLN B 677 14.35 -7.91 -49.71
C GLN B 677 13.21 -8.42 -48.84
N SER B 678 13.57 -9.06 -47.73
CA SER B 678 12.59 -9.63 -46.82
C SER B 678 13.23 -9.83 -45.45
N ILE B 679 12.38 -10.06 -44.45
CA ILE B 679 12.85 -10.37 -43.10
C ILE B 679 13.21 -11.84 -43.04
N ILE B 680 14.37 -12.15 -42.48
CA ILE B 680 14.87 -13.52 -42.39
C ILE B 680 15.20 -13.86 -40.95
N ALA B 681 15.16 -15.15 -40.64
CA ALA B 681 15.50 -15.67 -39.31
C ALA B 681 16.56 -16.74 -39.46
N TYR B 682 17.57 -16.69 -38.59
CA TYR B 682 18.70 -17.59 -38.68
C TYR B 682 19.32 -17.77 -37.30
N THR B 683 20.14 -18.81 -37.18
CA THR B 683 20.92 -19.03 -35.96
C THR B 683 22.14 -18.12 -36.00
N MET B 684 22.30 -17.27 -34.99
CA MET B 684 23.35 -16.27 -35.01
C MET B 684 24.72 -16.93 -34.96
N SER B 685 25.68 -16.32 -35.66
CA SER B 685 27.04 -16.85 -35.74
C SER B 685 27.90 -16.26 -34.64
N LEU B 686 28.73 -17.11 -34.04
CA LEU B 686 29.63 -16.68 -32.97
C LEU B 686 30.91 -16.04 -33.48
N GLY B 687 31.11 -15.99 -34.80
CA GLY B 687 32.32 -15.44 -35.37
C GLY B 687 32.96 -16.40 -36.34
N ALA B 688 33.83 -15.89 -37.21
CA ALA B 688 34.49 -16.73 -38.19
C ALA B 688 35.37 -17.76 -37.51
N GLU B 689 35.26 -19.02 -37.96
CA GLU B 689 36.06 -20.09 -37.38
C GLU B 689 37.51 -19.97 -37.81
N ASN B 690 38.41 -20.37 -36.92
CA ASN B 690 39.84 -20.32 -37.19
C ASN B 690 40.52 -21.45 -36.43
N SER B 691 41.76 -21.72 -36.82
CA SER B 691 42.58 -22.72 -36.16
C SER B 691 44.01 -22.23 -36.09
N VAL B 692 44.68 -22.53 -34.98
CA VAL B 692 46.08 -22.17 -34.79
C VAL B 692 46.95 -23.34 -35.22
N ALA B 693 48.00 -23.05 -35.98
CA ALA B 693 48.92 -24.08 -36.46
C ALA B 693 49.91 -24.42 -35.36
N TYR B 694 49.39 -25.05 -34.31
CA TYR B 694 50.20 -25.37 -33.15
C TYR B 694 51.10 -26.57 -33.42
N SER B 695 52.35 -26.46 -32.98
CA SER B 695 53.29 -27.57 -32.98
C SER B 695 54.38 -27.24 -31.96
N ASN B 696 55.17 -28.25 -31.62
CA ASN B 696 56.13 -28.09 -30.53
C ASN B 696 57.40 -27.35 -30.94
N ASN B 697 57.55 -26.99 -32.21
CA ASN B 697 58.75 -26.28 -32.64
C ASN B 697 58.45 -25.18 -33.64
N SER B 698 57.28 -24.54 -33.53
CA SER B 698 56.92 -23.46 -34.44
C SER B 698 56.45 -22.25 -33.64
N ILE B 699 56.88 -21.07 -34.08
CA ILE B 699 56.47 -19.81 -33.48
C ILE B 699 56.21 -18.81 -34.60
N ALA B 700 55.22 -17.94 -34.38
CA ALA B 700 54.88 -16.88 -35.32
C ALA B 700 55.20 -15.55 -34.68
N ILE B 701 56.02 -14.75 -35.34
CA ILE B 701 56.46 -13.45 -34.84
C ILE B 701 56.05 -12.38 -35.84
N PRO B 702 55.41 -11.30 -35.41
CA PRO B 702 55.06 -10.25 -36.35
C PRO B 702 56.29 -9.58 -36.93
N THR B 703 56.16 -9.14 -38.19
CA THR B 703 57.22 -8.40 -38.87
C THR B 703 56.85 -6.96 -39.18
N ASN B 704 55.56 -6.61 -39.11
CA ASN B 704 55.09 -5.26 -39.38
C ASN B 704 53.98 -4.95 -38.38
N PHE B 705 53.46 -3.73 -38.45
CA PHE B 705 52.50 -3.29 -37.45
C PHE B 705 51.71 -2.10 -37.98
N THR B 706 50.63 -1.78 -37.26
CA THR B 706 49.76 -0.66 -37.58
C THR B 706 49.44 0.10 -36.30
N ILE B 707 49.04 1.35 -36.47
CA ILE B 707 48.53 2.16 -35.37
C ILE B 707 47.01 2.15 -35.43
N SER B 708 46.36 1.79 -34.32
CA SER B 708 44.92 1.71 -34.25
C SER B 708 44.43 2.66 -33.16
N VAL B 709 43.43 3.47 -33.49
CA VAL B 709 42.81 4.39 -32.54
C VAL B 709 41.34 3.98 -32.39
N THR B 710 40.95 3.65 -31.17
CA THR B 710 39.60 3.21 -30.87
C THR B 710 38.92 4.23 -29.96
N THR B 711 37.60 4.32 -30.10
CA THR B 711 36.80 5.29 -29.35
C THR B 711 36.01 4.56 -28.27
N GLU B 712 36.13 5.01 -27.03
CA GLU B 712 35.39 4.47 -25.90
C GLU B 712 34.62 5.61 -25.24
N ILE B 713 33.32 5.39 -25.02
CA ILE B 713 32.41 6.42 -24.58
C ILE B 713 31.77 5.98 -23.27
N LEU B 714 31.80 6.85 -22.26
CA LEU B 714 31.26 6.55 -20.95
C LEU B 714 30.44 7.74 -20.44
N PRO B 715 29.20 7.53 -20.01
CA PRO B 715 28.47 8.61 -19.34
C PRO B 715 29.10 8.92 -17.99
N VAL B 716 28.96 10.19 -17.59
CA VAL B 716 29.58 10.70 -16.38
C VAL B 716 28.55 11.25 -15.40
N SER B 717 27.66 12.11 -15.88
CA SER B 717 26.71 12.79 -15.01
C SER B 717 25.32 12.77 -15.62
N MET B 718 24.32 12.83 -14.75
CA MET B 718 22.92 12.89 -15.12
C MET B 718 22.42 14.33 -14.99
N THR B 719 21.31 14.63 -15.67
CA THR B 719 20.70 15.95 -15.56
C THR B 719 20.26 16.21 -14.13
N LYS B 720 20.63 17.38 -13.60
CA LYS B 720 20.35 17.74 -12.21
C LYS B 720 18.90 18.19 -12.10
N THR B 721 18.00 17.21 -12.03
CA THR B 721 16.57 17.47 -11.94
C THR B 721 16.15 17.52 -10.47
N SER B 722 15.46 18.59 -10.09
CA SER B 722 14.91 18.76 -8.76
C SER B 722 13.41 18.96 -8.86
N VAL B 723 12.66 18.25 -8.02
CA VAL B 723 11.21 18.26 -8.05
C VAL B 723 10.70 18.71 -6.69
N ASP B 724 9.77 19.66 -6.68
CA ASP B 724 9.16 20.17 -5.47
C ASP B 724 8.03 19.23 -5.05
N CYS B 725 8.05 18.78 -3.80
CA CYS B 725 7.06 17.80 -3.36
C CYS B 725 5.67 18.41 -3.28
N THR B 726 5.56 19.57 -2.61
CA THR B 726 4.24 20.15 -2.36
C THR B 726 3.61 20.70 -3.63
N MET B 727 4.41 21.36 -4.47
CA MET B 727 3.86 21.96 -5.69
C MET B 727 3.34 20.89 -6.64
N TYR B 728 4.02 19.76 -6.74
CA TYR B 728 3.58 18.69 -7.64
C TYR B 728 2.23 18.13 -7.21
N ILE B 729 2.06 17.93 -5.91
CA ILE B 729 0.87 17.22 -5.42
C ILE B 729 -0.29 18.18 -5.15
N CYS B 730 -0.02 19.31 -4.52
CA CYS B 730 -1.05 20.25 -4.08
C CYS B 730 -0.75 21.65 -4.62
N GLY B 731 -0.48 21.73 -5.91
CA GLY B 731 -0.12 23.01 -6.51
C GLY B 731 -1.15 24.09 -6.34
N ASP B 732 -0.76 25.18 -5.69
CA ASP B 732 -1.61 26.36 -5.50
C ASP B 732 -2.94 25.99 -4.85
N SER B 733 -2.87 25.14 -3.83
CA SER B 733 -4.06 24.72 -3.08
C SER B 733 -3.68 24.61 -1.62
N THR B 734 -4.27 25.45 -0.78
CA THR B 734 -4.01 25.39 0.65
C THR B 734 -4.70 24.21 1.31
N GLU B 735 -5.89 23.83 0.83
CA GLU B 735 -6.61 22.71 1.42
C GLU B 735 -5.87 21.39 1.20
N CYS B 736 -5.34 21.18 -0.01
CA CYS B 736 -4.55 19.98 -0.27
C CYS B 736 -3.27 19.96 0.55
N SER B 737 -2.64 21.13 0.73
CA SER B 737 -1.39 21.19 1.48
C SER B 737 -1.59 20.75 2.92
N ASN B 738 -2.69 21.15 3.54
CA ASN B 738 -2.97 20.73 4.92
C ASN B 738 -3.13 19.22 5.01
N LEU B 739 -3.81 18.62 4.05
CA LEU B 739 -3.97 17.16 4.04
C LEU B 739 -2.63 16.47 3.80
N LEU B 740 -1.76 17.06 2.98
CA LEU B 740 -0.46 16.46 2.71
C LEU B 740 0.39 16.44 3.97
N LEU B 741 0.21 17.41 4.87
CA LEU B 741 0.99 17.46 6.10
C LEU B 741 0.70 16.28 7.01
N GLN B 742 -0.46 15.64 6.86
CA GLN B 742 -0.81 14.49 7.69
C GLN B 742 0.07 13.27 7.43
N TYR B 743 0.82 13.26 6.33
CA TYR B 743 1.70 12.16 6.02
C TYR B 743 3.10 12.34 6.59
N GLY B 744 3.34 13.42 7.33
CA GLY B 744 4.62 13.61 7.97
C GLY B 744 5.69 14.12 7.03
N SER B 745 6.86 13.49 7.08
CA SER B 745 8.02 13.92 6.29
C SER B 745 8.08 13.25 4.92
N PHE B 746 6.98 12.67 4.43
CA PHE B 746 7.07 11.83 3.24
C PHE B 746 7.64 12.57 2.04
N CYS B 747 7.21 13.82 1.81
CA CYS B 747 7.75 14.50 0.64
C CYS B 747 9.02 15.26 0.97
N THR B 748 9.28 15.52 2.25
CA THR B 748 10.58 16.08 2.64
C THR B 748 11.71 15.10 2.32
N GLN B 749 11.48 13.81 2.60
CA GLN B 749 12.46 12.80 2.21
C GLN B 749 12.63 12.75 0.70
N LEU B 750 11.53 12.91 -0.04
CA LEU B 750 11.62 12.91 -1.50
C LEU B 750 12.46 14.08 -1.99
N ASN B 751 12.30 15.26 -1.40
CA ASN B 751 13.14 16.39 -1.76
C ASN B 751 14.60 16.15 -1.39
N ARG B 752 14.84 15.57 -0.21
CA ARG B 752 16.21 15.33 0.23
C ARG B 752 16.90 14.30 -0.67
N ALA B 753 16.19 13.24 -1.05
CA ALA B 753 16.78 12.22 -1.90
C ALA B 753 17.18 12.79 -3.26
N LEU B 754 16.32 13.64 -3.83
CA LEU B 754 16.64 14.25 -5.11
C LEU B 754 17.77 15.26 -4.98
N THR B 755 17.87 15.95 -3.84
CA THR B 755 18.98 16.86 -3.62
C THR B 755 20.31 16.10 -3.56
N GLY B 756 20.32 14.95 -2.88
CA GLY B 756 21.54 14.16 -2.82
C GLY B 756 22.00 13.69 -4.19
N ILE B 757 21.05 13.39 -5.08
CA ILE B 757 21.40 13.01 -6.45
C ILE B 757 22.04 14.18 -7.17
N ALA B 758 21.48 15.39 -7.02
CA ALA B 758 22.00 16.55 -7.75
C ALA B 758 23.43 16.87 -7.33
N VAL B 759 23.73 16.81 -6.04
CA VAL B 759 25.08 17.07 -5.57
C VAL B 759 26.04 16.00 -6.09
N GLU B 760 25.61 14.74 -6.10
CA GLU B 760 26.46 13.67 -6.57
C GLU B 760 26.82 13.85 -8.04
N GLN B 761 25.92 14.42 -8.85
CA GLN B 761 26.22 14.64 -10.25
C GLN B 761 27.37 15.62 -10.42
N ASP B 762 27.41 16.68 -9.61
CA ASP B 762 28.53 17.61 -9.66
C ASP B 762 29.82 16.96 -9.18
N LYS B 763 29.73 16.06 -8.19
CA LYS B 763 30.92 15.34 -7.75
C LYS B 763 31.43 14.37 -8.81
N ASN B 764 30.53 13.82 -9.63
CA ASN B 764 30.96 12.90 -10.67
C ASN B 764 31.86 13.60 -11.68
N THR B 765 31.51 14.83 -12.08
CA THR B 765 32.33 15.55 -13.04
C THR B 765 33.66 15.98 -12.44
N GLN B 766 33.68 16.31 -11.15
CA GLN B 766 34.90 16.77 -10.52
C GLN B 766 35.96 15.67 -10.49
N GLU B 767 35.57 14.44 -10.16
CA GLU B 767 36.53 13.35 -10.10
C GLU B 767 37.03 12.96 -11.49
N VAL B 768 36.15 12.98 -12.49
CA VAL B 768 36.53 12.51 -13.81
C VAL B 768 37.50 13.48 -14.47
N PHE B 769 37.17 14.77 -14.47
CA PHE B 769 37.92 15.75 -15.25
C PHE B 769 38.98 16.50 -14.46
N ALA B 770 38.71 16.88 -13.22
CA ALA B 770 39.64 17.70 -12.44
C ALA B 770 40.68 16.81 -11.74
N GLN B 771 41.39 16.03 -12.56
CA GLN B 771 42.47 15.18 -12.07
C GLN B 771 43.84 15.86 -12.15
N VAL B 772 43.89 17.09 -12.66
CA VAL B 772 45.15 17.83 -12.78
C VAL B 772 44.98 19.17 -12.06
N LYS B 773 45.97 19.51 -11.25
CA LYS B 773 45.87 20.72 -10.43
C LYS B 773 46.12 21.99 -11.23
N GLN B 774 47.03 21.93 -12.20
CA GLN B 774 47.47 23.10 -12.95
C GLN B 774 47.05 22.97 -14.41
N ILE B 775 46.67 24.10 -15.01
CA ILE B 775 46.21 24.11 -16.39
C ILE B 775 47.42 24.30 -17.30
N TYR B 776 47.75 23.24 -18.06
CA TYR B 776 48.85 23.27 -19.01
C TYR B 776 48.33 23.66 -20.39
N LYS B 777 49.22 24.26 -21.19
CA LYS B 777 48.89 24.63 -22.55
C LYS B 777 50.02 24.22 -23.49
N THR B 778 49.65 23.84 -24.70
CA THR B 778 50.64 23.49 -25.71
C THR B 778 51.31 24.75 -26.25
N PRO B 779 52.60 24.68 -26.58
CA PRO B 779 53.28 25.85 -27.13
C PRO B 779 52.83 26.11 -28.55
N PRO B 780 53.10 27.31 -29.08
CA PRO B 780 52.76 27.58 -30.49
C PRO B 780 53.51 26.68 -31.47
N ILE B 781 54.63 26.10 -31.06
CA ILE B 781 55.35 25.15 -31.90
C ILE B 781 54.59 23.82 -31.91
N LYS B 782 54.26 23.35 -33.11
CA LYS B 782 53.55 22.09 -33.27
C LYS B 782 54.45 20.98 -33.81
N ASP B 783 55.77 21.12 -33.66
CA ASP B 783 56.72 20.12 -34.13
C ASP B 783 56.79 18.99 -33.10
N PHE B 784 55.91 18.01 -33.27
CA PHE B 784 55.87 16.83 -32.41
C PHE B 784 56.41 15.61 -33.14
N GLY B 785 57.42 15.82 -33.98
CA GLY B 785 58.02 14.72 -34.70
C GLY B 785 57.19 14.18 -35.85
N GLY B 786 56.27 14.98 -36.37
CA GLY B 786 55.37 14.55 -37.42
C GLY B 786 54.00 14.13 -36.94
N PHE B 787 53.82 13.94 -35.63
CA PHE B 787 52.52 13.60 -35.09
C PHE B 787 51.62 14.82 -35.08
N ASN B 788 50.40 14.65 -35.57
CA ASN B 788 49.47 15.76 -35.81
C ASN B 788 48.32 15.67 -34.82
N PHE B 789 48.27 16.61 -33.88
CA PHE B 789 47.23 16.66 -32.85
C PHE B 789 46.25 17.80 -33.05
N SER B 790 46.26 18.44 -34.22
CA SER B 790 45.39 19.59 -34.44
C SER B 790 43.91 19.21 -34.42
N GLN B 791 43.58 17.94 -34.65
CA GLN B 791 42.19 17.50 -34.65
C GLN B 791 41.69 17.13 -33.26
N ILE B 792 42.57 17.08 -32.26
CA ILE B 792 42.17 16.89 -30.88
C ILE B 792 42.53 18.06 -29.98
N LEU B 793 43.43 18.94 -30.41
CA LEU B 793 43.76 20.13 -29.63
C LEU B 793 42.69 21.20 -29.84
N PRO B 794 42.52 22.18 -28.91
CA PRO B 794 41.57 23.27 -29.13
C PRO B 794 41.81 24.00 -30.45
N ASP B 795 40.73 24.45 -31.10
CA ASP B 795 40.87 25.24 -32.37
C ASP B 795 40.54 26.70 -32.06
N PRO B 796 41.51 27.62 -32.16
CA PRO B 796 41.27 29.03 -31.82
C PRO B 796 40.25 29.69 -32.76
N SER B 797 40.13 29.17 -33.98
CA SER B 797 39.21 29.78 -34.98
C SER B 797 37.76 29.38 -34.69
N LYS B 798 37.27 29.67 -33.49
CA LYS B 798 35.87 29.35 -33.12
C LYS B 798 35.48 30.15 -31.88
N PRO B 799 34.21 30.59 -31.73
CA PRO B 799 33.77 31.28 -30.52
C PRO B 799 34.00 30.38 -29.30
N SER B 800 33.53 29.13 -29.37
CA SER B 800 33.77 28.17 -28.27
C SER B 800 35.00 27.34 -28.61
N LYS B 801 36.10 27.54 -27.90
CA LYS B 801 37.36 26.83 -28.25
C LYS B 801 37.17 25.33 -27.99
N ARG B 802 36.77 24.57 -29.01
CA ARG B 802 36.62 23.11 -28.86
C ARG B 802 37.30 22.44 -30.03
N SER B 803 38.02 21.32 -29.79
CA SER B 803 38.62 20.62 -30.92
C SER B 803 37.54 20.19 -31.91
N PRO B 804 37.91 19.96 -33.17
CA PRO B 804 36.91 19.51 -34.15
C PRO B 804 36.20 18.22 -33.74
N ILE B 805 36.90 17.29 -33.10
CA ILE B 805 36.26 16.06 -32.66
C ILE B 805 35.29 16.34 -31.52
N GLU B 806 35.65 17.24 -30.61
CA GLU B 806 34.73 17.58 -29.52
C GLU B 806 33.46 18.23 -30.05
N ASP B 807 33.57 19.04 -31.10
CA ASP B 807 32.38 19.62 -31.72
C ASP B 807 31.49 18.54 -32.33
N LEU B 808 32.10 17.53 -32.95
CA LEU B 808 31.33 16.42 -33.50
C LEU B 808 30.58 15.68 -32.40
N LEU B 809 31.24 15.45 -31.26
CA LEU B 809 30.58 14.77 -30.16
C LEU B 809 29.37 15.55 -29.66
N PHE B 810 29.48 16.87 -29.61
CA PHE B 810 28.41 17.69 -29.06
C PHE B 810 27.21 17.76 -30.01
N ASN B 811 27.46 17.79 -31.31
CA ASN B 811 26.39 17.98 -32.28
C ASN B 811 25.60 16.71 -32.56
N LYS B 812 26.02 15.56 -32.05
CA LYS B 812 25.34 14.30 -32.30
C LYS B 812 24.56 13.80 -31.08
N VAL B 813 24.44 14.62 -30.03
CA VAL B 813 23.70 14.26 -28.83
C VAL B 813 22.58 15.27 -28.62
N THR B 814 21.35 14.77 -28.49
CA THR B 814 20.20 15.63 -28.29
C THR B 814 19.92 15.86 -26.81
N LYS B 841 6.87 20.89 -16.91
CA LYS B 841 7.69 22.09 -17.05
C LYS B 841 7.28 23.13 -16.02
N PHE B 842 6.01 23.12 -15.65
CA PHE B 842 5.46 24.11 -14.72
C PHE B 842 4.79 23.48 -13.51
N ASN B 843 5.13 22.22 -13.20
CA ASN B 843 4.45 21.53 -12.10
C ASN B 843 5.44 21.12 -11.01
N GLY B 844 6.31 22.04 -10.63
CA GLY B 844 7.25 21.79 -9.55
C GLY B 844 8.54 21.10 -9.95
N LEU B 845 8.75 20.81 -11.23
CA LEU B 845 9.96 20.16 -11.69
C LEU B 845 10.87 21.19 -12.34
N THR B 846 12.13 21.24 -11.89
CA THR B 846 13.10 22.20 -12.38
C THR B 846 14.41 21.48 -12.67
N VAL B 847 15.23 22.12 -13.51
CA VAL B 847 16.55 21.60 -13.89
C VAL B 847 17.59 22.57 -13.38
N LEU B 848 18.54 22.05 -12.58
CA LEU B 848 19.61 22.89 -12.06
C LEU B 848 20.84 22.81 -12.97
N PRO B 849 21.50 23.95 -13.22
CA PRO B 849 22.67 23.93 -14.09
C PRO B 849 23.85 23.26 -13.39
N PRO B 850 24.71 22.58 -14.14
CA PRO B 850 25.87 21.95 -13.52
C PRO B 850 26.88 22.99 -13.04
N LEU B 851 27.67 22.59 -12.03
CA LEU B 851 28.71 23.48 -11.51
C LEU B 851 29.75 23.80 -12.59
N LEU B 852 30.20 22.79 -13.32
CA LEU B 852 31.21 22.96 -14.35
C LEU B 852 30.51 23.04 -15.71
N THR B 853 30.63 24.20 -16.36
CA THR B 853 30.03 24.39 -17.67
C THR B 853 30.86 23.67 -18.73
N ASP B 854 30.33 23.63 -19.95
CA ASP B 854 31.00 22.91 -21.02
C ASP B 854 32.32 23.57 -21.40
N GLU B 855 32.40 24.90 -21.27
CA GLU B 855 33.66 25.60 -21.55
C GLU B 855 34.73 25.20 -20.53
N MET B 856 34.38 25.11 -19.25
CA MET B 856 35.37 24.77 -18.24
C MET B 856 35.78 23.31 -18.33
N ILE B 857 34.84 22.42 -18.65
CA ILE B 857 35.20 21.02 -18.87
C ILE B 857 36.13 20.91 -20.08
N ALA B 858 35.91 21.74 -21.10
CA ALA B 858 36.81 21.76 -22.24
C ALA B 858 38.22 22.18 -21.84
N GLN B 859 38.32 23.18 -20.95
CA GLN B 859 39.65 23.61 -20.48
C GLN B 859 40.34 22.49 -19.70
N TYR B 860 39.58 21.75 -18.90
CA TYR B 860 40.16 20.64 -18.14
C TYR B 860 40.71 19.57 -19.07
N THR B 861 39.99 19.25 -20.15
CA THR B 861 40.50 18.27 -21.10
C THR B 861 41.70 18.81 -21.87
N SER B 862 41.72 20.13 -22.14
CA SER B 862 42.86 20.72 -22.82
C SER B 862 44.11 20.66 -21.96
N ALA B 863 43.98 20.90 -20.66
CA ALA B 863 45.12 20.80 -19.76
C ALA B 863 45.65 19.37 -19.70
N LEU B 864 44.75 18.40 -19.62
CA LEU B 864 45.17 16.99 -19.66
C LEU B 864 45.79 16.64 -21.00
N LEU B 865 45.24 17.19 -22.09
CA LEU B 865 45.80 16.93 -23.42
C LEU B 865 47.20 17.52 -23.56
N ALA B 866 47.40 18.76 -23.07
CA ALA B 866 48.69 19.40 -23.19
C ALA B 866 49.74 18.69 -22.33
N GLY B 867 49.36 18.26 -21.14
CA GLY B 867 50.31 17.57 -20.27
C GLY B 867 50.75 16.23 -20.84
N THR B 868 49.82 15.48 -21.42
CA THR B 868 50.17 14.18 -22.00
C THR B 868 51.13 14.35 -23.17
N ILE B 869 50.89 15.33 -24.03
CA ILE B 869 51.69 15.48 -25.24
C ILE B 869 53.10 15.95 -24.91
N THR B 870 53.23 16.93 -24.00
CA THR B 870 54.51 17.58 -23.76
C THR B 870 55.28 17.01 -22.58
N SER B 871 54.65 16.21 -21.72
CA SER B 871 55.32 15.72 -20.52
C SER B 871 55.11 14.24 -20.25
N GLY B 872 54.35 13.53 -21.09
CA GLY B 872 54.12 12.12 -20.83
C GLY B 872 53.29 11.91 -19.59
N TRP B 873 53.75 11.03 -18.72
CA TRP B 873 53.06 10.71 -17.48
C TRP B 873 53.60 11.47 -16.28
N THR B 874 54.58 12.37 -16.48
CA THR B 874 55.19 13.04 -15.36
C THR B 874 54.28 14.07 -14.73
N PHE B 875 53.39 14.69 -15.52
CA PHE B 875 52.52 15.72 -14.97
C PHE B 875 51.48 15.15 -14.02
N GLY B 876 51.25 13.84 -14.04
CA GLY B 876 50.33 13.21 -13.13
C GLY B 876 50.98 12.77 -11.84
N ALA B 877 52.15 12.15 -11.95
CA ALA B 877 52.86 11.68 -10.76
C ALA B 877 53.52 12.83 -9.99
N GLY B 878 53.77 13.96 -10.65
CA GLY B 878 54.41 15.07 -10.00
C GLY B 878 54.44 16.31 -10.88
N PRO B 879 55.58 16.99 -10.92
CA PRO B 879 55.70 18.17 -11.78
C PRO B 879 55.80 17.77 -13.25
N ALA B 880 55.48 18.73 -14.11
CA ALA B 880 55.49 18.50 -15.56
C ALA B 880 56.91 18.66 -16.07
N LEU B 881 57.53 17.54 -16.47
CA LEU B 881 58.87 17.53 -17.03
C LEU B 881 58.76 17.39 -18.55
N GLN B 882 59.28 18.39 -19.26
CA GLN B 882 59.18 18.37 -20.71
C GLN B 882 60.05 17.27 -21.31
N ILE B 883 59.61 16.74 -22.45
CA ILE B 883 60.32 15.70 -23.18
C ILE B 883 59.89 15.76 -24.64
N PRO B 884 60.79 15.60 -25.60
CA PRO B 884 60.37 15.54 -27.00
C PRO B 884 59.39 14.41 -27.22
N PHE B 885 58.36 14.67 -28.04
CA PHE B 885 57.34 13.66 -28.25
C PHE B 885 57.86 12.38 -28.90
N PRO B 886 58.73 12.44 -29.93
CA PRO B 886 59.32 11.17 -30.42
C PRO B 886 60.01 10.38 -29.32
N MET B 887 60.73 11.05 -28.41
CA MET B 887 61.34 10.36 -27.29
C MET B 887 60.28 9.81 -26.33
N GLN B 888 59.17 10.53 -26.18
CA GLN B 888 58.08 10.02 -25.36
C GLN B 888 57.52 8.72 -25.96
N MET B 889 57.42 8.65 -27.29
CA MET B 889 57.00 7.42 -27.94
C MET B 889 57.95 6.27 -27.63
N ALA B 890 59.25 6.55 -27.59
CA ALA B 890 60.22 5.48 -27.31
C ALA B 890 59.99 4.89 -25.92
N TYR B 891 59.68 5.73 -24.94
CA TYR B 891 59.33 5.21 -23.62
C TYR B 891 58.07 4.36 -23.67
N ARG B 892 57.07 4.81 -24.42
CA ARG B 892 55.86 4.00 -24.60
C ARG B 892 56.15 2.72 -25.34
N PHE B 893 57.14 2.73 -26.24
CA PHE B 893 57.53 1.53 -26.95
C PHE B 893 58.10 0.48 -26.01
N ASN B 894 58.93 0.91 -25.05
CA ASN B 894 59.57 -0.04 -24.15
C ASN B 894 58.59 -0.62 -23.14
N GLY B 895 57.51 0.11 -22.82
CA GLY B 895 56.56 -0.37 -21.85
C GLY B 895 55.76 -1.57 -22.32
N ILE B 896 55.79 -1.86 -23.61
CA ILE B 896 55.06 -2.98 -24.19
C ILE B 896 55.99 -4.06 -24.73
N GLY B 897 57.29 -3.94 -24.49
CA GLY B 897 58.22 -4.97 -24.87
C GLY B 897 58.85 -4.85 -26.24
N VAL B 898 58.75 -3.67 -26.87
CA VAL B 898 59.36 -3.42 -28.17
C VAL B 898 60.49 -2.43 -27.99
N THR B 899 61.63 -2.73 -28.60
CA THR B 899 62.83 -1.92 -28.41
C THR B 899 62.64 -0.52 -28.98
N GLN B 900 63.43 0.42 -28.46
CA GLN B 900 63.29 1.82 -28.86
C GLN B 900 63.62 2.01 -30.33
N ASN B 901 64.63 1.30 -30.83
CA ASN B 901 65.12 1.52 -32.19
C ASN B 901 64.05 1.26 -33.25
N VAL B 902 63.03 0.46 -32.94
CA VAL B 902 61.95 0.21 -33.88
C VAL B 902 61.22 1.51 -34.20
N LEU B 903 60.97 2.33 -33.18
CA LEU B 903 60.27 3.59 -33.41
C LEU B 903 61.10 4.53 -34.28
N TYR B 904 62.37 4.72 -33.94
CA TYR B 904 63.17 5.72 -34.64
C TYR B 904 63.44 5.34 -36.08
N GLU B 905 63.60 4.04 -36.36
CA GLU B 905 63.77 3.60 -37.74
C GLU B 905 62.47 3.69 -38.53
N ASN B 906 61.32 3.70 -37.86
CA ASN B 906 60.01 3.76 -38.51
C ASN B 906 59.21 4.96 -38.03
N GLN B 907 59.89 6.07 -37.73
CA GLN B 907 59.20 7.24 -37.19
C GLN B 907 58.22 7.81 -38.19
N LYS B 908 58.61 7.88 -39.47
CA LYS B 908 57.72 8.43 -40.49
C LYS B 908 56.49 7.54 -40.68
N LEU B 909 56.67 6.22 -40.66
CA LEU B 909 55.54 5.32 -40.85
C LEU B 909 54.57 5.39 -39.67
N ILE B 910 55.10 5.42 -38.45
CA ILE B 910 54.26 5.49 -37.27
C ILE B 910 53.48 6.80 -37.24
N ALA B 911 54.16 7.91 -37.56
CA ALA B 911 53.48 9.20 -37.57
C ALA B 911 52.37 9.25 -38.62
N ASN B 912 52.63 8.72 -39.82
CA ASN B 912 51.61 8.72 -40.85
C ASN B 912 50.42 7.86 -40.48
N GLN B 913 50.67 6.67 -39.91
CA GLN B 913 49.57 5.80 -39.50
C GLN B 913 48.76 6.42 -38.37
N PHE B 914 49.43 7.08 -37.43
CA PHE B 914 48.71 7.75 -36.35
C PHE B 914 47.83 8.88 -36.88
N ASN B 915 48.36 9.67 -37.81
CA ASN B 915 47.58 10.77 -38.39
C ASN B 915 46.38 10.24 -39.15
N SER B 916 46.55 9.16 -39.92
CA SER B 916 45.44 8.58 -40.66
C SER B 916 44.39 8.02 -39.72
N ALA B 917 44.82 7.41 -38.60
CA ALA B 917 43.86 6.83 -37.66
C ALA B 917 42.97 7.90 -37.04
N ILE B 918 43.54 9.06 -36.70
CA ILE B 918 42.74 10.16 -36.16
C ILE B 918 41.72 10.63 -37.18
N GLY B 919 42.11 10.68 -38.46
CA GLY B 919 41.18 11.08 -39.49
C GLY B 919 39.99 10.14 -39.62
N LYS B 920 40.24 8.84 -39.42
CA LYS B 920 39.15 7.87 -39.48
C LYS B 920 38.17 8.05 -38.32
N ILE B 921 38.66 8.51 -37.16
CA ILE B 921 37.77 8.75 -36.02
C ILE B 921 36.76 9.84 -36.35
N GLN B 922 37.20 10.91 -37.01
CA GLN B 922 36.28 11.96 -37.41
C GLN B 922 35.23 11.44 -38.37
N ASP B 923 35.64 10.62 -39.34
CA ASP B 923 34.68 10.07 -40.31
C ASP B 923 33.68 9.16 -39.64
N SER B 924 34.15 8.26 -38.79
CA SER B 924 33.24 7.34 -38.09
C SER B 924 32.27 8.10 -37.20
N LEU B 925 32.76 9.14 -36.50
CA LEU B 925 31.88 9.95 -35.68
C LEU B 925 30.90 10.75 -36.53
N SER B 926 31.31 11.16 -37.73
CA SER B 926 30.43 11.92 -38.60
C SER B 926 29.52 11.03 -39.43
N SER B 927 29.91 9.78 -39.69
CA SER B 927 29.11 8.89 -40.53
C SER B 927 27.98 8.24 -39.74
N THR B 928 28.31 7.46 -38.72
CA THR B 928 27.32 6.67 -37.99
C THR B 928 26.80 7.48 -36.81
N PRO B 929 25.50 7.75 -36.73
CA PRO B 929 24.96 8.50 -35.59
C PRO B 929 24.56 7.66 -34.38
N SER B 930 24.82 6.36 -34.40
CA SER B 930 24.52 5.48 -33.28
C SER B 930 25.77 5.13 -32.46
N ALA B 931 26.89 5.80 -32.73
CA ALA B 931 28.10 5.55 -31.94
C ALA B 931 27.98 6.10 -30.53
N LEU B 932 27.34 7.27 -30.39
CA LEU B 932 27.14 7.91 -29.10
C LEU B 932 25.87 7.47 -28.41
N GLY B 933 25.39 6.26 -28.69
CA GLY B 933 24.16 5.78 -28.08
C GLY B 933 24.23 5.68 -26.58
N LYS B 934 25.44 5.47 -26.03
CA LYS B 934 25.59 5.39 -24.58
C LYS B 934 25.25 6.73 -23.93
N LEU B 935 25.68 7.83 -24.54
CA LEU B 935 25.36 9.15 -23.99
C LEU B 935 23.89 9.51 -24.23
N GLN B 936 23.36 9.13 -25.40
CA GLN B 936 21.96 9.44 -25.70
C GLN B 936 21.00 8.61 -24.87
N ASP B 937 21.42 7.42 -24.45
CA ASP B 937 20.56 6.58 -23.63
C ASP B 937 20.24 7.24 -22.29
N VAL B 938 21.24 7.88 -21.67
CA VAL B 938 21.01 8.51 -20.38
C VAL B 938 20.09 9.72 -20.52
N VAL B 939 20.13 10.41 -21.66
CA VAL B 939 19.21 11.52 -21.88
C VAL B 939 17.79 11.01 -22.11
N ASN B 940 17.64 9.96 -22.91
CA ASN B 940 16.32 9.43 -23.20
C ASN B 940 15.65 8.87 -21.95
N GLN B 941 16.41 8.13 -21.12
CA GLN B 941 15.83 7.53 -19.92
C GLN B 941 15.39 8.60 -18.93
N ASN B 942 16.20 9.65 -18.75
CA ASN B 942 15.83 10.71 -17.82
C ASN B 942 14.60 11.47 -18.30
N ALA B 943 14.53 11.76 -19.61
CA ALA B 943 13.36 12.47 -20.13
C ALA B 943 12.10 11.63 -20.02
N GLN B 944 12.21 10.32 -20.26
CA GLN B 944 11.06 9.44 -20.13
C GLN B 944 10.54 9.40 -18.71
N ALA B 945 11.45 9.39 -17.73
CA ALA B 945 11.03 9.36 -16.33
C ALA B 945 10.25 10.60 -15.96
N LEU B 946 10.71 11.77 -16.43
CA LEU B 946 9.99 13.01 -16.15
C LEU B 946 8.68 13.09 -16.93
N ASN B 947 8.69 12.62 -18.18
CA ASN B 947 7.47 12.62 -18.99
C ASN B 947 6.40 11.73 -18.36
N THR B 948 6.82 10.57 -17.84
CA THR B 948 5.89 9.70 -17.14
C THR B 948 5.33 10.37 -15.89
N LEU B 949 6.17 11.08 -15.15
CA LEU B 949 5.72 11.75 -13.93
C LEU B 949 4.67 12.81 -14.24
N VAL B 950 4.86 13.57 -15.31
CA VAL B 950 3.89 14.60 -15.69
C VAL B 950 2.57 13.98 -16.08
N LYS B 951 2.61 12.90 -16.87
CA LYS B 951 1.38 12.28 -17.35
C LYS B 951 0.56 11.67 -16.22
N GLN B 952 1.22 11.28 -15.12
CA GLN B 952 0.50 10.73 -13.98
C GLN B 952 -0.43 11.76 -13.34
N LEU B 953 -0.19 13.04 -13.56
CA LEU B 953 -1.05 14.08 -12.99
C LEU B 953 -2.45 14.06 -13.58
N SER B 954 -2.63 13.48 -14.76
CA SER B 954 -3.93 13.42 -15.41
C SER B 954 -4.76 12.21 -15.00
N SER B 955 -4.22 11.32 -14.17
CA SER B 955 -4.97 10.17 -13.69
C SER B 955 -5.85 10.58 -12.52
N ASN B 956 -6.96 9.84 -12.35
CA ASN B 956 -7.91 10.13 -11.29
C ASN B 956 -7.56 9.44 -9.98
N PHE B 957 -6.90 8.29 -10.04
CA PHE B 957 -6.61 7.46 -8.87
C PHE B 957 -7.88 7.19 -8.06
N GLY B 958 -8.99 6.99 -8.77
CA GLY B 958 -10.26 6.68 -8.14
C GLY B 958 -11.10 7.90 -7.80
N ALA B 959 -10.57 9.10 -7.91
CA ALA B 959 -11.34 10.29 -7.61
C ALA B 959 -12.19 10.69 -8.80
N ILE B 960 -13.06 11.68 -8.59
CA ILE B 960 -14.00 12.06 -9.63
C ILE B 960 -13.33 12.90 -10.71
N SER B 961 -12.26 13.62 -10.39
CA SER B 961 -11.54 14.38 -11.40
C SER B 961 -10.06 14.45 -11.04
N SER B 962 -9.22 14.44 -12.08
CA SER B 962 -7.78 14.50 -11.89
C SER B 962 -7.28 15.91 -11.61
N VAL B 963 -8.08 16.93 -11.90
CA VAL B 963 -7.69 18.32 -11.71
C VAL B 963 -8.17 18.78 -10.32
N LEU B 964 -7.23 19.30 -9.54
CA LEU B 964 -7.50 19.60 -8.13
C LEU B 964 -8.40 20.82 -7.97
N ASN B 965 -8.34 21.76 -8.91
CA ASN B 965 -9.14 22.96 -8.76
C ASN B 965 -10.63 22.68 -8.99
N ASP B 966 -10.95 21.69 -9.84
CA ASP B 966 -12.33 21.33 -10.07
C ASP B 966 -12.96 20.74 -8.81
N ILE B 967 -12.24 19.86 -8.12
CA ILE B 967 -12.80 19.21 -6.95
C ILE B 967 -13.05 20.22 -5.83
N LEU B 968 -12.18 21.23 -5.71
CA LEU B 968 -12.40 22.26 -4.71
C LEU B 968 -13.59 23.15 -5.06
N SER B 969 -13.76 23.45 -6.35
CA SER B 969 -14.85 24.31 -6.79
C SER B 969 -16.20 23.61 -6.81
N ARG B 970 -16.23 22.29 -6.65
CA ARG B 970 -17.46 21.50 -6.78
C ARG B 970 -18.02 21.00 -5.46
N LEU B 971 -17.19 20.46 -4.59
CA LEU B 971 -17.65 19.82 -3.36
C LEU B 971 -17.21 20.62 -2.14
N ASP B 972 -17.96 20.43 -1.05
CA ASP B 972 -17.63 21.03 0.22
C ASP B 972 -16.42 20.34 0.85
N PRO B 973 -15.73 21.00 1.76
CA PRO B 973 -14.52 20.41 2.39
C PRO B 973 -14.81 19.06 3.03
N PRO B 974 -15.96 18.84 3.67
CA PRO B 974 -16.25 17.48 4.17
C PRO B 974 -16.27 16.41 3.08
N GLU B 975 -16.68 16.76 1.86
CA GLU B 975 -16.68 15.80 0.77
C GLU B 975 -15.54 16.02 -0.22
N ALA B 976 -15.04 17.25 -0.34
CA ALA B 976 -13.90 17.48 -1.22
C ALA B 976 -12.68 16.72 -0.74
N GLU B 977 -12.44 16.73 0.58
CA GLU B 977 -11.20 16.16 1.12
C GLU B 977 -11.05 14.69 0.75
N VAL B 978 -12.16 13.94 0.75
CA VAL B 978 -12.10 12.52 0.44
C VAL B 978 -11.54 12.32 -0.96
N GLN B 979 -11.94 13.18 -1.90
CA GLN B 979 -11.40 13.10 -3.26
C GLN B 979 -9.92 13.49 -3.27
N ILE B 980 -9.54 14.52 -2.50
CA ILE B 980 -8.15 14.96 -2.51
C ILE B 980 -7.22 13.86 -2.00
N ASP B 981 -7.64 13.15 -0.94
CA ASP B 981 -6.81 12.06 -0.42
C ASP B 981 -6.57 10.99 -1.47
N ARG B 982 -7.54 10.74 -2.34
CA ARG B 982 -7.31 9.83 -3.45
C ARG B 982 -6.27 10.40 -4.42
N LEU B 983 -6.35 11.70 -4.71
CA LEU B 983 -5.30 12.33 -5.51
C LEU B 983 -3.96 12.32 -4.78
N ILE B 984 -3.97 12.62 -3.47
CA ILE B 984 -2.72 12.69 -2.72
C ILE B 984 -2.04 11.34 -2.67
N THR B 985 -2.79 10.27 -2.42
CA THR B 985 -2.20 8.95 -2.32
C THR B 985 -1.58 8.53 -3.65
N GLY B 986 -2.29 8.75 -4.76
CA GLY B 986 -1.75 8.40 -6.06
C GLY B 986 -0.57 9.26 -6.46
N ARG B 987 -0.66 10.56 -6.21
CA ARG B 987 0.40 11.47 -6.62
C ARG B 987 1.65 11.29 -5.76
N LEU B 988 1.47 11.06 -4.46
CA LEU B 988 2.61 10.77 -3.60
C LEU B 988 3.27 9.45 -4.01
N GLN B 989 2.47 8.45 -4.36
CA GLN B 989 3.02 7.19 -4.83
C GLN B 989 3.76 7.35 -6.15
N SER B 990 3.31 8.27 -7.01
CA SER B 990 4.01 8.54 -8.25
C SER B 990 5.39 9.14 -7.98
N LEU B 991 5.49 10.04 -7.00
CA LEU B 991 6.78 10.62 -6.66
C LEU B 991 7.73 9.57 -6.10
N GLN B 992 7.23 8.69 -5.23
CA GLN B 992 8.09 7.67 -4.64
C GLN B 992 8.61 6.71 -5.71
N THR B 993 7.76 6.35 -6.68
CA THR B 993 8.23 5.54 -7.79
C THR B 993 9.29 6.27 -8.61
N TYR B 994 9.06 7.56 -8.87
CA TYR B 994 10.04 8.32 -9.65
C TYR B 994 11.36 8.47 -8.90
N VAL B 995 11.30 8.78 -7.60
CA VAL B 995 12.52 8.97 -6.83
C VAL B 995 13.32 7.68 -6.74
N THR B 996 12.63 6.56 -6.51
CA THR B 996 13.33 5.28 -6.42
C THR B 996 14.03 4.94 -7.73
N GLN B 997 13.38 5.20 -8.86
CA GLN B 997 14.04 4.98 -10.15
C GLN B 997 15.26 5.88 -10.30
N GLN B 998 15.16 7.14 -9.88
CA GLN B 998 16.30 8.05 -9.99
C GLN B 998 17.46 7.60 -9.12
N LEU B 999 17.17 7.14 -7.89
CA LEU B 999 18.23 6.68 -7.01
C LEU B 999 18.95 5.46 -7.59
N ILE B 1000 18.19 4.52 -8.15
CA ILE B 1000 18.81 3.34 -8.76
C ILE B 1000 19.61 3.75 -10.00
N ARG B 1001 19.03 4.62 -10.83
CA ARG B 1001 19.73 5.05 -12.04
C ARG B 1001 20.99 5.86 -11.70
N ALA B 1002 20.94 6.65 -10.63
CA ALA B 1002 22.14 7.40 -10.22
C ALA B 1002 23.26 6.46 -9.81
N ALA B 1003 22.93 5.29 -9.27
CA ALA B 1003 23.97 4.32 -8.92
C ALA B 1003 24.70 3.81 -10.16
N GLU B 1004 23.96 3.54 -11.24
CA GLU B 1004 24.61 3.12 -12.48
C GLU B 1004 25.51 4.19 -13.04
N ILE B 1005 25.07 5.46 -12.99
CA ILE B 1005 25.89 6.56 -13.47
C ILE B 1005 27.11 6.76 -12.56
N ARG B 1006 26.93 6.58 -11.25
CA ARG B 1006 28.06 6.69 -10.34
C ARG B 1006 29.11 5.62 -10.62
N ALA B 1007 28.67 4.39 -10.90
CA ALA B 1007 29.62 3.34 -11.27
C ALA B 1007 30.34 3.68 -12.56
N SER B 1008 29.61 4.22 -13.55
CA SER B 1008 30.23 4.63 -14.79
C SER B 1008 31.20 5.79 -14.58
N ALA B 1009 30.83 6.74 -13.71
CA ALA B 1009 31.72 7.86 -13.42
C ALA B 1009 33.00 7.39 -12.74
N ASN B 1010 32.90 6.44 -11.81
CA ASN B 1010 34.08 5.91 -11.15
C ASN B 1010 34.97 5.17 -12.15
N LEU B 1011 34.37 4.42 -13.07
CA LEU B 1011 35.15 3.74 -14.10
C LEU B 1011 35.85 4.74 -15.01
N ALA B 1012 35.16 5.82 -15.38
CA ALA B 1012 35.78 6.85 -16.22
C ALA B 1012 36.93 7.53 -15.49
N ALA B 1013 36.76 7.81 -14.20
CA ALA B 1013 37.83 8.45 -13.42
C ALA B 1013 39.04 7.53 -13.31
N THR B 1014 38.81 6.24 -13.09
CA THR B 1014 39.91 5.29 -13.03
C THR B 1014 40.66 5.21 -14.36
N LYS B 1015 39.91 5.19 -15.47
CA LYS B 1015 40.54 5.08 -16.78
C LYS B 1015 41.37 6.32 -17.11
N MET B 1016 40.90 7.50 -16.69
CA MET B 1016 41.67 8.71 -16.91
C MET B 1016 42.99 8.67 -16.17
N SER B 1017 42.97 8.21 -14.92
CA SER B 1017 44.18 8.21 -14.11
C SER B 1017 45.19 7.18 -14.62
N GLU B 1018 44.71 6.03 -15.09
CA GLU B 1018 45.59 4.93 -15.44
C GLU B 1018 45.94 4.87 -16.92
N CYS B 1019 45.14 5.47 -17.80
CA CYS B 1019 45.39 5.40 -19.23
C CYS B 1019 45.72 6.73 -19.87
N VAL B 1020 45.25 7.85 -19.31
CA VAL B 1020 45.61 9.17 -19.84
C VAL B 1020 46.82 9.73 -19.12
N LEU B 1021 46.88 9.59 -17.81
CA LEU B 1021 47.99 10.07 -17.00
C LEU B 1021 49.13 9.06 -16.91
N GLY B 1022 49.01 7.91 -17.57
CA GLY B 1022 50.04 6.90 -17.55
C GLY B 1022 49.86 5.90 -18.67
N GLN B 1023 50.54 4.78 -18.55
CA GLN B 1023 50.47 3.69 -19.52
C GLN B 1023 50.04 2.42 -18.81
N SER B 1024 48.78 2.04 -18.99
CA SER B 1024 48.25 0.86 -18.33
C SER B 1024 48.70 -0.41 -19.03
N LYS B 1025 48.97 -1.45 -18.24
CA LYS B 1025 49.33 -2.76 -18.75
C LYS B 1025 48.19 -3.76 -18.64
N ARG B 1026 46.98 -3.31 -18.34
CA ARG B 1026 45.84 -4.20 -18.20
C ARG B 1026 45.26 -4.49 -19.58
N VAL B 1027 45.07 -5.78 -19.88
CA VAL B 1027 44.65 -6.19 -21.21
C VAL B 1027 43.19 -5.79 -21.43
N ASP B 1028 42.91 -5.23 -22.62
CA ASP B 1028 41.58 -4.82 -23.05
C ASP B 1028 40.97 -3.74 -22.17
N PHE B 1029 41.74 -3.17 -21.24
CA PHE B 1029 41.21 -2.08 -20.43
C PHE B 1029 41.02 -0.83 -21.26
N CYS B 1030 41.94 -0.54 -22.18
CA CYS B 1030 41.94 0.68 -22.96
C CYS B 1030 42.18 0.38 -24.43
N GLY B 1031 41.43 -0.57 -24.96
CA GLY B 1031 41.43 -0.83 -26.39
C GLY B 1031 42.16 -2.12 -26.73
N LYS B 1032 41.80 -2.67 -27.89
CA LYS B 1032 42.43 -3.89 -28.37
C LYS B 1032 43.88 -3.62 -28.75
N GLY B 1033 44.76 -4.55 -28.38
CA GLY B 1033 46.17 -4.39 -28.67
C GLY B 1033 46.99 -4.09 -27.43
N TYR B 1034 48.13 -3.45 -27.61
CA TYR B 1034 49.00 -3.06 -26.52
C TYR B 1034 48.87 -1.56 -26.31
N HIS B 1035 48.40 -1.15 -25.14
CA HIS B 1035 48.09 0.25 -24.88
C HIS B 1035 49.35 1.10 -24.92
N LEU B 1036 49.23 2.27 -25.56
CA LEU B 1036 50.29 3.27 -25.56
C LEU B 1036 49.87 4.52 -24.80
N MET B 1037 48.77 5.16 -25.19
CA MET B 1037 48.27 6.33 -24.48
C MET B 1037 46.82 6.56 -24.87
N SER B 1038 46.19 7.49 -24.18
CA SER B 1038 44.82 7.89 -24.48
C SER B 1038 44.71 9.41 -24.43
N PHE B 1039 43.82 9.95 -25.25
CA PHE B 1039 43.52 11.37 -25.28
C PHE B 1039 42.08 11.61 -24.89
N PRO B 1040 41.81 12.45 -23.90
CA PRO B 1040 40.41 12.71 -23.53
C PRO B 1040 39.76 13.73 -24.43
N GLN B 1041 38.44 13.60 -24.56
CA GLN B 1041 37.64 14.54 -25.34
C GLN B 1041 36.33 14.81 -24.61
N SER B 1042 35.94 16.08 -24.57
CA SER B 1042 34.72 16.46 -23.87
C SER B 1042 33.49 15.94 -24.61
N ALA B 1043 32.44 15.65 -23.85
CA ALA B 1043 31.20 15.13 -24.41
C ALA B 1043 30.06 15.60 -23.51
N PRO B 1044 28.84 15.69 -24.04
CA PRO B 1044 27.71 16.11 -23.19
C PRO B 1044 27.29 14.98 -22.27
N HIS B 1045 27.32 15.25 -20.97
CA HIS B 1045 26.97 14.27 -19.94
C HIS B 1045 27.86 13.04 -20.00
N GLY B 1046 29.12 13.22 -20.41
CA GLY B 1046 30.02 12.08 -20.48
C GLY B 1046 31.38 12.51 -20.98
N VAL B 1047 32.26 11.52 -21.14
CA VAL B 1047 33.61 11.73 -21.62
C VAL B 1047 33.90 10.69 -22.69
N VAL B 1048 34.81 11.04 -23.61
CA VAL B 1048 35.17 10.18 -24.72
C VAL B 1048 36.68 10.00 -24.74
N PHE B 1049 37.14 8.75 -24.82
CA PHE B 1049 38.55 8.41 -24.82
C PHE B 1049 38.97 7.95 -26.21
N LEU B 1050 40.12 8.43 -26.67
CA LEU B 1050 40.73 7.99 -27.91
C LEU B 1050 41.97 7.18 -27.54
N HIS B 1051 41.86 5.85 -27.59
CA HIS B 1051 42.94 4.97 -27.18
C HIS B 1051 43.83 4.67 -28.38
N VAL B 1052 45.12 4.95 -28.24
CA VAL B 1052 46.12 4.61 -29.25
C VAL B 1052 46.81 3.34 -28.80
N THR B 1053 46.68 2.27 -29.57
CA THR B 1053 47.18 0.96 -29.18
C THR B 1053 48.07 0.39 -30.28
N TYR B 1054 48.70 -0.74 -29.96
CA TYR B 1054 49.66 -1.40 -30.83
C TYR B 1054 49.06 -2.73 -31.29
N VAL B 1055 48.94 -2.93 -32.59
CA VAL B 1055 48.39 -4.16 -33.13
C VAL B 1055 49.37 -4.77 -34.14
N PRO B 1056 49.95 -5.94 -33.86
CA PRO B 1056 50.78 -6.60 -34.88
C PRO B 1056 49.95 -6.92 -36.12
N ALA B 1057 50.56 -6.74 -37.29
CA ALA B 1057 49.84 -6.85 -38.55
C ALA B 1057 50.33 -7.98 -39.43
N GLN B 1058 51.63 -8.02 -39.73
CA GLN B 1058 52.19 -8.98 -40.66
C GLN B 1058 53.13 -9.92 -39.90
N GLU B 1059 52.90 -11.22 -40.04
CA GLU B 1059 53.62 -12.22 -39.27
C GLU B 1059 54.13 -13.32 -40.19
N LYS B 1060 55.11 -14.08 -39.70
CA LYS B 1060 55.72 -15.16 -40.46
C LYS B 1060 55.90 -16.38 -39.58
N ASN B 1061 55.88 -17.55 -40.19
CA ASN B 1061 56.13 -18.80 -39.49
C ASN B 1061 57.63 -19.01 -39.31
N PHE B 1062 58.02 -19.45 -38.11
CA PHE B 1062 59.43 -19.62 -37.81
C PHE B 1062 59.63 -20.83 -36.90
N THR B 1063 60.72 -21.55 -37.13
CA THR B 1063 61.09 -22.68 -36.27
C THR B 1063 61.81 -22.15 -35.03
N THR B 1064 61.41 -22.63 -33.86
CA THR B 1064 61.91 -22.12 -32.59
C THR B 1064 62.56 -23.24 -31.80
N ALA B 1065 63.22 -22.85 -30.70
CA ALA B 1065 63.89 -23.78 -29.81
C ALA B 1065 64.01 -23.15 -28.44
N PRO B 1066 63.96 -23.94 -27.37
CA PRO B 1066 63.98 -23.34 -26.02
C PRO B 1066 65.37 -22.97 -25.55
N ALA B 1067 66.38 -23.71 -26.01
CA ALA B 1067 67.76 -23.46 -25.61
C ALA B 1067 68.67 -24.02 -26.70
N ILE B 1068 69.94 -23.65 -26.62
CA ILE B 1068 70.93 -24.09 -27.61
C ILE B 1068 72.21 -24.55 -26.92
N CYS B 1069 72.76 -25.65 -27.42
CA CYS B 1069 74.07 -26.12 -26.97
C CYS B 1069 75.16 -25.40 -27.74
N HIS B 1070 76.21 -24.99 -27.02
CA HIS B 1070 77.43 -24.49 -27.64
C HIS B 1070 78.61 -25.40 -27.35
N ASP B 1071 78.89 -25.65 -26.07
CA ASP B 1071 79.97 -26.53 -25.63
C ASP B 1071 79.44 -27.58 -24.66
N GLY B 1072 78.16 -27.93 -24.80
CA GLY B 1072 77.48 -28.78 -23.86
C GLY B 1072 76.65 -28.04 -22.83
N LYS B 1073 76.85 -26.73 -22.72
CA LYS B 1073 76.08 -25.90 -21.80
C LYS B 1073 74.87 -25.32 -22.52
N ALA B 1074 73.81 -25.07 -21.77
CA ALA B 1074 72.56 -24.58 -22.32
C ALA B 1074 72.55 -23.05 -22.29
N HIS B 1075 72.24 -22.45 -23.44
CA HIS B 1075 72.15 -21.00 -23.57
C HIS B 1075 70.69 -20.60 -23.72
N PHE B 1076 70.26 -19.65 -22.91
CA PHE B 1076 68.89 -19.16 -22.95
C PHE B 1076 68.89 -17.67 -23.28
N PRO B 1077 67.86 -17.19 -23.98
CA PRO B 1077 67.86 -15.78 -24.38
C PRO B 1077 67.49 -14.89 -23.20
N ARG B 1078 68.32 -13.88 -22.93
CA ARG B 1078 67.99 -12.94 -21.87
C ARG B 1078 66.69 -12.21 -22.17
N GLU B 1079 66.59 -11.62 -23.37
CA GLU B 1079 65.33 -11.12 -23.89
C GLU B 1079 65.11 -11.72 -25.27
N GLY B 1080 63.88 -12.15 -25.54
CA GLY B 1080 63.53 -12.68 -26.84
C GLY B 1080 63.57 -14.20 -26.89
N VAL B 1081 63.42 -14.71 -28.11
CA VAL B 1081 63.38 -16.15 -28.37
C VAL B 1081 64.34 -16.46 -29.51
N PHE B 1082 64.73 -17.73 -29.58
CA PHE B 1082 65.56 -18.20 -30.68
C PHE B 1082 64.67 -18.63 -31.84
N VAL B 1083 65.01 -18.16 -33.04
CA VAL B 1083 64.28 -18.50 -34.25
C VAL B 1083 65.26 -18.97 -35.31
N SER B 1084 64.75 -19.74 -36.27
CA SER B 1084 65.56 -20.24 -37.36
C SER B 1084 64.86 -19.94 -38.68
N ASN B 1085 65.59 -19.37 -39.64
CA ASN B 1085 65.05 -19.08 -40.96
C ASN B 1085 65.21 -20.25 -41.92
N GLY B 1086 65.29 -21.48 -41.39
CA GLY B 1086 65.44 -22.66 -42.20
C GLY B 1086 66.81 -23.29 -42.04
N THR B 1087 67.84 -22.46 -41.96
CA THR B 1087 69.21 -22.95 -41.81
C THR B 1087 69.96 -22.29 -40.66
N HIS B 1088 69.75 -21.00 -40.41
CA HIS B 1088 70.49 -20.25 -39.43
C HIS B 1088 69.59 -19.84 -38.27
N TRP B 1089 70.20 -19.70 -37.09
CA TRP B 1089 69.48 -19.37 -35.86
C TRP B 1089 69.80 -17.94 -35.43
N PHE B 1090 68.84 -17.26 -34.83
CA PHE B 1090 69.07 -15.84 -34.46
C PHE B 1090 68.31 -15.52 -33.18
N VAL B 1091 68.87 -14.67 -32.31
CA VAL B 1091 68.12 -14.24 -31.10
C VAL B 1091 67.32 -13.00 -31.50
N THR B 1092 66.00 -13.07 -31.43
CA THR B 1092 65.15 -11.93 -31.87
C THR B 1092 64.15 -11.57 -30.77
N GLN B 1093 63.78 -10.29 -30.68
CA GLN B 1093 62.75 -9.89 -29.69
C GLN B 1093 61.44 -10.63 -30.04
N ARG B 1094 60.59 -10.89 -29.07
CA ARG B 1094 59.38 -11.72 -29.31
C ARG B 1094 58.28 -10.93 -30.02
N ASN B 1095 58.45 -9.62 -30.21
CA ASN B 1095 57.33 -8.82 -30.79
C ASN B 1095 57.74 -8.18 -32.11
N PHE B 1096 58.93 -8.50 -32.63
CA PHE B 1096 59.36 -7.97 -33.95
C PHE B 1096 60.54 -8.82 -34.46
N TYR B 1097 60.57 -9.12 -35.75
CA TYR B 1097 61.65 -10.01 -36.25
C TYR B 1097 62.89 -9.18 -36.55
N GLU B 1098 63.88 -9.20 -35.66
CA GLU B 1098 65.15 -8.48 -35.90
C GLU B 1098 66.30 -9.47 -35.73
N PRO B 1099 66.65 -10.25 -36.77
CA PRO B 1099 67.68 -11.28 -36.62
C PRO B 1099 68.97 -10.69 -36.08
N GLN B 1100 69.40 -11.15 -34.91
CA GLN B 1100 70.67 -10.66 -34.29
C GLN B 1100 71.58 -11.86 -34.04
N ILE B 1101 72.82 -11.81 -34.52
CA ILE B 1101 73.74 -12.97 -34.36
C ILE B 1101 73.73 -13.41 -32.91
N ILE B 1102 73.35 -14.66 -32.63
CA ILE B 1102 73.37 -15.20 -31.28
C ILE B 1102 74.77 -15.03 -30.71
N THR B 1103 74.86 -14.31 -29.60
CA THR B 1103 76.15 -14.01 -28.97
C THR B 1103 76.03 -14.22 -27.46
N THR B 1104 77.18 -14.18 -26.80
CA THR B 1104 77.20 -14.29 -25.34
C THR B 1104 76.56 -13.07 -24.66
N ASP B 1105 76.46 -11.95 -25.37
CA ASP B 1105 75.80 -10.78 -24.83
C ASP B 1105 74.29 -10.83 -24.98
N ASN B 1106 73.77 -11.79 -25.74
CA ASN B 1106 72.33 -11.97 -25.89
C ASN B 1106 71.80 -13.13 -25.08
N THR B 1107 72.65 -14.04 -24.61
CA THR B 1107 72.23 -15.24 -23.92
C THR B 1107 73.00 -15.40 -22.62
N PHE B 1108 72.42 -16.17 -21.70
CA PHE B 1108 73.04 -16.50 -20.43
C PHE B 1108 73.10 -18.02 -20.28
N VAL B 1109 73.97 -18.47 -19.37
CA VAL B 1109 74.32 -19.87 -19.23
C VAL B 1109 73.74 -20.41 -17.93
N SER B 1110 73.07 -21.56 -18.00
CA SER B 1110 72.56 -22.26 -16.84
C SER B 1110 72.19 -23.69 -17.21
N GLY B 1111 72.72 -24.68 -16.48
CA GLY B 1111 72.43 -26.05 -16.79
C GLY B 1111 73.19 -26.54 -18.00
N ASN B 1112 72.75 -27.70 -18.52
CA ASN B 1112 73.40 -28.34 -19.66
C ASN B 1112 72.34 -28.82 -20.64
N CYS B 1113 72.78 -29.57 -21.64
CA CYS B 1113 71.90 -30.04 -22.71
C CYS B 1113 71.12 -31.29 -22.34
N ASP B 1114 71.46 -31.95 -21.25
CA ASP B 1114 70.85 -33.23 -20.89
C ASP B 1114 69.58 -33.08 -20.07
N VAL B 1115 69.16 -31.84 -19.78
CA VAL B 1115 67.96 -31.59 -18.99
C VAL B 1115 66.89 -30.87 -19.80
N VAL B 1116 67.27 -29.90 -20.61
CA VAL B 1116 66.30 -29.11 -21.37
C VAL B 1116 65.75 -29.97 -22.51
N ILE B 1117 64.43 -29.99 -22.64
CA ILE B 1117 63.76 -30.77 -23.67
C ILE B 1117 63.64 -29.92 -24.93
N GLY B 1118 64.12 -30.46 -26.04
CA GLY B 1118 64.03 -29.77 -27.32
C GLY B 1118 65.20 -28.89 -27.68
N ILE B 1119 66.31 -28.97 -26.93
CA ILE B 1119 67.46 -28.15 -27.22
C ILE B 1119 68.11 -28.60 -28.53
N VAL B 1120 68.63 -27.63 -29.29
CA VAL B 1120 69.20 -27.89 -30.61
C VAL B 1120 70.62 -27.35 -30.63
N ASN B 1121 71.46 -27.96 -31.47
CA ASN B 1121 72.85 -27.54 -31.60
C ASN B 1121 72.97 -26.32 -32.50
N ASN B 1122 73.90 -25.43 -32.14
CA ASN B 1122 74.26 -24.27 -32.96
C ASN B 1122 75.58 -23.74 -32.42
N THR B 1123 76.00 -22.57 -32.91
CA THR B 1123 77.26 -21.94 -32.53
C THR B 1123 76.97 -20.59 -31.89
N VAL B 1124 77.63 -20.31 -30.78
CA VAL B 1124 77.46 -19.06 -30.04
C VAL B 1124 78.67 -18.17 -30.30
N TYR B 1125 78.42 -16.93 -30.73
CA TYR B 1125 79.51 -16.02 -31.06
C TYR B 1125 79.95 -15.27 -29.81
N ASP B 1126 81.28 -15.11 -29.68
CA ASP B 1126 81.86 -14.40 -28.50
C ASP B 1126 82.81 -13.29 -29.02
N PRO B 1127 82.31 -12.05 -29.16
CA PRO B 1127 83.15 -10.95 -29.62
C PRO B 1127 84.48 -10.97 -28.87
N LEU B 1128 84.46 -10.69 -27.56
CA LEU B 1128 85.72 -10.61 -26.79
C LEU B 1128 86.64 -11.75 -27.21
N GLN B 1129 86.18 -12.99 -27.06
CA GLN B 1129 87.00 -14.18 -27.43
C GLN B 1129 87.60 -13.95 -28.82
N PRO B 1130 86.88 -14.12 -29.97
CA PRO B 1130 87.47 -13.78 -31.28
C PRO B 1130 88.44 -12.57 -31.34
N GLU B 1131 88.05 -11.41 -30.82
CA GLU B 1131 88.89 -10.19 -30.91
C GLU B 1131 90.26 -10.43 -30.27
N LEU B 1132 90.29 -10.90 -29.02
CA LEU B 1132 91.56 -11.18 -28.30
C LEU B 1132 92.33 -12.27 -29.07
N ASP B 1133 91.63 -13.29 -29.55
CA ASP B 1133 92.29 -14.40 -30.30
C ASP B 1133 93.05 -13.80 -31.48
N SER B 1134 92.43 -12.85 -32.20
CA SER B 1134 93.11 -12.18 -33.33
C SER B 1134 94.26 -11.30 -32.81
N GLN C 1 -36.15 -48.15 28.64
CA GLN C 1 -36.04 -47.54 29.96
C GLN C 1 -34.63 -47.71 30.52
N CYS C 2 -34.29 -46.87 31.49
CA CYS C 2 -32.96 -46.87 32.10
C CYS C 2 -32.95 -47.71 33.36
N VAL C 3 -31.74 -48.10 33.76
CA VAL C 3 -31.52 -48.91 34.95
C VAL C 3 -30.46 -48.22 35.80
N ASN C 4 -30.75 -48.04 37.09
CA ASN C 4 -29.83 -47.37 38.00
C ASN C 4 -28.71 -48.30 38.41
N LEU C 5 -27.48 -47.83 38.29
CA LEU C 5 -26.30 -48.53 38.77
C LEU C 5 -25.76 -47.82 40.02
N THR C 6 -24.61 -48.31 40.51
CA THR C 6 -24.05 -47.80 41.75
C THR C 6 -23.35 -46.46 41.53
N THR C 7 -22.94 -45.85 42.63
CA THR C 7 -22.26 -44.56 42.59
C THR C 7 -20.86 -44.72 42.01
N ARG C 8 -20.43 -43.73 41.22
CA ARG C 8 -19.12 -43.77 40.60
C ARG C 8 -18.00 -43.57 41.61
N THR C 9 -18.29 -42.97 42.76
CA THR C 9 -17.37 -42.77 43.89
C THR C 9 -16.20 -41.86 43.55
N GLN C 10 -16.20 -41.22 42.37
CA GLN C 10 -15.20 -40.22 41.99
C GLN C 10 -13.78 -40.79 42.07
N LEU C 11 -13.54 -41.75 41.17
CA LEU C 11 -12.22 -42.34 41.08
C LEU C 11 -11.18 -41.27 40.72
N PRO C 12 -10.00 -41.30 41.36
CA PRO C 12 -9.00 -40.28 41.05
C PRO C 12 -8.53 -40.39 39.62
N PRO C 13 -8.19 -39.28 38.99
CA PRO C 13 -7.76 -39.32 37.58
C PRO C 13 -6.40 -39.99 37.41
N ALA C 14 -6.20 -40.56 36.23
CA ALA C 14 -4.94 -41.18 35.85
C ALA C 14 -4.58 -40.72 34.45
N TYR C 15 -3.30 -40.40 34.25
CA TYR C 15 -2.83 -39.79 33.01
C TYR C 15 -1.86 -40.71 32.29
N THR C 16 -1.69 -40.45 30.99
CA THR C 16 -0.74 -41.17 30.16
C THR C 16 -0.31 -40.28 29.01
N ASN C 17 0.77 -40.68 28.35
CA ASN C 17 1.40 -39.85 27.32
C ASN C 17 0.90 -40.25 25.94
N SER C 18 0.63 -39.25 25.10
CA SER C 18 0.17 -39.44 23.73
C SER C 18 1.32 -39.07 22.80
N PHE C 19 1.98 -40.09 22.24
CA PHE C 19 3.17 -39.90 21.42
C PHE C 19 2.77 -39.70 19.96
N THR C 20 2.67 -38.44 19.55
CA THR C 20 2.43 -38.06 18.15
C THR C 20 1.21 -38.77 17.58
N ARG C 21 0.06 -38.52 18.22
CA ARG C 21 -1.19 -39.14 17.81
C ARG C 21 -2.27 -38.07 17.70
N GLY C 22 -3.37 -38.42 17.04
CA GLY C 22 -4.50 -37.52 16.88
C GLY C 22 -4.41 -36.59 15.71
N VAL C 23 -3.51 -36.83 14.77
CA VAL C 23 -3.34 -35.97 13.60
C VAL C 23 -4.31 -36.39 12.52
N TYR C 24 -5.11 -35.43 12.04
CA TYR C 24 -6.14 -35.68 11.04
C TYR C 24 -5.89 -34.81 9.81
N TYR C 25 -6.46 -35.22 8.69
CA TYR C 25 -6.37 -34.42 7.48
C TYR C 25 -7.18 -33.15 7.66
N PRO C 26 -6.58 -31.96 7.55
CA PRO C 26 -7.34 -30.74 7.81
C PRO C 26 -8.24 -30.34 6.66
N ASP C 27 -7.88 -30.72 5.44
CA ASP C 27 -8.59 -30.30 4.25
C ASP C 27 -8.88 -31.50 3.35
N LYS C 28 -9.69 -31.26 2.34
CA LYS C 28 -10.06 -32.25 1.33
C LYS C 28 -9.34 -32.02 0.01
N VAL C 29 -8.06 -31.66 0.06
CA VAL C 29 -7.27 -31.41 -1.13
C VAL C 29 -6.13 -32.41 -1.19
N PHE C 30 -5.72 -32.75 -2.41
CA PHE C 30 -4.64 -33.71 -2.64
C PHE C 30 -3.32 -32.96 -2.75
N ARG C 31 -2.39 -33.28 -1.86
CA ARG C 31 -1.05 -32.69 -1.85
C ARG C 31 -0.04 -33.81 -1.93
N SER C 32 0.93 -33.69 -2.83
CA SER C 32 1.90 -34.74 -3.09
C SER C 32 3.31 -34.18 -2.95
N SER C 33 4.11 -34.82 -2.09
CA SER C 33 5.52 -34.47 -1.91
C SER C 33 5.70 -32.98 -1.62
N VAL C 34 4.91 -32.48 -0.68
CA VAL C 34 4.97 -31.08 -0.29
C VAL C 34 4.75 -30.99 1.22
N LEU C 35 5.26 -29.92 1.81
CA LEU C 35 5.13 -29.66 3.24
C LEU C 35 4.19 -28.48 3.43
N HIS C 36 3.06 -28.72 4.09
CA HIS C 36 2.02 -27.71 4.26
C HIS C 36 1.88 -27.34 5.73
N SER C 37 1.66 -26.06 6.00
CA SER C 37 1.48 -25.55 7.35
C SER C 37 0.00 -25.22 7.56
N THR C 38 -0.59 -25.78 8.61
CA THR C 38 -2.00 -25.60 8.92
C THR C 38 -2.16 -25.15 10.37
N GLN C 39 -2.97 -24.11 10.56
CA GLN C 39 -3.34 -23.64 11.89
C GLN C 39 -4.77 -24.11 12.16
N ASP C 40 -4.92 -25.05 13.10
CA ASP C 40 -6.22 -25.63 13.38
C ASP C 40 -6.16 -26.27 14.77
N LEU C 41 -7.29 -26.84 15.20
CA LEU C 41 -7.38 -27.48 16.50
C LEU C 41 -6.77 -28.87 16.41
N PHE C 42 -5.64 -29.06 17.08
CA PHE C 42 -4.92 -30.32 17.08
C PHE C 42 -4.60 -30.73 18.51
N LEU C 43 -4.27 -32.02 18.67
CA LEU C 43 -3.82 -32.53 19.97
C LEU C 43 -2.30 -32.39 20.07
N PRO C 44 -1.79 -31.73 21.12
CA PRO C 44 -0.35 -31.45 21.18
C PRO C 44 0.46 -32.73 21.26
N PHE C 45 1.66 -32.68 20.68
CA PHE C 45 2.55 -33.81 20.73
C PHE C 45 3.03 -34.01 22.17
N PHE C 46 3.09 -35.28 22.58
CA PHE C 46 3.54 -35.66 23.92
C PHE C 46 2.71 -34.97 25.01
N SER C 47 1.39 -35.02 24.84
CA SER C 47 0.46 -34.39 25.77
C SER C 47 -0.07 -35.40 26.78
N ASN C 48 -0.63 -34.88 27.87
CA ASN C 48 -1.24 -35.71 28.90
C ASN C 48 -2.70 -35.96 28.53
N VAL C 49 -3.03 -37.22 28.23
CA VAL C 49 -4.40 -37.63 27.98
C VAL C 49 -4.85 -38.53 29.12
N THR C 50 -6.03 -38.27 29.64
CA THR C 50 -6.56 -39.00 30.78
C THR C 50 -7.24 -40.28 30.30
N TRP C 51 -6.86 -41.41 30.90
CA TRP C 51 -7.32 -42.71 30.45
C TRP C 51 -8.20 -43.37 31.52
N PHE C 52 -9.29 -43.98 31.07
CA PHE C 52 -10.24 -44.66 31.93
C PHE C 52 -10.38 -46.12 31.51
N HIS C 53 -10.41 -47.01 32.49
CA HIS C 53 -10.85 -48.38 32.23
C HIS C 53 -12.34 -48.38 31.91
N ALA C 54 -12.73 -49.21 30.95
CA ALA C 54 -14.16 -49.42 30.72
C ALA C 54 -14.80 -50.07 31.94
N ILE C 55 -14.12 -51.03 32.55
CA ILE C 55 -14.57 -51.70 33.75
C ILE C 55 -13.42 -51.63 34.76
N HIS C 56 -13.71 -51.11 35.94
CA HIS C 56 -12.69 -50.98 36.99
C HIS C 56 -13.09 -51.80 38.20
N VAL C 57 -12.14 -52.64 38.65
CA VAL C 57 -12.33 -53.44 39.86
C VAL C 57 -11.41 -52.89 40.94
N SER C 58 -11.93 -51.95 41.75
CA SER C 58 -11.13 -51.29 42.77
C SER C 58 -11.55 -51.60 44.19
N GLY C 59 -12.77 -52.10 44.41
CA GLY C 59 -13.20 -52.41 45.75
C GLY C 59 -12.50 -53.62 46.32
N THR C 60 -12.48 -53.69 47.66
CA THR C 60 -11.86 -54.83 48.33
C THR C 60 -12.63 -56.12 48.02
N ASN C 61 -13.96 -56.04 48.00
CA ASN C 61 -14.76 -57.22 47.69
C ASN C 61 -14.55 -57.67 46.25
N GLY C 62 -14.38 -56.73 45.33
CA GLY C 62 -14.20 -57.06 43.93
C GLY C 62 -15.33 -56.56 43.04
N THR C 63 -15.92 -55.44 43.43
CA THR C 63 -17.04 -54.88 42.68
C THR C 63 -16.59 -54.43 41.29
N LYS C 64 -17.42 -54.71 40.29
CA LYS C 64 -17.18 -54.29 38.92
C LYS C 64 -18.21 -53.23 38.54
N ARG C 65 -17.74 -52.04 38.19
CA ARG C 65 -18.61 -50.94 37.82
C ARG C 65 -18.05 -50.24 36.60
N PHE C 66 -18.96 -49.73 35.77
CA PHE C 66 -18.55 -48.96 34.60
C PHE C 66 -17.97 -47.62 35.03
N ASP C 67 -16.90 -47.22 34.34
CA ASP C 67 -16.25 -45.93 34.57
C ASP C 67 -16.66 -45.03 33.42
N ASN C 68 -17.81 -44.37 33.57
CA ASN C 68 -18.41 -43.55 32.52
C ASN C 68 -18.70 -42.15 33.05
N PRO C 69 -17.66 -41.34 33.27
CA PRO C 69 -17.89 -39.98 33.73
C PRO C 69 -18.35 -39.08 32.59
N VAL C 70 -19.04 -38.01 32.96
CA VAL C 70 -19.45 -36.99 32.01
C VAL C 70 -18.28 -36.01 31.87
N LEU C 71 -17.69 -35.97 30.69
CA LEU C 71 -16.48 -35.19 30.48
C LEU C 71 -16.77 -33.93 29.68
N PRO C 72 -16.10 -32.82 29.96
CA PRO C 72 -16.32 -31.59 29.21
C PRO C 72 -15.76 -31.70 27.79
N PHE C 73 -16.34 -30.88 26.91
CA PHE C 73 -16.02 -30.87 25.48
C PHE C 73 -15.66 -29.44 25.10
N ASN C 74 -14.36 -29.15 25.07
CA ASN C 74 -13.87 -27.80 24.77
C ASN C 74 -13.09 -27.82 23.46
N ASP C 75 -13.70 -27.29 22.40
CA ASP C 75 -13.04 -27.11 21.10
C ASP C 75 -12.47 -28.42 20.56
N GLY C 76 -13.22 -29.49 20.70
CA GLY C 76 -12.81 -30.74 20.12
C GLY C 76 -12.31 -31.73 21.17
N VAL C 77 -12.45 -33.02 20.85
CA VAL C 77 -12.03 -34.11 21.73
C VAL C 77 -11.45 -35.23 20.88
N TYR C 78 -10.29 -35.75 21.29
CA TYR C 78 -9.67 -36.90 20.67
C TYR C 78 -9.99 -38.13 21.51
N PHE C 79 -10.68 -39.09 20.93
CA PHE C 79 -11.13 -40.28 21.64
C PHE C 79 -10.43 -41.50 21.05
N ALA C 80 -9.51 -42.09 21.80
CA ALA C 80 -8.80 -43.30 21.41
C ALA C 80 -9.25 -44.46 22.29
N SER C 81 -9.31 -45.65 21.70
CA SER C 81 -9.89 -46.80 22.40
C SER C 81 -9.14 -48.07 22.05
N THR C 82 -8.55 -48.70 23.08
CA THR C 82 -7.89 -49.99 22.94
C THR C 82 -8.82 -51.05 23.53
N GLU C 83 -9.42 -51.87 22.66
CA GLU C 83 -10.34 -52.90 23.11
C GLU C 83 -10.26 -54.11 22.19
N LYS C 84 -10.95 -55.18 22.60
CA LYS C 84 -10.97 -56.42 21.83
C LYS C 84 -12.34 -57.09 21.78
N SER C 85 -13.37 -56.54 22.44
CA SER C 85 -14.64 -57.26 22.55
C SER C 85 -15.86 -56.38 22.33
N ASN C 86 -15.68 -55.17 21.77
CA ASN C 86 -16.76 -54.25 21.44
C ASN C 86 -17.63 -53.96 22.67
N ILE C 87 -16.98 -53.35 23.67
CA ILE C 87 -17.67 -52.94 24.89
C ILE C 87 -18.06 -51.47 24.87
N ILE C 88 -17.42 -50.65 24.04
CA ILE C 88 -17.83 -49.27 23.83
C ILE C 88 -18.78 -49.24 22.65
N ARG C 89 -19.90 -48.56 22.79
CA ARG C 89 -20.90 -48.54 21.75
C ARG C 89 -21.15 -47.15 21.15
N GLY C 90 -20.95 -46.08 21.90
CA GLY C 90 -21.22 -44.77 21.36
C GLY C 90 -21.02 -43.69 22.39
N TRP C 91 -21.48 -42.50 22.04
CA TRP C 91 -21.32 -41.31 22.87
C TRP C 91 -22.57 -40.45 22.78
N ILE C 92 -22.72 -39.56 23.76
CA ILE C 92 -23.80 -38.60 23.80
C ILE C 92 -23.20 -37.22 24.04
N PHE C 93 -23.70 -36.23 23.30
CA PHE C 93 -23.15 -34.88 23.34
C PHE C 93 -24.24 -33.88 23.68
N GLY C 94 -23.88 -32.87 24.46
CA GLY C 94 -24.84 -31.83 24.81
C GLY C 94 -24.26 -30.93 25.88
N THR C 95 -25.10 -29.97 26.30
CA THR C 95 -24.75 -29.05 27.36
C THR C 95 -25.33 -29.47 28.72
N THR C 96 -26.60 -29.81 28.76
CA THR C 96 -27.24 -30.29 29.98
C THR C 96 -27.58 -31.78 29.94
N LEU C 97 -27.73 -32.37 28.75
CA LEU C 97 -28.05 -33.79 28.59
C LEU C 97 -29.35 -34.15 29.30
N ASP C 98 -30.30 -33.20 29.29
CA ASP C 98 -31.61 -33.41 29.91
C ASP C 98 -32.71 -32.93 28.96
N SER C 99 -33.93 -32.83 29.48
CA SER C 99 -35.07 -32.41 28.66
C SER C 99 -35.06 -30.92 28.33
N LYS C 100 -34.03 -30.17 28.77
CA LYS C 100 -34.02 -28.73 28.56
C LYS C 100 -33.31 -28.33 27.27
N THR C 101 -32.14 -28.92 26.99
CA THR C 101 -31.34 -28.56 25.84
C THR C 101 -31.18 -29.74 24.91
N GLN C 102 -31.12 -29.46 23.61
CA GLN C 102 -30.97 -30.52 22.61
C GLN C 102 -29.63 -31.23 22.78
N SER C 103 -29.65 -32.53 22.52
CA SER C 103 -28.46 -33.36 22.71
C SER C 103 -28.26 -34.26 21.49
N LEU C 104 -27.00 -34.59 21.21
CA LEU C 104 -26.64 -35.46 20.10
C LEU C 104 -26.32 -36.85 20.64
N LEU C 105 -26.71 -37.88 19.89
CA LEU C 105 -26.53 -39.26 20.30
C LEU C 105 -26.03 -40.10 19.13
N ILE C 106 -25.03 -40.93 19.39
CA ILE C 106 -24.48 -41.87 18.43
C ILE C 106 -24.32 -43.22 19.12
N VAL C 107 -24.86 -44.27 18.52
CA VAL C 107 -24.62 -45.64 18.97
C VAL C 107 -24.28 -46.49 17.77
N ASN C 108 -23.57 -47.59 18.03
CA ASN C 108 -23.19 -48.57 17.02
C ASN C 108 -23.66 -49.93 17.49
N ASN C 109 -24.64 -50.51 16.81
CA ASN C 109 -25.03 -51.88 17.06
C ASN C 109 -24.30 -52.79 16.06
N ALA C 110 -24.70 -54.06 16.01
CA ALA C 110 -24.01 -55.01 15.15
C ALA C 110 -24.25 -54.78 13.67
N THR C 111 -25.26 -53.97 13.30
CA THR C 111 -25.64 -53.80 11.91
C THR C 111 -25.22 -52.46 11.33
N ASN C 112 -25.63 -51.34 11.95
CA ASN C 112 -25.42 -50.02 11.38
C ASN C 112 -25.08 -49.05 12.51
N VAL C 113 -25.17 -47.77 12.23
CA VAL C 113 -24.98 -46.71 13.22
C VAL C 113 -26.23 -45.84 13.26
N VAL C 114 -26.67 -45.51 14.46
CA VAL C 114 -27.83 -44.65 14.66
C VAL C 114 -27.33 -43.31 15.24
N ILE C 115 -27.58 -42.24 14.50
CA ILE C 115 -27.21 -40.90 14.93
C ILE C 115 -28.47 -40.04 14.97
N LYS C 116 -28.73 -39.43 16.13
CA LYS C 116 -29.88 -38.56 16.31
C LYS C 116 -29.49 -37.35 17.14
N VAL C 117 -30.17 -36.23 16.89
CA VAL C 117 -30.21 -35.10 17.81
C VAL C 117 -31.66 -34.81 18.12
N CYS C 118 -32.05 -34.99 19.39
CA CYS C 118 -33.42 -34.84 19.83
C CYS C 118 -33.40 -34.23 21.22
N GLU C 119 -34.54 -34.24 21.89
CA GLU C 119 -34.63 -33.79 23.28
C GLU C 119 -34.62 -35.02 24.17
N PHE C 120 -33.43 -35.60 24.33
CA PHE C 120 -33.30 -36.81 25.13
C PHE C 120 -33.31 -36.50 26.61
N GLN C 121 -33.99 -37.34 27.38
CA GLN C 121 -33.93 -37.29 28.84
C GLN C 121 -32.97 -38.39 29.29
N PHE C 122 -31.68 -38.09 29.21
CA PHE C 122 -30.66 -39.06 29.55
C PHE C 122 -30.68 -39.37 31.03
N CYS C 123 -30.48 -40.65 31.36
CA CYS C 123 -30.36 -41.06 32.76
C CYS C 123 -28.94 -40.84 33.24
N ASN C 124 -28.69 -41.21 34.51
CA ASN C 124 -27.36 -41.02 35.08
C ASN C 124 -26.33 -41.96 34.46
N ASP C 125 -26.74 -43.18 34.10
CA ASP C 125 -25.83 -44.19 33.59
C ASP C 125 -26.42 -44.76 32.29
N PRO C 126 -26.16 -44.11 31.17
CA PRO C 126 -26.57 -44.69 29.89
C PRO C 126 -25.64 -45.83 29.48
N PHE C 127 -26.24 -46.90 28.99
CA PHE C 127 -25.50 -48.08 28.56
C PHE C 127 -26.40 -48.91 27.64
N LEU C 128 -25.87 -50.04 27.17
CA LEU C 128 -26.62 -50.94 26.30
C LEU C 128 -26.59 -52.34 26.89
N GLY C 129 -27.77 -52.88 27.18
CA GLY C 129 -27.90 -54.24 27.65
C GLY C 129 -27.59 -55.23 26.55
N VAL C 130 -26.49 -55.96 26.70
CA VAL C 130 -25.90 -56.74 25.62
C VAL C 130 -25.91 -58.22 25.98
N TYR C 131 -26.40 -59.05 25.07
CA TYR C 131 -26.46 -60.49 25.26
C TYR C 131 -26.35 -61.19 23.91
N TYR C 132 -25.75 -62.37 23.92
CA TYR C 132 -25.72 -63.24 22.75
C TYR C 132 -27.03 -64.01 22.62
N HIS C 133 -27.19 -64.68 21.48
CA HIS C 133 -28.29 -65.60 21.29
C HIS C 133 -27.87 -67.01 21.69
N LYS C 134 -28.87 -67.89 21.88
CA LYS C 134 -28.62 -69.19 22.47
C LYS C 134 -27.94 -70.16 21.50
N ASN C 135 -28.09 -69.97 20.19
CA ASN C 135 -27.60 -70.94 19.23
C ASN C 135 -26.52 -70.42 18.30
N ASN C 136 -26.63 -69.17 17.84
CA ASN C 136 -25.71 -68.65 16.83
C ASN C 136 -24.44 -68.07 17.45
N LYS C 137 -24.61 -67.08 18.33
CA LYS C 137 -23.51 -66.34 18.97
C LYS C 137 -22.64 -65.59 17.96
N SER C 138 -23.02 -65.58 16.68
CA SER C 138 -22.27 -64.81 15.70
C SER C 138 -22.45 -63.31 15.91
N TRP C 139 -23.68 -62.88 16.20
CA TRP C 139 -23.95 -61.49 16.48
C TRP C 139 -24.53 -61.36 17.89
N MET C 140 -24.66 -60.11 18.31
CA MET C 140 -24.98 -59.76 19.69
C MET C 140 -26.14 -58.77 19.70
N GLU C 141 -27.21 -59.12 20.41
CA GLU C 141 -28.38 -58.26 20.49
C GLU C 141 -28.20 -57.22 21.59
N SER C 142 -28.57 -55.99 21.28
CA SER C 142 -28.36 -54.86 22.19
C SER C 142 -29.71 -54.29 22.60
N GLU C 143 -29.88 -54.08 23.90
CA GLU C 143 -31.05 -53.40 24.45
C GLU C 143 -30.59 -52.03 24.93
N PHE C 144 -31.18 -50.98 24.35
CA PHE C 144 -30.76 -49.63 24.68
C PHE C 144 -31.40 -49.17 25.99
N ARG C 145 -30.57 -48.62 26.86
CA ARG C 145 -31.00 -48.01 28.12
C ARG C 145 -30.35 -46.64 28.28
N VAL C 146 -30.35 -45.86 27.21
CA VAL C 146 -29.63 -44.60 27.18
C VAL C 146 -30.48 -43.45 27.69
N TYR C 147 -31.72 -43.34 27.20
CA TYR C 147 -32.57 -42.21 27.51
C TYR C 147 -33.95 -42.69 27.92
N SER C 148 -34.60 -41.90 28.79
CA SER C 148 -35.97 -42.21 29.17
C SER C 148 -36.96 -41.86 28.06
N SER C 149 -36.75 -40.72 27.40
CA SER C 149 -37.65 -40.29 26.34
C SER C 149 -36.86 -39.40 25.38
N ALA C 150 -37.39 -39.31 24.15
CA ALA C 150 -36.80 -38.47 23.11
C ALA C 150 -37.89 -37.66 22.44
N ASN C 151 -37.62 -36.37 22.22
CA ASN C 151 -38.59 -35.47 21.61
C ASN C 151 -37.85 -34.47 20.71
N ASN C 152 -38.61 -33.82 19.85
CA ASN C 152 -38.12 -32.74 18.99
C ASN C 152 -36.86 -33.16 18.22
N CYS C 153 -36.96 -34.29 17.54
CA CYS C 153 -35.84 -34.80 16.77
C CYS C 153 -35.58 -33.91 15.55
N THR C 154 -34.32 -33.53 15.34
CA THR C 154 -33.96 -32.61 14.27
C THR C 154 -32.90 -33.17 13.33
N PHE C 155 -32.60 -34.46 13.41
CA PHE C 155 -31.69 -35.10 12.47
C PHE C 155 -31.80 -36.61 12.61
N GLU C 156 -31.37 -37.32 11.57
CA GLU C 156 -31.33 -38.77 11.57
C GLU C 156 -30.28 -39.22 10.57
N TYR C 157 -29.40 -40.12 11.00
CA TYR C 157 -28.31 -40.60 10.13
C TYR C 157 -28.06 -42.07 10.39
N VAL C 158 -28.06 -42.87 9.33
CA VAL C 158 -27.75 -44.29 9.39
C VAL C 158 -26.78 -44.62 8.27
N SER C 159 -25.71 -45.34 8.60
CA SER C 159 -24.68 -45.71 7.63
C SER C 159 -23.98 -46.96 8.13
N GLN C 160 -22.85 -47.28 7.52
CA GLN C 160 -22.06 -48.42 7.96
C GLN C 160 -21.47 -48.17 9.34
N PRO C 161 -21.27 -49.22 10.14
CA PRO C 161 -20.81 -49.02 11.52
C PRO C 161 -19.45 -48.33 11.57
N PHE C 162 -19.32 -47.40 12.51
CA PHE C 162 -18.00 -46.80 12.78
C PHE C 162 -17.07 -47.82 13.43
N LEU C 163 -17.61 -48.64 14.33
CA LEU C 163 -16.82 -49.63 15.06
C LEU C 163 -17.00 -50.99 14.41
N MET C 164 -15.89 -51.60 14.01
CA MET C 164 -15.92 -52.92 13.40
C MET C 164 -16.11 -53.99 14.47
N ASP C 165 -16.58 -55.15 14.03
CA ASP C 165 -16.79 -56.27 14.95
C ASP C 165 -15.46 -56.79 15.47
N LEU C 166 -15.37 -56.98 16.78
CA LEU C 166 -14.14 -57.43 17.43
C LEU C 166 -14.21 -58.87 17.88
N GLU C 167 -15.24 -59.62 17.48
CA GLU C 167 -15.37 -61.01 17.88
C GLU C 167 -14.66 -61.94 16.91
N GLY C 171 -6.08 -64.50 22.27
CA GLY C 171 -7.12 -63.49 22.38
C GLY C 171 -6.58 -62.11 22.71
N ASN C 172 -5.33 -61.87 22.34
CA ASN C 172 -4.67 -60.59 22.58
C ASN C 172 -4.69 -59.69 21.34
N PHE C 173 -5.72 -59.80 20.51
CA PHE C 173 -5.81 -59.01 19.28
C PHE C 173 -6.52 -57.67 19.55
N LYS C 174 -5.90 -56.89 20.44
CA LYS C 174 -6.42 -55.57 20.76
C LYS C 174 -6.31 -54.65 19.55
N ASN C 175 -7.28 -53.76 19.41
CA ASN C 175 -7.33 -52.80 18.31
C ASN C 175 -7.52 -51.40 18.86
N LEU C 176 -6.90 -50.43 18.20
CA LEU C 176 -7.00 -49.02 18.56
C LEU C 176 -7.86 -48.29 17.55
N ARG C 177 -8.89 -47.60 18.05
CA ARG C 177 -9.77 -46.78 17.24
C ARG C 177 -9.58 -45.33 17.68
N GLU C 178 -9.04 -44.50 16.80
CA GLU C 178 -8.76 -43.10 17.10
C GLU C 178 -9.77 -42.23 16.38
N PHE C 179 -10.50 -41.41 17.15
CA PHE C 179 -11.50 -40.52 16.61
C PHE C 179 -11.22 -39.09 17.04
N VAL C 180 -11.59 -38.14 16.18
CA VAL C 180 -11.52 -36.72 16.49
C VAL C 180 -12.89 -36.12 16.22
N PHE C 181 -13.48 -35.47 17.22
CA PHE C 181 -14.79 -34.86 17.13
C PHE C 181 -14.64 -33.35 17.24
N LYS C 182 -15.23 -32.62 16.29
CA LYS C 182 -15.13 -31.17 16.27
C LYS C 182 -16.50 -30.54 16.10
N ASN C 183 -16.64 -29.34 16.66
CA ASN C 183 -17.88 -28.56 16.61
C ASN C 183 -17.54 -27.14 16.18
N ILE C 184 -17.61 -26.87 14.89
CA ILE C 184 -17.26 -25.57 14.34
C ILE C 184 -18.40 -25.12 13.42
N ASP C 185 -18.94 -23.93 13.70
CA ASP C 185 -19.94 -23.29 12.85
C ASP C 185 -21.19 -24.16 12.67
N GLY C 186 -21.55 -24.90 13.72
CA GLY C 186 -22.68 -25.81 13.64
C GLY C 186 -22.39 -27.12 12.95
N TYR C 187 -21.12 -27.44 12.70
CA TYR C 187 -20.72 -28.67 12.04
C TYR C 187 -20.24 -29.67 13.09
N PHE C 188 -20.71 -30.91 12.98
CA PHE C 188 -20.17 -32.00 13.79
C PHE C 188 -19.33 -32.86 12.85
N LYS C 189 -18.01 -32.72 12.94
CA LYS C 189 -17.08 -33.41 12.06
C LYS C 189 -16.44 -34.57 12.79
N ILE C 190 -16.37 -35.73 12.14
CA ILE C 190 -15.78 -36.92 12.71
C ILE C 190 -14.64 -37.35 11.81
N TYR C 191 -13.44 -37.49 12.39
CA TYR C 191 -12.28 -38.05 11.72
C TYR C 191 -11.91 -39.35 12.43
N SER C 192 -11.71 -40.41 11.66
CA SER C 192 -11.54 -41.73 12.26
C SER C 192 -10.46 -42.51 11.52
N LYS C 193 -9.88 -43.47 12.24
CA LYS C 193 -8.89 -44.39 11.70
C LYS C 193 -8.78 -45.57 12.65
N HIS C 194 -8.67 -46.77 12.09
CA HIS C 194 -8.54 -47.98 12.87
C HIS C 194 -7.20 -48.64 12.57
N THR C 195 -6.58 -49.22 13.60
CA THR C 195 -5.29 -49.86 13.43
C THR C 195 -5.10 -50.98 14.46
N PRO C 196 -4.63 -52.15 14.03
CA PRO C 196 -4.40 -53.24 14.98
C PRO C 196 -3.16 -52.99 15.82
N ILE C 197 -3.25 -53.36 17.10
CA ILE C 197 -2.16 -53.17 18.06
C ILE C 197 -1.72 -54.53 18.58
N ASN C 198 -0.46 -54.60 19.00
CA ASN C 198 0.12 -55.82 19.54
C ASN C 198 0.98 -55.49 20.74
N LEU C 199 0.58 -55.98 21.91
CA LEU C 199 1.41 -55.96 23.12
C LEU C 199 1.76 -54.55 23.58
N VAL C 200 0.88 -53.58 23.35
CA VAL C 200 1.07 -52.22 23.82
C VAL C 200 -0.14 -51.83 24.66
N ARG C 201 0.08 -51.69 25.97
CA ARG C 201 -1.02 -51.33 26.87
C ARG C 201 -1.51 -49.91 26.62
N ASP C 202 -0.58 -48.96 26.58
CA ASP C 202 -0.92 -47.55 26.40
C ASP C 202 -0.93 -47.21 24.91
N LEU C 203 -0.96 -45.93 24.60
CA LEU C 203 -0.93 -45.51 23.19
C LEU C 203 0.42 -45.89 22.58
N PRO C 204 0.43 -46.56 21.43
CA PRO C 204 1.70 -46.92 20.80
C PRO C 204 2.39 -45.70 20.23
N GLN C 205 3.71 -45.84 20.05
CA GLN C 205 4.53 -44.76 19.49
C GLN C 205 4.58 -44.93 17.97
N GLY C 206 4.13 -43.90 17.26
CA GLY C 206 4.09 -43.95 15.81
C GLY C 206 3.20 -42.86 15.27
N PHE C 207 2.98 -42.90 13.96
CA PHE C 207 2.16 -41.91 13.28
C PHE C 207 1.12 -42.61 12.42
N SER C 208 -0.14 -42.22 12.60
CA SER C 208 -1.24 -42.70 11.77
C SER C 208 -2.22 -41.55 11.59
N ALA C 209 -2.33 -41.04 10.37
CA ALA C 209 -3.23 -39.93 10.11
C ALA C 209 -4.68 -40.37 10.18
N LEU C 210 -5.55 -39.44 10.54
CA LEU C 210 -6.98 -39.72 10.73
C LEU C 210 -7.74 -39.21 9.51
N GLU C 211 -8.32 -40.16 8.75
CA GLU C 211 -9.09 -39.79 7.58
C GLU C 211 -10.45 -39.22 7.99
N PRO C 212 -11.01 -38.31 7.20
CA PRO C 212 -12.39 -37.85 7.46
C PRO C 212 -13.37 -39.00 7.32
N LEU C 213 -14.40 -38.99 8.17
CA LEU C 213 -15.43 -40.01 8.16
C LEU C 213 -16.79 -39.46 7.75
N VAL C 214 -17.28 -38.43 8.44
CA VAL C 214 -18.60 -37.89 8.17
C VAL C 214 -18.66 -36.47 8.72
N ASP C 215 -19.35 -35.59 8.01
CA ASP C 215 -19.57 -34.22 8.43
C ASP C 215 -21.07 -34.01 8.60
N LEU C 216 -21.48 -33.63 9.80
CA LEU C 216 -22.89 -33.66 10.17
C LEU C 216 -23.40 -32.27 10.53
N PRO C 217 -24.47 -31.81 9.88
CA PRO C 217 -25.06 -30.48 10.18
C PRO C 217 -26.10 -30.53 11.30
N ILE C 218 -25.64 -30.82 12.52
CA ILE C 218 -26.55 -30.85 13.66
C ILE C 218 -26.84 -29.44 14.16
N GLY C 219 -25.81 -28.62 14.29
CA GLY C 219 -25.99 -27.22 14.62
C GLY C 219 -26.54 -26.93 16.00
N ILE C 220 -26.04 -27.62 17.02
CA ILE C 220 -26.41 -27.32 18.40
C ILE C 220 -25.16 -26.97 19.20
N ASN C 221 -25.33 -26.60 20.46
CA ASN C 221 -24.21 -26.30 21.34
C ASN C 221 -23.86 -27.54 22.14
N ILE C 222 -22.57 -27.89 22.17
CA ILE C 222 -22.08 -29.04 22.90
C ILE C 222 -20.97 -28.58 23.83
N THR C 223 -21.08 -28.94 25.09
CA THR C 223 -20.14 -28.57 26.15
C THR C 223 -19.61 -29.79 26.90
N ARG C 224 -20.44 -30.82 27.10
CA ARG C 224 -20.03 -32.03 27.79
C ARG C 224 -20.41 -33.25 26.94
N PHE C 225 -19.73 -34.36 27.21
CA PHE C 225 -19.97 -35.60 26.49
C PHE C 225 -19.72 -36.77 27.42
N GLN C 226 -20.27 -37.93 27.04
CA GLN C 226 -20.16 -39.14 27.83
C GLN C 226 -19.90 -40.32 26.90
N THR C 227 -19.41 -41.42 27.48
CA THR C 227 -19.10 -42.63 26.75
C THR C 227 -20.12 -43.71 27.11
N LEU C 228 -20.65 -44.38 26.10
CA LEU C 228 -21.63 -45.45 26.27
C LEU C 228 -20.94 -46.80 26.19
N LEU C 229 -21.23 -47.67 27.14
CA LEU C 229 -20.63 -49.00 27.19
C LEU C 229 -21.70 -50.07 26.97
N ALA C 230 -21.22 -51.30 26.77
CA ALA C 230 -22.07 -52.46 26.62
C ALA C 230 -21.99 -53.29 27.90
N LEU C 231 -23.13 -53.56 28.52
CA LEU C 231 -23.18 -54.32 29.77
C LEU C 231 -23.43 -55.78 29.44
N HIS C 232 -22.36 -56.58 29.43
CA HIS C 232 -22.51 -58.01 29.16
C HIS C 232 -23.05 -58.77 30.36
N ARG C 233 -22.74 -58.34 31.58
CA ARG C 233 -23.23 -59.00 32.77
C ARG C 233 -24.66 -58.57 33.06
N SER C 234 -25.19 -59.03 34.19
CA SER C 234 -26.54 -58.70 34.63
C SER C 234 -26.47 -57.75 35.81
N TYR C 235 -27.22 -56.64 35.71
CA TYR C 235 -27.27 -55.69 36.82
C TYR C 235 -28.07 -56.24 37.99
N LEU C 236 -29.07 -57.08 37.72
CA LEU C 236 -29.87 -57.66 38.80
C LEU C 236 -29.04 -58.58 39.67
N THR C 237 -28.24 -59.45 39.05
CA THR C 237 -27.40 -60.40 39.77
C THR C 237 -25.96 -60.24 39.33
N PRO C 238 -25.15 -59.48 40.07
CA PRO C 238 -23.73 -59.33 39.70
C PRO C 238 -22.93 -60.56 40.14
N GLY C 239 -22.17 -61.13 39.20
CA GLY C 239 -21.35 -62.27 39.52
C GLY C 239 -20.14 -61.90 40.36
N ASP C 240 -19.58 -62.91 41.03
CA ASP C 240 -18.40 -62.68 41.85
C ASP C 240 -17.21 -62.25 41.01
N SER C 241 -17.01 -62.88 39.86
CA SER C 241 -15.93 -62.53 38.95
C SER C 241 -16.20 -63.21 37.61
N SER C 242 -15.53 -62.71 36.58
CA SER C 242 -15.56 -63.22 35.20
C SER C 242 -16.91 -63.02 34.53
N SER C 243 -17.92 -62.49 35.22
CA SER C 243 -19.18 -62.17 34.57
C SER C 243 -18.98 -61.07 33.53
N GLY C 244 -18.15 -60.08 33.86
CA GLY C 244 -17.76 -59.06 32.90
C GLY C 244 -16.67 -59.57 31.99
N TRP C 245 -15.99 -58.62 31.34
CA TRP C 245 -14.95 -58.93 30.36
C TRP C 245 -13.58 -58.68 31.00
N THR C 246 -12.98 -59.75 31.51
CA THR C 246 -11.62 -59.79 32.08
C THR C 246 -11.28 -58.52 32.87
N ALA C 247 -12.21 -58.13 33.74
CA ALA C 247 -12.00 -57.02 34.68
C ALA C 247 -11.59 -55.73 33.97
N GLY C 248 -12.19 -55.48 32.81
CA GLY C 248 -11.94 -54.25 32.09
C GLY C 248 -10.53 -54.05 31.60
N ALA C 249 -9.96 -55.08 30.97
CA ALA C 249 -8.63 -54.93 30.36
C ALA C 249 -8.66 -53.85 29.29
N ALA C 250 -9.75 -53.76 28.55
CA ALA C 250 -9.91 -52.69 27.56
C ALA C 250 -10.05 -51.34 28.26
N ALA C 251 -9.58 -50.30 27.58
CA ALA C 251 -9.62 -48.95 28.12
C ALA C 251 -9.76 -47.95 26.98
N TYR C 252 -10.17 -46.75 27.32
CA TYR C 252 -10.32 -45.67 26.34
C TYR C 252 -9.66 -44.40 26.88
N TYR C 253 -8.98 -43.70 25.98
CA TYR C 253 -8.21 -42.51 26.31
C TYR C 253 -8.86 -41.27 25.70
N VAL C 254 -8.86 -40.17 26.44
CA VAL C 254 -9.49 -38.93 26.01
C VAL C 254 -8.44 -37.84 25.95
N GLY C 255 -8.30 -37.20 24.80
CA GLY C 255 -7.41 -36.09 24.63
C GLY C 255 -8.18 -34.83 24.26
N TYR C 256 -7.61 -33.68 24.59
CA TYR C 256 -8.30 -32.41 24.43
C TYR C 256 -7.55 -31.55 23.43
N LEU C 257 -8.28 -31.05 22.43
CA LEU C 257 -7.70 -30.29 21.34
C LEU C 257 -7.61 -28.81 21.69
N GLN C 258 -6.56 -28.17 21.19
CA GLN C 258 -6.32 -26.74 21.33
C GLN C 258 -5.77 -26.22 20.02
N PRO C 259 -5.92 -24.92 19.73
CA PRO C 259 -5.40 -24.38 18.48
C PRO C 259 -3.87 -24.44 18.42
N ARG C 260 -3.37 -25.23 17.48
CA ARG C 260 -1.94 -25.40 17.28
C ARG C 260 -1.62 -25.32 15.79
N THR C 261 -0.37 -24.93 15.49
CA THR C 261 0.11 -24.83 14.13
C THR C 261 0.99 -26.05 13.84
N PHE C 262 0.65 -26.77 12.78
CA PHE C 262 1.31 -28.03 12.45
C PHE C 262 1.93 -27.95 11.06
N LEU C 263 3.12 -28.53 10.92
CA LEU C 263 3.77 -28.69 9.62
C LEU C 263 3.56 -30.14 9.18
N LEU C 264 2.70 -30.33 8.19
CA LEU C 264 2.32 -31.66 7.75
C LEU C 264 3.05 -32.01 6.46
N LYS C 265 3.67 -33.19 6.43
CA LYS C 265 4.44 -33.64 5.27
C LYS C 265 3.63 -34.67 4.51
N TYR C 266 3.09 -34.26 3.35
CA TYR C 266 2.41 -35.19 2.47
C TYR C 266 3.43 -35.94 1.63
N ASN C 267 3.27 -37.26 1.54
CA ASN C 267 4.18 -38.06 0.72
C ASN C 267 3.77 -37.96 -0.75
N GLU C 268 4.47 -38.71 -1.60
CA GLU C 268 4.15 -38.69 -3.02
C GLU C 268 2.78 -39.26 -3.29
N ASN C 269 2.40 -40.33 -2.58
CA ASN C 269 1.16 -41.04 -2.82
C ASN C 269 0.03 -40.60 -1.89
N GLY C 270 0.08 -39.34 -1.43
CA GLY C 270 -1.07 -38.66 -0.89
C GLY C 270 -1.29 -38.77 0.60
N THR C 271 -0.48 -39.52 1.33
CA THR C 271 -0.72 -39.77 2.74
C THR C 271 0.21 -38.93 3.61
N ILE C 272 -0.36 -38.36 4.67
CA ILE C 272 0.42 -37.58 5.64
C ILE C 272 1.33 -38.55 6.40
N THR C 273 2.63 -38.45 6.16
CA THR C 273 3.58 -39.39 6.76
C THR C 273 4.32 -38.84 7.97
N ASP C 274 4.35 -37.52 8.17
CA ASP C 274 5.04 -36.95 9.32
C ASP C 274 4.49 -35.56 9.60
N ALA C 275 4.74 -35.09 10.82
CA ALA C 275 4.26 -33.79 11.25
C ALA C 275 5.19 -33.23 12.31
N VAL C 276 5.10 -31.92 12.51
CA VAL C 276 5.92 -31.21 13.50
C VAL C 276 5.03 -30.23 14.24
N ASP C 277 5.08 -30.26 15.58
CA ASP C 277 4.36 -29.31 16.41
C ASP C 277 5.29 -28.13 16.70
N CYS C 278 4.95 -26.96 16.14
CA CYS C 278 5.87 -25.83 16.17
C CYS C 278 6.15 -25.33 17.58
N ALA C 279 5.23 -25.56 18.52
CA ALA C 279 5.36 -25.04 19.87
C ALA C 279 5.91 -26.05 20.86
N LEU C 280 6.37 -27.20 20.38
CA LEU C 280 6.83 -28.25 21.30
C LEU C 280 8.22 -27.93 21.83
N ASP C 281 9.21 -27.85 20.96
CA ASP C 281 10.60 -27.60 21.34
C ASP C 281 11.21 -26.64 20.34
N PRO C 282 12.31 -25.96 20.72
CA PRO C 282 12.91 -24.98 19.79
C PRO C 282 13.34 -25.57 18.46
N LEU C 283 13.73 -26.85 18.42
CA LEU C 283 14.08 -27.47 17.15
C LEU C 283 12.87 -27.52 16.22
N SER C 284 11.69 -27.85 16.76
CA SER C 284 10.48 -27.83 15.95
C SER C 284 10.12 -26.41 15.52
N GLU C 285 10.38 -25.42 16.37
CA GLU C 285 10.16 -24.04 15.97
C GLU C 285 11.05 -23.66 14.79
N THR C 286 12.31 -24.08 14.82
CA THR C 286 13.21 -23.83 13.71
C THR C 286 12.74 -24.53 12.44
N LYS C 287 12.28 -25.78 12.58
CA LYS C 287 11.78 -26.51 11.42
C LYS C 287 10.57 -25.81 10.81
N CYS C 288 9.66 -25.33 11.66
CA CYS C 288 8.48 -24.62 11.15
C CYS C 288 8.87 -23.30 10.50
N THR C 289 9.84 -22.58 11.07
CA THR C 289 10.23 -21.30 10.50
C THR C 289 11.03 -21.45 9.21
N LEU C 290 11.67 -22.60 8.99
CA LEU C 290 12.32 -22.88 7.72
C LEU C 290 11.47 -23.74 6.79
N LYS C 291 10.28 -24.14 7.22
CA LYS C 291 9.33 -24.91 6.41
C LYS C 291 9.92 -26.22 5.91
N SER C 292 10.97 -26.72 6.55
CA SER C 292 11.63 -27.95 6.15
C SER C 292 11.75 -28.87 7.35
N PHE C 293 11.77 -30.18 7.07
CA PHE C 293 11.92 -31.17 8.12
C PHE C 293 13.36 -31.37 8.56
N THR C 294 14.32 -30.80 7.85
CA THR C 294 15.72 -30.85 8.23
C THR C 294 16.28 -29.44 8.27
N VAL C 295 17.23 -29.22 9.17
CA VAL C 295 17.90 -27.92 9.29
C VAL C 295 19.40 -28.17 9.24
N GLU C 296 20.12 -27.28 8.59
CA GLU C 296 21.57 -27.41 8.50
C GLU C 296 22.24 -26.62 9.62
N LYS C 297 23.51 -26.94 9.87
CA LYS C 297 24.28 -26.25 10.90
C LYS C 297 24.29 -24.75 10.66
N GLY C 298 23.97 -23.98 11.69
CA GLY C 298 23.90 -22.55 11.56
C GLY C 298 23.08 -21.95 12.71
N ILE C 299 22.71 -20.69 12.51
CA ILE C 299 21.94 -19.93 13.49
C ILE C 299 20.79 -19.25 12.78
N TYR C 300 19.58 -19.35 13.35
CA TYR C 300 18.38 -18.86 12.71
C TYR C 300 17.54 -18.04 13.68
N GLN C 301 16.81 -17.07 13.14
CA GLN C 301 15.87 -16.27 13.90
C GLN C 301 14.49 -16.89 13.75
N THR C 302 13.95 -17.43 14.85
CA THR C 302 12.67 -18.12 14.83
C THR C 302 11.51 -17.23 15.27
N SER C 303 11.61 -16.61 16.44
CA SER C 303 10.54 -15.78 16.97
C SER C 303 11.16 -14.64 17.77
N ASN C 304 10.30 -13.88 18.45
CA ASN C 304 10.74 -12.78 19.30
C ASN C 304 9.93 -12.77 20.59
N PHE C 305 10.62 -12.78 21.72
CA PHE C 305 9.99 -12.61 23.02
C PHE C 305 9.80 -11.12 23.32
N ARG C 306 8.90 -10.83 24.26
CA ARG C 306 8.60 -9.43 24.56
C ARG C 306 8.39 -9.09 26.03
N VAL C 307 8.32 -10.09 26.94
CA VAL C 307 8.12 -9.97 28.40
C VAL C 307 6.92 -9.07 28.63
N GLN C 308 5.73 -9.63 28.52
CA GLN C 308 4.53 -8.85 28.72
C GLN C 308 4.43 -8.40 30.18
N PRO C 309 3.82 -7.25 30.44
CA PRO C 309 3.69 -6.77 31.83
C PRO C 309 2.77 -7.66 32.64
N THR C 310 2.92 -7.57 33.96
CA THR C 310 2.21 -8.47 34.87
C THR C 310 1.19 -7.77 35.76
N GLU C 311 1.20 -6.45 35.86
CA GLU C 311 0.22 -5.75 36.68
C GLU C 311 0.05 -4.33 36.15
N SER C 312 -0.87 -3.59 36.76
CA SER C 312 -1.18 -2.22 36.37
C SER C 312 -1.11 -1.31 37.59
N ILE C 313 -0.56 -0.11 37.40
CA ILE C 313 -0.42 0.87 38.46
C ILE C 313 -1.00 2.20 37.99
N VAL C 314 -1.73 2.87 38.88
CA VAL C 314 -2.35 4.16 38.59
C VAL C 314 -2.08 5.07 39.77
N ARG C 315 -1.55 6.27 39.49
CA ARG C 315 -1.29 7.25 40.54
C ARG C 315 -1.77 8.62 40.07
N PHE C 316 -2.58 9.26 40.89
CA PHE C 316 -3.26 10.51 40.56
C PHE C 316 -3.22 11.41 41.78
N PRO C 317 -3.32 12.73 41.58
CA PRO C 317 -3.32 13.65 42.73
C PRO C 317 -4.73 13.95 43.23
N ASN C 318 -4.86 14.08 44.54
CA ASN C 318 -6.13 14.38 45.19
C ASN C 318 -6.03 15.71 45.91
N ILE C 319 -7.02 16.57 45.73
CA ILE C 319 -7.08 17.87 46.38
C ILE C 319 -7.53 17.69 47.82
N THR C 320 -6.90 18.42 48.75
CA THR C 320 -7.22 18.27 50.16
C THR C 320 -8.66 18.67 50.46
N ASN C 321 -9.05 19.87 50.03
CA ASN C 321 -10.45 20.28 50.16
C ASN C 321 -11.31 19.46 49.21
N LEU C 322 -12.47 19.01 49.70
CA LEU C 322 -13.28 18.08 48.92
C LEU C 322 -14.56 18.71 48.40
N CYS C 323 -15.47 19.16 49.28
CA CYS C 323 -16.76 19.78 48.97
C CYS C 323 -17.49 20.23 50.23
N PRO C 324 -18.41 21.20 50.11
CA PRO C 324 -19.34 21.52 51.20
C PRO C 324 -20.63 20.69 51.17
N PHE C 325 -20.49 19.37 51.01
CA PHE C 325 -21.65 18.49 51.09
C PHE C 325 -22.15 18.37 52.52
N GLY C 326 -21.24 18.36 53.50
CA GLY C 326 -21.65 18.33 54.88
C GLY C 326 -22.46 19.54 55.27
N GLU C 327 -22.17 20.70 54.67
CA GLU C 327 -22.96 21.90 54.93
C GLU C 327 -24.37 21.79 54.36
N VAL C 328 -24.58 20.95 53.36
CA VAL C 328 -25.90 20.78 52.74
C VAL C 328 -26.64 19.60 53.33
N PHE C 329 -26.01 18.42 53.34
CA PHE C 329 -26.68 17.22 53.85
C PHE C 329 -26.79 17.22 55.37
N ASN C 330 -25.77 17.74 56.07
CA ASN C 330 -25.73 17.71 57.52
C ASN C 330 -25.95 19.08 58.14
N ALA C 331 -26.65 19.98 57.43
CA ALA C 331 -26.95 21.29 57.97
C ALA C 331 -27.90 21.18 59.17
N THR C 332 -28.08 22.31 59.87
CA THR C 332 -28.98 22.36 61.01
C THR C 332 -30.36 22.88 60.63
N ARG C 333 -30.41 23.90 59.78
CA ARG C 333 -31.66 24.54 59.37
C ARG C 333 -31.75 24.54 57.85
N PHE C 334 -32.96 24.28 57.35
CA PHE C 334 -33.19 24.08 55.93
C PHE C 334 -34.40 24.93 55.53
N ALA C 335 -34.36 25.46 54.31
CA ALA C 335 -35.27 26.52 53.90
C ALA C 335 -36.71 26.03 53.81
N SER C 336 -37.59 26.92 53.38
CA SER C 336 -38.99 26.62 53.12
C SER C 336 -39.22 26.42 51.63
N VAL C 337 -40.31 25.72 51.30
CA VAL C 337 -40.59 25.34 49.92
C VAL C 337 -41.06 26.53 49.10
N TYR C 338 -41.14 27.73 49.70
CA TYR C 338 -41.40 28.94 48.94
C TYR C 338 -40.13 29.71 48.59
N ALA C 339 -39.06 29.55 49.37
CA ALA C 339 -37.77 30.18 49.11
C ALA C 339 -36.71 29.09 49.13
N TRP C 340 -36.48 28.46 47.99
CA TRP C 340 -35.59 27.31 47.95
C TRP C 340 -34.14 27.76 48.05
N ASN C 341 -33.27 26.84 48.47
CA ASN C 341 -31.84 27.11 48.65
C ASN C 341 -31.07 26.42 47.54
N ARG C 342 -30.55 27.20 46.60
CA ARG C 342 -29.57 26.73 45.63
C ARG C 342 -28.18 27.15 46.08
N LYS C 343 -27.31 26.17 46.31
CA LYS C 343 -25.92 26.43 46.66
C LYS C 343 -25.05 25.95 45.50
N ARG C 344 -24.12 26.79 45.08
CA ARG C 344 -23.24 26.47 43.96
C ARG C 344 -22.01 25.75 44.48
N ILE C 345 -21.65 24.63 43.84
CA ILE C 345 -20.44 23.89 44.15
C ILE C 345 -19.55 23.90 42.92
N SER C 346 -18.33 24.40 43.10
CA SER C 346 -17.36 24.49 42.02
C SER C 346 -15.96 24.52 42.62
N ASN C 347 -14.98 24.15 41.81
CA ASN C 347 -13.57 24.10 42.23
C ASN C 347 -13.40 23.21 43.45
N CYS C 348 -14.03 22.04 43.41
CA CYS C 348 -14.01 21.10 44.53
C CYS C 348 -14.01 19.68 43.99
N VAL C 349 -13.63 18.74 44.85
CA VAL C 349 -13.52 17.32 44.50
C VAL C 349 -14.70 16.60 45.15
N ALA C 350 -15.67 16.20 44.34
CA ALA C 350 -16.93 15.66 44.84
C ALA C 350 -16.84 14.15 45.04
N ASP C 351 -16.91 13.71 46.28
CA ASP C 351 -16.92 12.29 46.63
C ASP C 351 -18.37 11.88 46.84
N TYR C 352 -18.95 11.23 45.83
CA TYR C 352 -20.33 10.79 45.90
C TYR C 352 -20.48 9.39 46.49
N SER C 353 -19.36 8.70 46.73
CA SER C 353 -19.42 7.43 47.45
C SER C 353 -19.84 7.62 48.89
N VAL C 354 -19.50 8.77 49.50
CA VAL C 354 -19.90 9.03 50.88
C VAL C 354 -21.42 9.10 50.98
N LEU C 355 -22.07 9.70 49.98
CA LEU C 355 -23.52 9.82 50.02
C LEU C 355 -24.20 8.48 49.80
N TYR C 356 -23.70 7.68 48.84
CA TYR C 356 -24.37 6.42 48.51
C TYR C 356 -24.11 5.36 49.56
N ASN C 357 -22.91 5.32 50.13
CA ASN C 357 -22.60 4.41 51.22
C ASN C 357 -23.09 4.91 52.57
N SER C 358 -23.44 6.20 52.68
CA SER C 358 -24.06 6.69 53.89
C SER C 358 -25.37 5.97 54.17
N ALA C 359 -26.10 5.61 53.12
CA ALA C 359 -27.27 4.74 53.21
C ALA C 359 -28.25 5.22 54.26
N SER C 360 -28.56 6.51 54.20
CA SER C 360 -29.59 7.11 55.01
C SER C 360 -30.76 7.62 54.17
N PHE C 361 -30.61 7.66 52.85
CA PHE C 361 -31.52 8.35 51.97
C PHE C 361 -32.59 7.39 51.48
N SER C 362 -33.87 7.74 51.66
CA SER C 362 -34.93 6.85 51.21
C SER C 362 -35.10 6.84 49.70
N THR C 363 -34.73 7.92 49.02
CA THR C 363 -34.84 8.01 47.57
C THR C 363 -33.48 8.30 46.98
N PHE C 364 -33.05 7.46 46.03
CA PHE C 364 -31.85 7.68 45.21
C PHE C 364 -32.30 7.59 43.76
N LYS C 365 -32.72 8.72 43.19
CA LYS C 365 -33.27 8.74 41.83
C LYS C 365 -32.43 9.67 40.98
N CYS C 366 -31.64 9.10 40.08
CA CYS C 366 -30.78 9.85 39.18
C CYS C 366 -31.29 9.71 37.76
N TYR C 367 -31.37 10.83 37.04
CA TYR C 367 -31.88 10.85 35.68
C TYR C 367 -30.78 11.34 34.74
N GLY C 368 -30.57 10.59 33.66
CA GLY C 368 -29.56 10.92 32.68
C GLY C 368 -28.15 10.48 33.04
N VAL C 369 -27.91 10.14 34.31
CA VAL C 369 -26.60 9.66 34.75
C VAL C 369 -26.81 8.46 35.66
N SER C 370 -26.05 7.40 35.43
CA SER C 370 -26.11 6.25 36.30
C SER C 370 -25.57 6.61 37.68
N PRO C 371 -26.07 5.99 38.74
CA PRO C 371 -25.66 6.42 40.09
C PRO C 371 -24.21 6.06 40.42
N THR C 372 -23.74 4.90 39.96
CA THR C 372 -22.42 4.41 40.36
C THR C 372 -21.27 5.02 39.58
N LYS C 373 -21.55 5.83 38.55
CA LYS C 373 -20.50 6.43 37.74
C LYS C 373 -20.30 7.92 38.03
N LEU C 374 -20.89 8.43 39.11
CA LEU C 374 -20.74 9.85 39.42
C LEU C 374 -19.31 10.19 39.81
N ASN C 375 -18.64 9.31 40.55
CA ASN C 375 -17.26 9.56 40.94
C ASN C 375 -16.31 9.58 39.76
N ASP C 376 -16.69 8.97 38.63
CA ASP C 376 -15.80 8.95 37.48
C ASP C 376 -15.95 10.19 36.60
N LEU C 377 -17.13 10.79 36.53
CA LEU C 377 -17.39 11.79 35.52
C LEU C 377 -17.06 13.17 36.11
N CYS C 378 -16.64 14.08 35.25
CA CYS C 378 -16.25 15.43 35.68
C CYS C 378 -17.24 16.45 35.14
N PHE C 379 -17.82 17.26 36.02
CA PHE C 379 -18.82 18.24 35.66
C PHE C 379 -18.25 19.65 35.76
N THR C 380 -18.95 20.60 35.13
CA THR C 380 -18.58 22.00 35.22
C THR C 380 -19.07 22.62 36.53
N ASN C 381 -20.33 22.36 36.89
CA ASN C 381 -20.93 22.98 38.07
C ASN C 381 -21.96 22.04 38.68
N VAL C 382 -22.25 22.28 39.96
CA VAL C 382 -23.23 21.52 40.73
C VAL C 382 -24.11 22.50 41.48
N TYR C 383 -25.42 22.24 41.49
CA TYR C 383 -26.37 23.00 42.28
C TYR C 383 -27.00 22.07 43.32
N ALA C 384 -27.01 22.51 44.58
CA ALA C 384 -27.47 21.69 45.70
C ALA C 384 -28.66 22.34 46.38
N ASP C 385 -29.64 21.52 46.75
CA ASP C 385 -30.81 21.94 47.50
C ASP C 385 -31.07 20.90 48.59
N SER C 386 -31.63 21.34 49.72
CA SER C 386 -31.89 20.45 50.85
C SER C 386 -33.20 20.87 51.50
N PHE C 387 -34.13 19.92 51.70
CA PHE C 387 -35.49 20.39 51.88
C PHE C 387 -36.38 19.37 52.57
N VAL C 388 -37.38 19.89 53.28
CA VAL C 388 -38.12 19.17 54.32
C VAL C 388 -39.56 18.92 53.86
N ILE C 389 -39.72 18.68 52.56
CA ILE C 389 -41.03 18.35 52.00
C ILE C 389 -41.62 17.10 52.66
N ARG C 390 -42.95 16.99 52.64
CA ARG C 390 -43.63 15.82 53.16
C ARG C 390 -43.30 14.58 52.35
N GLY C 391 -43.57 13.42 52.95
CA GLY C 391 -43.19 12.15 52.33
C GLY C 391 -44.02 11.81 51.10
N ASP C 392 -45.35 11.95 51.19
CA ASP C 392 -46.20 11.62 50.07
C ASP C 392 -45.95 12.52 48.87
N GLU C 393 -45.32 13.69 49.09
CA GLU C 393 -44.99 14.61 48.03
C GLU C 393 -43.56 14.43 47.53
N VAL C 394 -42.79 13.51 48.11
CA VAL C 394 -41.44 13.24 47.61
C VAL C 394 -41.50 12.66 46.21
N ARG C 395 -42.54 11.89 45.91
CA ARG C 395 -42.70 11.35 44.56
C ARG C 395 -42.86 12.43 43.51
N GLN C 396 -43.18 13.66 43.91
CA GLN C 396 -43.40 14.75 42.96
C GLN C 396 -42.10 15.41 42.50
N ILE C 397 -40.96 15.06 43.10
CA ILE C 397 -39.68 15.63 42.71
C ILE C 397 -39.03 14.63 41.76
N ALA C 398 -39.35 14.76 40.47
CA ALA C 398 -38.79 13.99 39.37
C ALA C 398 -39.31 14.61 38.07
N PRO C 399 -38.57 14.51 36.96
CA PRO C 399 -38.99 15.20 35.74
C PRO C 399 -40.28 14.63 35.17
N GLY C 400 -41.06 15.52 34.55
CA GLY C 400 -42.28 15.15 33.87
C GLY C 400 -43.46 14.86 34.75
N GLN C 401 -43.42 15.28 36.02
CA GLN C 401 -44.50 14.99 36.96
C GLN C 401 -45.32 16.23 37.26
N THR C 402 -46.52 15.98 37.79
CA THR C 402 -47.46 17.02 38.17
C THR C 402 -47.78 16.92 39.66
N GLY C 403 -48.63 17.81 40.12
CA GLY C 403 -48.95 17.94 41.53
C GLY C 403 -48.72 19.36 42.01
N LYS C 404 -49.16 19.60 43.24
CA LYS C 404 -49.06 20.94 43.81
C LYS C 404 -47.61 21.40 43.86
N ILE C 405 -46.71 20.55 44.35
CA ILE C 405 -45.29 20.91 44.38
C ILE C 405 -44.70 20.93 42.98
N ALA C 406 -45.04 19.92 42.16
CA ALA C 406 -44.42 19.81 40.85
C ALA C 406 -44.91 20.88 39.88
N ASP C 407 -46.14 21.38 40.08
CA ASP C 407 -46.71 22.41 39.20
C ASP C 407 -46.53 23.82 39.74
N TYR C 408 -46.64 24.00 41.05
CA TYR C 408 -46.65 25.33 41.65
C TYR C 408 -45.33 25.68 42.31
N ASN C 409 -44.73 24.75 43.05
CA ASN C 409 -43.55 25.10 43.84
C ASN C 409 -42.30 25.15 42.97
N TYR C 410 -41.89 24.02 42.40
CA TYR C 410 -40.60 23.95 41.72
C TYR C 410 -40.70 22.93 40.58
N LYS C 411 -40.77 23.45 39.36
CA LYS C 411 -40.94 22.62 38.18
C LYS C 411 -39.60 22.00 37.77
N LEU C 412 -39.64 20.71 37.43
CA LEU C 412 -38.46 20.01 36.95
C LEU C 412 -38.63 19.69 35.48
N PRO C 413 -37.74 20.16 34.61
CA PRO C 413 -37.92 19.93 33.17
C PRO C 413 -37.72 18.46 32.83
N ASP C 414 -38.32 18.07 31.71
CA ASP C 414 -38.26 16.68 31.26
C ASP C 414 -36.83 16.19 31.13
N ASP C 415 -35.92 17.07 30.68
CA ASP C 415 -34.56 16.69 30.35
C ASP C 415 -33.63 17.01 31.52
N PHE C 416 -33.75 16.22 32.57
CA PHE C 416 -33.01 16.43 33.81
C PHE C 416 -31.78 15.55 33.84
N THR C 417 -30.65 16.14 34.25
CA THR C 417 -29.40 15.41 34.45
C THR C 417 -28.92 15.70 35.87
N GLY C 418 -28.99 14.68 36.72
CA GLY C 418 -28.62 14.82 38.11
C GLY C 418 -29.33 13.76 38.94
N CYS C 419 -29.43 14.03 40.24
CA CYS C 419 -30.01 13.07 41.18
C CYS C 419 -30.95 13.77 42.15
N VAL C 420 -32.03 13.09 42.52
CA VAL C 420 -32.95 13.51 43.58
C VAL C 420 -32.78 12.56 44.75
N ILE C 421 -32.51 13.11 45.93
CA ILE C 421 -31.96 12.34 47.03
C ILE C 421 -32.65 12.85 48.29
N ALA C 422 -33.30 11.96 49.05
CA ALA C 422 -34.14 12.43 50.15
C ALA C 422 -34.13 11.45 51.31
N TRP C 423 -34.31 11.96 52.53
CA TRP C 423 -34.49 11.05 53.65
C TRP C 423 -35.35 11.74 54.72
N ASN C 424 -35.62 11.03 55.81
CA ASN C 424 -36.56 11.50 56.82
C ASN C 424 -35.89 12.39 57.86
N SER C 425 -36.64 13.38 58.34
CA SER C 425 -36.20 14.28 59.40
C SER C 425 -37.22 14.32 60.54
N ASN C 426 -37.72 13.13 60.91
CA ASN C 426 -38.75 13.06 61.95
C ASN C 426 -38.21 13.50 63.30
N ASN C 427 -36.99 13.10 63.64
CA ASN C 427 -36.38 13.43 64.92
C ASN C 427 -35.61 14.74 64.89
N LEU C 428 -35.66 15.48 63.78
CA LEU C 428 -34.80 16.65 63.61
C LEU C 428 -35.59 17.91 63.28
N ASP C 429 -36.71 17.76 62.55
CA ASP C 429 -37.50 18.89 62.12
C ASP C 429 -38.91 18.93 62.69
N SER C 430 -39.33 17.92 63.44
CA SER C 430 -40.64 17.90 64.05
C SER C 430 -40.55 18.23 65.52
N LYS C 431 -41.58 18.93 66.02
CA LYS C 431 -41.67 19.29 67.42
C LYS C 431 -43.00 18.80 67.98
N VAL C 432 -43.06 18.74 69.31
CA VAL C 432 -44.27 18.23 69.99
C VAL C 432 -45.46 19.12 69.68
N GLY C 433 -45.28 20.43 69.72
CA GLY C 433 -46.35 21.36 69.39
C GLY C 433 -46.55 21.62 67.92
N GLY C 434 -45.76 20.98 67.05
CA GLY C 434 -45.88 21.20 65.63
C GLY C 434 -44.96 22.28 65.10
N ASN C 435 -44.16 21.94 64.09
CA ASN C 435 -43.22 22.88 63.48
C ASN C 435 -43.90 23.51 62.27
N TYR C 436 -44.33 24.76 62.41
CA TYR C 436 -45.03 25.47 61.35
C TYR C 436 -44.15 26.54 60.69
N ASN C 437 -42.83 26.38 60.75
CA ASN C 437 -41.91 27.32 60.12
C ASN C 437 -41.72 27.06 58.64
N TYR C 438 -42.27 25.96 58.11
CA TYR C 438 -42.21 25.67 56.69
C TYR C 438 -43.58 25.97 56.08
N LEU C 439 -43.62 26.90 55.14
CA LEU C 439 -44.87 27.38 54.54
C LEU C 439 -44.99 26.87 53.11
N TYR C 440 -46.23 26.55 52.72
CA TYR C 440 -46.50 25.93 51.43
C TYR C 440 -47.59 26.71 50.71
N ARG C 441 -47.40 26.90 49.41
CA ARG C 441 -48.42 27.53 48.57
C ARG C 441 -49.35 26.50 47.97
N LEU C 442 -50.65 26.85 47.93
CA LEU C 442 -51.65 26.02 47.27
C LEU C 442 -52.36 26.71 46.12
N PHE C 443 -52.28 28.05 46.03
CA PHE C 443 -52.94 28.80 44.97
C PHE C 443 -51.92 29.68 44.26
N ARG C 444 -51.94 29.66 42.93
CA ARG C 444 -51.15 30.58 42.12
C ARG C 444 -51.93 30.88 40.85
N LYS C 445 -51.59 32.01 40.22
CA LYS C 445 -52.25 32.40 38.99
C LYS C 445 -51.95 31.42 37.86
N SER C 446 -50.71 30.96 37.76
CA SER C 446 -50.31 30.09 36.67
C SER C 446 -49.17 29.19 37.11
N ASN C 447 -48.94 28.13 36.34
CA ASN C 447 -47.83 27.24 36.60
C ASN C 447 -46.51 27.93 36.29
N LEU C 448 -45.44 27.42 36.92
CA LEU C 448 -44.14 28.03 36.79
C LEU C 448 -43.42 27.56 35.52
N LYS C 449 -42.19 28.02 35.38
CA LYS C 449 -41.20 27.53 34.44
C LYS C 449 -40.11 26.79 35.20
N PRO C 450 -39.32 25.94 34.54
CA PRO C 450 -38.32 25.16 35.29
C PRO C 450 -37.32 26.07 36.01
N PHE C 451 -36.94 25.64 37.22
CA PHE C 451 -36.01 26.36 38.10
C PHE C 451 -36.46 27.81 38.36
N GLU C 452 -37.77 28.05 38.39
CA GLU C 452 -38.28 29.37 38.72
C GLU C 452 -38.58 29.46 40.21
N ARG C 453 -38.31 30.63 40.79
CA ARG C 453 -38.50 30.87 42.21
C ARG C 453 -39.35 32.11 42.40
N ASP C 454 -40.50 31.93 43.08
CA ASP C 454 -41.38 33.03 43.43
C ASP C 454 -41.49 33.10 44.95
N ILE C 455 -41.14 34.23 45.52
CA ILE C 455 -41.26 34.46 46.96
C ILE C 455 -42.25 35.58 47.25
N SER C 456 -43.08 35.92 46.26
CA SER C 456 -44.10 36.95 46.46
C SER C 456 -45.18 36.45 47.41
N THR C 457 -45.63 37.34 48.29
CA THR C 457 -46.66 37.02 49.28
C THR C 457 -48.00 37.66 48.94
N GLU C 458 -48.22 37.98 47.66
CA GLU C 458 -49.46 38.64 47.26
C GLU C 458 -50.65 37.71 47.47
N ILE C 459 -51.75 38.28 47.98
CA ILE C 459 -52.96 37.50 48.22
C ILE C 459 -53.65 37.23 46.89
N TYR C 460 -53.97 35.96 46.63
CA TYR C 460 -54.54 35.55 45.36
C TYR C 460 -56.05 35.77 45.35
N GLN C 461 -56.56 36.09 44.16
CA GLN C 461 -57.96 36.42 43.96
C GLN C 461 -58.69 35.17 43.47
N ALA C 462 -59.36 34.48 44.39
CA ALA C 462 -60.13 33.29 44.02
C ALA C 462 -61.44 33.66 43.32
N GLY C 463 -62.02 34.81 43.65
CA GLY C 463 -63.26 35.27 43.06
C GLY C 463 -63.04 36.25 41.94
N SER C 464 -64.07 37.07 41.69
CA SER C 464 -64.02 38.08 40.64
C SER C 464 -63.62 39.46 41.14
N THR C 465 -63.78 39.73 42.45
CA THR C 465 -63.42 41.00 43.07
C THR C 465 -61.93 41.01 43.43
N PRO C 466 -61.29 42.17 43.38
CA PRO C 466 -59.88 42.24 43.75
C PRO C 466 -59.68 42.24 45.24
N CYS C 467 -58.56 41.63 45.67
CA CYS C 467 -58.24 41.54 47.09
C CYS C 467 -57.47 42.76 47.59
N ASN C 468 -56.66 43.38 46.74
CA ASN C 468 -55.87 44.56 47.11
C ASN C 468 -54.98 44.28 48.31
N GLY C 469 -54.41 43.08 48.37
CA GLY C 469 -53.52 42.71 49.45
C GLY C 469 -54.19 42.42 50.77
N VAL C 470 -55.51 42.26 50.78
CA VAL C 470 -56.27 42.01 52.00
C VAL C 470 -57.10 40.74 51.80
N GLU C 471 -57.05 39.85 52.78
CA GLU C 471 -57.83 38.62 52.73
C GLU C 471 -59.32 38.92 52.90
N GLY C 472 -60.12 37.87 52.87
CA GLY C 472 -61.55 37.99 53.03
C GLY C 472 -62.27 36.95 52.20
N PHE C 473 -63.41 37.33 51.64
CA PHE C 473 -64.19 36.43 50.80
C PHE C 473 -63.46 36.19 49.49
N ASN C 474 -63.15 34.93 49.21
CA ASN C 474 -62.42 34.53 48.01
C ASN C 474 -61.05 35.20 47.93
N CYS C 475 -60.43 35.44 49.08
CA CYS C 475 -59.09 36.01 49.16
C CYS C 475 -58.32 35.28 50.24
N TYR C 476 -57.19 34.68 49.89
CA TYR C 476 -56.44 33.85 50.81
C TYR C 476 -54.95 34.19 50.72
N PHE C 477 -54.27 34.03 51.86
CA PHE C 477 -52.82 34.14 51.87
C PHE C 477 -52.22 33.01 51.03
N PRO C 478 -51.04 33.23 50.44
CA PRO C 478 -50.45 32.18 49.59
C PRO C 478 -49.97 30.98 50.39
N LEU C 479 -49.40 31.20 51.56
CA LEU C 479 -48.67 30.16 52.28
C LEU C 479 -49.48 29.62 53.45
N GLN C 480 -49.64 28.30 53.49
CA GLN C 480 -50.17 27.59 54.63
C GLN C 480 -49.06 26.84 55.33
N SER C 481 -49.18 26.71 56.65
CA SER C 481 -48.16 26.05 57.46
C SER C 481 -48.41 24.55 57.54
N TYR C 482 -47.36 23.81 57.85
CA TYR C 482 -47.39 22.36 57.90
C TYR C 482 -47.31 21.87 59.34
N GLY C 483 -48.12 20.88 59.67
CA GLY C 483 -48.13 20.32 61.01
C GLY C 483 -47.12 19.22 61.23
N PHE C 484 -45.84 19.56 61.18
CA PHE C 484 -44.78 18.58 61.39
C PHE C 484 -44.76 18.17 62.86
N GLN C 485 -45.17 16.95 63.15
CA GLN C 485 -45.23 16.41 64.50
C GLN C 485 -44.56 15.05 64.54
N PRO C 486 -43.98 14.67 65.68
CA PRO C 486 -43.31 13.36 65.76
C PRO C 486 -44.25 12.18 65.80
N THR C 487 -45.54 12.40 66.05
CA THR C 487 -46.53 11.33 66.05
C THR C 487 -47.28 11.20 64.73
N ASN C 488 -46.93 12.01 63.73
CA ASN C 488 -47.62 11.97 62.46
C ASN C 488 -47.27 10.68 61.70
N GLY C 489 -48.14 10.34 60.75
CA GLY C 489 -47.91 9.18 59.93
C GLY C 489 -46.76 9.38 58.96
N VAL C 490 -46.33 8.26 58.37
CA VAL C 490 -45.17 8.28 57.49
C VAL C 490 -45.40 9.22 56.31
N GLY C 491 -46.62 9.27 55.80
CA GLY C 491 -46.92 10.18 54.71
C GLY C 491 -46.78 11.64 55.10
N TYR C 492 -47.17 11.99 56.33
CA TYR C 492 -47.15 13.36 56.80
C TYR C 492 -45.88 13.71 57.56
N GLN C 493 -44.95 12.79 57.71
CA GLN C 493 -43.70 13.07 58.40
C GLN C 493 -42.83 14.02 57.58
N PRO C 494 -41.93 14.76 58.24
CA PRO C 494 -41.00 15.61 57.47
C PRO C 494 -39.94 14.77 56.80
N TYR C 495 -39.66 15.12 55.55
CA TYR C 495 -38.71 14.39 54.71
C TYR C 495 -37.69 15.39 54.19
N ARG C 496 -36.46 15.28 54.66
CA ARG C 496 -35.36 16.06 54.09
C ARG C 496 -34.94 15.49 52.73
N VAL C 497 -34.88 16.38 51.73
CA VAL C 497 -34.76 16.03 50.32
C VAL C 497 -33.61 16.83 49.70
N VAL C 498 -32.76 16.16 48.91
CA VAL C 498 -31.63 16.80 48.23
C VAL C 498 -31.80 16.63 46.73
N VAL C 499 -31.62 17.72 45.98
CA VAL C 499 -31.63 17.69 44.53
C VAL C 499 -30.29 18.22 44.04
N LEU C 500 -29.53 17.36 43.37
CA LEU C 500 -28.21 17.72 42.84
C LEU C 500 -28.32 17.76 41.32
N SER C 501 -28.42 18.96 40.77
CA SER C 501 -28.48 19.15 39.33
C SER C 501 -27.06 19.35 38.80
N PHE C 502 -26.66 18.52 37.84
CA PHE C 502 -25.30 18.46 37.35
C PHE C 502 -25.24 19.03 35.94
N GLU C 503 -24.23 19.87 35.67
CA GLU C 503 -24.08 20.52 34.38
C GLU C 503 -22.98 19.83 33.58
N LEU C 504 -23.36 19.30 32.42
CA LEU C 504 -22.42 18.70 31.46
C LEU C 504 -22.43 19.56 30.20
N LEU C 505 -21.44 20.44 30.09
CA LEU C 505 -21.35 21.36 28.97
C LEU C 505 -19.95 21.29 28.37
N HIS C 506 -19.77 21.98 27.24
CA HIS C 506 -18.47 22.09 26.59
C HIS C 506 -17.64 23.18 27.27
N ALA C 507 -17.43 22.99 28.57
CA ALA C 507 -16.76 23.94 29.43
C ALA C 507 -15.80 23.17 30.33
N PRO C 508 -14.73 23.82 30.81
CA PRO C 508 -13.79 23.11 31.70
C PRO C 508 -14.47 22.71 33.00
N ALA C 509 -14.08 21.55 33.51
CA ALA C 509 -14.71 20.98 34.69
C ALA C 509 -14.13 21.58 35.97
N THR C 510 -15.01 21.92 36.91
CA THR C 510 -14.59 22.43 38.21
C THR C 510 -14.95 21.50 39.36
N VAL C 511 -15.88 20.56 39.16
CA VAL C 511 -16.24 19.56 40.14
C VAL C 511 -15.93 18.19 39.57
N CYS C 512 -15.17 17.39 40.33
CA CYS C 512 -14.72 16.09 39.86
C CYS C 512 -14.73 15.11 41.02
N GLY C 513 -14.81 13.83 40.69
CA GLY C 513 -14.78 12.78 41.69
C GLY C 513 -13.39 12.51 42.20
N PRO C 514 -13.30 11.64 43.20
CA PRO C 514 -11.99 11.22 43.69
C PRO C 514 -11.26 10.40 42.63
N LYS C 515 -9.93 10.42 42.73
CA LYS C 515 -9.06 9.76 41.77
C LYS C 515 -8.58 8.44 42.39
N LYS C 516 -8.85 7.34 41.68
CA LYS C 516 -8.52 6.00 42.18
C LYS C 516 -7.04 5.73 41.97
N SER C 517 -6.25 5.91 43.03
CA SER C 517 -4.80 5.70 42.97
C SER C 517 -4.43 4.41 43.68
N THR C 518 -3.42 3.72 43.15
CA THR C 518 -2.95 2.45 43.68
C THR C 518 -1.53 2.60 44.23
N ASN C 519 -0.96 1.48 44.66
CA ASN C 519 0.35 1.47 45.28
C ASN C 519 1.45 1.56 44.23
N LEU C 520 2.68 1.75 44.71
CA LEU C 520 3.85 1.91 43.86
C LEU C 520 4.62 0.59 43.78
N VAL C 521 4.92 0.15 42.56
CA VAL C 521 5.76 -1.00 42.30
C VAL C 521 6.95 -0.55 41.46
N LYS C 522 8.15 -0.94 41.88
CA LYS C 522 9.38 -0.45 41.27
C LYS C 522 10.20 -1.60 40.73
N ASN C 523 10.98 -1.32 39.68
CA ASN C 523 11.90 -2.27 39.06
C ASN C 523 11.19 -3.52 38.56
N LYS C 524 9.93 -3.39 38.15
CA LYS C 524 9.18 -4.48 37.56
C LYS C 524 8.39 -3.96 36.37
N CYS C 525 8.16 -4.82 35.39
CA CYS C 525 7.37 -4.44 34.23
C CYS C 525 5.91 -4.30 34.63
N VAL C 526 5.31 -3.15 34.32
CA VAL C 526 3.98 -2.82 34.83
C VAL C 526 3.35 -1.79 33.91
N ASN C 527 2.05 -1.94 33.68
CA ASN C 527 1.28 -0.90 33.00
C ASN C 527 1.08 0.28 33.94
N PHE C 528 1.47 1.46 33.51
CA PHE C 528 1.44 2.64 34.36
C PHE C 528 0.49 3.69 33.80
N ASN C 529 -0.09 4.48 34.71
CA ASN C 529 -0.96 5.60 34.36
C ASN C 529 -0.63 6.74 35.32
N PHE C 530 0.24 7.65 34.88
CA PHE C 530 0.72 8.75 35.69
C PHE C 530 0.09 10.05 35.18
N ASN C 531 -0.86 10.58 35.95
CA ASN C 531 -1.53 11.84 35.62
C ASN C 531 -2.16 11.79 34.23
N GLY C 532 -2.69 10.63 33.86
CA GLY C 532 -3.36 10.44 32.60
C GLY C 532 -2.51 9.81 31.51
N LEU C 533 -1.19 9.77 31.68
CA LEU C 533 -0.31 9.17 30.68
C LEU C 533 -0.31 7.65 30.88
N THR C 534 -0.88 6.93 29.93
CA THR C 534 -0.95 5.48 29.99
C THR C 534 0.17 4.86 29.16
N GLY C 535 0.75 3.79 29.66
CA GLY C 535 1.82 3.13 28.95
C GLY C 535 2.21 1.83 29.62
N THR C 536 3.29 1.24 29.11
CA THR C 536 3.80 -0.02 29.64
C THR C 536 5.32 0.08 29.72
N GLY C 537 5.88 -0.16 30.90
CA GLY C 537 7.32 -0.12 31.05
C GLY C 537 7.70 -0.37 32.49
N VAL C 538 9.01 -0.43 32.71
CA VAL C 538 9.58 -0.63 34.04
C VAL C 538 10.07 0.71 34.56
N LEU C 539 9.92 0.92 35.88
CA LEU C 539 10.25 2.19 36.51
C LEU C 539 11.46 2.02 37.41
N THR C 540 12.42 2.94 37.29
CA THR C 540 13.64 2.93 38.09
C THR C 540 13.89 4.35 38.62
N GLU C 541 14.71 4.42 39.67
CA GLU C 541 15.05 5.69 40.26
C GLU C 541 15.99 6.47 39.35
N SER C 542 15.73 7.77 39.21
CA SER C 542 16.51 8.64 38.34
C SER C 542 17.11 9.77 39.14
N ASN C 543 18.30 10.21 38.72
CA ASN C 543 18.99 11.33 39.34
C ASN C 543 18.68 12.66 38.67
N LYS C 544 17.79 12.68 37.68
CA LYS C 544 17.46 13.92 37.00
C LYS C 544 16.72 14.87 37.95
N LYS C 545 16.89 16.17 37.71
CA LYS C 545 16.26 17.21 38.51
C LYS C 545 15.23 17.93 37.65
N PHE C 546 14.01 18.01 38.15
CA PHE C 546 12.91 18.68 37.46
C PHE C 546 12.65 20.04 38.08
N LEU C 547 12.45 21.05 37.24
CA LEU C 547 12.03 22.34 37.72
C LEU C 547 10.62 22.23 38.29
N PRO C 548 10.26 23.11 39.24
CA PRO C 548 8.96 22.94 39.92
C PRO C 548 7.77 22.97 38.98
N PHE C 549 7.88 23.62 37.83
CA PHE C 549 6.78 23.65 36.88
C PHE C 549 6.81 22.48 35.90
N GLN C 550 7.83 21.64 35.95
CA GLN C 550 7.99 20.56 34.98
C GLN C 550 7.46 19.25 35.56
N GLN C 551 6.76 18.49 34.72
CA GLN C 551 6.15 17.23 35.13
C GLN C 551 6.74 16.03 34.41
N PHE C 552 6.83 16.06 33.09
CA PHE C 552 7.29 14.92 32.31
C PHE C 552 8.72 15.17 31.81
N GLY C 553 9.26 14.17 31.13
CA GLY C 553 10.56 14.29 30.51
C GLY C 553 10.62 13.52 29.21
N ARG C 554 11.18 14.12 28.16
CA ARG C 554 11.21 13.51 26.84
C ARG C 554 12.63 13.42 26.33
N ASP C 555 12.84 12.51 25.37
CA ASP C 555 14.13 12.29 24.77
C ASP C 555 14.19 12.99 23.40
N ILE C 556 15.26 12.71 22.64
CA ILE C 556 15.48 13.36 21.35
C ILE C 556 14.57 12.82 20.25
N ALA C 557 13.69 11.87 20.56
CA ALA C 557 12.85 11.23 19.55
C ALA C 557 11.37 11.32 19.91
N ASP C 558 10.97 12.38 20.61
CA ASP C 558 9.58 12.60 21.00
C ASP C 558 9.01 11.40 21.75
N THR C 559 9.79 10.87 22.69
CA THR C 559 9.39 9.73 23.50
C THR C 559 9.68 10.04 24.96
N THR C 560 8.69 9.81 25.82
CA THR C 560 8.87 10.10 27.24
C THR C 560 9.79 9.07 27.88
N ASP C 561 10.71 9.56 28.71
CA ASP C 561 11.65 8.70 29.44
C ASP C 561 11.70 8.96 30.93
N ALA C 562 11.22 10.11 31.41
CA ALA C 562 11.19 10.40 32.84
C ALA C 562 9.83 10.99 33.18
N VAL C 563 9.44 10.84 34.45
CA VAL C 563 8.14 11.32 34.91
C VAL C 563 8.24 11.63 36.40
N ARG C 564 7.33 12.46 36.88
CA ARG C 564 7.26 12.87 38.28
C ARG C 564 6.03 12.25 38.92
N ASP C 565 6.23 11.60 40.05
CA ASP C 565 5.11 10.97 40.76
C ASP C 565 4.23 12.05 41.40
N PRO C 566 2.92 12.04 41.13
CA PRO C 566 2.03 13.06 41.72
C PRO C 566 2.14 13.19 43.23
N GLN C 567 1.92 12.09 43.96
CA GLN C 567 1.87 12.16 45.41
C GLN C 567 3.25 12.37 46.00
N THR C 568 4.16 11.43 45.79
CA THR C 568 5.53 11.54 46.28
C THR C 568 6.36 12.30 45.26
N LEU C 569 7.07 13.33 45.70
CA LEU C 569 7.77 14.22 44.77
C LEU C 569 9.02 13.60 44.14
N GLU C 570 9.27 12.30 44.29
CA GLU C 570 10.46 11.70 43.70
C GLU C 570 10.33 11.64 42.18
N ILE C 571 11.47 11.56 41.51
CA ILE C 571 11.55 11.48 40.05
C ILE C 571 11.87 10.05 39.66
N LEU C 572 11.08 9.50 38.75
CA LEU C 572 11.25 8.14 38.26
C LEU C 572 11.39 8.15 36.74
N ASP C 573 12.43 7.51 36.23
CA ASP C 573 12.56 7.36 34.79
C ASP C 573 11.89 6.07 34.33
N ILE C 574 11.52 6.03 33.06
CA ILE C 574 10.70 4.97 32.50
C ILE C 574 11.48 4.29 31.38
N THR C 575 11.64 2.97 31.50
CA THR C 575 12.25 2.14 30.48
C THR C 575 11.23 1.11 30.01
N PRO C 576 11.04 0.95 28.70
CA PRO C 576 10.08 -0.05 28.22
C PRO C 576 10.56 -1.46 28.49
N CYS C 577 9.61 -2.39 28.51
CA CYS C 577 9.91 -3.79 28.79
C CYS C 577 10.89 -4.34 27.75
N SER C 578 11.86 -5.13 28.24
CA SER C 578 12.99 -5.53 27.42
C SER C 578 12.61 -6.60 26.41
N PHE C 579 12.69 -6.25 25.12
CA PHE C 579 12.30 -7.19 24.07
C PHE C 579 13.51 -7.56 23.22
N GLY C 580 13.28 -8.29 22.15
CA GLY C 580 14.36 -8.73 21.28
C GLY C 580 14.01 -10.04 20.61
N GLY C 581 14.78 -10.36 19.59
CA GLY C 581 14.55 -11.60 18.86
C GLY C 581 15.04 -12.82 19.62
N VAL C 582 14.46 -13.96 19.27
CA VAL C 582 14.86 -15.26 19.80
C VAL C 582 15.54 -16.02 18.68
N SER C 583 16.75 -16.49 18.94
CA SER C 583 17.55 -17.16 17.93
C SER C 583 17.96 -18.53 18.43
N VAL C 584 17.89 -19.53 17.56
CA VAL C 584 18.16 -20.92 17.91
C VAL C 584 19.41 -21.38 17.17
N ILE C 585 20.38 -21.89 17.93
CA ILE C 585 21.62 -22.41 17.37
C ILE C 585 21.50 -23.92 17.27
N THR C 586 21.55 -24.45 16.05
CA THR C 586 21.37 -25.88 15.84
C THR C 586 22.31 -26.40 14.76
N PRO C 587 22.97 -27.53 15.00
CA PRO C 587 23.68 -28.22 13.91
C PRO C 587 22.72 -29.00 13.04
N GLY C 588 23.24 -29.77 12.08
CA GLY C 588 22.37 -30.51 11.19
C GLY C 588 21.55 -31.56 11.94
N THR C 589 20.30 -31.74 11.50
CA THR C 589 19.44 -32.75 12.10
C THR C 589 19.96 -34.17 11.91
N ASN C 590 20.80 -34.40 10.90
CA ASN C 590 21.36 -35.74 10.71
C ASN C 590 22.49 -36.04 11.68
N THR C 591 22.90 -35.08 12.51
CA THR C 591 23.96 -35.26 13.48
C THR C 591 23.49 -35.16 14.92
N SER C 592 22.43 -34.39 15.19
CA SER C 592 21.93 -34.23 16.54
C SER C 592 20.50 -33.72 16.50
N ASN C 593 19.85 -33.73 17.66
CA ASN C 593 18.53 -33.16 17.82
C ASN C 593 18.46 -32.13 18.94
N GLN C 594 19.55 -31.91 19.66
CA GLN C 594 19.60 -30.89 20.71
C GLN C 594 20.01 -29.55 20.13
N VAL C 595 19.56 -28.48 20.78
CA VAL C 595 19.71 -27.12 20.27
C VAL C 595 20.19 -26.21 21.38
N ALA C 596 20.51 -24.98 21.01
CA ALA C 596 20.81 -23.92 21.95
C ALA C 596 20.09 -22.66 21.50
N VAL C 597 19.54 -21.91 22.45
CA VAL C 597 18.72 -20.74 22.16
C VAL C 597 19.46 -19.48 22.58
N LEU C 598 19.31 -18.42 21.80
CA LEU C 598 19.92 -17.13 22.07
C LEU C 598 18.87 -16.04 21.96
N TYR C 599 18.75 -15.22 23.00
CA TYR C 599 17.81 -14.11 23.03
C TYR C 599 18.58 -12.81 22.77
N GLN C 600 18.33 -12.21 21.62
CA GLN C 600 19.12 -11.07 21.17
C GLN C 600 18.86 -9.84 22.04
N GLY C 601 19.94 -9.15 22.39
CA GLY C 601 19.82 -7.83 23.01
C GLY C 601 19.00 -7.77 24.28
N VAL C 602 19.15 -8.77 25.15
CA VAL C 602 18.45 -8.80 26.43
C VAL C 602 19.40 -9.38 27.46
N ASN C 603 19.21 -9.00 28.72
CA ASN C 603 19.83 -9.75 29.80
C ASN C 603 18.81 -10.70 30.42
N CYS C 604 19.32 -11.83 30.89
CA CYS C 604 18.59 -13.09 30.98
C CYS C 604 18.19 -13.47 32.41
N THR C 605 17.77 -12.48 33.19
CA THR C 605 16.85 -12.73 34.30
C THR C 605 15.41 -12.69 33.83
N GLU C 606 15.11 -11.87 32.82
CA GLU C 606 13.76 -11.77 32.28
C GLU C 606 13.31 -13.09 31.64
N VAL C 607 14.21 -13.78 30.96
CA VAL C 607 13.86 -15.03 30.31
C VAL C 607 13.56 -16.09 31.36
N ASN C 628 21.29 -24.03 33.02
CA ASN C 628 22.52 -23.86 32.25
C ASN C 628 22.46 -22.57 31.43
N VAL C 629 22.51 -21.44 32.12
CA VAL C 629 22.41 -20.13 31.49
C VAL C 629 23.70 -19.35 31.79
N PHE C 630 24.18 -18.63 30.79
CA PHE C 630 25.43 -17.87 30.92
C PHE C 630 25.33 -16.65 30.01
N GLN C 631 25.82 -15.52 30.51
CA GLN C 631 25.60 -14.23 29.84
C GLN C 631 26.65 -13.97 28.77
N THR C 632 26.21 -13.39 27.66
CA THR C 632 27.07 -13.04 26.54
C THR C 632 26.71 -11.63 26.09
N ARG C 633 27.67 -10.95 25.45
CA ARG C 633 27.42 -9.59 24.99
C ARG C 633 26.24 -9.53 24.02
N ALA C 634 26.05 -10.57 23.20
CA ALA C 634 24.93 -10.62 22.27
C ALA C 634 23.75 -11.36 22.90
N GLY C 635 23.29 -10.83 24.02
CA GLY C 635 22.22 -11.46 24.78
C GLY C 635 22.72 -12.69 25.52
N CYS C 636 21.80 -13.35 26.20
CA CYS C 636 22.13 -14.50 27.02
C CYS C 636 21.83 -15.78 26.25
N LEU C 637 22.77 -16.72 26.31
CA LEU C 637 22.71 -17.96 25.56
C LEU C 637 22.37 -19.11 26.51
N ILE C 638 21.33 -19.87 26.17
CA ILE C 638 20.84 -20.96 26.99
C ILE C 638 20.92 -22.26 26.18
N GLY C 639 21.40 -23.31 26.81
CA GLY C 639 21.50 -24.62 26.19
C GLY C 639 22.91 -25.04 25.83
N ALA C 640 23.88 -24.14 25.89
CA ALA C 640 25.26 -24.45 25.56
C ALA C 640 26.17 -24.06 26.73
N GLU C 641 27.16 -24.90 26.99
CA GLU C 641 28.12 -24.65 28.06
C GLU C 641 29.32 -23.88 27.51
N HIS C 642 29.82 -22.94 28.30
CA HIS C 642 30.90 -22.07 27.87
C HIS C 642 32.24 -22.79 28.03
N VAL C 643 33.19 -22.44 27.15
CA VAL C 643 34.47 -23.14 27.04
C VAL C 643 35.57 -22.11 26.83
N ASN C 644 36.80 -22.51 27.15
CA ASN C 644 37.96 -21.63 27.15
C ASN C 644 38.78 -21.70 25.87
N ASN C 645 39.17 -22.90 25.44
CA ASN C 645 40.07 -23.06 24.30
C ASN C 645 39.50 -22.42 23.04
N SER C 646 40.15 -21.37 22.56
CA SER C 646 39.66 -20.63 21.40
C SER C 646 39.91 -21.43 20.13
N TYR C 647 38.88 -21.56 19.30
CA TYR C 647 38.96 -22.22 18.01
C TYR C 647 38.60 -21.25 16.90
N GLU C 648 38.57 -21.77 15.67
CA GLU C 648 38.03 -21.02 14.55
C GLU C 648 36.53 -20.86 14.72
N CYS C 649 35.99 -19.80 14.12
CA CYS C 649 34.57 -19.48 14.27
C CYS C 649 33.74 -20.55 13.54
N ASP C 650 32.97 -21.32 14.30
CA ASP C 650 32.15 -22.39 13.73
C ASP C 650 30.76 -21.90 13.35
N ILE C 651 30.02 -21.41 14.32
CA ILE C 651 28.67 -20.87 14.11
C ILE C 651 28.64 -19.44 14.61
N PRO C 652 28.69 -18.46 13.72
CA PRO C 652 28.76 -17.06 14.17
C PRO C 652 27.56 -16.67 15.01
N ILE C 653 27.82 -15.87 16.04
CA ILE C 653 26.80 -15.38 16.96
C ILE C 653 26.76 -13.87 17.00
N GLY C 654 27.91 -13.25 17.27
CA GLY C 654 28.02 -11.81 17.39
C GLY C 654 28.89 -11.46 18.57
N ALA C 655 29.54 -10.29 18.49
CA ALA C 655 30.44 -9.80 19.53
C ALA C 655 31.58 -10.79 19.79
N GLY C 656 32.09 -11.40 18.73
CA GLY C 656 33.25 -12.25 18.84
C GLY C 656 33.01 -13.63 19.41
N ILE C 657 31.77 -14.09 19.43
CA ILE C 657 31.40 -15.39 19.98
C ILE C 657 30.91 -16.28 18.85
N CYS C 658 31.41 -17.51 18.80
CA CYS C 658 30.85 -18.55 17.94
C CYS C 658 30.76 -19.85 18.72
N ALA C 659 29.65 -20.56 18.53
CA ALA C 659 29.41 -21.83 19.19
C ALA C 659 29.78 -22.98 18.28
N SER C 660 30.04 -24.14 18.89
CA SER C 660 30.46 -25.31 18.13
C SER C 660 29.97 -26.57 18.84
N TYR C 661 30.06 -27.69 18.13
CA TYR C 661 29.60 -28.99 18.60
C TYR C 661 30.84 -29.85 18.85
N GLN C 662 31.08 -30.21 20.10
CA GLN C 662 32.26 -31.00 20.44
C GLN C 662 31.96 -31.85 21.67
N THR C 663 32.75 -32.90 21.85
CA THR C 663 32.59 -33.80 22.98
C THR C 663 33.27 -33.26 24.23
N SER C 676 28.12 -37.32 26.67
CA SER C 676 29.47 -37.35 26.11
C SER C 676 29.80 -36.05 25.41
N GLN C 677 28.87 -35.57 24.58
CA GLN C 677 29.05 -34.39 23.77
C GLN C 677 28.09 -33.28 24.21
N SER C 678 28.37 -32.06 23.75
CA SER C 678 27.55 -30.91 24.07
C SER C 678 27.87 -29.81 23.06
N ILE C 679 27.05 -28.76 23.08
CA ILE C 679 27.29 -27.58 22.27
C ILE C 679 28.05 -26.57 23.13
N ILE C 680 29.15 -26.04 22.61
CA ILE C 680 30.01 -25.15 23.38
C ILE C 680 30.15 -23.83 22.63
N ALA C 681 30.05 -22.74 23.37
CA ALA C 681 30.26 -21.39 22.84
C ALA C 681 31.54 -20.82 23.42
N TYR C 682 32.42 -20.32 22.53
CA TYR C 682 33.74 -19.85 22.92
C TYR C 682 33.98 -18.48 22.31
N THR C 683 35.13 -17.90 22.64
CA THR C 683 35.60 -16.67 22.03
C THR C 683 36.45 -17.02 20.82
N MET C 684 36.14 -16.40 19.67
CA MET C 684 36.80 -16.77 18.43
C MET C 684 38.29 -16.46 18.51
N SER C 685 39.07 -17.27 17.80
CA SER C 685 40.50 -17.03 17.61
C SER C 685 40.72 -16.55 16.17
N LEU C 686 41.44 -15.44 16.04
CA LEU C 686 41.64 -14.85 14.72
C LEU C 686 42.44 -15.75 13.79
N GLY C 687 43.22 -16.67 14.33
CA GLY C 687 43.99 -17.59 13.53
C GLY C 687 45.19 -18.08 14.30
N ALA C 688 45.88 -19.06 13.70
CA ALA C 688 47.08 -19.61 14.30
C ALA C 688 48.15 -18.53 14.39
N GLU C 689 48.55 -18.20 15.62
CA GLU C 689 49.54 -17.16 15.82
C GLU C 689 50.90 -17.60 15.30
N ASN C 690 51.67 -16.64 14.80
CA ASN C 690 53.00 -16.90 14.26
C ASN C 690 53.90 -15.72 14.61
N SER C 691 55.14 -15.79 14.14
CA SER C 691 56.08 -14.70 14.32
C SER C 691 57.16 -14.82 13.27
N VAL C 692 57.57 -13.68 12.72
CA VAL C 692 58.64 -13.63 11.73
C VAL C 692 59.95 -13.37 12.45
N ALA C 693 60.97 -14.17 12.14
CA ALA C 693 62.26 -14.06 12.81
C ALA C 693 63.07 -12.94 12.15
N TYR C 694 62.60 -11.71 12.40
CA TYR C 694 63.23 -10.55 11.78
C TYR C 694 64.57 -10.23 12.43
N SER C 695 65.52 -9.84 11.60
CA SER C 695 66.79 -9.29 12.05
C SER C 695 67.38 -8.52 10.88
N ASN C 696 68.37 -7.69 11.17
CA ASN C 696 68.90 -6.79 10.15
C ASN C 696 69.88 -7.47 9.21
N ASN C 697 70.16 -8.77 9.38
CA ASN C 697 71.10 -9.47 8.53
C ASN C 697 70.63 -10.88 8.18
N SER C 698 69.32 -11.09 8.07
CA SER C 698 68.80 -12.42 7.77
C SER C 698 67.70 -12.33 6.74
N ILE C 699 67.72 -13.25 5.77
CA ILE C 699 66.66 -13.38 4.78
C ILE C 699 66.32 -14.86 4.63
N ALA C 700 65.08 -15.12 4.25
CA ALA C 700 64.62 -16.47 3.91
C ALA C 700 64.26 -16.50 2.44
N ILE C 701 64.85 -17.44 1.71
CA ILE C 701 64.66 -17.57 0.26
C ILE C 701 64.13 -18.97 -0.01
N PRO C 702 63.03 -19.12 -0.73
CA PRO C 702 62.50 -20.45 -1.01
C PRO C 702 63.46 -21.27 -1.87
N THR C 703 63.49 -22.57 -1.63
CA THR C 703 64.30 -23.50 -2.40
C THR C 703 63.46 -24.43 -3.28
N ASN C 704 62.15 -24.46 -3.09
CA ASN C 704 61.27 -25.36 -3.82
C ASN C 704 59.91 -24.67 -3.97
N PHE C 705 58.94 -25.40 -4.55
CA PHE C 705 57.65 -24.78 -4.83
C PHE C 705 56.60 -25.86 -5.05
N THR C 706 55.35 -25.39 -5.20
CA THR C 706 54.20 -26.21 -5.55
C THR C 706 53.33 -25.43 -6.53
N ILE C 707 52.57 -26.15 -7.34
CA ILE C 707 51.56 -25.56 -8.21
C ILE C 707 50.21 -25.71 -7.55
N SER C 708 49.50 -24.60 -7.37
CA SER C 708 48.20 -24.60 -6.72
C SER C 708 47.15 -24.09 -7.69
N VAL C 709 46.04 -24.82 -7.78
CA VAL C 709 44.92 -24.43 -8.63
C VAL C 709 43.73 -24.13 -7.72
N THR C 710 43.23 -22.90 -7.80
CA THR C 710 42.13 -22.45 -6.98
C THR C 710 40.92 -22.14 -7.84
N THR C 711 39.74 -22.32 -7.26
CA THR C 711 38.48 -22.15 -7.98
C THR C 711 37.79 -20.87 -7.48
N GLU C 712 37.47 -19.98 -8.40
CA GLU C 712 36.72 -18.76 -8.11
C GLU C 712 35.43 -18.79 -8.90
N ILE C 713 34.30 -18.61 -8.22
CA ILE C 713 32.98 -18.74 -8.81
C ILE C 713 32.26 -17.40 -8.70
N LEU C 714 31.73 -16.92 -9.81
CA LEU C 714 31.06 -15.63 -9.87
C LEU C 714 29.76 -15.76 -10.65
N PRO C 715 28.63 -15.30 -10.09
CA PRO C 715 27.41 -15.24 -10.88
C PRO C 715 27.52 -14.19 -11.98
N VAL C 716 26.83 -14.44 -13.08
CA VAL C 716 26.90 -13.59 -14.27
C VAL C 716 25.54 -13.04 -14.66
N SER C 717 24.51 -13.89 -14.71
CA SER C 717 23.20 -13.47 -15.18
C SER C 717 22.11 -14.02 -14.27
N MET C 718 20.99 -13.32 -14.25
CA MET C 718 19.80 -13.73 -13.53
C MET C 718 18.79 -14.33 -14.50
N THR C 719 17.78 -14.98 -13.94
CA THR C 719 16.71 -15.55 -14.78
C THR C 719 15.91 -14.43 -15.41
N LYS C 720 15.72 -14.51 -16.73
CA LYS C 720 15.01 -13.48 -17.48
C LYS C 720 13.51 -13.66 -17.27
N THR C 721 13.04 -13.14 -16.15
CA THR C 721 11.62 -13.21 -15.82
C THR C 721 10.90 -11.98 -16.37
N SER C 722 9.67 -12.20 -16.81
CA SER C 722 8.80 -11.13 -17.30
C SER C 722 7.44 -11.28 -16.66
N VAL C 723 6.86 -10.16 -16.23
CA VAL C 723 5.57 -10.17 -15.55
C VAL C 723 4.57 -9.43 -16.43
N ASP C 724 3.36 -9.96 -16.51
CA ASP C 724 2.23 -9.25 -17.10
C ASP C 724 1.51 -8.53 -15.97
N CYS C 725 1.61 -7.20 -15.95
CA CYS C 725 1.03 -6.44 -14.85
C CYS C 725 -0.49 -6.59 -14.82
N THR C 726 -1.14 -6.54 -15.99
CA THR C 726 -2.60 -6.57 -16.03
C THR C 726 -3.14 -7.94 -15.66
N MET C 727 -2.53 -9.01 -16.21
CA MET C 727 -3.04 -10.35 -15.95
C MET C 727 -2.86 -10.76 -14.50
N TYR C 728 -1.78 -10.31 -13.86
CA TYR C 728 -1.53 -10.70 -12.47
C TYR C 728 -2.61 -10.19 -11.53
N ILE C 729 -3.08 -8.97 -11.73
CA ILE C 729 -3.97 -8.31 -10.79
C ILE C 729 -5.43 -8.46 -11.17
N CYS C 730 -5.75 -8.40 -12.46
CA CYS C 730 -7.12 -8.45 -12.93
C CYS C 730 -7.28 -9.50 -14.03
N GLY C 731 -6.78 -10.70 -13.76
CA GLY C 731 -6.85 -11.79 -14.72
C GLY C 731 -8.25 -12.12 -15.15
N ASP C 732 -8.45 -12.25 -16.47
CA ASP C 732 -9.71 -12.65 -17.11
C ASP C 732 -10.91 -11.85 -16.60
N SER C 733 -10.68 -10.64 -16.08
CA SER C 733 -11.75 -9.80 -15.54
C SER C 733 -11.68 -8.45 -16.24
N THR C 734 -12.68 -8.17 -17.08
CA THR C 734 -12.73 -6.87 -17.76
C THR C 734 -12.98 -5.74 -16.77
N GLU C 735 -13.90 -5.94 -15.83
CA GLU C 735 -14.28 -4.87 -14.91
C GLU C 735 -13.10 -4.43 -14.05
N CYS C 736 -12.26 -5.38 -13.62
CA CYS C 736 -11.07 -5.02 -12.86
C CYS C 736 -10.08 -4.25 -13.73
N SER C 737 -10.03 -4.57 -15.03
CA SER C 737 -9.15 -3.86 -15.94
C SER C 737 -9.57 -2.40 -16.08
N ASN C 738 -10.87 -2.13 -16.16
CA ASN C 738 -11.34 -0.76 -16.26
C ASN C 738 -10.96 0.06 -15.05
N LEU C 739 -10.90 -0.57 -13.87
CA LEU C 739 -10.43 0.14 -12.69
C LEU C 739 -8.92 0.31 -12.68
N LEU C 740 -8.18 -0.56 -13.37
CA LEU C 740 -6.73 -0.41 -13.45
C LEU C 740 -6.36 0.87 -14.20
N LEU C 741 -7.03 1.15 -15.32
CA LEU C 741 -6.62 2.27 -16.17
C LEU C 741 -6.82 3.61 -15.49
N GLN C 742 -7.55 3.66 -14.38
CA GLN C 742 -7.63 4.88 -13.58
C GLN C 742 -6.31 5.23 -12.93
N TYR C 743 -5.40 4.27 -12.83
CA TYR C 743 -4.08 4.52 -12.24
C TYR C 743 -3.06 4.97 -13.27
N GLY C 744 -3.38 4.93 -14.55
CA GLY C 744 -2.48 5.40 -15.58
C GLY C 744 -1.43 4.41 -16.01
N SER C 745 -0.16 4.76 -15.83
CA SER C 745 0.95 4.00 -16.39
C SER C 745 1.67 3.15 -15.34
N PHE C 746 1.04 2.88 -14.20
CA PHE C 746 1.68 2.02 -13.20
C PHE C 746 1.99 0.65 -13.77
N CYS C 747 1.05 0.06 -14.51
CA CYS C 747 1.28 -1.25 -15.11
C CYS C 747 2.36 -1.17 -16.20
N THR C 748 2.33 -0.11 -17.01
CA THR C 748 3.29 0.01 -18.10
C THR C 748 4.71 0.17 -17.58
N GLN C 749 4.90 0.99 -16.55
CA GLN C 749 6.25 1.21 -16.01
C GLN C 749 6.81 -0.08 -15.42
N LEU C 750 5.99 -0.86 -14.73
CA LEU C 750 6.46 -2.10 -14.15
C LEU C 750 6.91 -3.09 -15.23
N ASN C 751 6.16 -3.14 -16.34
CA ASN C 751 6.58 -3.99 -17.46
C ASN C 751 7.88 -3.48 -18.08
N ARG C 752 8.02 -2.16 -18.21
CA ARG C 752 9.24 -1.61 -18.80
C ARG C 752 10.46 -1.89 -17.93
N ALA C 753 10.31 -1.78 -16.61
CA ALA C 753 11.44 -1.99 -15.71
C ALA C 753 11.96 -3.42 -15.81
N LEU C 754 11.05 -4.40 -15.90
CA LEU C 754 11.51 -5.79 -16.00
C LEU C 754 12.04 -6.11 -17.39
N THR C 755 11.54 -5.44 -18.43
CA THR C 755 12.13 -5.62 -19.75
C THR C 755 13.58 -5.14 -19.77
N GLY C 756 13.86 -4.02 -19.12
CA GLY C 756 15.23 -3.54 -19.04
C GLY C 756 16.15 -4.51 -18.32
N ILE C 757 15.63 -5.16 -17.26
CA ILE C 757 16.42 -6.18 -16.57
C ILE C 757 16.68 -7.36 -17.49
N ALA C 758 15.66 -7.80 -18.24
CA ALA C 758 15.81 -8.96 -19.11
C ALA C 758 16.86 -8.72 -20.19
N VAL C 759 16.86 -7.53 -20.79
CA VAL C 759 17.86 -7.21 -21.80
C VAL C 759 19.25 -7.12 -21.17
N GLU C 760 19.34 -6.56 -19.96
CA GLU C 760 20.62 -6.44 -19.28
C GLU C 760 21.24 -7.79 -18.99
N GLN C 761 20.41 -8.81 -18.72
CA GLN C 761 20.94 -10.14 -18.43
C GLN C 761 21.69 -10.71 -19.63
N ASP C 762 21.16 -10.52 -20.83
CA ASP C 762 21.86 -10.98 -22.03
C ASP C 762 23.14 -10.18 -22.24
N LYS C 763 23.11 -8.88 -21.91
CA LYS C 763 24.32 -8.06 -22.03
C LYS C 763 25.41 -8.53 -21.08
N ASN C 764 25.02 -8.94 -19.87
CA ASN C 764 26.01 -9.43 -18.91
C ASN C 764 26.72 -10.67 -19.43
N THR C 765 25.98 -11.60 -20.03
CA THR C 765 26.60 -12.80 -20.56
C THR C 765 27.47 -12.51 -21.77
N GLN C 766 27.08 -11.52 -22.58
CA GLN C 766 27.86 -11.20 -23.78
C GLN C 766 29.24 -10.66 -23.43
N GLU C 767 29.30 -9.72 -22.50
CA GLU C 767 30.59 -9.14 -22.13
C GLU C 767 31.50 -10.15 -21.45
N VAL C 768 30.92 -11.00 -20.61
CA VAL C 768 31.74 -11.95 -19.84
C VAL C 768 32.39 -12.97 -20.78
N PHE C 769 31.60 -13.57 -21.67
CA PHE C 769 32.07 -14.71 -22.45
C PHE C 769 32.53 -14.33 -23.86
N ALA C 770 31.79 -13.48 -24.56
CA ALA C 770 32.11 -13.17 -25.97
C ALA C 770 33.24 -12.15 -26.04
N GLN C 771 34.36 -12.49 -25.42
CA GLN C 771 35.55 -11.64 -25.43
C GLN C 771 36.52 -12.01 -26.54
N VAL C 772 36.21 -13.04 -27.33
CA VAL C 772 37.04 -13.46 -28.45
C VAL C 772 36.17 -13.47 -29.70
N LYS C 773 36.75 -13.06 -30.82
CA LYS C 773 35.99 -12.95 -32.06
C LYS C 773 36.12 -14.16 -32.97
N GLN C 774 37.16 -14.97 -32.80
CA GLN C 774 37.39 -16.15 -33.61
C GLN C 774 37.30 -17.39 -32.75
N ILE C 775 36.70 -18.45 -33.29
CA ILE C 775 36.50 -19.70 -32.55
C ILE C 775 37.73 -20.57 -32.78
N TYR C 776 38.63 -20.58 -31.81
CA TYR C 776 39.84 -21.41 -31.87
C TYR C 776 39.54 -22.81 -31.39
N LYS C 777 40.29 -23.78 -31.90
CA LYS C 777 40.14 -25.17 -31.50
C LYS C 777 41.52 -25.79 -31.29
N THR C 778 41.61 -26.68 -30.31
CA THR C 778 42.87 -27.36 -30.03
C THR C 778 43.12 -28.43 -31.10
N PRO C 779 44.37 -28.65 -31.48
CA PRO C 779 44.68 -29.67 -32.47
C PRO C 779 44.52 -31.06 -31.89
N PRO C 780 44.39 -32.10 -32.72
CA PRO C 780 44.35 -33.47 -32.19
C PRO C 780 45.60 -33.86 -31.43
N ILE C 781 46.73 -33.19 -31.68
CA ILE C 781 47.94 -33.43 -30.90
C ILE C 781 47.76 -32.84 -29.50
N LYS C 782 47.93 -33.66 -28.47
CA LYS C 782 47.81 -33.23 -27.09
C LYS C 782 49.17 -33.11 -26.41
N ASP C 783 50.24 -33.06 -27.18
CA ASP C 783 51.59 -32.95 -26.63
C ASP C 783 51.75 -31.49 -26.23
N PHE C 784 51.53 -31.21 -24.95
CA PHE C 784 51.74 -29.90 -24.36
C PHE C 784 52.88 -29.92 -23.35
N GLY C 785 53.91 -30.73 -23.62
CA GLY C 785 55.03 -30.83 -22.69
C GLY C 785 54.74 -31.61 -21.43
N GLY C 786 53.73 -32.47 -21.45
CA GLY C 786 53.32 -33.21 -20.28
C GLY C 786 52.16 -32.59 -19.52
N PHE C 787 51.79 -31.36 -19.83
CA PHE C 787 50.64 -30.74 -19.19
C PHE C 787 49.37 -31.34 -19.77
N ASN C 788 48.46 -31.74 -18.89
CA ASN C 788 47.26 -32.48 -19.26
C ASN C 788 46.04 -31.58 -19.08
N PHE C 789 45.40 -31.24 -20.20
CA PHE C 789 44.21 -30.39 -20.19
C PHE C 789 42.96 -31.15 -20.56
N SER C 790 43.00 -32.49 -20.57
CA SER C 790 41.83 -33.27 -20.95
C SER C 790 40.67 -33.10 -19.98
N GLN C 791 40.95 -32.67 -18.75
CA GLN C 791 39.90 -32.47 -17.77
C GLN C 791 39.32 -31.05 -17.81
N ILE C 792 39.90 -30.14 -18.57
CA ILE C 792 39.29 -28.84 -18.81
C ILE C 792 38.87 -28.66 -20.26
N LEU C 793 39.40 -29.44 -21.19
CA LEU C 793 39.01 -29.39 -22.59
C LEU C 793 37.64 -30.05 -22.79
N PRO C 794 36.90 -29.65 -23.83
CA PRO C 794 35.59 -30.26 -24.08
C PRO C 794 35.71 -31.75 -24.38
N ASP C 795 34.69 -32.50 -23.96
CA ASP C 795 34.63 -33.94 -24.20
C ASP C 795 33.69 -34.20 -25.37
N PRO C 796 34.18 -34.69 -26.51
CA PRO C 796 33.29 -34.89 -27.66
C PRO C 796 32.41 -36.12 -27.56
N SER C 797 32.76 -37.08 -26.72
CA SER C 797 32.00 -38.33 -26.61
C SER C 797 30.88 -38.22 -25.59
N LYS C 798 30.07 -37.18 -25.73
CA LYS C 798 28.96 -36.90 -24.83
C LYS C 798 28.08 -35.81 -25.42
N PRO C 799 26.75 -35.92 -25.35
CA PRO C 799 25.90 -34.85 -25.87
C PRO C 799 26.14 -33.55 -25.13
N SER C 800 25.98 -32.44 -25.86
CA SER C 800 26.25 -31.10 -25.34
C SER C 800 27.71 -31.01 -24.86
N LYS C 801 28.61 -31.08 -25.85
CA LYS C 801 30.04 -31.21 -25.61
C LYS C 801 30.54 -30.26 -24.53
N ARG C 802 31.01 -30.83 -23.42
CA ARG C 802 31.45 -30.07 -22.27
C ARG C 802 32.58 -30.84 -21.60
N SER C 803 33.37 -30.13 -20.81
CA SER C 803 34.44 -30.77 -20.07
C SER C 803 33.90 -31.63 -18.95
N PRO C 804 34.66 -32.64 -18.50
CA PRO C 804 34.25 -33.38 -17.30
C PRO C 804 34.05 -32.48 -16.10
N ILE C 805 34.88 -31.44 -15.95
CA ILE C 805 34.67 -30.48 -14.86
C ILE C 805 33.41 -29.68 -15.09
N GLU C 806 33.22 -29.17 -16.32
CA GLU C 806 32.06 -28.34 -16.62
C GLU C 806 30.76 -29.07 -16.32
N ASP C 807 30.71 -30.37 -16.60
CA ASP C 807 29.51 -31.14 -16.26
C ASP C 807 29.30 -31.24 -14.76
N LEU C 808 30.39 -31.22 -13.98
CA LEU C 808 30.25 -31.25 -12.53
C LEU C 808 29.58 -29.98 -12.01
N LEU C 809 29.94 -28.82 -12.55
CA LEU C 809 29.28 -27.58 -12.15
C LEU C 809 27.80 -27.62 -12.47
N PHE C 810 27.44 -28.17 -13.65
CA PHE C 810 26.05 -28.15 -14.08
C PHE C 810 25.18 -29.10 -13.24
N ASN C 811 25.76 -30.17 -12.71
CA ASN C 811 24.99 -31.15 -11.95
C ASN C 811 24.89 -30.83 -10.46
N LYS C 812 25.59 -29.80 -9.98
CA LYS C 812 25.54 -29.42 -8.58
C LYS C 812 24.72 -28.17 -8.34
N VAL C 813 24.03 -27.65 -9.35
CA VAL C 813 23.22 -26.45 -9.23
C VAL C 813 21.80 -26.79 -9.65
N THR C 814 20.84 -26.45 -8.79
CA THR C 814 19.43 -26.74 -9.06
C THR C 814 18.76 -25.55 -9.74
N LYS C 841 2.90 -19.49 -11.89
CA LYS C 841 3.31 -20.16 -13.12
C LYS C 841 2.36 -19.78 -14.24
N PHE C 842 1.12 -19.48 -13.85
CA PHE C 842 0.07 -19.05 -14.76
C PHE C 842 -0.63 -17.77 -14.29
N ASN C 843 0.03 -16.98 -13.44
CA ASN C 843 -0.54 -15.75 -12.91
C ASN C 843 0.10 -14.52 -13.55
N GLY C 844 0.37 -14.61 -14.86
CA GLY C 844 1.05 -13.54 -15.54
C GLY C 844 2.55 -13.55 -15.43
N LEU C 845 3.13 -14.60 -14.85
CA LEU C 845 4.58 -14.74 -14.73
C LEU C 845 5.09 -15.70 -15.80
N THR C 846 6.09 -15.28 -16.55
CA THR C 846 6.75 -16.11 -17.55
C THR C 846 8.26 -15.91 -17.41
N VAL C 847 9.01 -16.89 -17.92
CA VAL C 847 10.47 -16.80 -17.97
C VAL C 847 10.92 -16.78 -19.43
N LEU C 848 11.91 -15.95 -19.73
CA LEU C 848 12.34 -15.88 -21.11
C LEU C 848 13.68 -16.59 -21.28
N PRO C 849 13.88 -17.31 -22.38
CA PRO C 849 15.14 -18.02 -22.57
C PRO C 849 16.26 -17.03 -22.83
N PRO C 850 17.47 -17.33 -22.38
CA PRO C 850 18.61 -16.45 -22.67
C PRO C 850 18.96 -16.50 -24.15
N LEU C 851 19.56 -15.42 -24.64
CA LEU C 851 19.96 -15.37 -26.03
C LEU C 851 21.04 -16.40 -26.34
N LEU C 852 22.00 -16.56 -25.45
CA LEU C 852 23.06 -17.54 -25.61
C LEU C 852 22.74 -18.76 -24.76
N THR C 853 22.60 -19.90 -25.41
CA THR C 853 22.29 -21.15 -24.72
C THR C 853 23.53 -21.70 -24.04
N ASP C 854 23.35 -22.79 -23.29
CA ASP C 854 24.48 -23.41 -22.59
C ASP C 854 25.51 -23.94 -23.58
N GLU C 855 25.04 -24.49 -24.71
CA GLU C 855 25.96 -25.02 -25.71
C GLU C 855 26.80 -23.91 -26.33
N MET C 856 26.18 -22.75 -26.60
CA MET C 856 26.92 -21.63 -27.17
C MET C 856 27.95 -21.09 -26.19
N ILE C 857 27.61 -21.06 -24.90
CA ILE C 857 28.58 -20.65 -23.89
C ILE C 857 29.75 -21.63 -23.83
N ALA C 858 29.46 -22.93 -24.04
CA ALA C 858 30.52 -23.93 -24.05
C ALA C 858 31.51 -23.69 -25.18
N GLN C 859 31.00 -23.30 -26.36
CA GLN C 859 31.90 -22.98 -27.47
C GLN C 859 32.77 -21.77 -27.15
N TYR C 860 32.18 -20.74 -26.53
CA TYR C 860 32.94 -19.54 -26.20
C TYR C 860 34.05 -19.86 -25.21
N THR C 861 33.76 -20.68 -24.20
CA THR C 861 34.80 -21.08 -23.25
C THR C 861 35.84 -21.97 -23.93
N SER C 862 35.41 -22.82 -24.85
CA SER C 862 36.36 -23.68 -25.56
C SER C 862 37.30 -22.85 -26.42
N ALA C 863 36.78 -21.82 -27.10
CA ALA C 863 37.64 -20.98 -27.92
C ALA C 863 38.64 -20.21 -27.08
N LEU C 864 38.20 -19.67 -25.94
CA LEU C 864 39.12 -18.98 -25.04
C LEU C 864 40.13 -19.95 -24.44
N LEU C 865 39.68 -21.15 -24.09
CA LEU C 865 40.59 -22.16 -23.54
C LEU C 865 41.62 -22.61 -24.58
N ALA C 866 41.19 -22.82 -25.82
CA ALA C 866 42.11 -23.25 -26.86
C ALA C 866 43.14 -22.18 -27.18
N GLY C 867 42.72 -20.91 -27.19
CA GLY C 867 43.65 -19.84 -27.46
C GLY C 867 44.69 -19.67 -26.36
N THR C 868 44.28 -19.83 -25.10
CA THR C 868 45.22 -19.69 -24.00
C THR C 868 46.28 -20.78 -24.03
N ILE C 869 45.89 -22.01 -24.35
CA ILE C 869 46.82 -23.12 -24.34
C ILE C 869 47.84 -23.00 -25.47
N THR C 870 47.37 -22.65 -26.67
CA THR C 870 48.20 -22.72 -27.87
C THR C 870 48.81 -21.40 -28.29
N SER C 871 48.34 -20.27 -27.75
CA SER C 871 48.82 -18.98 -28.20
C SER C 871 49.13 -18.00 -27.07
N GLY C 872 49.02 -18.42 -25.82
CA GLY C 872 49.30 -17.52 -24.71
C GLY C 872 48.33 -16.36 -24.69
N TRP C 873 48.86 -15.15 -24.53
CA TRP C 873 48.05 -13.94 -24.48
C TRP C 873 47.98 -13.22 -25.81
N THR C 874 48.56 -13.78 -26.88
CA THR C 874 48.58 -13.09 -28.15
C THR C 874 47.21 -13.07 -28.82
N PHE C 875 46.38 -14.09 -28.58
CA PHE C 875 45.06 -14.13 -29.22
C PHE C 875 44.14 -13.03 -28.70
N GLY C 876 44.42 -12.48 -27.52
CA GLY C 876 43.60 -11.41 -26.99
C GLY C 876 44.05 -10.04 -27.49
N ALA C 877 45.36 -9.81 -27.48
CA ALA C 877 45.89 -8.52 -27.92
C ALA C 877 45.85 -8.38 -29.44
N GLY C 878 45.85 -9.47 -30.18
CA GLY C 878 45.83 -9.41 -31.63
C GLY C 878 45.61 -10.78 -32.25
N PRO C 879 46.36 -11.06 -33.32
CA PRO C 879 46.25 -12.38 -33.95
C PRO C 879 46.83 -13.47 -33.06
N ALA C 880 46.30 -14.67 -33.21
CA ALA C 880 46.73 -15.81 -32.40
C ALA C 880 48.04 -16.35 -32.97
N LEU C 881 49.13 -16.15 -32.25
CA LEU C 881 50.44 -16.63 -32.65
C LEU C 881 50.76 -17.90 -31.87
N GLN C 882 51.02 -18.98 -32.58
CA GLN C 882 51.28 -20.26 -31.93
C GLN C 882 52.64 -20.24 -31.22
N ILE C 883 52.73 -21.01 -30.14
CA ILE C 883 53.95 -21.13 -29.36
C ILE C 883 53.89 -22.44 -28.58
N PRO C 884 54.99 -23.18 -28.47
CA PRO C 884 54.95 -24.40 -27.65
C PRO C 884 54.58 -24.09 -26.22
N PHE C 885 53.74 -24.93 -25.63
CA PHE C 885 53.28 -24.67 -24.27
C PHE C 885 54.42 -24.64 -23.25
N PRO C 886 55.42 -25.52 -23.29
CA PRO C 886 56.57 -25.32 -22.39
C PRO C 886 57.23 -23.96 -22.54
N MET C 887 57.33 -23.45 -23.76
CA MET C 887 57.88 -22.12 -23.95
C MET C 887 56.94 -21.06 -23.37
N GLN C 888 55.63 -21.29 -23.48
CA GLN C 888 54.66 -20.36 -22.90
C GLN C 888 54.80 -20.30 -21.39
N MET C 889 55.08 -21.43 -20.75
CA MET C 889 55.34 -21.43 -19.31
C MET C 889 56.58 -20.62 -18.97
N ALA C 890 57.57 -20.60 -19.87
CA ALA C 890 58.79 -19.83 -19.60
C ALA C 890 58.48 -18.35 -19.49
N TYR C 891 57.57 -17.84 -20.33
CA TYR C 891 57.13 -16.46 -20.20
C TYR C 891 56.46 -16.22 -18.86
N ARG C 892 55.53 -17.10 -18.49
CA ARG C 892 54.81 -16.94 -17.23
C ARG C 892 55.76 -17.01 -16.04
N PHE C 893 56.83 -17.79 -16.15
CA PHE C 893 57.86 -17.79 -15.12
C PHE C 893 58.56 -16.44 -15.04
N ASN C 894 58.93 -15.88 -16.20
CA ASN C 894 59.65 -14.62 -16.21
C ASN C 894 58.80 -13.44 -15.78
N GLY C 895 57.47 -13.55 -15.89
CA GLY C 895 56.60 -12.46 -15.49
C GLY C 895 56.48 -12.29 -14.00
N ILE C 896 56.79 -13.33 -13.22
CA ILE C 896 56.71 -13.28 -11.77
C ILE C 896 58.08 -13.21 -11.12
N GLY C 897 59.14 -12.98 -11.90
CA GLY C 897 60.46 -12.78 -11.35
C GLY C 897 61.29 -14.03 -11.17
N VAL C 898 60.92 -15.14 -11.81
CA VAL C 898 61.68 -16.38 -11.74
C VAL C 898 62.26 -16.67 -13.12
N THR C 899 63.53 -17.00 -13.17
CA THR C 899 64.24 -17.19 -14.42
C THR C 899 63.67 -18.40 -15.18
N GLN C 900 63.85 -18.37 -16.50
CA GLN C 900 63.27 -19.41 -17.35
C GLN C 900 63.85 -20.78 -17.06
N ASN C 901 65.15 -20.85 -16.74
CA ASN C 901 65.80 -22.14 -16.56
C ASN C 901 65.22 -22.94 -15.41
N VAL C 902 64.51 -22.29 -14.48
CA VAL C 902 63.86 -23.03 -13.40
C VAL C 902 62.80 -23.97 -13.97
N LEU C 903 62.07 -23.52 -14.98
CA LEU C 903 61.05 -24.34 -15.60
C LEU C 903 61.64 -25.56 -16.30
N TYR C 904 62.62 -25.33 -17.19
CA TYR C 904 63.10 -26.41 -18.04
C TYR C 904 63.83 -27.48 -17.25
N GLU C 905 64.52 -27.10 -16.17
CA GLU C 905 65.16 -28.08 -15.31
C GLU C 905 64.16 -28.84 -14.46
N ASN C 906 62.98 -28.27 -14.22
CA ASN C 906 61.95 -28.87 -13.38
C ASN C 906 60.65 -29.07 -14.16
N GLN C 907 60.74 -29.28 -15.47
CA GLN C 907 59.55 -29.38 -16.28
C GLN C 907 58.68 -30.57 -15.88
N LYS C 908 59.30 -31.73 -15.62
CA LYS C 908 58.53 -32.89 -15.23
C LYS C 908 57.84 -32.68 -13.88
N LEU C 909 58.54 -32.06 -12.93
CA LEU C 909 57.94 -31.80 -11.62
C LEU C 909 56.78 -30.81 -11.74
N ILE C 910 56.96 -29.75 -12.53
CA ILE C 910 55.89 -28.77 -12.69
C ILE C 910 54.68 -29.40 -13.38
N ALA C 911 54.92 -30.20 -14.43
CA ALA C 911 53.81 -30.83 -15.13
C ALA C 911 53.04 -31.78 -14.22
N ASN C 912 53.76 -32.57 -13.41
CA ASN C 912 53.10 -33.50 -12.51
C ASN C 912 52.28 -32.77 -11.45
N GLN C 913 52.82 -31.69 -10.90
CA GLN C 913 52.08 -30.94 -9.89
C GLN C 913 50.84 -30.29 -10.48
N PHE C 914 50.93 -29.78 -11.71
CA PHE C 914 49.76 -29.19 -12.35
C PHE C 914 48.68 -30.24 -12.59
N ASN C 915 49.07 -31.43 -13.06
CA ASN C 915 48.10 -32.48 -13.31
C ASN C 915 47.42 -32.93 -12.03
N SER C 916 48.19 -33.07 -10.95
CA SER C 916 47.60 -33.46 -9.67
C SER C 916 46.66 -32.40 -9.14
N ALA C 917 47.01 -31.12 -9.31
CA ALA C 917 46.16 -30.04 -8.83
C ALA C 917 44.81 -30.02 -9.54
N ILE C 918 44.82 -30.28 -10.86
CA ILE C 918 43.57 -30.35 -11.61
C ILE C 918 42.70 -31.49 -11.10
N GLY C 919 43.32 -32.64 -10.79
CA GLY C 919 42.56 -33.76 -10.28
C GLY C 919 41.90 -33.46 -8.94
N LYS C 920 42.58 -32.66 -8.10
CA LYS C 920 41.98 -32.29 -6.82
C LYS C 920 40.77 -31.39 -7.01
N ILE C 921 40.75 -30.59 -8.07
CA ILE C 921 39.62 -29.69 -8.32
C ILE C 921 38.35 -30.49 -8.56
N GLN C 922 38.46 -31.59 -9.31
CA GLN C 922 37.29 -32.44 -9.55
C GLN C 922 36.75 -33.02 -8.24
N ASP C 923 37.64 -33.46 -7.36
CA ASP C 923 37.20 -34.02 -6.08
C ASP C 923 36.70 -32.94 -5.14
N SER C 924 37.42 -31.81 -5.06
CA SER C 924 37.08 -30.79 -4.08
C SER C 924 35.69 -30.22 -4.33
N LEU C 925 35.37 -29.89 -5.58
CA LEU C 925 34.03 -29.39 -5.90
C LEU C 925 32.97 -30.45 -5.63
N SER C 926 33.27 -31.70 -5.98
CA SER C 926 32.29 -32.77 -5.77
C SER C 926 32.14 -33.11 -4.29
N SER C 927 33.24 -33.05 -3.53
CA SER C 927 33.19 -33.45 -2.13
C SER C 927 32.25 -32.57 -1.33
N THR C 928 32.56 -31.28 -1.21
CA THR C 928 31.70 -30.36 -0.48
C THR C 928 30.61 -29.84 -1.40
N PRO C 929 29.33 -30.00 -1.07
CA PRO C 929 28.25 -29.52 -1.94
C PRO C 929 27.97 -28.03 -1.80
N SER C 930 28.64 -27.33 -0.89
CA SER C 930 28.42 -25.91 -0.66
C SER C 930 29.44 -25.03 -1.38
N ALA C 931 30.31 -25.62 -2.20
CA ALA C 931 31.29 -24.83 -2.94
C ALA C 931 30.62 -23.90 -3.93
N LEU C 932 29.55 -24.37 -4.59
CA LEU C 932 28.82 -23.59 -5.58
C LEU C 932 27.68 -22.80 -4.96
N GLY C 933 27.80 -22.43 -3.67
CA GLY C 933 26.73 -21.70 -3.03
C GLY C 933 26.48 -20.33 -3.64
N LYS C 934 27.51 -19.73 -4.23
CA LYS C 934 27.34 -18.42 -4.86
C LYS C 934 26.37 -18.50 -6.04
N LEU C 935 26.48 -19.54 -6.86
CA LEU C 935 25.54 -19.73 -7.96
C LEU C 935 24.18 -20.21 -7.45
N GLN C 936 24.17 -21.09 -6.46
CA GLN C 936 22.92 -21.58 -5.92
C GLN C 936 22.13 -20.48 -5.22
N ASP C 937 22.83 -19.49 -4.66
CA ASP C 937 22.14 -18.40 -3.98
C ASP C 937 21.29 -17.59 -4.96
N VAL C 938 21.84 -17.29 -6.15
CA VAL C 938 21.10 -16.46 -7.09
C VAL C 938 19.85 -17.16 -7.59
N VAL C 939 19.87 -18.49 -7.65
CA VAL C 939 18.66 -19.22 -8.01
C VAL C 939 17.64 -19.18 -6.89
N ASN C 940 18.10 -19.35 -5.64
CA ASN C 940 17.19 -19.40 -4.50
C ASN C 940 16.49 -18.06 -4.28
N GLN C 941 17.25 -16.96 -4.34
CA GLN C 941 16.65 -15.65 -4.14
C GLN C 941 15.61 -15.33 -5.21
N ASN C 942 15.91 -15.70 -6.46
CA ASN C 942 14.95 -15.47 -7.54
C ASN C 942 13.68 -16.28 -7.32
N ALA C 943 13.81 -17.55 -6.93
CA ALA C 943 12.65 -18.39 -6.71
C ALA C 943 11.82 -17.89 -5.54
N GLN C 944 12.48 -17.41 -4.49
CA GLN C 944 11.76 -16.86 -3.34
C GLN C 944 10.96 -15.62 -3.73
N ALA C 945 11.52 -14.77 -4.59
CA ALA C 945 10.82 -13.56 -5.00
C ALA C 945 9.54 -13.88 -5.76
N LEU C 946 9.59 -14.88 -6.66
CA LEU C 946 8.40 -15.26 -7.40
C LEU C 946 7.41 -15.99 -6.52
N ASN C 947 7.89 -16.83 -5.60
CA ASN C 947 6.99 -17.55 -4.71
C ASN C 947 6.22 -16.60 -3.81
N THR C 948 6.91 -15.57 -3.29
CA THR C 948 6.23 -14.57 -2.46
C THR C 948 5.20 -13.80 -3.29
N LEU C 949 5.54 -13.48 -4.54
CA LEU C 949 4.64 -12.70 -5.38
C LEU C 949 3.32 -13.42 -5.62
N VAL C 950 3.37 -14.72 -5.91
CA VAL C 950 2.15 -15.48 -6.17
C VAL C 950 1.34 -15.65 -4.89
N LYS C 951 2.02 -15.87 -3.76
CA LYS C 951 1.33 -16.06 -2.50
C LYS C 951 0.56 -14.81 -2.09
N GLN C 952 0.98 -13.64 -2.57
CA GLN C 952 0.28 -12.40 -2.25
C GLN C 952 -1.10 -12.36 -2.88
N LEU C 953 -1.36 -13.17 -3.90
CA LEU C 953 -2.68 -13.17 -4.54
C LEU C 953 -3.77 -13.70 -3.61
N SER C 954 -3.41 -14.54 -2.64
CA SER C 954 -4.39 -15.14 -1.75
C SER C 954 -4.75 -14.27 -0.55
N SER C 955 -4.01 -13.19 -0.31
CA SER C 955 -4.32 -12.32 0.81
C SER C 955 -5.45 -11.35 0.45
N ASN C 956 -6.16 -10.89 1.47
CA ASN C 956 -7.36 -10.09 1.25
C ASN C 956 -7.09 -8.59 1.19
N PHE C 957 -6.03 -8.09 1.84
CA PHE C 957 -5.76 -6.65 1.87
C PHE C 957 -6.95 -5.87 2.42
N GLY C 958 -7.75 -6.51 3.26
CA GLY C 958 -8.93 -5.89 3.81
C GLY C 958 -10.21 -6.14 3.02
N ALA C 959 -10.12 -6.71 1.84
CA ALA C 959 -11.30 -7.02 1.05
C ALA C 959 -12.03 -8.22 1.62
N ILE C 960 -13.25 -8.43 1.11
CA ILE C 960 -14.07 -9.55 1.59
C ILE C 960 -13.42 -10.89 1.23
N SER C 961 -12.95 -11.01 -0.02
CA SER C 961 -12.36 -12.27 -0.47
C SER C 961 -11.23 -11.98 -1.44
N SER C 962 -10.23 -12.86 -1.42
CA SER C 962 -9.11 -12.75 -2.35
C SER C 962 -9.47 -13.15 -3.77
N VAL C 963 -10.63 -13.77 -3.96
CA VAL C 963 -11.10 -14.19 -5.28
C VAL C 963 -11.99 -13.10 -5.85
N LEU C 964 -11.67 -12.63 -7.05
CA LEU C 964 -12.45 -11.56 -7.66
C LEU C 964 -13.83 -12.03 -8.07
N ASN C 965 -14.01 -13.33 -8.34
CA ASN C 965 -15.32 -13.85 -8.68
C ASN C 965 -16.19 -14.07 -7.45
N ASP C 966 -15.61 -14.13 -6.26
CA ASP C 966 -16.36 -14.31 -5.03
C ASP C 966 -16.83 -13.01 -4.43
N ILE C 967 -16.40 -11.87 -4.96
CA ILE C 967 -16.87 -10.57 -4.51
C ILE C 967 -17.87 -9.97 -5.48
N LEU C 968 -17.64 -10.15 -6.78
CA LEU C 968 -18.60 -9.69 -7.79
C LEU C 968 -19.91 -10.47 -7.69
N SER C 969 -19.83 -11.78 -7.49
CA SER C 969 -21.01 -12.63 -7.41
C SER C 969 -21.57 -12.72 -6.00
N ARG C 970 -21.14 -11.83 -5.10
CA ARG C 970 -21.65 -11.80 -3.74
C ARG C 970 -22.03 -10.40 -3.29
N LEU C 971 -21.74 -9.37 -4.08
CA LEU C 971 -22.04 -8.03 -3.61
C LEU C 971 -22.46 -7.19 -4.82
N ASP C 972 -23.20 -6.12 -4.57
CA ASP C 972 -23.57 -5.22 -5.65
C ASP C 972 -22.35 -4.42 -6.11
N PRO C 973 -22.28 -4.07 -7.39
CA PRO C 973 -21.12 -3.32 -7.92
C PRO C 973 -20.85 -2.03 -7.16
N PRO C 974 -21.88 -1.27 -6.74
CA PRO C 974 -21.57 -0.03 -5.99
C PRO C 974 -20.74 -0.27 -4.75
N GLU C 975 -20.96 -1.38 -4.05
CA GLU C 975 -20.16 -1.78 -2.90
C GLU C 975 -19.13 -2.85 -3.22
N ALA C 976 -19.27 -3.55 -4.34
CA ALA C 976 -18.23 -4.48 -4.77
C ALA C 976 -16.99 -3.74 -5.24
N GLU C 977 -17.17 -2.53 -5.78
CA GLU C 977 -16.03 -1.73 -6.21
C GLU C 977 -15.16 -1.33 -5.02
N VAL C 978 -15.78 -1.05 -3.88
CA VAL C 978 -15.02 -0.69 -2.68
C VAL C 978 -14.12 -1.85 -2.26
N GLN C 979 -14.66 -3.06 -2.23
CA GLN C 979 -13.87 -4.22 -1.88
C GLN C 979 -12.81 -4.51 -2.94
N ILE C 980 -13.17 -4.36 -4.22
CA ILE C 980 -12.21 -4.61 -5.30
C ILE C 980 -11.08 -3.60 -5.25
N ASP C 981 -11.38 -2.35 -4.89
CA ASP C 981 -10.34 -1.33 -4.85
C ASP C 981 -9.27 -1.65 -3.81
N ARG C 982 -9.61 -2.41 -2.77
CA ARG C 982 -8.59 -2.88 -1.84
C ARG C 982 -7.74 -4.00 -2.42
N LEU C 983 -8.28 -4.76 -3.37
CA LEU C 983 -7.48 -5.80 -4.03
C LEU C 983 -6.54 -5.21 -5.08
N ILE C 984 -7.01 -4.21 -5.84
CA ILE C 984 -6.16 -3.60 -6.85
C ILE C 984 -4.99 -2.87 -6.20
N THR C 985 -5.27 -2.12 -5.13
CA THR C 985 -4.21 -1.37 -4.47
C THR C 985 -3.13 -2.31 -3.93
N GLY C 986 -3.53 -3.34 -3.20
CA GLY C 986 -2.55 -4.23 -2.59
C GLY C 986 -1.76 -5.04 -3.62
N ARG C 987 -2.44 -5.56 -4.64
CA ARG C 987 -1.74 -6.33 -5.65
C ARG C 987 -0.79 -5.46 -6.45
N LEU C 988 -1.19 -4.22 -6.75
CA LEU C 988 -0.30 -3.30 -7.45
C LEU C 988 0.93 -2.97 -6.60
N GLN C 989 0.71 -2.72 -5.30
CA GLN C 989 1.86 -2.49 -4.41
C GLN C 989 2.74 -3.73 -4.29
N SER C 990 2.14 -4.92 -4.38
CA SER C 990 2.94 -6.14 -4.34
C SER C 990 3.88 -6.23 -5.54
N LEU C 991 3.39 -5.84 -6.73
CA LEU C 991 4.25 -5.83 -7.91
C LEU C 991 5.37 -4.82 -7.77
N GLN C 992 5.06 -3.61 -7.28
CA GLN C 992 6.09 -2.59 -7.13
C GLN C 992 7.16 -3.04 -6.14
N THR C 993 6.76 -3.72 -5.06
CA THR C 993 7.75 -4.30 -4.16
C THR C 993 8.60 -5.33 -4.88
N TYR C 994 7.97 -6.20 -5.67
CA TYR C 994 8.72 -7.23 -6.39
C TYR C 994 9.65 -6.60 -7.42
N VAL C 995 9.17 -5.59 -8.14
CA VAL C 995 10.01 -4.95 -9.16
C VAL C 995 11.20 -4.25 -8.53
N THR C 996 10.99 -3.58 -7.40
CA THR C 996 12.09 -2.86 -6.76
C THR C 996 13.19 -3.80 -6.29
N GLN C 997 12.82 -4.95 -5.73
CA GLN C 997 13.84 -5.91 -5.31
C GLN C 997 14.60 -6.46 -6.51
N GLN C 998 13.91 -6.72 -7.62
CA GLN C 998 14.59 -7.21 -8.81
C GLN C 998 15.59 -6.20 -9.34
N LEU C 999 15.22 -4.91 -9.36
CA LEU C 999 16.15 -3.89 -9.83
C LEU C 999 17.38 -3.80 -8.95
N ILE C 1000 17.18 -3.87 -7.62
CA ILE C 1000 18.32 -3.83 -6.71
C ILE C 1000 19.18 -5.07 -6.87
N ARG C 1001 18.56 -6.24 -6.99
CA ARG C 1001 19.33 -7.47 -7.17
C ARG C 1001 20.02 -7.50 -8.53
N ALA C 1002 19.39 -6.92 -9.56
CA ALA C 1002 20.04 -6.86 -10.88
C ALA C 1002 21.30 -6.00 -10.83
N ALA C 1003 21.31 -4.95 -10.02
CA ALA C 1003 22.50 -4.12 -9.88
C ALA C 1003 23.66 -4.92 -9.30
N GLU C 1004 23.38 -5.77 -8.31
CA GLU C 1004 24.44 -6.59 -7.72
C GLU C 1004 24.99 -7.57 -8.75
N ILE C 1005 24.11 -8.21 -9.53
CA ILE C 1005 24.54 -9.17 -10.53
C ILE C 1005 25.35 -8.46 -11.61
N ARG C 1006 24.96 -7.24 -11.98
CA ARG C 1006 25.72 -6.47 -12.96
C ARG C 1006 27.12 -6.17 -12.45
N ALA C 1007 27.26 -5.82 -11.16
CA ALA C 1007 28.59 -5.60 -10.59
C ALA C 1007 29.41 -6.88 -10.61
N SER C 1008 28.78 -8.02 -10.28
CA SER C 1008 29.49 -9.29 -10.35
C SER C 1008 29.84 -9.64 -11.78
N ALA C 1009 28.94 -9.36 -12.73
CA ALA C 1009 29.23 -9.63 -14.13
C ALA C 1009 30.38 -8.77 -14.63
N ASN C 1010 30.42 -7.50 -14.23
CA ASN C 1010 31.53 -6.63 -14.63
C ASN C 1010 32.84 -7.14 -14.04
N LEU C 1011 32.83 -7.60 -12.79
CA LEU C 1011 34.03 -8.16 -12.20
C LEU C 1011 34.47 -9.42 -12.94
N ALA C 1012 33.51 -10.27 -13.32
CA ALA C 1012 33.85 -11.47 -14.07
C ALA C 1012 34.44 -11.14 -15.44
N ALA C 1013 33.89 -10.13 -16.11
CA ALA C 1013 34.43 -9.72 -17.40
C ALA C 1013 35.84 -9.16 -17.26
N THR C 1014 36.07 -8.38 -16.19
CA THR C 1014 37.41 -7.83 -15.96
C THR C 1014 38.41 -8.94 -15.66
N LYS C 1015 38.02 -9.94 -14.88
CA LYS C 1015 38.93 -11.03 -14.55
C LYS C 1015 39.32 -11.83 -15.79
N MET C 1016 38.37 -12.04 -16.70
CA MET C 1016 38.68 -12.76 -17.93
C MET C 1016 39.69 -12.00 -18.78
N SER C 1017 39.52 -10.68 -18.90
CA SER C 1017 40.41 -9.89 -19.74
C SER C 1017 41.84 -9.90 -19.22
N GLU C 1018 42.01 -9.80 -17.90
CA GLU C 1018 43.32 -9.60 -17.31
C GLU C 1018 43.98 -10.88 -16.83
N CYS C 1019 43.22 -11.95 -16.60
CA CYS C 1019 43.80 -13.19 -16.07
C CYS C 1019 43.71 -14.36 -17.03
N VAL C 1020 42.68 -14.42 -17.87
CA VAL C 1020 42.60 -15.50 -18.87
C VAL C 1020 43.30 -15.11 -20.15
N LEU C 1021 43.09 -13.88 -20.62
CA LEU C 1021 43.71 -13.36 -21.82
C LEU C 1021 45.08 -12.74 -21.56
N GLY C 1022 45.56 -12.78 -20.32
CA GLY C 1022 46.85 -12.22 -19.99
C GLY C 1022 47.33 -12.74 -18.65
N GLN C 1023 48.36 -12.08 -18.13
CA GLN C 1023 48.96 -12.45 -16.85
C GLN C 1023 48.90 -11.24 -15.93
N SER C 1024 47.93 -11.23 -15.01
CA SER C 1024 47.76 -10.11 -14.11
C SER C 1024 48.82 -10.11 -13.03
N LYS C 1025 49.30 -8.92 -12.68
CA LYS C 1025 50.26 -8.73 -11.61
C LYS C 1025 49.62 -8.20 -10.33
N ARG C 1026 48.29 -8.15 -10.28
CA ARG C 1026 47.60 -7.66 -9.09
C ARG C 1026 47.52 -8.76 -8.05
N VAL C 1027 47.92 -8.44 -6.82
CA VAL C 1027 47.98 -9.43 -5.76
C VAL C 1027 46.58 -9.84 -5.34
N ASP C 1028 46.38 -11.14 -5.16
CA ASP C 1028 45.12 -11.74 -4.71
C ASP C 1028 43.97 -11.49 -5.67
N PHE C 1029 44.23 -10.93 -6.84
CA PHE C 1029 43.17 -10.76 -7.84
C PHE C 1029 42.73 -12.11 -8.39
N CYS C 1030 43.68 -13.02 -8.60
CA CYS C 1030 43.40 -14.32 -9.22
C CYS C 1030 44.08 -15.44 -8.44
N GLY C 1031 43.87 -15.46 -7.13
CA GLY C 1031 44.30 -16.58 -6.32
C GLY C 1031 45.55 -16.27 -5.51
N LYS C 1032 45.71 -17.04 -4.44
CA LYS C 1032 46.88 -16.88 -3.57
C LYS C 1032 48.15 -17.26 -4.30
N GLY C 1033 49.20 -16.46 -4.11
CA GLY C 1033 50.48 -16.72 -4.75
C GLY C 1033 50.77 -15.75 -5.88
N TYR C 1034 51.55 -16.19 -6.86
CA TYR C 1034 51.88 -15.38 -8.02
C TYR C 1034 51.11 -15.93 -9.21
N HIS C 1035 50.28 -15.09 -9.82
CA HIS C 1035 49.39 -15.54 -10.87
C HIS C 1035 50.15 -15.90 -12.14
N LEU C 1036 49.71 -16.97 -12.82
CA LEU C 1036 50.23 -17.35 -14.12
C LEU C 1036 49.16 -17.22 -15.21
N MET C 1037 48.02 -17.89 -15.03
CA MET C 1037 46.96 -17.91 -16.02
C MET C 1037 45.72 -18.50 -15.38
N SER C 1038 44.59 -18.37 -16.07
CA SER C 1038 43.34 -18.95 -15.62
C SER C 1038 42.64 -19.64 -16.79
N PHE C 1039 41.92 -20.70 -16.47
CA PHE C 1039 41.15 -21.44 -17.47
C PHE C 1039 39.67 -21.31 -17.15
N PRO C 1040 38.85 -20.83 -18.08
CA PRO C 1040 37.43 -20.64 -17.78
C PRO C 1040 36.64 -21.93 -17.92
N GLN C 1041 35.57 -22.00 -17.15
CA GLN C 1041 34.64 -23.13 -17.21
C GLN C 1041 33.22 -22.61 -17.16
N SER C 1042 32.35 -23.18 -18.00
CA SER C 1042 30.95 -22.77 -18.01
C SER C 1042 30.25 -23.21 -16.73
N ALA C 1043 29.27 -22.41 -16.32
CA ALA C 1043 28.51 -22.66 -15.10
C ALA C 1043 27.11 -22.14 -15.30
N PRO C 1044 26.12 -22.67 -14.58
CA PRO C 1044 24.74 -22.17 -14.74
C PRO C 1044 24.59 -20.82 -14.08
N HIS C 1045 24.19 -19.82 -14.88
CA HIS C 1045 24.03 -18.45 -14.41
C HIS C 1045 25.33 -17.88 -13.84
N GLY C 1046 26.47 -18.32 -14.36
CA GLY C 1046 27.73 -17.83 -13.84
C GLY C 1046 28.89 -18.43 -14.61
N VAL C 1047 30.10 -18.10 -14.13
CA VAL C 1047 31.34 -18.56 -14.72
C VAL C 1047 32.26 -19.01 -13.61
N VAL C 1048 33.14 -19.98 -13.91
CA VAL C 1048 34.07 -20.54 -12.96
C VAL C 1048 35.48 -20.43 -13.53
N PHE C 1049 36.38 -19.84 -12.75
CA PHE C 1049 37.78 -19.67 -13.14
C PHE C 1049 38.66 -20.63 -12.35
N LEU C 1050 39.61 -21.25 -13.05
CA LEU C 1050 40.61 -22.10 -12.41
C LEU C 1050 41.95 -21.36 -12.49
N HIS C 1051 42.36 -20.77 -11.38
CA HIS C 1051 43.57 -19.97 -11.32
C HIS C 1051 44.76 -20.85 -11.00
N VAL C 1052 45.80 -20.79 -11.84
CA VAL C 1052 47.05 -21.49 -11.61
C VAL C 1052 48.06 -20.49 -11.11
N THR C 1053 48.57 -20.69 -9.90
CA THR C 1053 49.45 -19.73 -9.25
C THR C 1053 50.70 -20.42 -8.72
N TYR C 1054 51.68 -19.60 -8.34
CA TYR C 1054 52.99 -20.06 -7.92
C TYR C 1054 53.10 -19.81 -6.43
N VAL C 1055 53.29 -20.86 -5.64
CA VAL C 1055 53.40 -20.72 -4.19
C VAL C 1055 54.73 -21.32 -3.74
N PRO C 1056 55.64 -20.52 -3.16
CA PRO C 1056 56.87 -21.10 -2.61
C PRO C 1056 56.57 -21.98 -1.41
N ALA C 1057 57.28 -23.10 -1.31
CA ALA C 1057 56.96 -24.14 -0.33
C ALA C 1057 58.06 -24.36 0.68
N GLN C 1058 59.29 -24.58 0.24
CA GLN C 1058 60.41 -24.91 1.13
C GLN C 1058 61.40 -23.76 1.13
N GLU C 1059 61.70 -23.24 2.31
CA GLU C 1059 62.55 -22.07 2.48
C GLU C 1059 63.68 -22.39 3.45
N LYS C 1060 64.78 -21.66 3.33
CA LYS C 1060 65.96 -21.88 4.16
C LYS C 1060 66.44 -20.56 4.72
N ASN C 1061 66.91 -20.60 5.97
CA ASN C 1061 67.33 -19.40 6.70
C ASN C 1061 68.71 -18.98 6.22
N PHE C 1062 68.86 -17.71 5.83
CA PHE C 1062 70.09 -17.22 5.24
C PHE C 1062 70.47 -15.87 5.83
N THR C 1063 71.77 -15.58 5.80
CA THR C 1063 72.29 -14.26 6.14
C THR C 1063 72.60 -13.47 4.87
N THR C 1064 72.46 -12.15 4.95
CA THR C 1064 72.47 -11.31 3.76
C THR C 1064 73.29 -10.05 4.02
N ALA C 1065 73.38 -9.20 2.99
CA ALA C 1065 74.05 -7.91 3.07
C ALA C 1065 73.52 -7.03 1.95
N PRO C 1066 73.47 -5.71 2.15
CA PRO C 1066 72.93 -4.83 1.11
C PRO C 1066 73.92 -4.56 -0.01
N ALA C 1067 75.20 -4.44 0.33
CA ALA C 1067 76.25 -4.21 -0.64
C ALA C 1067 77.53 -4.85 -0.12
N ILE C 1068 78.47 -5.09 -1.03
CA ILE C 1068 79.71 -5.76 -0.69
C ILE C 1068 80.90 -4.91 -1.14
N CYS C 1069 81.90 -4.81 -0.28
CA CYS C 1069 83.10 -4.02 -0.52
C CYS C 1069 84.19 -4.93 -1.04
N HIS C 1070 84.69 -4.63 -2.24
CA HIS C 1070 85.73 -5.44 -2.87
C HIS C 1070 87.02 -4.66 -3.09
N ASP C 1071 86.95 -3.48 -3.69
CA ASP C 1071 88.11 -2.62 -3.89
C ASP C 1071 87.88 -1.23 -3.31
N GLY C 1072 87.00 -1.14 -2.31
CA GLY C 1072 86.54 0.13 -1.80
C GLY C 1072 85.33 0.68 -2.51
N LYS C 1073 84.90 0.05 -3.59
CA LYS C 1073 83.72 0.45 -4.34
C LYS C 1073 82.55 -0.47 -3.99
N ALA C 1074 81.38 0.12 -3.84
CA ALA C 1074 80.19 -0.64 -3.49
C ALA C 1074 79.65 -1.37 -4.71
N HIS C 1075 79.29 -2.64 -4.52
CA HIS C 1075 78.74 -3.48 -5.58
C HIS C 1075 77.34 -3.92 -5.18
N PHE C 1076 76.39 -3.78 -6.10
CA PHE C 1076 75.01 -4.11 -5.84
C PHE C 1076 74.50 -5.09 -6.89
N PRO C 1077 73.60 -6.00 -6.53
CA PRO C 1077 73.13 -6.99 -7.50
C PRO C 1077 72.16 -6.37 -8.49
N ARG C 1078 72.42 -6.60 -9.78
CA ARG C 1078 71.50 -6.12 -10.81
C ARG C 1078 70.14 -6.78 -10.67
N GLU C 1079 70.10 -8.10 -10.51
CA GLU C 1079 68.89 -8.83 -10.17
C GLU C 1079 69.21 -9.76 -9.01
N GLY C 1080 68.31 -9.79 -8.04
CA GLY C 1080 68.46 -10.68 -6.91
C GLY C 1080 69.15 -10.04 -5.74
N VAL C 1081 69.56 -10.90 -4.81
CA VAL C 1081 70.08 -10.48 -3.51
C VAL C 1081 71.34 -11.28 -3.20
N PHE C 1082 72.18 -10.73 -2.34
CA PHE C 1082 73.37 -11.43 -1.88
C PHE C 1082 73.02 -12.33 -0.70
N VAL C 1083 73.55 -13.56 -0.72
CA VAL C 1083 73.39 -14.50 0.38
C VAL C 1083 74.75 -15.09 0.70
N SER C 1084 74.87 -15.62 1.91
CA SER C 1084 76.07 -16.31 2.36
C SER C 1084 75.69 -17.62 3.03
N ASN C 1085 76.29 -18.72 2.58
CA ASN C 1085 76.04 -20.01 3.21
C ASN C 1085 76.98 -20.24 4.39
N GLY C 1086 77.04 -19.25 5.27
CA GLY C 1086 77.93 -19.29 6.41
C GLY C 1086 79.31 -18.69 6.18
N THR C 1087 79.97 -19.10 5.11
CA THR C 1087 81.35 -18.65 4.87
C THR C 1087 81.56 -18.10 3.45
N HIS C 1088 80.79 -18.59 2.48
CA HIS C 1088 80.91 -18.16 1.09
C HIS C 1088 79.73 -17.29 0.70
N TRP C 1089 79.97 -16.34 -0.19
CA TRP C 1089 78.97 -15.37 -0.61
C TRP C 1089 78.58 -15.60 -2.07
N PHE C 1090 77.28 -15.53 -2.34
CA PHE C 1090 76.75 -15.72 -3.69
C PHE C 1090 75.67 -14.68 -3.94
N VAL C 1091 75.09 -14.72 -5.14
CA VAL C 1091 73.96 -13.88 -5.50
C VAL C 1091 72.91 -14.75 -6.16
N THR C 1092 71.66 -14.68 -5.66
CA THR C 1092 70.58 -15.51 -6.13
C THR C 1092 69.35 -14.68 -6.41
N GLN C 1093 68.47 -15.21 -7.26
CA GLN C 1093 67.17 -14.59 -7.47
C GLN C 1093 66.35 -14.66 -6.19
N ARG C 1094 65.55 -13.64 -5.94
CA ARG C 1094 64.83 -13.55 -4.68
C ARG C 1094 63.71 -14.57 -4.58
N ASN C 1095 63.10 -14.96 -5.70
CA ASN C 1095 61.96 -15.85 -5.69
C ASN C 1095 62.31 -17.32 -5.81
N PHE C 1096 63.59 -17.65 -5.99
CA PHE C 1096 64.00 -19.05 -6.04
C PHE C 1096 65.49 -19.12 -5.71
N TYR C 1097 65.91 -20.06 -4.85
CA TYR C 1097 67.35 -20.05 -4.46
C TYR C 1097 68.20 -20.69 -5.56
N GLU C 1098 69.27 -20.00 -5.99
CA GLU C 1098 70.19 -20.55 -7.01
C GLU C 1098 71.53 -19.82 -6.91
N PRO C 1099 72.57 -20.40 -6.28
CA PRO C 1099 73.82 -19.68 -6.07
C PRO C 1099 74.59 -19.44 -7.38
N GLN C 1100 75.25 -18.29 -7.49
CA GLN C 1100 76.06 -17.97 -8.69
C GLN C 1100 77.26 -17.16 -8.24
N ILE C 1101 78.47 -17.56 -8.66
CA ILE C 1101 79.69 -16.85 -8.17
C ILE C 1101 79.54 -15.36 -8.45
N ILE C 1102 79.59 -14.53 -7.39
CA ILE C 1102 79.51 -13.09 -7.56
C ILE C 1102 80.60 -12.64 -8.53
N THR C 1103 80.17 -12.04 -9.64
CA THR C 1103 81.04 -11.59 -10.71
C THR C 1103 80.60 -10.21 -11.16
N THR C 1104 81.45 -9.56 -11.95
CA THR C 1104 81.12 -8.24 -12.46
C THR C 1104 79.89 -8.25 -13.36
N ASP C 1105 79.55 -9.41 -13.93
CA ASP C 1105 78.38 -9.51 -14.78
C ASP C 1105 77.07 -9.67 -13.99
N ASN C 1106 77.14 -9.90 -12.67
CA ASN C 1106 75.93 -9.92 -11.86
C ASN C 1106 75.75 -8.68 -11.00
N THR C 1107 76.78 -7.85 -10.85
CA THR C 1107 76.69 -6.65 -10.02
C THR C 1107 77.15 -5.42 -10.80
N PHE C 1108 76.70 -4.26 -10.34
CA PHE C 1108 77.09 -2.98 -10.89
C PHE C 1108 77.74 -2.12 -9.81
N VAL C 1109 78.45 -1.09 -10.25
CA VAL C 1109 79.29 -0.27 -9.39
C VAL C 1109 78.66 1.11 -9.23
N SER C 1110 78.55 1.57 -7.97
CA SER C 1110 78.08 2.92 -7.68
C SER C 1110 78.45 3.24 -6.24
N GLY C 1111 79.15 4.36 -6.04
CA GLY C 1111 79.51 4.78 -4.70
C GLY C 1111 80.64 3.94 -4.11
N ASN C 1112 80.75 4.03 -2.78
CA ASN C 1112 81.82 3.37 -2.05
C ASN C 1112 81.24 2.69 -0.81
N CYS C 1113 82.12 2.23 0.08
CA CYS C 1113 81.75 1.44 1.23
C CYS C 1113 81.59 2.25 2.51
N ASP C 1114 81.93 3.53 2.49
CA ASP C 1114 81.83 4.38 3.66
C ASP C 1114 80.43 4.97 3.86
N VAL C 1115 79.51 4.68 2.95
CA VAL C 1115 78.18 5.26 2.96
C VAL C 1115 77.09 4.22 3.13
N VAL C 1116 77.24 3.06 2.47
CA VAL C 1116 76.26 1.99 2.60
C VAL C 1116 76.32 1.41 4.01
N ILE C 1117 75.15 1.28 4.63
CA ILE C 1117 75.06 0.74 5.98
C ILE C 1117 74.94 -0.78 5.89
N GLY C 1118 75.87 -1.48 6.54
CA GLY C 1118 75.85 -2.93 6.55
C GLY C 1118 76.70 -3.61 5.50
N ILE C 1119 77.59 -2.88 4.83
CA ILE C 1119 78.40 -3.46 3.77
C ILE C 1119 79.40 -4.45 4.35
N VAL C 1120 79.64 -5.54 3.63
CA VAL C 1120 80.52 -6.61 4.08
C VAL C 1120 81.67 -6.70 3.08
N ASN C 1121 82.73 -7.40 3.45
CA ASN C 1121 83.87 -7.63 2.59
C ASN C 1121 83.78 -9.01 1.95
N ASN C 1122 84.08 -9.08 0.65
CA ASN C 1122 84.19 -10.33 -0.08
C ASN C 1122 84.99 -10.04 -1.35
N THR C 1123 85.05 -11.02 -2.24
CA THR C 1123 85.80 -10.90 -3.48
C THR C 1123 84.88 -11.11 -4.67
N VAL C 1124 85.02 -10.26 -5.67
CA VAL C 1124 84.25 -10.37 -6.91
C VAL C 1124 85.15 -11.02 -7.96
N TYR C 1125 84.68 -12.13 -8.52
CA TYR C 1125 85.43 -12.82 -9.57
C TYR C 1125 85.24 -12.11 -10.90
N ASP C 1126 86.34 -11.78 -11.56
CA ASP C 1126 86.27 -11.14 -12.86
C ASP C 1126 86.46 -12.21 -13.93
N PRO C 1127 85.45 -12.48 -14.77
CA PRO C 1127 85.61 -13.55 -15.77
C PRO C 1127 86.59 -13.19 -16.88
N LEU C 1128 86.99 -11.93 -17.01
CA LEU C 1128 87.93 -11.52 -18.04
C LEU C 1128 89.38 -11.70 -17.60
N GLN C 1129 89.64 -11.61 -16.29
CA GLN C 1129 91.01 -11.72 -15.78
C GLN C 1129 91.70 -13.03 -16.17
N PRO C 1130 91.10 -14.21 -15.98
CA PRO C 1130 91.79 -15.43 -16.44
C PRO C 1130 91.84 -15.55 -17.95
N GLU C 1131 90.88 -14.95 -18.66
CA GLU C 1131 90.96 -14.93 -20.13
C GLU C 1131 92.16 -14.12 -20.59
N LEU C 1132 92.39 -12.96 -19.96
CA LEU C 1132 93.56 -12.15 -20.31
C LEU C 1132 94.85 -12.83 -19.84
N ASP C 1133 94.83 -13.43 -18.67
CA ASP C 1133 96.03 -14.09 -18.15
C ASP C 1133 96.43 -15.29 -19.00
N SER C 1134 95.44 -16.08 -19.44
CA SER C 1134 95.72 -17.25 -20.25
C SER C 1134 96.03 -16.87 -21.69
N GLN D 1 -27.69 4.47 3.47
CA GLN D 1 -27.75 3.84 4.79
C GLN D 1 -28.28 4.82 5.83
N VAL D 2 -28.67 6.01 5.36
CA VAL D 2 -29.23 7.01 6.25
C VAL D 2 -30.60 6.55 6.74
N GLN D 3 -30.78 6.51 8.05
CA GLN D 3 -32.03 6.03 8.65
C GLN D 3 -32.46 6.98 9.76
N LEU D 4 -33.77 7.22 9.83
CA LEU D 4 -34.40 7.90 10.95
C LEU D 4 -35.43 6.97 11.56
N GLN D 5 -35.35 6.77 12.87
CA GLN D 5 -36.17 5.78 13.56
C GLN D 5 -36.86 6.42 14.75
N GLU D 6 -38.19 6.38 14.77
CA GLU D 6 -38.97 6.84 15.90
C GLU D 6 -39.17 5.71 16.91
N SER D 7 -39.41 6.10 18.16
CA SER D 7 -39.66 5.14 19.23
C SER D 7 -40.43 5.84 20.34
N GLY D 8 -41.04 5.03 21.20
CA GLY D 8 -41.76 5.53 22.36
C GLY D 8 -43.27 5.60 22.19
N GLY D 9 -43.81 5.26 21.03
CA GLY D 9 -45.24 5.32 20.83
C GLY D 9 -45.99 4.27 21.64
N GLY D 10 -47.27 4.55 21.87
CA GLY D 10 -48.09 3.63 22.64
C GLY D 10 -49.45 4.22 22.92
N LEU D 11 -50.13 3.62 23.89
CA LEU D 11 -51.47 4.02 24.30
C LEU D 11 -51.41 4.61 25.70
N VAL D 12 -51.95 5.82 25.86
CA VAL D 12 -51.89 6.54 27.13
C VAL D 12 -53.27 7.10 27.46
N GLN D 13 -53.44 7.40 28.74
CA GLN D 13 -54.65 8.04 29.25
C GLN D 13 -54.59 9.55 29.01
N PRO D 14 -55.70 10.18 28.60
CA PRO D 14 -55.74 11.64 28.53
C PRO D 14 -55.38 12.26 29.87
N GLY D 15 -54.58 13.32 29.81
CA GLY D 15 -54.00 13.91 30.99
C GLY D 15 -52.68 13.29 31.41
N GLY D 16 -52.33 12.14 30.86
CA GLY D 16 -51.06 11.50 31.15
C GLY D 16 -49.93 12.07 30.30
N SER D 17 -48.79 11.40 30.36
CA SER D 17 -47.60 11.85 29.67
C SER D 17 -47.00 10.71 28.86
N LEU D 18 -46.34 11.07 27.75
CA LEU D 18 -45.62 10.12 26.93
C LEU D 18 -44.42 10.83 26.31
N ARG D 19 -43.38 10.06 25.98
CA ARG D 19 -42.11 10.60 25.54
C ARG D 19 -41.65 9.83 24.32
N LEU D 20 -41.37 10.55 23.22
CA LEU D 20 -40.90 9.93 22.00
C LEU D 20 -39.40 10.17 21.80
N SER D 21 -38.80 9.31 20.98
CA SER D 21 -37.39 9.38 20.63
C SER D 21 -37.25 9.28 19.13
N CYS D 22 -36.27 9.99 18.57
CA CYS D 22 -35.88 9.85 17.18
C CYS D 22 -34.37 9.67 17.13
N ALA D 23 -33.93 8.53 16.61
CA ALA D 23 -32.51 8.20 16.51
C ALA D 23 -32.10 8.12 15.05
N ALA D 24 -30.86 8.52 14.78
CA ALA D 24 -30.32 8.53 13.43
C ALA D 24 -29.13 7.59 13.33
N SER D 25 -29.08 6.82 12.25
CA SER D 25 -27.99 5.90 11.97
C SER D 25 -27.51 6.12 10.55
N GLY D 26 -26.20 5.97 10.35
CA GLY D 26 -25.58 6.21 9.06
C GLY D 26 -25.14 7.64 8.80
N PHE D 27 -25.43 8.56 9.72
CA PHE D 27 -25.10 9.96 9.54
C PHE D 27 -25.22 10.68 10.89
N THR D 28 -24.59 11.85 10.97
CA THR D 28 -24.53 12.62 12.21
C THR D 28 -25.70 13.61 12.26
N LEU D 29 -26.61 13.39 13.21
CA LEU D 29 -27.86 14.15 13.32
C LEU D 29 -27.66 15.57 13.83
N ASP D 30 -26.49 15.93 14.34
CA ASP D 30 -26.33 17.21 15.01
C ASP D 30 -26.41 18.39 14.05
N TYR D 31 -25.94 18.23 12.80
CA TYR D 31 -25.93 19.33 11.85
C TYR D 31 -27.32 19.61 11.27
N TYR D 32 -28.26 18.68 11.40
CA TYR D 32 -29.59 18.82 10.84
C TYR D 32 -30.57 19.41 11.85
N ALA D 33 -31.52 20.17 11.33
CA ALA D 33 -32.68 20.60 12.11
C ALA D 33 -33.75 19.54 12.05
N ILE D 34 -34.39 19.26 13.18
CA ILE D 34 -35.33 18.16 13.31
C ILE D 34 -36.69 18.70 13.72
N GLY D 35 -37.73 18.19 13.07
CA GLY D 35 -39.10 18.57 13.42
C GLY D 35 -39.97 17.35 13.58
N TRP D 36 -40.88 17.42 14.54
CA TRP D 36 -41.84 16.35 14.81
C TRP D 36 -43.15 16.67 14.11
N PHE D 37 -43.66 15.72 13.33
CA PHE D 37 -44.85 15.92 12.52
C PHE D 37 -45.82 14.78 12.74
N ARG D 38 -47.11 15.10 12.76
CA ARG D 38 -48.16 14.13 13.00
C ARG D 38 -49.28 14.30 11.98
N GLN D 39 -49.97 13.20 11.69
CA GLN D 39 -51.18 13.24 10.88
C GLN D 39 -52.28 12.54 11.66
N ALA D 40 -53.36 13.27 11.91
CA ALA D 40 -54.52 12.71 12.59
C ALA D 40 -55.40 11.96 11.60
N PRO D 41 -56.23 11.02 12.08
CA PRO D 41 -57.14 10.31 11.17
C PRO D 41 -58.05 11.30 10.45
N GLY D 42 -57.93 11.33 9.13
CA GLY D 42 -58.69 12.25 8.31
C GLY D 42 -58.12 13.64 8.18
N LYS D 43 -56.90 13.88 8.68
CA LYS D 43 -56.28 15.19 8.67
C LYS D 43 -54.94 15.16 7.94
N GLU D 44 -54.42 16.34 7.66
CA GLU D 44 -53.16 16.53 6.95
C GLU D 44 -52.00 16.61 7.94
N ARG D 45 -50.79 16.34 7.45
CA ARG D 45 -49.63 16.27 8.32
C ARG D 45 -49.26 17.67 8.81
N GLU D 46 -49.44 17.92 10.09
CA GLU D 46 -49.16 19.22 10.68
C GLU D 46 -47.87 19.20 11.49
N GLY D 47 -47.22 20.36 11.59
CA GLY D 47 -45.98 20.47 12.32
C GLY D 47 -46.18 20.66 13.80
N VAL D 48 -45.73 19.69 14.60
CA VAL D 48 -45.93 19.77 16.05
C VAL D 48 -44.85 20.62 16.70
N SER D 49 -43.58 20.26 16.50
CA SER D 49 -42.48 20.99 17.10
C SER D 49 -41.23 20.79 16.26
N CYS D 50 -40.35 21.80 16.32
CA CYS D 50 -39.08 21.76 15.61
C CYS D 50 -37.99 22.33 16.50
N ILE D 51 -36.76 21.88 16.26
CA ILE D 51 -35.59 22.34 17.01
C ILE D 51 -34.42 22.54 16.04
N SER D 52 -33.60 23.54 16.32
CA SER D 52 -32.46 23.85 15.46
C SER D 52 -31.39 22.76 15.59
N SER D 53 -30.38 22.85 14.72
CA SER D 53 -29.27 21.90 14.75
C SER D 53 -28.52 21.99 16.07
N SER D 54 -28.22 23.21 16.51
CA SER D 54 -27.54 23.41 17.79
C SER D 54 -28.49 23.42 18.97
N GLY D 55 -29.80 23.44 18.73
CA GLY D 55 -30.78 23.46 19.79
C GLY D 55 -31.10 24.83 20.35
N GLY D 56 -30.50 25.89 19.80
CA GLY D 56 -30.76 27.24 20.30
C GLY D 56 -32.04 27.88 19.83
N ARG D 57 -32.73 27.27 18.86
CA ARG D 57 -33.98 27.79 18.34
C ARG D 57 -35.01 26.67 18.28
N THR D 58 -36.24 26.99 18.70
CA THR D 58 -37.33 26.02 18.71
C THR D 58 -38.61 26.69 18.25
N ASN D 59 -39.56 25.86 17.81
CA ASN D 59 -40.89 26.31 17.44
C ASN D 59 -41.87 25.18 17.73
N TYR D 60 -43.08 25.54 18.13
CA TYR D 60 -44.13 24.59 18.47
C TYR D 60 -45.43 25.05 17.84
N ALA D 61 -46.35 24.12 17.58
CA ALA D 61 -47.68 24.48 17.09
C ALA D 61 -48.58 24.95 18.23
N ASP D 62 -49.42 25.95 17.96
CA ASP D 62 -50.18 26.62 19.01
C ASP D 62 -51.05 25.65 19.81
N SER D 63 -51.44 24.53 19.20
CA SER D 63 -52.23 23.53 19.91
C SER D 63 -51.47 22.90 21.07
N VAL D 64 -50.13 22.99 21.09
CA VAL D 64 -49.31 22.22 22.02
C VAL D 64 -48.42 23.09 22.89
N LYS D 65 -48.53 24.42 22.83
CA LYS D 65 -47.82 25.28 23.77
C LYS D 65 -48.15 24.92 25.21
N GLY D 66 -47.11 24.90 26.05
CA GLY D 66 -47.25 24.59 27.46
C GLY D 66 -47.45 23.13 27.76
N ARG D 67 -47.46 22.27 26.75
CA ARG D 67 -47.70 20.84 26.92
C ARG D 67 -46.59 19.98 26.38
N PHE D 68 -46.00 20.34 25.24
CA PHE D 68 -44.94 19.55 24.63
C PHE D 68 -43.62 20.29 24.77
N THR D 69 -42.54 19.52 24.96
CA THR D 69 -41.20 20.06 25.07
C THR D 69 -40.27 19.27 24.17
N ILE D 70 -39.61 19.95 23.25
CA ILE D 70 -38.68 19.31 22.32
C ILE D 70 -37.25 19.63 22.75
N SER D 71 -36.36 18.68 22.52
CA SER D 71 -34.93 18.87 22.77
C SER D 71 -34.16 17.77 22.07
N ARG D 72 -32.84 17.88 22.11
CA ARG D 72 -31.97 16.98 21.38
C ARG D 72 -30.69 16.75 22.15
N ASP D 73 -30.06 15.61 21.89
CA ASP D 73 -28.73 15.28 22.41
C ASP D 73 -27.82 15.06 21.22
N ASN D 74 -26.94 16.03 20.95
CA ASN D 74 -26.04 15.92 19.81
C ASN D 74 -24.88 14.97 20.06
N THR D 75 -24.59 14.66 21.31
CA THR D 75 -23.59 13.64 21.61
C THR D 75 -24.14 12.24 21.36
N LYS D 76 -25.40 12.01 21.71
CA LYS D 76 -26.04 10.71 21.52
C LYS D 76 -26.79 10.61 20.20
N ASN D 77 -26.74 11.66 19.37
CA ASN D 77 -27.34 11.63 18.03
C ASN D 77 -28.84 11.34 18.08
N THR D 78 -29.54 12.00 19.01
CA THR D 78 -30.98 11.79 19.19
C THR D 78 -31.67 13.13 19.39
N VAL D 79 -32.97 13.14 19.07
CA VAL D 79 -33.85 14.27 19.34
C VAL D 79 -35.07 13.74 20.08
N TYR D 80 -35.46 14.43 21.15
CA TYR D 80 -36.52 13.95 22.02
C TYR D 80 -37.72 14.90 21.97
N LEU D 81 -38.91 14.33 22.18
CA LEU D 81 -40.15 15.09 22.27
C LEU D 81 -40.95 14.57 23.46
N GLN D 82 -41.08 15.40 24.49
CA GLN D 82 -41.85 15.04 25.68
C GLN D 82 -43.26 15.60 25.55
N MET D 83 -44.26 14.74 25.82
CA MET D 83 -45.66 15.13 25.76
C MET D 83 -46.28 15.05 27.14
N ASN D 84 -46.88 16.15 27.58
CA ASN D 84 -47.58 16.24 28.86
C ASN D 84 -48.98 16.78 28.65
N SER D 85 -49.88 16.45 29.58
CA SER D 85 -51.29 16.85 29.49
C SER D 85 -51.89 16.42 28.16
N LEU D 86 -51.74 15.13 27.85
CA LEU D 86 -52.04 14.64 26.52
C LEU D 86 -53.55 14.51 26.33
N LYS D 87 -54.04 14.84 25.14
CA LYS D 87 -55.45 14.96 24.84
C LYS D 87 -55.87 14.04 23.71
N PRO D 88 -57.16 13.69 23.61
CA PRO D 88 -57.62 12.86 22.49
C PRO D 88 -57.40 13.51 21.14
N GLU D 89 -57.30 14.84 21.07
CA GLU D 89 -57.03 15.54 19.82
C GLU D 89 -55.65 15.22 19.26
N ASP D 90 -54.76 14.62 20.06
CA ASP D 90 -53.39 14.36 19.65
C ASP D 90 -53.19 12.94 19.12
N THR D 91 -54.23 12.13 19.08
CA THR D 91 -54.11 10.76 18.56
C THR D 91 -53.70 10.80 17.09
N ALA D 92 -52.49 10.36 16.79
CA ALA D 92 -51.93 10.49 15.45
C ALA D 92 -50.68 9.64 15.34
N VAL D 93 -50.18 9.51 14.12
CA VAL D 93 -48.87 8.91 13.86
C VAL D 93 -47.84 10.03 13.80
N TYR D 94 -46.75 9.86 14.55
CA TYR D 94 -45.74 10.91 14.70
C TYR D 94 -44.48 10.54 13.94
N TYR D 95 -44.08 11.42 13.02
CA TYR D 95 -42.83 11.31 12.28
C TYR D 95 -41.81 12.29 12.82
N CYS D 96 -40.53 11.94 12.70
CA CYS D 96 -39.45 12.89 12.89
C CYS D 96 -38.76 13.09 11.54
N ALA D 97 -38.56 14.35 11.16
CA ALA D 97 -37.94 14.68 9.88
C ALA D 97 -36.73 15.55 10.12
N ALA D 98 -35.68 15.33 9.33
CA ALA D 98 -34.44 16.10 9.43
C ALA D 98 -34.21 16.83 8.12
N TRP D 99 -33.87 18.12 8.21
CA TRP D 99 -33.65 18.94 7.03
C TRP D 99 -32.79 20.13 7.43
N GLU D 100 -32.49 20.97 6.44
CA GLU D 100 -31.67 22.16 6.63
C GLU D 100 -32.48 23.39 6.29
N ALA D 101 -32.12 24.50 6.93
CA ALA D 101 -32.83 25.76 6.72
C ALA D 101 -32.71 26.19 5.26
N SER D 102 -33.85 26.37 4.60
CA SER D 102 -33.89 26.82 3.23
C SER D 102 -34.17 28.31 3.11
N ARG D 103 -34.24 29.03 4.22
CA ARG D 103 -34.47 30.46 4.22
C ARG D 103 -33.44 31.13 5.13
N TRP D 104 -33.21 32.42 4.89
CA TRP D 104 -32.47 33.22 5.84
C TRP D 104 -33.28 33.36 7.13
N TYR D 105 -32.55 33.60 8.23
CA TYR D 105 -33.01 33.79 9.61
C TYR D 105 -32.78 32.53 10.43
N CYS D 106 -32.41 32.71 11.70
CA CYS D 106 -32.25 31.57 12.60
C CYS D 106 -33.54 30.80 12.88
N PRO D 107 -34.69 31.41 13.15
CA PRO D 107 -35.84 30.64 13.64
C PRO D 107 -36.29 29.58 12.64
N LEU D 108 -36.96 28.56 13.19
CA LEU D 108 -37.46 27.41 12.43
C LEU D 108 -38.98 27.44 12.28
N GLN D 109 -39.60 28.61 12.40
CA GLN D 109 -41.06 28.67 12.39
C GLN D 109 -41.61 28.34 11.01
N PHE D 110 -40.89 28.69 9.94
CA PHE D 110 -41.36 28.38 8.60
C PHE D 110 -41.15 26.90 8.28
N SER D 111 -41.98 26.41 7.36
CA SER D 111 -41.85 25.06 6.82
C SER D 111 -41.11 25.09 5.49
N ALA D 112 -40.60 23.93 5.09
CA ALA D 112 -39.75 23.81 3.92
C ALA D 112 -39.66 22.33 3.55
N ASP D 113 -38.72 22.01 2.66
CA ASP D 113 -38.40 20.62 2.38
C ASP D 113 -37.89 19.93 3.64
N PHE D 114 -38.12 18.62 3.70
CA PHE D 114 -37.62 17.80 4.81
C PHE D 114 -36.84 16.65 4.20
N SER D 115 -35.51 16.68 4.37
CA SER D 115 -34.63 15.80 3.62
C SER D 115 -34.87 14.33 3.94
N SER D 116 -34.89 13.99 5.22
CA SER D 116 -35.03 12.61 5.65
C SER D 116 -36.23 12.47 6.58
N TRP D 117 -36.88 11.32 6.49
CA TRP D 117 -38.07 11.02 7.26
C TRP D 117 -37.95 9.64 7.88
N GLY D 118 -38.61 9.46 9.02
CA GLY D 118 -38.74 8.17 9.65
C GLY D 118 -39.96 7.43 9.12
N GLN D 119 -40.20 6.26 9.72
CA GLN D 119 -41.37 5.47 9.38
C GLN D 119 -42.59 5.81 10.24
N GLY D 120 -42.41 6.61 11.28
CA GLY D 120 -43.52 7.04 12.12
C GLY D 120 -43.81 6.09 13.25
N THR D 121 -44.38 6.64 14.32
CA THR D 121 -44.79 5.87 15.47
C THR D 121 -46.19 6.32 15.89
N GLN D 122 -46.95 5.39 16.46
CA GLN D 122 -48.34 5.63 16.82
C GLN D 122 -48.47 5.94 18.30
N VAL D 123 -49.12 7.07 18.60
CA VAL D 123 -49.51 7.43 19.96
C VAL D 123 -51.02 7.63 19.95
N THR D 124 -51.72 6.87 20.78
CA THR D 124 -53.18 6.93 20.86
C THR D 124 -53.58 7.39 22.26
N VAL D 125 -54.50 8.35 22.32
CA VAL D 125 -54.93 8.97 23.56
C VAL D 125 -56.43 8.72 23.68
N SER D 126 -56.84 7.88 24.63
CA SER D 126 -58.24 7.48 24.69
C SER D 126 -58.58 6.97 26.08
N SER D 127 -59.55 7.62 26.73
CA SER D 127 -60.12 7.15 28.00
C SER D 127 -61.40 7.91 28.32
N GLN E 1 -44.12 7.16 37.12
CA GLN E 1 -44.74 5.94 36.61
C GLN E 1 -44.40 4.76 37.50
N VAL E 2 -43.66 5.03 38.58
CA VAL E 2 -43.33 4.00 39.55
C VAL E 2 -44.59 3.56 40.28
N GLN E 3 -44.87 2.27 40.24
CA GLN E 3 -46.08 1.71 40.82
C GLN E 3 -45.78 0.34 41.41
N LEU E 4 -46.35 0.06 42.58
CA LEU E 4 -46.22 -1.23 43.23
C LEU E 4 -47.64 -1.77 43.45
N GLN E 5 -47.87 -3.03 43.09
CA GLN E 5 -49.21 -3.61 43.10
C GLN E 5 -49.20 -4.89 43.90
N GLU E 6 -50.04 -4.96 44.92
CA GLU E 6 -50.24 -6.18 45.69
C GLU E 6 -51.38 -7.00 45.09
N SER E 7 -51.34 -8.31 45.32
CA SER E 7 -52.36 -9.21 44.79
C SER E 7 -52.39 -10.48 45.63
N GLY E 8 -53.48 -11.23 45.50
CA GLY E 8 -53.65 -12.49 46.17
C GLY E 8 -54.54 -12.45 47.40
N GLY E 9 -55.07 -11.29 47.77
CA GLY E 9 -55.91 -11.20 48.95
C GLY E 9 -57.25 -11.88 48.75
N GLY E 10 -57.88 -12.21 49.88
CA GLY E 10 -59.17 -12.87 49.83
C GLY E 10 -59.62 -13.29 51.22
N LEU E 11 -60.58 -14.20 51.25
CA LEU E 11 -61.15 -14.73 52.48
C LEU E 11 -60.76 -16.19 52.63
N VAL E 12 -60.17 -16.54 53.78
CA VAL E 12 -59.66 -17.88 54.02
C VAL E 12 -60.13 -18.36 55.39
N GLN E 13 -60.07 -19.69 55.57
CA GLN E 13 -60.39 -20.34 56.82
C GLN E 13 -59.17 -20.33 57.75
N PRO E 14 -59.38 -20.10 59.05
CA PRO E 14 -58.27 -20.24 60.00
C PRO E 14 -57.65 -21.63 59.92
N GLY E 15 -56.32 -21.67 59.97
CA GLY E 15 -55.58 -22.89 59.71
C GLY E 15 -55.26 -23.12 58.25
N GLY E 16 -55.89 -22.38 57.34
CA GLY E 16 -55.63 -22.49 55.92
C GLY E 16 -54.41 -21.68 55.51
N SER E 17 -54.23 -21.57 54.20
CA SER E 17 -53.07 -20.91 53.62
C SER E 17 -53.51 -19.93 52.54
N LEU E 18 -52.66 -18.93 52.33
CA LEU E 18 -52.86 -17.94 51.27
C LEU E 18 -51.49 -17.43 50.84
N ARG E 19 -51.42 -16.86 49.64
CA ARG E 19 -50.17 -16.35 49.10
C ARG E 19 -50.42 -14.99 48.47
N LEU E 20 -49.57 -14.02 48.80
CA LEU E 20 -49.61 -12.71 48.15
C LEU E 20 -48.42 -12.53 47.22
N SER E 21 -48.61 -11.65 46.24
CA SER E 21 -47.59 -11.27 45.28
C SER E 21 -47.52 -9.75 45.24
N CYS E 22 -46.29 -9.22 45.16
CA CYS E 22 -46.08 -7.78 45.13
C CYS E 22 -45.25 -7.47 43.90
N ALA E 23 -45.88 -6.84 42.91
CA ALA E 23 -45.27 -6.60 41.62
C ALA E 23 -45.02 -5.10 41.42
N ALA E 24 -44.00 -4.78 40.64
CA ALA E 24 -43.58 -3.41 40.40
C ALA E 24 -43.55 -3.12 38.91
N SER E 25 -43.93 -1.89 38.54
CA SER E 25 -43.95 -1.45 37.16
C SER E 25 -43.34 -0.07 37.05
N GLY E 26 -42.58 0.15 35.97
CA GLY E 26 -41.92 1.42 35.73
C GLY E 26 -40.57 1.58 36.40
N PHE E 27 -40.06 0.54 37.03
CA PHE E 27 -38.81 0.59 37.78
C PHE E 27 -38.44 -0.82 38.23
N THR E 28 -37.14 -1.06 38.39
CA THR E 28 -36.63 -2.39 38.68
C THR E 28 -36.60 -2.61 40.19
N LEU E 29 -37.25 -3.68 40.63
CA LEU E 29 -37.47 -3.96 42.05
C LEU E 29 -36.32 -4.69 42.71
N ASP E 30 -35.34 -5.16 41.93
CA ASP E 30 -34.28 -5.99 42.50
C ASP E 30 -33.37 -5.20 43.45
N TYR E 31 -33.12 -3.92 43.16
CA TYR E 31 -32.22 -3.12 43.99
C TYR E 31 -32.81 -2.82 45.36
N TYR E 32 -34.13 -2.85 45.50
CA TYR E 32 -34.78 -2.37 46.71
C TYR E 32 -35.04 -3.49 47.70
N ALA E 33 -34.99 -3.15 48.98
CA ALA E 33 -35.50 -4.00 50.04
C ALA E 33 -37.02 -3.86 50.10
N ILE E 34 -37.71 -4.99 50.26
CA ILE E 34 -39.16 -5.03 50.23
C ILE E 34 -39.67 -5.57 51.56
N GLY E 35 -40.67 -4.89 52.13
CA GLY E 35 -41.26 -5.33 53.37
C GLY E 35 -42.77 -5.37 53.29
N TRP E 36 -43.36 -6.32 54.00
CA TRP E 36 -44.80 -6.52 54.03
C TRP E 36 -45.36 -5.97 55.35
N PHE E 37 -46.37 -5.11 55.25
CA PHE E 37 -46.87 -4.38 56.40
C PHE E 37 -48.39 -4.45 56.47
N ARG E 38 -48.92 -4.40 57.69
CA ARG E 38 -50.34 -4.64 57.93
C ARG E 38 -50.90 -3.62 58.90
N GLN E 39 -52.18 -3.30 58.73
CA GLN E 39 -52.91 -2.43 59.65
C GLN E 39 -54.20 -3.14 60.07
N ALA E 40 -54.19 -3.73 61.27
CA ALA E 40 -55.36 -4.41 61.78
C ALA E 40 -56.44 -3.39 62.16
N PRO E 41 -57.71 -3.81 62.16
CA PRO E 41 -58.79 -2.89 62.57
C PRO E 41 -58.58 -2.40 63.99
N GLY E 42 -58.41 -1.08 64.12
CA GLY E 42 -58.14 -0.47 65.41
C GLY E 42 -56.69 -0.50 65.83
N LYS E 43 -55.79 -0.97 64.99
CA LYS E 43 -54.37 -1.07 65.30
C LYS E 43 -53.56 -0.27 64.29
N GLU E 44 -52.29 -0.04 64.63
CA GLU E 44 -51.38 0.69 63.76
C GLU E 44 -50.79 -0.26 62.72
N ARG E 45 -49.93 0.29 61.86
CA ARG E 45 -49.28 -0.48 60.81
C ARG E 45 -48.01 -1.11 61.36
N GLU E 46 -47.94 -2.44 61.33
CA GLU E 46 -46.83 -3.19 61.89
C GLU E 46 -46.05 -3.90 60.80
N GLY E 47 -44.76 -4.09 61.05
CA GLY E 47 -43.89 -4.80 60.12
C GLY E 47 -43.90 -6.29 60.35
N VAL E 48 -44.35 -7.04 59.36
CA VAL E 48 -44.51 -8.48 59.47
C VAL E 48 -43.31 -9.23 58.91
N SER E 49 -42.89 -8.88 57.70
CA SER E 49 -41.72 -9.52 57.11
C SER E 49 -41.10 -8.57 56.09
N CYS E 50 -39.76 -8.57 56.05
CA CYS E 50 -38.99 -7.81 55.08
C CYS E 50 -37.89 -8.72 54.53
N ILE E 51 -37.43 -8.41 53.32
CA ILE E 51 -36.41 -9.23 52.66
C ILE E 51 -35.47 -8.29 51.92
N SER E 52 -34.17 -8.62 51.92
CA SER E 52 -33.14 -7.76 51.36
C SER E 52 -33.32 -7.56 49.86
N SER E 53 -32.45 -6.76 49.26
CA SER E 53 -32.49 -6.60 47.81
C SER E 53 -32.11 -7.91 47.11
N SER E 54 -30.98 -8.51 47.53
CA SER E 54 -30.54 -9.77 46.96
C SER E 54 -31.23 -10.98 47.57
N GLY E 55 -31.95 -10.78 48.66
CA GLY E 55 -32.65 -11.85 49.34
C GLY E 55 -31.81 -12.62 50.33
N GLY E 56 -30.57 -12.23 50.57
CA GLY E 56 -29.73 -12.91 51.53
C GLY E 56 -30.06 -12.60 52.98
N ARG E 57 -30.90 -11.60 53.23
CA ARG E 57 -31.27 -11.21 54.58
C ARG E 57 -32.78 -11.07 54.68
N THR E 58 -33.35 -11.60 55.76
CA THR E 58 -34.78 -11.53 56.01
C THR E 58 -35.02 -11.24 57.48
N ASN E 59 -36.24 -10.79 57.78
CA ASN E 59 -36.68 -10.64 59.15
C ASN E 59 -38.18 -10.95 59.21
N TYR E 60 -38.62 -11.42 60.37
CA TYR E 60 -40.02 -11.77 60.58
C TYR E 60 -40.49 -11.23 61.91
N ALA E 61 -41.75 -10.80 61.95
CA ALA E 61 -42.38 -10.48 63.23
C ALA E 61 -42.56 -11.75 64.04
N ASP E 62 -42.39 -11.64 65.35
CA ASP E 62 -42.49 -12.81 66.22
C ASP E 62 -43.87 -13.46 66.17
N SER E 63 -44.91 -12.70 65.81
CA SER E 63 -46.25 -13.26 65.73
C SER E 63 -46.39 -14.25 64.59
N VAL E 64 -45.57 -14.12 63.54
CA VAL E 64 -45.70 -14.93 62.33
C VAL E 64 -44.50 -15.84 62.10
N LYS E 65 -43.54 -15.89 63.03
CA LYS E 65 -42.39 -16.76 62.85
C LYS E 65 -42.81 -18.21 62.84
N GLY E 66 -42.26 -18.97 61.89
CA GLY E 66 -42.67 -20.34 61.68
C GLY E 66 -43.98 -20.49 60.92
N ARG E 67 -44.60 -19.38 60.53
CA ARG E 67 -45.84 -19.40 59.78
C ARG E 67 -45.77 -18.67 58.45
N PHE E 68 -44.96 -17.62 58.35
CA PHE E 68 -44.90 -16.82 57.14
C PHE E 68 -43.56 -17.12 56.47
N THR E 69 -43.55 -17.08 55.14
CA THR E 69 -42.30 -17.22 54.38
C THR E 69 -42.26 -16.20 53.27
N ILE E 70 -41.25 -15.34 53.29
CA ILE E 70 -41.07 -14.30 52.29
C ILE E 70 -40.02 -14.76 51.29
N SER E 71 -40.24 -14.43 50.02
CA SER E 71 -39.33 -14.81 48.94
C SER E 71 -39.53 -13.82 47.81
N ARG E 72 -38.53 -13.76 46.92
CA ARG E 72 -38.56 -12.79 45.84
C ARG E 72 -37.87 -13.39 44.62
N ASP E 73 -38.24 -12.89 43.45
CA ASP E 73 -37.59 -13.22 42.19
C ASP E 73 -37.17 -11.94 41.51
N ASN E 74 -35.86 -11.70 41.43
CA ASN E 74 -35.34 -10.50 40.78
C ASN E 74 -35.43 -10.56 39.26
N THR E 75 -35.60 -11.75 38.69
CA THR E 75 -35.81 -11.85 37.25
C THR E 75 -37.22 -11.44 36.85
N LYS E 76 -38.22 -11.82 37.64
CA LYS E 76 -39.61 -11.51 37.35
C LYS E 76 -40.09 -10.24 38.06
N ASN E 77 -39.21 -9.59 38.82
CA ASN E 77 -39.50 -8.28 39.41
C ASN E 77 -40.72 -8.42 40.33
N THR E 78 -40.61 -9.35 41.29
CA THR E 78 -41.71 -9.66 42.19
C THR E 78 -41.17 -10.07 43.55
N VAL E 79 -41.97 -9.85 44.59
CA VAL E 79 -41.71 -10.37 45.92
C VAL E 79 -42.96 -11.08 46.39
N TYR E 80 -42.80 -12.32 46.87
CA TYR E 80 -43.93 -13.07 47.40
C TYR E 80 -43.88 -13.16 48.91
N LEU E 81 -45.04 -13.43 49.48
CA LEU E 81 -45.20 -13.80 50.88
C LEU E 81 -46.13 -15.00 50.95
N GLN E 82 -45.64 -16.11 51.52
CA GLN E 82 -46.43 -17.30 51.70
C GLN E 82 -47.01 -17.32 53.11
N MET E 83 -48.33 -17.45 53.20
CA MET E 83 -49.05 -17.49 54.47
C MET E 83 -49.47 -18.92 54.77
N ASN E 84 -49.09 -19.44 55.93
CA ASN E 84 -49.55 -20.73 56.41
C ASN E 84 -50.02 -20.62 57.84
N SER E 85 -50.97 -21.48 58.21
CA SER E 85 -51.54 -21.51 59.56
C SER E 85 -52.10 -20.14 59.96
N LEU E 86 -52.94 -19.58 59.10
CA LEU E 86 -53.50 -18.26 59.34
C LEU E 86 -54.47 -18.29 60.51
N LYS E 87 -54.57 -17.17 61.21
CA LYS E 87 -55.34 -17.01 62.43
C LYS E 87 -56.25 -15.80 62.31
N PRO E 88 -57.32 -15.74 63.11
CA PRO E 88 -58.16 -14.53 63.13
C PRO E 88 -57.41 -13.27 63.50
N GLU E 89 -56.30 -13.39 64.24
CA GLU E 89 -55.43 -12.25 64.49
C GLU E 89 -54.81 -11.71 63.21
N ASP E 90 -54.85 -12.48 62.12
CA ASP E 90 -54.26 -12.10 60.85
C ASP E 90 -55.28 -11.50 59.89
N THR E 91 -56.31 -10.84 60.40
CA THR E 91 -57.27 -10.13 59.55
C THR E 91 -56.92 -8.65 59.51
N ALA E 92 -56.54 -8.15 58.33
CA ALA E 92 -56.17 -6.75 58.12
C ALA E 92 -55.93 -6.54 56.63
N VAL E 93 -55.56 -5.31 56.29
CA VAL E 93 -55.16 -4.96 54.93
C VAL E 93 -53.66 -5.17 54.81
N TYR E 94 -53.24 -5.86 53.75
CA TYR E 94 -51.83 -6.16 53.54
C TYR E 94 -51.20 -5.16 52.57
N TYR E 95 -50.10 -4.56 53.00
CA TYR E 95 -49.37 -3.55 52.25
C TYR E 95 -47.98 -4.06 51.92
N CYS E 96 -47.50 -3.72 50.73
CA CYS E 96 -46.13 -4.02 50.31
C CYS E 96 -45.38 -2.72 50.07
N ALA E 97 -44.15 -2.63 50.56
CA ALA E 97 -43.33 -1.43 50.45
C ALA E 97 -41.94 -1.77 49.95
N ALA E 98 -41.32 -0.80 49.28
CA ALA E 98 -39.95 -0.91 48.82
C ALA E 98 -39.16 0.31 49.28
N TRP E 99 -37.94 0.08 49.75
CA TRP E 99 -37.06 1.15 50.21
C TRP E 99 -35.64 0.63 50.27
N GLU E 100 -34.71 1.54 50.59
CA GLU E 100 -33.30 1.21 50.72
C GLU E 100 -32.91 1.29 52.19
N ALA E 101 -31.98 0.41 52.59
CA ALA E 101 -31.58 0.34 53.99
C ALA E 101 -31.10 1.70 54.49
N SER E 102 -31.59 2.09 55.66
CA SER E 102 -31.31 3.41 56.23
C SER E 102 -30.18 3.38 57.25
N ARG E 103 -29.56 2.23 57.49
CA ARG E 103 -28.54 2.11 58.51
C ARG E 103 -27.42 1.23 58.01
N TRP E 104 -26.25 1.36 58.62
CA TRP E 104 -25.19 0.38 58.44
C TRP E 104 -25.67 -0.97 58.98
N TYR E 105 -25.10 -2.04 58.40
CA TYR E 105 -25.34 -3.46 58.69
C TYR E 105 -26.23 -4.07 57.62
N CYS E 106 -25.97 -5.32 57.27
CA CYS E 106 -26.84 -6.04 56.34
C CYS E 106 -28.27 -6.25 56.84
N PRO E 107 -28.52 -6.61 58.11
CA PRO E 107 -29.88 -7.01 58.49
C PRO E 107 -30.93 -5.93 58.27
N LEU E 108 -32.16 -6.38 58.01
CA LEU E 108 -33.32 -5.52 57.79
C LEU E 108 -34.24 -5.47 59.00
N GLN E 109 -33.73 -5.81 60.18
CA GLN E 109 -34.58 -5.86 61.37
C GLN E 109 -35.13 -4.48 61.71
N PHE E 110 -34.32 -3.45 61.58
CA PHE E 110 -34.73 -2.09 61.91
C PHE E 110 -35.70 -1.54 60.88
N SER E 111 -36.51 -0.58 61.31
CA SER E 111 -37.47 0.09 60.46
C SER E 111 -36.95 1.46 60.05
N ALA E 112 -37.59 2.04 59.04
CA ALA E 112 -37.17 3.32 58.50
C ALA E 112 -38.30 3.88 57.65
N ASP E 113 -37.98 4.91 56.87
CA ASP E 113 -38.87 5.35 55.82
C ASP E 113 -39.06 4.24 54.78
N PHE E 114 -40.13 4.36 54.00
CA PHE E 114 -40.40 3.45 52.90
C PHE E 114 -40.76 4.29 51.68
N SER E 115 -39.87 4.27 50.68
CA SER E 115 -39.97 5.20 49.56
C SER E 115 -41.25 5.03 48.78
N SER E 116 -41.61 3.78 48.46
CA SER E 116 -42.76 3.49 47.62
C SER E 116 -43.76 2.63 48.39
N TRP E 117 -45.05 2.95 48.21
CA TRP E 117 -46.14 2.24 48.84
C TRP E 117 -47.16 1.85 47.77
N GLY E 118 -47.84 0.73 48.01
CA GLY E 118 -48.92 0.30 47.14
C GLY E 118 -50.28 0.70 47.69
N GLN E 119 -51.32 0.20 47.03
CA GLN E 119 -52.69 0.43 47.49
C GLN E 119 -53.18 -0.68 48.40
N GLY E 120 -52.57 -1.86 48.35
CA GLY E 120 -52.80 -2.90 49.34
C GLY E 120 -53.92 -3.86 48.97
N THR E 121 -53.90 -5.00 49.64
CA THR E 121 -54.90 -6.04 49.47
C THR E 121 -55.41 -6.48 50.82
N GLN E 122 -56.66 -6.96 50.83
CA GLN E 122 -57.33 -7.36 52.06
C GLN E 122 -57.17 -8.85 52.30
N VAL E 123 -56.73 -9.22 53.49
CA VAL E 123 -56.64 -10.61 53.92
C VAL E 123 -57.54 -10.77 55.14
N THR E 124 -58.55 -11.63 55.01
CA THR E 124 -59.52 -11.86 56.07
C THR E 124 -59.52 -13.33 56.44
N VAL E 125 -59.32 -13.62 57.71
CA VAL E 125 -59.30 -14.98 58.24
C VAL E 125 -60.43 -15.08 59.26
N SER E 126 -61.45 -15.89 58.95
CA SER E 126 -62.65 -15.92 59.80
C SER E 126 -63.39 -17.23 59.59
N SER E 127 -63.56 -18.00 60.66
CA SER E 127 -64.41 -19.18 60.66
C SER E 127 -64.67 -19.64 62.08
N GLN F 1 -62.26 -14.72 -3.10
CA GLN F 1 -63.14 -13.95 -3.97
C GLN F 1 -63.03 -14.45 -5.41
N VAL F 2 -62.23 -15.50 -5.59
CA VAL F 2 -62.08 -16.12 -6.90
C VAL F 2 -63.40 -16.78 -7.30
N GLN F 3 -63.90 -16.42 -8.47
CA GLN F 3 -65.18 -16.96 -8.95
C GLN F 3 -65.06 -17.37 -10.42
N LEU F 4 -65.67 -18.49 -10.75
CA LEU F 4 -65.84 -18.93 -12.13
C LEU F 4 -67.33 -19.01 -12.41
N GLN F 5 -67.77 -18.36 -13.50
CA GLN F 5 -69.18 -18.24 -13.82
C GLN F 5 -69.41 -18.63 -15.28
N GLU F 6 -70.21 -19.66 -15.50
CA GLU F 6 -70.61 -20.06 -16.83
C GLU F 6 -71.89 -19.34 -17.26
N SER F 7 -72.08 -19.23 -18.57
CA SER F 7 -73.26 -18.58 -19.11
C SER F 7 -73.51 -19.10 -20.52
N GLY F 8 -74.72 -18.88 -21.02
CA GLY F 8 -75.10 -19.26 -22.35
C GLY F 8 -75.91 -20.53 -22.48
N GLY F 9 -76.21 -21.21 -21.37
CA GLY F 9 -76.98 -22.42 -21.44
C GLY F 9 -78.44 -22.18 -21.79
N GLY F 10 -79.08 -23.23 -22.28
CA GLY F 10 -80.48 -23.11 -22.67
C GLY F 10 -80.95 -24.38 -23.37
N LEU F 11 -82.06 -24.24 -24.08
CA LEU F 11 -82.69 -25.35 -24.80
C LEU F 11 -82.59 -25.08 -26.30
N VAL F 12 -82.04 -26.03 -27.04
CA VAL F 12 -81.80 -25.89 -28.46
C VAL F 12 -82.31 -27.11 -29.21
N GLN F 13 -82.50 -26.94 -30.51
CA GLN F 13 -82.90 -28.01 -31.41
C GLN F 13 -81.67 -28.80 -31.86
N PRO F 14 -81.78 -30.12 -31.95
CA PRO F 14 -80.69 -30.91 -32.56
C PRO F 14 -80.36 -30.42 -33.96
N GLY F 15 -79.07 -30.34 -34.26
CA GLY F 15 -78.60 -29.73 -35.47
C GLY F 15 -78.37 -28.24 -35.36
N GLY F 16 -78.85 -27.60 -34.29
CA GLY F 16 -78.63 -26.20 -34.07
C GLY F 16 -77.29 -25.93 -33.41
N SER F 17 -77.11 -24.68 -32.98
CA SER F 17 -75.87 -24.23 -32.38
C SER F 17 -76.14 -23.48 -31.09
N LEU F 18 -75.15 -23.50 -30.20
CA LEU F 18 -75.21 -22.76 -28.95
C LEU F 18 -73.78 -22.36 -28.58
N ARG F 19 -73.65 -21.26 -27.86
CA ARG F 19 -72.34 -20.76 -27.44
C ARG F 19 -72.33 -20.54 -25.93
N LEU F 20 -71.30 -21.06 -25.28
CA LEU F 20 -71.10 -20.90 -23.85
C LEU F 20 -69.91 -19.99 -23.59
N SER F 21 -69.96 -19.26 -22.48
CA SER F 21 -68.87 -18.41 -22.04
C SER F 21 -68.63 -18.63 -20.55
N CYS F 22 -67.35 -18.60 -20.16
CA CYS F 22 -66.97 -18.73 -18.76
C CYS F 22 -66.13 -17.53 -18.38
N ALA F 23 -66.62 -16.73 -17.43
CA ALA F 23 -65.96 -15.52 -17.01
C ALA F 23 -65.41 -15.69 -15.60
N ALA F 24 -64.38 -14.91 -15.28
CA ALA F 24 -63.68 -15.02 -14.01
C ALA F 24 -63.62 -13.66 -13.33
N SER F 25 -63.78 -13.66 -12.01
CA SER F 25 -63.76 -12.45 -11.21
C SER F 25 -63.01 -12.69 -9.91
N GLY F 26 -62.42 -11.64 -9.37
CA GLY F 26 -61.60 -11.74 -8.18
C GLY F 26 -60.21 -12.27 -8.43
N PHE F 27 -59.88 -12.58 -9.68
CA PHE F 27 -58.61 -13.15 -10.08
C PHE F 27 -58.58 -13.14 -11.60
N THR F 28 -57.38 -13.05 -12.16
CA THR F 28 -57.26 -13.03 -13.60
C THR F 28 -57.21 -14.47 -14.08
N LEU F 29 -58.16 -14.84 -14.95
CA LEU F 29 -58.28 -16.19 -15.48
C LEU F 29 -57.08 -16.51 -16.36
N ASP F 30 -56.12 -15.58 -16.37
CA ASP F 30 -55.22 -15.43 -17.50
C ASP F 30 -54.03 -16.39 -17.41
N TYR F 31 -53.65 -16.77 -16.19
CA TYR F 31 -52.50 -17.63 -15.94
C TYR F 31 -52.81 -19.11 -15.99
N TYR F 32 -54.07 -19.50 -16.23
CA TYR F 32 -54.51 -20.87 -16.05
C TYR F 32 -55.03 -21.44 -17.36
N ALA F 33 -54.83 -22.74 -17.54
CA ALA F 33 -55.48 -23.48 -18.62
C ALA F 33 -56.91 -23.79 -18.22
N ILE F 34 -57.83 -23.68 -19.18
CA ILE F 34 -59.26 -23.84 -18.93
C ILE F 34 -59.77 -25.03 -19.75
N GLY F 35 -60.51 -25.90 -19.09
CA GLY F 35 -61.19 -26.98 -19.77
C GLY F 35 -62.67 -26.96 -19.45
N TRP F 36 -63.46 -27.38 -20.42
CA TRP F 36 -64.92 -27.38 -20.29
C TRP F 36 -65.36 -28.82 -20.07
N PHE F 37 -66.21 -29.04 -19.06
CA PHE F 37 -66.58 -30.38 -18.65
C PHE F 37 -68.09 -30.51 -18.46
N ARG F 38 -68.63 -31.69 -18.81
CA ARG F 38 -70.06 -31.94 -18.77
C ARG F 38 -70.34 -33.26 -18.06
N GLN F 39 -71.52 -33.33 -17.44
CA GLN F 39 -72.00 -34.54 -16.77
C GLN F 39 -73.39 -34.87 -17.30
N ALA F 40 -73.48 -35.87 -18.16
CA ALA F 40 -74.76 -36.32 -18.69
C ALA F 40 -75.55 -37.04 -17.61
N PRO F 41 -76.87 -37.07 -17.72
CA PRO F 41 -77.69 -37.81 -16.74
C PRO F 41 -77.31 -39.28 -16.71
N GLY F 42 -76.95 -39.76 -15.52
CA GLY F 42 -76.55 -41.14 -15.34
C GLY F 42 -75.13 -41.46 -15.72
N LYS F 43 -74.33 -40.46 -16.10
CA LYS F 43 -72.95 -40.66 -16.51
C LYS F 43 -72.02 -39.84 -15.61
N GLU F 44 -70.74 -40.20 -15.66
CA GLU F 44 -69.72 -39.42 -14.98
C GLU F 44 -69.42 -38.16 -15.78
N ARG F 45 -68.57 -37.30 -15.24
CA ARG F 45 -68.24 -36.03 -15.87
C ARG F 45 -67.01 -36.22 -16.76
N GLU F 46 -67.16 -35.88 -18.04
CA GLU F 46 -66.13 -36.13 -19.03
C GLU F 46 -65.53 -34.82 -19.53
N GLY F 47 -64.29 -34.90 -20.02
CA GLY F 47 -63.62 -33.76 -20.60
C GLY F 47 -63.93 -33.61 -22.07
N VAL F 48 -64.64 -32.53 -22.43
CA VAL F 48 -65.05 -32.32 -23.81
C VAL F 48 -64.02 -31.51 -24.58
N SER F 49 -63.64 -30.35 -24.05
CA SER F 49 -62.66 -29.51 -24.73
C SER F 49 -61.83 -28.78 -23.69
N CYS F 50 -60.52 -28.72 -23.94
CA CYS F 50 -59.59 -27.98 -23.11
C CYS F 50 -58.67 -27.16 -24.00
N ILE F 51 -58.21 -26.03 -23.46
CA ILE F 51 -57.32 -25.11 -24.18
C ILE F 51 -56.28 -24.61 -23.19
N SER F 52 -55.04 -24.50 -23.65
CA SER F 52 -53.95 -24.08 -22.80
C SER F 52 -54.20 -22.67 -22.25
N SER F 53 -53.37 -22.30 -21.28
CA SER F 53 -53.47 -20.99 -20.65
C SER F 53 -53.50 -19.88 -21.70
N SER F 54 -52.39 -19.65 -22.37
CA SER F 54 -52.27 -18.57 -23.33
C SER F 54 -52.79 -18.94 -24.72
N GLY F 55 -53.33 -20.15 -24.89
CA GLY F 55 -54.18 -20.46 -26.02
C GLY F 55 -53.52 -21.10 -27.22
N GLY F 56 -52.25 -21.49 -27.13
CA GLY F 56 -51.60 -22.10 -28.27
C GLY F 56 -51.85 -23.58 -28.44
N ARG F 57 -52.44 -24.25 -27.45
CA ARG F 57 -52.70 -25.68 -27.50
C ARG F 57 -54.14 -25.96 -27.11
N THR F 58 -54.74 -26.94 -27.78
CA THR F 58 -56.13 -27.31 -27.54
C THR F 58 -56.25 -28.83 -27.54
N ASN F 59 -57.36 -29.31 -26.98
CA ASN F 59 -57.70 -30.72 -27.02
C ASN F 59 -59.21 -30.86 -27.04
N TYR F 60 -59.70 -31.84 -27.80
CA TYR F 60 -61.12 -32.08 -27.96
C TYR F 60 -61.42 -33.55 -27.73
N ALA F 61 -62.59 -33.83 -27.16
CA ALA F 61 -63.06 -35.21 -27.08
C ALA F 61 -63.42 -35.73 -28.47
N ASP F 62 -63.23 -37.03 -28.69
CA ASP F 62 -63.48 -37.58 -30.01
C ASP F 62 -64.96 -37.50 -30.39
N SER F 63 -65.85 -37.55 -29.40
CA SER F 63 -67.28 -37.42 -29.67
C SER F 63 -67.63 -36.06 -30.28
N VAL F 64 -66.77 -35.06 -30.10
CA VAL F 64 -67.12 -33.68 -30.38
C VAL F 64 -66.23 -33.04 -31.44
N LYS F 65 -65.27 -33.80 -31.98
CA LYS F 65 -64.31 -33.23 -32.93
C LYS F 65 -65.00 -32.84 -34.22
N GLY F 66 -64.65 -31.67 -34.75
CA GLY F 66 -65.30 -31.14 -35.91
C GLY F 66 -66.67 -30.54 -35.65
N ARG F 67 -67.12 -30.54 -34.39
CA ARG F 67 -68.41 -29.95 -34.03
C ARG F 67 -68.29 -28.80 -33.04
N PHE F 68 -67.51 -28.93 -31.97
CA PHE F 68 -67.31 -27.83 -31.05
C PHE F 68 -65.95 -27.18 -31.29
N THR F 69 -65.90 -25.86 -31.12
CA THR F 69 -64.68 -25.08 -31.23
C THR F 69 -64.48 -24.31 -29.93
N ILE F 70 -63.36 -24.56 -29.26
CA ILE F 70 -63.01 -23.80 -28.06
C ILE F 70 -62.14 -22.62 -28.45
N SER F 71 -62.52 -21.44 -27.98
CA SER F 71 -61.72 -20.24 -28.11
C SER F 71 -61.88 -19.44 -26.83
N ARG F 72 -60.87 -18.65 -26.52
CA ARG F 72 -60.87 -17.94 -25.25
C ARG F 72 -60.51 -16.49 -25.50
N ASP F 73 -61.44 -15.57 -25.19
CA ASP F 73 -61.16 -14.17 -25.43
C ASP F 73 -60.13 -13.72 -24.43
N ASN F 74 -59.09 -13.11 -24.95
CA ASN F 74 -57.91 -12.83 -24.16
C ASN F 74 -58.13 -11.59 -23.30
N THR F 75 -58.45 -10.47 -23.94
CA THR F 75 -58.56 -9.18 -23.25
C THR F 75 -59.63 -9.19 -22.17
N LYS F 76 -60.70 -9.96 -22.35
CA LYS F 76 -61.89 -9.86 -21.53
C LYS F 76 -61.96 -10.90 -20.42
N ASN F 77 -60.88 -11.66 -20.20
CA ASN F 77 -60.81 -12.65 -19.12
C ASN F 77 -61.93 -13.68 -19.23
N THR F 78 -62.22 -14.10 -20.46
CA THR F 78 -63.31 -15.05 -20.73
C THR F 78 -62.82 -16.15 -21.66
N VAL F 79 -63.39 -17.33 -21.48
CA VAL F 79 -63.16 -18.48 -22.35
C VAL F 79 -64.50 -18.89 -22.93
N TYR F 80 -64.55 -19.05 -24.25
CA TYR F 80 -65.79 -19.41 -24.93
C TYR F 80 -65.73 -20.85 -25.40
N LEU F 81 -66.91 -21.39 -25.71
CA LEU F 81 -67.00 -22.71 -26.32
C LEU F 81 -68.16 -22.69 -27.29
N GLN F 82 -67.86 -22.82 -28.58
CA GLN F 82 -68.87 -22.78 -29.63
C GLN F 82 -69.27 -24.21 -29.97
N MET F 83 -70.56 -24.52 -29.84
CA MET F 83 -71.09 -25.82 -30.18
C MET F 83 -71.90 -25.72 -31.46
N ASN F 84 -71.59 -26.58 -32.43
CA ASN F 84 -72.32 -26.67 -33.68
C ASN F 84 -72.75 -28.09 -33.93
N SER F 85 -73.89 -28.25 -34.61
CA SER F 85 -74.48 -29.56 -34.89
C SER F 85 -74.70 -30.34 -33.59
N LEU F 86 -75.40 -29.72 -32.65
CA LEU F 86 -75.66 -30.36 -31.37
C LEU F 86 -76.57 -31.56 -31.52
N LYS F 87 -76.37 -32.53 -30.64
CA LYS F 87 -77.07 -33.81 -30.66
C LYS F 87 -77.70 -34.06 -29.30
N PRO F 88 -78.71 -34.94 -29.24
CA PRO F 88 -79.28 -35.31 -27.93
C PRO F 88 -78.26 -35.91 -26.97
N GLU F 89 -77.17 -36.48 -27.48
CA GLU F 89 -76.12 -37.01 -26.62
C GLU F 89 -75.38 -35.92 -25.86
N ASP F 90 -75.54 -34.65 -26.23
CA ASP F 90 -74.82 -33.55 -25.60
C ASP F 90 -75.59 -32.92 -24.44
N THR F 91 -76.78 -33.43 -24.11
CA THR F 91 -77.56 -32.88 -23.02
C THR F 91 -76.88 -33.19 -21.70
N ALA F 92 -76.33 -32.16 -21.04
CA ALA F 92 -75.59 -32.33 -19.80
C ALA F 92 -75.46 -30.99 -19.11
N VAL F 93 -75.07 -31.03 -17.84
CA VAL F 93 -74.71 -29.83 -17.08
C VAL F 93 -73.25 -29.53 -17.35
N TYR F 94 -72.95 -28.29 -17.75
CA TYR F 94 -71.67 -27.98 -18.36
C TYR F 94 -70.87 -27.09 -17.43
N TYR F 95 -69.66 -27.52 -17.06
CA TYR F 95 -68.79 -26.85 -16.12
C TYR F 95 -67.57 -26.27 -16.83
N CYS F 96 -67.13 -25.10 -16.40
CA CYS F 96 -65.83 -24.56 -16.80
C CYS F 96 -64.88 -24.62 -15.62
N ALA F 97 -63.66 -25.10 -15.86
CA ALA F 97 -62.68 -25.28 -14.80
C ALA F 97 -61.35 -24.67 -15.22
N ALA F 98 -60.65 -24.10 -14.26
CA ALA F 98 -59.36 -23.47 -14.48
C ALA F 98 -58.29 -24.13 -13.61
N TRP F 99 -57.13 -24.37 -14.20
CA TRP F 99 -56.01 -24.99 -13.49
C TRP F 99 -54.73 -24.73 -14.26
N GLU F 100 -53.61 -25.06 -13.63
CA GLU F 100 -52.30 -25.00 -14.25
C GLU F 100 -51.89 -26.37 -14.74
N ALA F 101 -50.99 -26.40 -15.72
CA ALA F 101 -50.58 -27.65 -16.32
C ALA F 101 -49.98 -28.59 -15.29
N SER F 102 -50.45 -29.83 -15.26
CA SER F 102 -49.91 -30.85 -14.37
C SER F 102 -48.66 -31.50 -14.93
N ARG F 103 -48.22 -31.09 -16.12
CA ARG F 103 -47.23 -31.82 -16.89
C ARG F 103 -46.40 -30.85 -17.70
N TRP F 104 -45.16 -31.24 -18.02
CA TRP F 104 -44.57 -30.70 -19.24
C TRP F 104 -45.31 -31.24 -20.44
N TYR F 105 -44.81 -30.84 -21.62
CA TYR F 105 -45.43 -31.05 -22.92
C TYR F 105 -46.49 -29.98 -23.04
N CYS F 106 -46.45 -29.21 -24.12
CA CYS F 106 -47.49 -28.21 -24.33
C CYS F 106 -48.91 -28.77 -24.35
N PRO F 107 -49.19 -29.96 -24.91
CA PRO F 107 -50.57 -30.42 -24.99
C PRO F 107 -51.27 -30.51 -23.64
N LEU F 108 -52.59 -30.29 -23.67
CA LEU F 108 -53.46 -30.41 -22.52
C LEU F 108 -54.36 -31.65 -22.63
N GLN F 109 -53.89 -32.66 -23.36
CA GLN F 109 -54.70 -33.84 -23.63
C GLN F 109 -55.07 -34.59 -22.35
N PHE F 110 -54.12 -34.70 -21.43
CA PHE F 110 -54.32 -35.47 -20.21
C PHE F 110 -55.17 -34.71 -19.20
N SER F 111 -55.46 -35.35 -18.08
CA SER F 111 -56.33 -34.78 -17.06
C SER F 111 -55.71 -34.90 -15.67
N ALA F 112 -56.09 -33.97 -14.81
CA ALA F 112 -55.70 -33.90 -13.40
C ALA F 112 -56.69 -32.96 -12.71
N ASP F 113 -56.33 -32.49 -11.51
CA ASP F 113 -57.20 -31.60 -10.75
C ASP F 113 -57.60 -30.37 -11.58
N PHE F 114 -58.59 -29.65 -11.09
CA PHE F 114 -58.98 -28.37 -11.65
C PHE F 114 -59.25 -27.44 -10.49
N SER F 115 -58.34 -26.47 -10.29
CA SER F 115 -58.25 -25.76 -9.01
C SER F 115 -59.54 -25.01 -8.70
N SER F 116 -60.13 -24.35 -9.70
CA SER F 116 -61.34 -23.59 -9.52
C SER F 116 -62.45 -24.17 -10.38
N TRP F 117 -63.67 -24.16 -9.85
CA TRP F 117 -64.84 -24.65 -10.55
C TRP F 117 -65.96 -23.62 -10.50
N GLY F 118 -66.72 -23.54 -11.59
CA GLY F 118 -67.94 -22.78 -11.61
C GLY F 118 -69.11 -23.58 -11.07
N GLN F 119 -70.28 -22.95 -11.10
CA GLN F 119 -71.50 -23.64 -10.68
C GLN F 119 -72.19 -24.35 -11.84
N GLY F 120 -71.84 -24.02 -13.08
CA GLY F 120 -72.31 -24.76 -14.23
C GLY F 120 -73.57 -24.18 -14.84
N THR F 121 -73.78 -24.54 -16.11
CA THR F 121 -74.96 -24.14 -16.85
C THR F 121 -75.52 -25.37 -17.56
N GLN F 122 -76.84 -25.35 -17.79
CA GLN F 122 -77.53 -26.49 -18.38
C GLN F 122 -77.65 -26.32 -19.89
N VAL F 123 -77.25 -27.35 -20.63
CA VAL F 123 -77.41 -27.40 -22.08
C VAL F 123 -78.29 -28.61 -22.38
N THR F 124 -79.44 -28.34 -23.00
CA THR F 124 -80.41 -29.39 -23.32
C THR F 124 -80.68 -29.36 -24.82
N VAL F 125 -80.51 -30.51 -25.47
CA VAL F 125 -80.74 -30.65 -26.90
C VAL F 125 -81.83 -31.71 -27.07
N SER F 126 -83.00 -31.30 -27.56
CA SER F 126 -84.15 -32.21 -27.61
C SER F 126 -85.14 -31.74 -28.66
N SER F 127 -85.41 -32.59 -29.64
CA SER F 127 -86.48 -32.36 -30.61
C SER F 127 -86.77 -33.65 -31.38
C1 NAG G . 67.83 17.20 -1.34
C2 NAG G . 69.14 17.87 -0.93
C3 NAG G . 69.33 17.78 0.59
C4 NAG G . 68.10 18.32 1.32
C5 NAG G . 66.85 17.61 0.81
C6 NAG G . 65.58 18.16 1.42
C7 NAG G . 70.66 17.65 -2.84
C8 NAG G . 71.85 16.92 -3.40
N2 NAG G . 70.27 17.26 -1.62
O3 NAG G . 70.48 18.51 0.97
O4 NAG G . 68.25 18.12 2.72
O5 NAG G . 66.74 17.77 -0.60
O6 NAG G . 64.62 17.13 1.64
O7 NAG G . 70.10 18.54 -3.46
C1 NAG G . 68.19 19.42 3.37
C2 NAG G . 68.19 19.20 4.88
C3 NAG G . 68.19 20.55 5.60
C4 NAG G . 69.33 21.43 5.10
C5 NAG G . 69.27 21.54 3.57
C6 NAG G . 70.43 22.32 2.99
C7 NAG G . 67.14 17.08 5.51
C8 NAG G . 65.87 16.41 5.94
N2 NAG G . 67.07 18.40 5.30
O3 NAG G . 68.32 20.34 7.00
O4 NAG G . 69.22 22.73 5.66
O5 NAG G . 69.31 20.23 2.98
O6 NAG G . 70.01 23.15 1.93
O7 NAG G . 68.19 16.45 5.36
C1 NAG H . 60.11 7.52 17.03
C2 NAG H . 61.18 7.30 18.10
C3 NAG H . 60.59 7.55 19.48
C4 NAG H . 59.90 8.91 19.56
C5 NAG H . 58.91 9.06 18.40
C6 NAG H . 58.31 10.44 18.31
C7 NAG H . 63.05 5.72 17.94
C8 NAG H . 63.44 4.28 17.86
N2 NAG H . 61.74 5.95 18.02
O3 NAG H . 61.63 7.49 20.46
O4 NAG H . 59.19 9.03 20.78
O5 NAG H . 59.58 8.82 17.15
O6 NAG H . 57.51 10.58 17.14
O7 NAG H . 63.88 6.62 17.94
C1 NAG H . 59.81 10.03 21.61
C2 NAG H . 58.73 10.79 22.37
C3 NAG H . 59.36 11.83 23.28
C4 NAG H . 60.38 11.17 24.20
C5 NAG H . 61.40 10.38 23.38
C6 NAG H . 62.37 9.60 24.23
C7 NAG H . 56.52 11.01 21.30
C8 NAG H . 55.69 11.78 20.33
N2 NAG H . 57.78 11.42 21.45
O3 NAG H . 58.35 12.46 24.06
O4 NAG H . 61.06 12.16 24.96
O5 NAG H . 60.73 9.44 22.54
O6 NAG H . 63.50 9.18 23.49
O7 NAG H . 56.08 10.05 21.93
C1 NAG I . 80.27 19.04 -17.92
C2 NAG I . 80.95 20.31 -17.40
C3 NAG I . 82.47 20.19 -17.49
C4 NAG I . 82.97 18.91 -16.84
C5 NAG I . 82.20 17.71 -17.41
C6 NAG I . 82.53 16.40 -16.73
C7 NAG I . 79.58 22.33 -17.68
C8 NAG I . 79.23 23.48 -18.58
N2 NAG I . 80.49 21.48 -18.14
O3 NAG I . 83.07 21.31 -16.84
O4 NAG I . 84.35 18.74 -17.13
O5 NAG I . 80.79 17.91 -17.23
O6 NAG I . 83.17 15.50 -17.63
O7 NAG I . 79.05 22.19 -16.58
C1 NAG I . 85.18 18.59 -15.96
C2 NAG I . 86.58 18.24 -16.46
C3 NAG I . 87.53 18.09 -15.27
C4 NAG I . 87.49 19.34 -14.39
C5 NAG I . 86.05 19.63 -13.98
C6 NAG I . 85.92 20.92 -13.20
C7 NAG I . 86.65 17.04 -18.59
C8 NAG I . 86.62 15.70 -19.26
N2 NAG I . 86.56 17.03 -17.25
O3 NAG I . 88.85 17.88 -15.75
O4 NAG I . 88.29 19.15 -13.23
O5 NAG I . 85.22 19.78 -15.15
O6 NAG I . 87.16 21.33 -12.66
O7 NAG I . 86.74 18.08 -19.22
C1 NAG J . 79.22 13.40 -37.48
C2 NAG J . 78.96 14.63 -38.36
C3 NAG J . 78.78 14.21 -39.82
C4 NAG J . 79.97 13.35 -40.27
C5 NAG J . 80.20 12.20 -39.29
C6 NAG J . 81.43 11.39 -39.61
C7 NAG J . 77.84 16.59 -37.39
C8 NAG J . 76.54 17.19 -36.97
N2 NAG J . 77.79 15.35 -37.90
O3 NAG J . 78.67 15.36 -40.63
O4 NAG J . 79.72 12.83 -41.57
O5 NAG J . 80.35 12.70 -37.97
O6 NAG J . 82.61 12.14 -39.38
O7 NAG J . 78.91 17.20 -37.29
C1 NAG J . 80.63 13.45 -42.49
C2 NAG J . 80.48 12.77 -43.84
C3 NAG J . 81.37 13.45 -44.88
C4 NAG J . 81.10 14.94 -44.92
C5 NAG J . 81.22 15.54 -43.52
C6 NAG J . 80.86 17.00 -43.46
C7 NAG J . 79.86 10.40 -43.66
C8 NAG J . 80.36 8.99 -43.58
N2 NAG J . 80.80 11.36 -43.75
O3 NAG J . 81.12 12.88 -46.16
O4 NAG J . 82.04 15.58 -45.78
O5 NAG J . 80.34 14.85 -42.62
O6 NAG J . 79.45 17.18 -43.46
O7 NAG J . 78.66 10.66 -43.66
C1 NAG K . 47.15 18.17 -39.44
C2 NAG K . 47.98 19.20 -40.21
C3 NAG K . 47.08 20.29 -40.77
C4 NAG K . 45.93 19.69 -41.57
C5 NAG K . 45.21 18.62 -40.75
C6 NAG K . 44.15 17.87 -41.54
C7 NAG K . 50.26 20.00 -39.77
C8 NAG K . 51.19 20.60 -38.77
N2 NAG K . 49.01 19.78 -39.36
O3 NAG K . 47.85 21.16 -41.60
O4 NAG K . 45.01 20.71 -41.92
O5 NAG K . 46.14 17.64 -40.29
O6 NAG K . 43.72 16.71 -40.84
O7 NAG K . 50.63 19.72 -40.91
C1 NAG K . 44.98 20.86 -43.35
C2 NAG K . 43.56 21.25 -43.77
C3 NAG K . 43.50 21.47 -45.28
C4 NAG K . 44.56 22.47 -45.71
C5 NAG K . 45.94 22.06 -45.20
C6 NAG K . 47.01 23.08 -45.48
C7 NAG K . 41.82 20.35 -42.30
C8 NAG K . 40.87 19.22 -42.03
N2 NAG K . 42.59 20.23 -43.37
O3 NAG K . 42.20 21.93 -45.64
O4 NAG K . 44.59 22.57 -47.13
O5 NAG K . 45.90 21.87 -43.78
O6 NAG K . 48.25 22.46 -45.79
O7 NAG K . 41.86 21.33 -41.56
C1 NAG L . 69.00 -17.20 -43.31
C2 NAG L . 69.06 -17.38 -44.83
C3 NAG L . 70.52 -17.38 -45.30
C4 NAG L . 71.25 -16.14 -44.80
C5 NAG L . 71.09 -15.99 -43.29
C6 NAG L . 71.64 -14.70 -42.74
C7 NAG L . 67.14 -18.64 -45.68
C8 NAG L . 66.62 -19.99 -46.06
N2 NAG L . 68.41 -18.61 -45.25
O3 NAG L . 70.56 -17.43 -46.72
O4 NAG L . 72.63 -16.26 -45.10
O5 NAG L . 69.68 -16.01 -42.95
O6 NAG L . 71.06 -13.56 -43.37
O7 NAG L . 66.44 -17.64 -45.74
C1 NAG L . 73.11 -15.15 -45.91
C2 NAG L . 74.62 -15.22 -45.95
C3 NAG L . 75.19 -14.09 -46.80
C4 NAG L . 74.54 -14.07 -48.17
C5 NAG L . 73.02 -14.05 -48.04
C6 NAG L . 72.31 -14.17 -49.37
C7 NAG L . 75.70 -16.29 -44.02
C8 NAG L . 76.25 -16.10 -42.64
N2 NAG L . 75.20 -15.21 -44.62
O3 NAG L . 76.60 -14.23 -46.92
O4 NAG L . 74.96 -12.93 -48.90
O5 NAG L . 72.58 -15.15 -47.24
O6 NAG L . 71.05 -13.52 -49.34
O7 NAG L . 75.70 -17.39 -44.57
C1 NAG M . 74.86 -31.89 -30.62
C2 NAG M . 74.14 -33.22 -30.89
C3 NAG M . 74.63 -34.29 -29.93
C4 NAG M . 76.15 -34.39 -29.97
C5 NAG M . 76.78 -33.01 -29.74
C6 NAG M . 78.29 -33.02 -29.90
C7 NAG M . 71.86 -33.21 -31.83
C8 NAG M . 70.41 -33.00 -31.53
N2 NAG M . 72.70 -33.06 -30.78
O3 NAG M . 74.04 -35.53 -30.28
O4 NAG M . 76.62 -35.26 -28.94
O5 NAG M . 76.27 -32.09 -30.71
O6 NAG M . 78.67 -32.68 -31.24
O7 NAG M . 72.28 -33.50 -32.94
C1 NAG M . 76.90 -36.55 -29.51
C2 NAG M . 78.08 -37.17 -28.76
C3 NAG M . 78.35 -38.59 -29.27
C4 NAG M . 77.08 -39.43 -29.22
C5 NAG M . 75.96 -38.71 -29.97
C6 NAG M . 74.64 -39.43 -29.87
C7 NAG M . 79.77 -35.62 -27.88
C8 NAG M . 81.00 -34.84 -28.19
N2 NAG M . 79.27 -36.35 -28.88
O3 NAG M . 79.36 -39.18 -28.46
O4 NAG M . 77.32 -40.69 -29.82
O5 NAG M . 75.76 -37.41 -29.41
O6 NAG M . 73.86 -38.97 -28.78
O7 NAG M . 79.25 -35.61 -26.76
C1 NAG N . 60.37 -30.07 -4.52
C2 NAG N . 61.50 -31.03 -4.91
C3 NAG N . 60.96 -32.22 -5.70
C4 NAG N . 59.79 -32.87 -4.98
C5 NAG N . 58.75 -31.82 -4.63
C6 NAG N . 57.59 -32.36 -3.82
C7 NAG N . 63.64 -29.84 -5.13
C8 NAG N . 64.58 -29.15 -6.06
N2 NAG N . 62.52 -30.33 -5.67
O3 NAG N . 62.00 -33.17 -5.89
O4 NAG N . 59.22 -33.87 -5.81
O5 NAG N . 59.35 -30.79 -3.84
O6 NAG N . 56.47 -31.48 -3.84
O7 NAG N . 63.88 -29.96 -3.93
C1 NAG N . 59.19 -35.13 -5.09
C2 NAG N . 58.36 -36.10 -5.91
C3 NAG N . 58.29 -37.45 -5.21
C4 NAG N . 59.70 -37.96 -4.91
C5 NAG N . 60.50 -36.90 -4.15
C6 NAG N . 61.94 -37.29 -3.95
C7 NAG N . 56.60 -35.14 -7.32
C8 NAG N . 55.18 -34.63 -7.38
N2 NAG N . 57.02 -35.57 -6.13
O3 NAG N . 57.61 -38.38 -6.03
O4 NAG N . 59.63 -39.15 -4.13
O5 NAG N . 60.51 -35.67 -4.89
O6 NAG N . 62.53 -36.59 -2.86
O7 NAG N . 57.32 -35.16 -8.32
C1 NAG O . 45.11 -36.89 -18.75
C2 NAG O . 45.66 -37.98 -19.68
C3 NAG O . 44.60 -39.04 -19.95
C4 NAG O . 44.02 -39.57 -18.64
C5 NAG O . 43.55 -38.41 -17.77
C6 NAG O . 43.08 -38.84 -16.40
C7 NAG O . 47.21 -37.83 -21.59
C8 NAG O . 47.54 -37.12 -22.86
N2 NAG O . 46.13 -37.40 -20.94
O3 NAG O . 45.18 -40.10 -20.69
O4 NAG O . 42.92 -40.43 -18.92
O5 NAG O . 44.62 -37.49 -17.57
O6 NAG O . 42.82 -37.71 -15.56
O7 NAG O . 47.89 -38.77 -21.16
C1 NAG O . 43.16 -41.72 -18.33
C2 NAG O . 41.82 -42.32 -17.95
C3 NAG O . 42.01 -43.71 -17.34
C4 NAG O . 42.81 -44.59 -18.30
C5 NAG O . 44.11 -43.89 -18.70
C6 NAG O . 44.90 -44.65 -19.75
C7 NAG O . 40.19 -40.56 -17.40
C8 NAG O . 39.56 -39.76 -16.30
N2 NAG O . 41.10 -41.46 -17.01
O3 NAG O . 40.74 -44.31 -17.09
O4 NAG O . 43.11 -45.84 -17.69
O5 NAG O . 43.83 -42.60 -19.25
O6 NAG O . 44.36 -44.44 -21.04
O7 NAG O . 39.89 -40.40 -18.58
C1 NAG P . 79.21 -22.85 0.68
C2 NAG P . 79.75 -24.09 1.38
C3 NAG P . 81.14 -24.44 0.85
C4 NAG P . 81.11 -24.57 -0.67
C5 NAG P . 80.50 -23.32 -1.30
C6 NAG P . 80.31 -23.44 -2.79
C7 NAG P . 78.84 -24.34 3.64
C8 NAG P . 79.04 -24.07 5.09
N2 NAG P . 79.79 -23.91 2.82
O3 NAG P . 81.59 -25.65 1.43
O4 NAG P . 82.44 -24.74 -1.16
O5 NAG P . 79.21 -23.06 -0.74
O6 NAG P . 79.59 -24.62 -3.14
O7 NAG P . 77.83 -24.93 3.22
C1 NAG P . 82.58 -26.03 -1.78
C2 NAG P . 83.96 -26.08 -2.44
C3 NAG P . 84.18 -27.44 -3.09
C4 NAG P . 83.95 -28.56 -2.09
C5 NAG P . 82.57 -28.42 -1.44
C6 NAG P . 82.32 -29.42 -0.35
C7 NAG P . 84.81 -23.89 -3.14
C8 NAG P . 84.88 -22.89 -4.25
N2 NAG P . 84.12 -25.01 -3.41
O3 NAG P . 85.51 -27.51 -3.60
O4 NAG P . 84.02 -29.82 -2.74
O5 NAG P . 82.45 -27.10 -0.85
O6 NAG P . 80.93 -29.71 -0.21
O7 NAG P . 85.34 -23.69 -2.05
C1 NAG Q . 86.96 -4.52 4.68
C2 NAG Q . 87.09 -4.24 6.18
C3 NAG Q . 87.61 -2.83 6.40
C4 NAG Q . 88.91 -2.63 5.63
C5 NAG Q . 88.71 -2.97 4.16
C6 NAG Q . 90.00 -2.90 3.35
C7 NAG Q . 85.65 -5.30 7.85
C8 NAG Q . 84.27 -5.37 8.44
N2 NAG Q . 85.82 -4.43 6.85
O3 NAG Q . 87.81 -2.62 7.78
O4 NAG Q . 89.37 -1.29 5.76
O5 NAG Q . 88.22 -4.31 4.03
O6 NAG Q . 89.98 -3.83 2.28
O7 NAG Q . 86.58 -6.02 8.25
C1 NAG Q . 90.44 -1.33 6.73
C2 NAG Q . 91.50 -0.29 6.36
C3 NAG Q . 92.61 -0.29 7.40
C4 NAG Q . 92.04 -0.12 8.80
C5 NAG Q . 90.95 -1.16 9.06
C6 NAG Q . 90.25 -0.97 10.38
C7 NAG Q . 92.50 0.44 4.24
C8 NAG Q . 93.03 -0.01 2.90
N2 NAG Q . 92.04 -0.54 5.03
O3 NAG Q . 93.53 0.77 7.12
O4 NAG Q . 93.07 -0.27 9.77
O5 NAG Q . 89.95 -1.07 8.04
O6 NAG Q . 89.30 0.09 10.31
O7 NAG Q . 92.50 1.61 4.58
C1 NAG R . 23.30 24.67 35.87
C2 NAG R . 23.88 23.70 36.91
C3 NAG R . 25.29 24.12 37.29
C4 NAG R . 26.16 24.28 36.04
C5 NAG R . 25.49 25.24 35.06
C6 NAG R . 26.25 25.37 33.76
C7 NAG R . 22.87 22.49 38.78
C8 NAG R . 21.96 22.57 39.97
N2 NAG R . 23.03 23.61 38.09
O3 NAG R . 25.85 23.13 38.15
O4 NAG R . 27.44 24.78 36.41
O5 NAG R . 24.18 24.76 34.74
O6 NAG R . 25.54 26.17 32.83
O7 NAG R . 23.44 21.44 38.47
C1 NAG S . -21.11 39.93 -23.15
C2 NAG S . -21.61 39.26 -24.44
C3 NAG S . -21.10 40.03 -25.66
C4 NAG S . -21.47 41.51 -25.55
C5 NAG S . -21.00 42.08 -24.21
C6 NAG S . -21.47 43.50 -23.98
C7 NAG S . -21.74 36.98 -25.35
C8 NAG S . -21.19 35.59 -25.28
N2 NAG S . -21.20 37.87 -24.50
O3 NAG S . -21.67 39.49 -26.84
O4 NAG S . -20.85 42.24 -26.60
O5 NAG S . -21.53 41.29 -23.13
O6 NAG S . -22.88 43.60 -24.07
O7 NAG S . -22.63 37.29 -26.14
C1 NAG T . -43.95 30.05 -9.52
C2 NAG T . -42.99 31.24 -9.54
C3 NAG T . -42.80 31.80 -8.13
C4 NAG T . -44.15 32.10 -7.49
C5 NAG T . -45.03 30.85 -7.53
C6 NAG T . -46.42 31.10 -6.99
C7 NAG T . -40.83 31.76 -10.58
C8 NAG T . -39.55 31.20 -11.15
N2 NAG T . -41.71 30.87 -10.13
O3 NAG T . -42.04 33.01 -8.19
O4 NAG T . -43.96 32.49 -6.13
O5 NAG T . -45.18 30.43 -8.89
O6 NAG T . -47.25 29.95 -7.16
O7 NAG T . -41.03 32.97 -10.54
C1 NAG U . 35.19 30.32 15.80
C2 NAG U . 34.98 30.08 17.30
C3 NAG U . 36.30 30.24 18.04
C4 NAG U . 37.35 29.33 17.43
C5 NAG U . 37.46 29.57 15.93
C6 NAG U . 38.40 28.60 15.24
C7 NAG U . 32.69 30.67 17.99
C8 NAG U . 31.80 31.73 18.56
N2 NAG U . 33.97 31.01 17.82
O3 NAG U . 36.10 29.90 19.41
O4 NAG U . 38.62 29.58 18.03
O5 NAG U . 36.18 29.41 15.31
O6 NAG U . 38.39 28.79 13.83
O7 NAG U . 32.27 29.54 17.71
C1 NAG V . 15.69 39.34 -17.57
C2 NAG V . 16.54 38.60 -18.63
C3 NAG V . 17.32 39.59 -19.49
C4 NAG V . 16.41 40.65 -20.08
C5 NAG V . 15.67 41.35 -18.95
C6 NAG V . 14.70 42.40 -19.43
C7 NAG V . 17.69 36.42 -18.47
C8 NAG V . 18.66 35.60 -17.69
N2 NAG V . 17.45 37.65 -18.00
O3 NAG V . 17.98 38.88 -20.54
O4 NAG V . 17.16 41.60 -20.81
O5 NAG V . 14.92 40.39 -18.21
O6 NAG V . 15.28 43.23 -20.42
O7 NAG V . 17.13 35.99 -19.47
C1 NAG W . 36.30 44.12 -14.08
C2 NAG W . 34.94 44.62 -13.60
C3 NAG W . 34.50 45.91 -14.33
C4 NAG W . 35.48 46.38 -15.41
C5 NAG W . 36.97 46.12 -15.14
C6 NAG W . 37.72 47.37 -14.74
C7 NAG W . 33.36 42.91 -14.63
C8 NAG W . 33.90 43.18 -16.01
N2 NAG W . 33.88 43.60 -13.60
O3 NAG W . 34.31 46.94 -13.37
O4 NAG W . 35.14 45.85 -16.69
O5 NAG W . 37.18 45.17 -14.07
O6 NAG W . 38.94 47.49 -15.46
O7 NAG W . 32.46 42.09 -14.46
C1 NAG X . 64.51 21.05 -33.41
C2 NAG X . 65.39 20.41 -34.47
C3 NAG X . 66.28 21.45 -35.14
C4 NAG X . 65.45 22.61 -35.66
C5 NAG X . 64.57 23.16 -34.53
C6 NAG X . 63.62 24.24 -35.01
C7 NAG X . 65.85 18.05 -33.96
C8 NAG X . 66.80 17.08 -33.31
N2 NAG X . 66.20 19.33 -33.90
O3 NAG X . 66.99 20.85 -36.22
O4 NAG X . 66.30 23.64 -36.14
O5 NAG X . 63.76 22.11 -33.99
O6 NAG X . 63.45 25.25 -34.02
O7 NAG X . 64.81 17.68 -34.50
C1 NAG Y . 64.01 25.38 -17.93
C2 NAG Y . 63.88 25.88 -16.49
C3 NAG Y . 62.55 26.59 -16.29
C4 NAG Y . 62.37 27.69 -17.32
C5 NAG Y . 62.55 27.13 -18.72
C6 NAG Y . 62.50 28.18 -19.80
C7 NAG Y . 64.86 24.80 -14.51
C8 NAG Y . 64.86 23.58 -13.63
N2 NAG Y . 64.02 24.77 -15.54
O3 NAG Y . 62.50 27.13 -14.97
O4 NAG Y . 61.07 28.27 -17.20
O5 NAG Y . 63.83 26.48 -18.83
O6 NAG Y . 61.25 28.86 -19.81
O7 NAG Y . 65.59 25.77 -14.29
C1 NAG Z . -17.62 37.57 22.70
C2 NAG Z . -18.04 37.52 21.23
C3 NAG Z . -19.26 38.40 20.99
C4 NAG Z . -20.36 38.09 22.00
C5 NAG Z . -19.81 38.20 23.41
C6 NAG Z . -20.82 37.85 24.47
C7 NAG Z . -16.88 37.73 19.07
C8 NAG Z . -15.75 38.40 18.35
N2 NAG Z . -16.93 37.91 20.39
O3 NAG Z . -19.74 38.22 19.66
O4 NAG Z . -21.42 39.03 21.84
O5 NAG Z . -18.71 37.28 23.56
O6 NAG Z . -20.25 37.91 25.78
O7 NAG Z . -17.71 37.05 18.47
C1 NAG AA . -13.37 -5.40 -49.69
C2 NAG AA . -12.90 -6.55 -48.79
C3 NAG AA . -12.09 -7.57 -49.59
C4 NAG AA . -12.87 -8.02 -50.82
C5 NAG AA . -13.31 -6.81 -51.64
C6 NAG AA . -14.18 -7.18 -52.81
C7 NAG AA . -12.57 -6.07 -46.41
C8 NAG AA . -11.65 -5.52 -45.37
N2 NAG AA . -12.13 -6.05 -47.67
O3 NAG AA . -11.78 -8.68 -48.78
O4 NAG AA . -12.05 -8.86 -51.63
O5 NAG AA . -14.09 -5.93 -50.81
O6 NAG AA . -14.17 -6.16 -53.81
O7 NAG AA . -13.68 -6.53 -46.11
C1 NAG BA . -34.30 3.20 -32.00
C2 NAG BA . -34.19 2.71 -30.54
C3 NAG BA . -33.82 1.24 -30.50
C4 NAG BA . -34.78 0.41 -31.35
C5 NAG BA . -34.85 0.98 -32.75
C6 NAG BA . -35.87 0.28 -33.62
C7 NAG BA . -33.57 4.48 -28.95
C8 NAG BA . -32.43 5.19 -28.28
N2 NAG BA . -33.22 3.51 -29.81
O3 NAG BA . -33.84 0.78 -29.15
O4 NAG BA . -34.36 -0.95 -31.40
O5 NAG BA . -35.22 2.36 -32.72
O6 NAG BA . -35.81 0.73 -34.97
O7 NAG BA . -34.74 4.77 -28.73
C1 NAG CA . 1.46 26.97 -40.62
C2 NAG CA . 1.37 28.50 -40.54
C3 NAG CA . 2.45 29.13 -41.43
C4 NAG CA . 3.82 28.57 -41.08
C5 NAG CA . 3.79 27.05 -41.14
C6 NAG CA . 5.10 26.41 -40.69
C7 NAG CA . -0.82 29.49 -40.05
C8 NAG CA . -2.13 29.94 -40.62
N2 NAG CA . 0.05 28.98 -40.92
O3 NAG CA . 2.44 30.54 -41.24
O4 NAG CA . 4.79 29.06 -42.00
O5 NAG CA . 2.77 26.54 -40.27
O6 NAG CA . 5.02 25.00 -40.70
O7 NAG CA . -0.55 29.60 -38.87
C1 NAG DA . -24.03 -42.71 -14.76
C2 NAG DA . -24.68 -43.53 -15.89
C3 NAG DA . -23.88 -44.81 -16.12
C4 NAG DA . -22.41 -44.50 -16.36
C5 NAG DA . -21.88 -43.69 -15.17
C6 NAG DA . -20.42 -43.30 -15.35
C7 NAG DA . -27.08 -43.01 -15.86
C8 NAG DA . -28.44 -43.49 -15.49
N2 NAG DA . -26.07 -43.84 -15.59
O3 NAG DA . -24.41 -45.48 -17.27
O4 NAG DA . -21.67 -45.70 -16.49
O5 NAG DA . -22.63 -42.48 -15.04
O6 NAG DA . -19.61 -44.45 -15.58
O7 NAG DA . -26.89 -41.91 -16.37
C1 NAG EA . 16.18 7.40 -43.13
C2 NAG EA . 17.40 7.73 -44.00
C3 NAG EA . 17.52 9.24 -44.19
C4 NAG EA . 16.20 9.81 -44.73
C5 NAG EA . 15.04 9.38 -43.84
C6 NAG EA . 13.70 9.81 -44.37
C7 NAG EA . 19.27 6.14 -43.91
C8 NAG EA . 20.51 5.72 -43.17
N2 NAG EA . 18.62 7.20 -43.41
O3 NAG EA . 18.57 9.52 -45.09
O4 NAG EA . 16.27 11.23 -44.76
O5 NAG EA . 15.01 7.95 -43.74
O6 NAG EA . 12.88 10.37 -43.36
O7 NAG EA . 18.87 5.54 -44.90
C1 NAG FA . 3.73 -27.63 -29.92
C2 NAG FA . 3.55 -28.99 -30.62
C3 NAG FA . 4.55 -30.01 -30.09
C4 NAG FA . 5.96 -29.46 -30.21
C5 NAG FA . 6.07 -28.16 -29.45
C6 NAG FA . 7.43 -27.50 -29.57
C7 NAG FA . 1.26 -29.35 -31.44
C8 NAG FA . -0.09 -29.90 -31.11
N2 NAG FA . 2.19 -29.47 -30.47
O3 NAG FA . 4.42 -31.21 -30.83
O4 NAG FA . 6.90 -30.41 -29.68
O5 NAG FA . 5.12 -27.22 -29.98
O6 NAG FA . 8.33 -27.99 -28.59
O7 NAG FA . 1.51 -28.81 -32.52
C1 NAG GA . 18.99 -26.47 -44.69
C2 NAG GA . 17.56 -26.41 -45.22
C3 NAG GA . 16.86 -27.75 -45.00
C4 NAG GA . 17.69 -28.87 -45.62
C5 NAG GA . 19.12 -28.85 -45.10
C6 NAG GA . 20.02 -29.83 -45.80
C7 NAG GA . 16.55 -24.18 -45.25
C8 NAG GA . 15.76 -23.17 -44.47
N2 NAG GA . 16.81 -25.33 -44.61
O3 NAG GA . 15.57 -27.71 -45.58
O4 NAG GA . 17.11 -30.13 -45.30
O5 NAG GA . 19.70 -27.54 -45.32
O6 NAG GA . 21.36 -29.78 -45.29
O7 NAG GA . 16.95 -23.96 -46.38
C1 NAG HA . 57.96 -32.60 -31.43
C2 NAG HA . 58.92 -33.50 -30.67
C3 NAG HA . 59.55 -34.53 -31.61
C4 NAG HA . 58.46 -35.30 -32.34
C5 NAG HA . 57.49 -34.33 -33.03
C6 NAG HA . 56.32 -35.02 -33.67
C7 NAG HA . 59.88 -32.32 -28.73
C8 NAG HA . 61.03 -31.52 -28.22
N2 NAG HA . 59.96 -32.72 -30.01
O3 NAG HA . 60.36 -35.43 -30.86
O4 NAG HA . 59.04 -36.15 -33.31
O5 NAG HA . 56.96 -33.41 -32.07
O6 NAG HA . 55.79 -34.26 -34.74
O7 NAG HA . 58.91 -32.60 -28.02
C1 NAG IA . 54.56 -2.18 -43.19
C2 NAG IA . 55.96 -1.87 -43.70
C3 NAG IA . 56.00 -0.49 -44.37
C4 NAG IA . 54.91 -0.39 -45.42
C5 NAG IA . 53.55 -0.74 -44.81
C6 NAG IA . 52.43 -0.74 -45.80
C7 NAG IA . 57.84 -2.91 -42.49
C8 NAG IA . 58.76 -2.80 -41.31
N2 NAG IA . 56.94 -1.92 -42.62
O3 NAG IA . 57.27 -0.28 -44.96
O4 NAG IA . 54.85 0.95 -45.93
O5 NAG IA . 53.62 -2.06 -44.25
O6 NAG IA . 51.17 -0.64 -45.16
O7 NAG IA . 57.90 -3.83 -43.29
C1 NAG JA . 51.96 -20.98 -40.99
C2 NAG JA . 51.28 -20.03 -41.97
C3 NAG JA . 49.76 -20.22 -41.90
C4 NAG JA . 49.40 -21.69 -42.13
C5 NAG JA . 50.17 -22.59 -41.16
C6 NAG JA . 49.96 -24.06 -41.44
C7 NAG JA . 52.29 -17.90 -42.59
C8 NAG JA . 52.58 -16.48 -42.17
N2 NAG JA . 51.64 -18.65 -41.71
O3 NAG JA . 49.14 -19.40 -42.88
O4 NAG JA . 48.01 -21.87 -41.94
O5 NAG JA . 51.58 -22.34 -41.27
O6 NAG JA . 50.73 -24.86 -40.55
O7 NAG JA . 52.64 -18.33 -43.69
C1 NAG KA . 1.92 -34.19 32.29
C2 NAG KA . 2.42 -32.76 32.56
C3 NAG KA . 3.72 -32.79 33.33
C4 NAG KA . 3.58 -33.63 34.60
C5 NAG KA . 3.05 -35.01 34.24
C6 NAG KA . 2.77 -35.87 35.46
C7 NAG KA . 1.85 -30.94 31.01
C8 NAG KA . 2.15 -30.31 29.68
N2 NAG KA . 2.57 -32.02 31.32
O3 NAG KA . 4.09 -31.46 33.68
O4 NAG KA . 4.83 -33.75 35.25
O5 NAG KA . 1.81 -34.90 33.53
O6 NAG KA . 2.08 -37.06 35.12
O7 NAG KA . 1.00 -30.49 31.77
C1 NAG LA . 2.78 -45.38 -2.94
C2 NAG LA . 3.31 -45.26 -1.51
C3 NAG LA . 3.47 -46.66 -0.91
C4 NAG LA . 2.17 -47.45 -1.05
C5 NAG LA . 1.65 -47.41 -2.49
C6 NAG LA . 0.28 -48.05 -2.63
C7 NAG LA . 5.07 -43.99 -0.36
C8 NAG LA . 6.38 -43.28 -0.51
N2 NAG LA . 4.57 -44.54 -1.47
O3 NAG LA . 3.83 -46.56 0.46
O4 NAG LA . 2.40 -48.82 -0.69
O5 NAG LA . 1.53 -46.04 -2.93
O6 NAG LA . -0.22 -47.89 -3.95
O7 NAG LA . 4.49 -44.07 0.71
C1 NAG MA . 21.96 -7.61 33.22
C2 NAG MA . 22.41 -7.70 34.70
C3 NAG MA . 23.63 -6.83 34.98
C4 NAG MA . 24.75 -7.18 34.02
C5 NAG MA . 24.27 -6.87 32.62
C6 NAG MA . 25.30 -7.18 31.56
C7 NAG MA . 20.46 -8.25 36.08
C8 NAG MA . 19.38 -7.72 36.99
N2 NAG MA . 21.32 -7.35 35.59
O3 NAG MA . 24.06 -7.06 36.32
O4 NAG MA . 25.93 -6.47 34.33
O5 NAG MA . 23.13 -7.68 32.33
O6 NAG MA . 25.70 -6.01 30.86
O7 NAG MA . 20.52 -9.44 35.79
C1 NAG NA . 38.66 -20.68 31.87
C2 NAG NA . 37.52 -21.18 32.73
C3 NAG NA . 37.28 -20.24 33.90
C4 NAG NA . 38.56 -20.04 34.69
C5 NAG NA . 39.70 -19.63 33.76
C6 NAG NA . 41.05 -19.58 34.46
C7 NAG NA . 35.97 -22.50 31.37
C8 NAG NA . 34.69 -22.50 30.60
N2 NAG NA . 36.30 -21.35 31.94
O3 NAG NA . 36.25 -20.76 34.73
O4 NAG NA . 38.38 -19.05 35.68
O5 NAG NA . 39.84 -20.55 32.68
O6 NAG NA . 42.12 -19.67 33.53
O7 NAG NA . 36.66 -23.51 31.47
C1 NAG OA . 72.45 -5.17 13.20
C2 NAG OA . 73.42 -3.99 13.14
C3 NAG OA . 74.59 -4.21 14.07
C4 NAG OA . 74.11 -4.52 15.48
C5 NAG OA . 73.11 -5.68 15.44
C6 NAG OA . 72.49 -5.96 16.80
C7 NAG OA . 73.47 -2.74 11.02
C8 NAG OA . 74.04 -2.67 9.64
N2 NAG OA . 73.87 -3.77 11.77
O3 NAG OA . 75.41 -3.05 14.08
O4 NAG OA . 75.21 -4.87 16.31
O5 NAG OA . 72.03 -5.37 14.55
O6 NAG OA . 71.92 -7.27 16.83
O7 NAG OA . 72.67 -1.91 11.44
C1 NAG PA . 65.51 -18.62 10.68
C2 NAG PA . 64.84 -20.00 10.42
C3 NAG PA . 63.63 -20.20 11.33
C4 NAG PA . 64.00 -19.95 12.78
C5 NAG PA . 64.63 -18.57 12.93
C6 NAG PA . 65.09 -18.27 14.34
C7 NAG PA . 64.22 -21.32 8.45
C8 NAG PA . 63.80 -21.27 7.01
N2 NAG PA . 64.45 -20.13 9.03
O3 NAG PA . 63.12 -21.51 11.19
O4 NAG PA . 62.83 -20.00 13.60
O5 NAG PA . 65.79 -18.48 12.10
O6 NAG PA . 65.36 -16.89 14.51
O7 NAG PA . 64.34 -22.37 9.05
#